data_2LQ4
#
_entry.id   2LQ4
#
_cell.length_a   1.000
_cell.length_b   1.000
_cell.length_c   1.000
_cell.angle_alpha   90.00
_cell.angle_beta   90.00
_cell.angle_gamma   90.00
#
_symmetry.space_group_name_H-M   'P 1'
#
_entity_poly.entity_id   1
_entity_poly.type   'polypeptide(L)'
_entity_poly.pdbx_seq_one_letter_code
;MQALEKELAQNEWELQALEKELAQLEKELQAWNCICDIENCSNMAPLYSDQALKKKLAQLKWKLQALKKKNAQLKKKLQA
;
_entity_poly.pdbx_strand_id   p
#
# COMPACT_ATOMS: atom_id res chain seq x y z
N MET A 1 -5.31 26.26 1.38
CA MET A 1 -4.18 25.34 1.02
C MET A 1 -4.09 24.15 1.99
N GLN A 2 -5.15 23.96 2.80
CA GLN A 2 -5.22 22.88 3.76
C GLN A 2 -6.41 21.95 3.45
N ALA A 3 -7.14 22.27 2.40
CA ALA A 3 -8.32 21.51 1.99
C ALA A 3 -7.97 20.42 0.98
N LEU A 4 -7.11 20.80 0.05
CA LEU A 4 -6.64 19.97 -1.03
C LEU A 4 -5.31 19.35 -0.63
N GLU A 5 -4.35 20.25 -0.40
CA GLU A 5 -2.96 19.93 -0.02
C GLU A 5 -2.89 19.10 1.25
N LYS A 6 -3.86 19.32 2.14
CA LYS A 6 -3.94 18.58 3.40
C LYS A 6 -4.83 17.35 3.24
N GLU A 7 -5.55 17.32 2.11
CA GLU A 7 -6.40 16.19 1.71
C GLU A 7 -5.51 15.27 0.90
N LEU A 8 -4.46 15.91 0.41
CA LEU A 8 -3.39 15.35 -0.38
C LEU A 8 -2.32 14.91 0.60
N ALA A 9 -2.20 15.71 1.66
CA ALA A 9 -1.29 15.47 2.78
C ALA A 9 -1.94 14.42 3.67
N GLN A 10 -3.27 14.32 3.51
CA GLN A 10 -4.09 13.34 4.18
C GLN A 10 -4.11 12.12 3.29
N ASN A 11 -3.96 12.39 1.99
CA ASN A 11 -3.87 11.39 0.92
C ASN A 11 -2.45 10.88 0.90
N GLU A 12 -1.59 11.72 1.49
CA GLU A 12 -0.21 11.46 1.70
C GLU A 12 -0.14 10.64 2.96
N TRP A 13 -1.07 11.00 3.83
CA TRP A 13 -1.31 10.34 5.12
C TRP A 13 -2.11 9.07 4.87
N GLU A 14 -2.76 9.01 3.70
CA GLU A 14 -3.50 7.82 3.23
C GLU A 14 -2.50 7.01 2.45
N LEU A 15 -1.46 7.76 2.08
CA LEU A 15 -0.29 7.25 1.39
C LEU A 15 0.66 6.74 2.46
N GLN A 16 0.60 7.41 3.61
CA GLN A 16 1.36 7.07 4.83
C GLN A 16 0.59 6.00 5.52
N ALA A 17 -0.70 6.06 5.23
CA ALA A 17 -1.68 5.07 5.67
C ALA A 17 -1.65 3.94 4.67
N LEU A 18 -1.05 4.25 3.50
CA LEU A 18 -0.81 3.28 2.43
C LEU A 18 0.55 2.66 2.71
N GLU A 19 1.38 3.46 3.40
CA GLU A 19 2.73 3.04 3.85
C GLU A 19 2.53 2.35 5.18
N LYS A 20 1.49 2.82 5.85
CA LYS A 20 1.04 2.27 7.13
C LYS A 20 0.14 1.07 6.86
N GLU A 21 -0.34 1.02 5.61
CA GLU A 21 -1.14 -0.08 5.09
C GLU A 21 -0.11 -1.07 4.57
N LEU A 22 0.99 -0.47 4.10
CA LEU A 22 2.15 -1.20 3.66
C LEU A 22 2.83 -1.73 4.91
N ALA A 23 2.87 -0.84 5.92
CA ALA A 23 3.42 -1.17 7.24
C ALA A 23 2.46 -2.06 8.01
N GLN A 24 1.21 -2.14 7.50
CA GLN A 24 0.15 -2.95 8.06
C GLN A 24 0.36 -4.42 7.66
N LEU A 25 1.02 -4.57 6.51
CA LEU A 25 1.38 -5.83 5.88
C LEU A 25 2.54 -6.39 6.65
N GLU A 26 3.49 -5.48 6.90
CA GLU A 26 4.68 -5.69 7.71
C GLU A 26 4.23 -5.79 9.15
N LYS A 27 3.05 -5.25 9.38
CA LYS A 27 2.38 -5.38 10.68
C LYS A 27 1.76 -6.77 10.72
N GLU A 28 1.50 -7.28 9.51
CA GLU A 28 0.99 -8.65 9.33
C GLU A 28 2.16 -9.58 9.08
N LEU A 29 3.13 -9.04 8.36
CA LEU A 29 4.35 -9.75 7.99
C LEU A 29 5.42 -9.72 9.06
N GLN A 30 5.80 -8.51 9.46
CA GLN A 30 6.90 -8.33 10.43
C GLN A 30 6.44 -8.46 11.90
N ALA A 31 5.32 -7.84 12.20
CA ALA A 31 4.76 -7.83 13.56
C ALA A 31 4.15 -9.19 13.99
N TRP A 32 4.13 -10.15 13.05
CA TRP A 32 3.59 -11.49 13.32
C TRP A 32 4.64 -12.41 13.94
N ASN A 33 5.88 -12.34 13.40
CA ASN A 33 6.98 -13.17 13.89
C ASN A 33 8.05 -12.28 14.54
N CYS A 34 8.45 -12.65 15.75
CA CYS A 34 9.47 -11.91 16.49
C CYS A 34 10.57 -12.84 17.01
N ILE A 35 10.16 -13.91 17.71
CA ILE A 35 11.11 -14.89 18.26
C ILE A 35 10.49 -16.30 18.30
N CYS A 36 9.21 -16.39 18.71
CA CYS A 36 8.50 -17.66 18.81
C CYS A 36 7.11 -17.56 18.17
N ASP A 37 6.62 -18.70 17.67
CA ASP A 37 5.30 -18.76 17.03
C ASP A 37 4.26 -19.33 18.00
N ILE A 38 3.05 -18.77 17.94
CA ILE A 38 1.94 -19.20 18.80
C ILE A 38 0.88 -19.97 18.01
N GLU A 39 0.10 -20.78 18.71
CA GLU A 39 -0.96 -21.59 18.09
C GLU A 39 -2.31 -20.86 18.18
N ASN A 40 -2.93 -20.65 17.01
CA ASN A 40 -4.23 -19.97 16.93
C ASN A 40 -5.18 -20.74 16.01
N CYS A 41 -6.48 -20.60 16.25
CA CYS A 41 -7.51 -21.27 15.46
C CYS A 41 -8.05 -20.34 14.38
N SER A 42 -8.03 -20.83 13.13
CA SER A 42 -8.52 -20.06 11.99
C SER A 42 -9.50 -20.88 11.15
N ASN A 43 -10.42 -20.18 10.48
CA ASN A 43 -11.43 -20.82 9.62
C ASN A 43 -11.00 -20.82 8.16
N MET A 44 -10.40 -19.72 7.72
CA MET A 44 -9.92 -19.57 6.34
C MET A 44 -8.43 -19.89 6.23
N ALA A 45 -8.03 -20.39 5.07
CA ALA A 45 -6.63 -20.75 4.81
C ALA A 45 -5.89 -19.63 4.06
N PRO A 46 -4.89 -18.95 4.69
CA PRO A 46 -4.12 -17.85 4.03
C PRO A 46 -3.23 -18.37 2.89
N LEU A 47 -2.78 -17.44 2.04
CA LEU A 47 -1.94 -17.79 0.90
C LEU A 47 -0.47 -17.46 1.19
N TYR A 48 -0.20 -16.16 1.35
CA TYR A 48 1.15 -15.62 1.63
C TYR A 48 2.26 -16.30 0.80
N SER A 49 2.56 -15.71 -0.36
CA SER A 49 3.60 -16.25 -1.26
C SER A 49 4.41 -15.12 -1.92
N ASP A 50 5.04 -15.44 -3.06
CA ASP A 50 5.87 -14.48 -3.80
C ASP A 50 5.07 -13.86 -4.96
N GLN A 51 4.26 -14.71 -5.61
CA GLN A 51 3.39 -14.31 -6.72
C GLN A 51 2.15 -13.56 -6.23
N ALA A 52 1.99 -13.55 -4.89
CA ALA A 52 0.86 -12.89 -4.24
C ALA A 52 1.26 -11.61 -3.50
N LEU A 53 2.52 -11.52 -3.13
CA LEU A 53 3.07 -10.39 -2.39
C LEU A 53 3.76 -9.41 -3.31
N LYS A 54 4.90 -9.86 -3.83
CA LYS A 54 5.76 -9.10 -4.76
C LYS A 54 5.04 -8.74 -6.06
N LYS A 55 3.91 -9.42 -6.30
CA LYS A 55 3.07 -9.23 -7.45
C LYS A 55 1.95 -8.28 -7.11
N LYS A 56 1.42 -8.41 -5.88
CA LYS A 56 0.35 -7.50 -5.40
C LYS A 56 0.97 -6.13 -5.06
N LEU A 57 2.30 -6.14 -5.02
CA LEU A 57 3.17 -5.01 -4.78
C LEU A 57 3.55 -4.46 -6.12
N ALA A 58 3.87 -5.41 -7.01
CA ALA A 58 4.20 -5.10 -8.41
C ALA A 58 2.95 -4.62 -9.15
N GLN A 59 1.79 -4.89 -8.54
CA GLN A 59 0.48 -4.47 -9.03
C GLN A 59 0.12 -3.16 -8.33
N LEU A 60 0.70 -3.00 -7.14
CA LEU A 60 0.53 -1.82 -6.29
C LEU A 60 1.39 -0.67 -6.84
N LYS A 61 2.61 -1.05 -7.18
CA LYS A 61 3.62 -0.20 -7.81
C LYS A 61 3.16 0.12 -9.22
N TRP A 62 2.42 -0.85 -9.77
CA TRP A 62 1.79 -0.73 -11.08
C TRP A 62 0.57 0.14 -10.87
N LYS A 63 0.05 0.07 -9.63
CA LYS A 63 -1.07 0.90 -9.20
C LYS A 63 -0.55 2.31 -8.92
N LEU A 64 0.73 2.38 -8.52
CA LEU A 64 1.45 3.65 -8.27
C LEU A 64 1.67 4.36 -9.57
N GLN A 65 2.18 3.60 -10.50
CA GLN A 65 2.42 4.04 -11.88
C GLN A 65 1.15 4.76 -12.39
N ALA A 66 0.06 4.36 -11.76
CA ALA A 66 -1.27 4.89 -11.96
C ALA A 66 -1.67 5.87 -10.85
N LEU A 67 -1.25 5.55 -9.61
CA LEU A 67 -1.58 6.33 -8.42
C LEU A 67 -0.61 7.48 -8.27
N LYS A 68 0.67 7.15 -8.42
CA LYS A 68 1.76 8.10 -8.40
C LYS A 68 1.64 8.97 -9.63
N LYS A 69 1.09 8.39 -10.72
CA LYS A 69 0.79 9.14 -11.92
C LYS A 69 -0.53 9.86 -11.72
N LYS A 70 -1.27 9.40 -10.70
CA LYS A 70 -2.53 10.00 -10.28
C LYS A 70 -2.21 11.02 -9.20
N ASN A 71 -1.06 10.79 -8.56
CA ASN A 71 -0.50 11.67 -7.53
C ASN A 71 0.38 12.71 -8.22
N ALA A 72 0.71 12.38 -9.49
CA ALA A 72 1.47 13.22 -10.40
C ALA A 72 0.45 14.00 -11.19
N GLN A 73 -0.76 13.41 -11.21
CA GLN A 73 -1.94 13.96 -11.82
C GLN A 73 -2.54 14.91 -10.80
N LEU A 74 -2.39 14.46 -9.56
CA LEU A 74 -2.80 15.18 -8.37
C LEU A 74 -1.77 16.27 -8.10
N LYS A 75 -0.54 15.99 -8.51
CA LYS A 75 0.58 16.92 -8.41
C LYS A 75 0.48 17.83 -9.62
N LYS A 76 -0.25 17.31 -10.61
CA LYS A 76 -0.55 18.03 -11.82
C LYS A 76 -1.81 18.82 -11.58
N LYS A 77 -2.67 18.25 -10.74
CA LYS A 77 -3.89 18.91 -10.32
C LYS A 77 -3.62 19.82 -9.13
N LEU A 78 -2.45 19.60 -8.49
CA LEU A 78 -2.02 20.43 -7.35
C LEU A 78 -1.80 21.89 -7.77
N GLN A 79 -0.89 22.05 -8.71
CA GLN A 79 -0.52 23.36 -9.26
C GLN A 79 -1.47 23.81 -10.37
N ALA A 80 -1.78 22.89 -11.26
CA ALA A 80 -2.68 23.15 -12.39
C ALA A 80 -4.08 22.59 -12.13
N MET A 1 -4.21 26.25 2.72
CA MET A 1 -3.28 25.20 2.22
C MET A 1 -3.34 23.95 3.11
N GLN A 2 -4.50 23.74 3.76
CA GLN A 2 -4.73 22.61 4.64
C GLN A 2 -5.90 21.74 4.15
N ALA A 3 -6.53 22.17 3.06
CA ALA A 3 -7.68 21.49 2.49
C ALA A 3 -7.29 20.48 1.42
N LEU A 4 -6.39 20.92 0.56
CA LEU A 4 -5.87 20.16 -0.56
C LEU A 4 -4.56 19.50 -0.19
N GLU A 5 -3.66 20.34 0.32
CA GLU A 5 -2.30 19.95 0.75
C GLU A 5 -2.31 18.99 1.92
N LYS A 6 -3.32 19.16 2.78
CA LYS A 6 -3.49 18.30 3.96
C LYS A 6 -4.40 17.14 3.63
N GLU A 7 -5.03 17.23 2.45
CA GLU A 7 -5.88 16.19 1.90
C GLU A 7 -4.96 15.28 1.08
N LEU A 8 -3.88 15.93 0.66
CA LEU A 8 -2.80 15.35 -0.11
C LEU A 8 -1.73 14.91 0.89
N ALA A 9 -1.82 15.51 2.09
CA ALA A 9 -0.97 15.17 3.23
C ALA A 9 -1.69 14.09 4.01
N GLN A 10 -3.00 14.04 3.74
CA GLN A 10 -3.89 13.03 4.28
C GLN A 10 -3.89 11.89 3.29
N ASN A 11 -3.65 12.26 2.03
CA ASN A 11 -3.51 11.35 0.90
C ASN A 11 -2.09 10.83 0.93
N GLU A 12 -1.25 11.60 1.63
CA GLU A 12 0.11 11.30 1.90
C GLU A 12 0.07 10.37 3.09
N TRP A 13 -0.92 10.67 3.93
CA TRP A 13 -1.26 9.92 5.13
C TRP A 13 -2.05 8.68 4.71
N GLU A 14 -2.61 8.74 3.49
CA GLU A 14 -3.33 7.60 2.87
C GLU A 14 -2.27 6.84 2.12
N LEU A 15 -1.20 7.60 1.89
CA LEU A 15 0.01 7.13 1.26
C LEU A 15 0.87 6.51 2.37
N GLN A 16 0.71 7.08 3.56
CA GLN A 16 1.37 6.64 4.81
C GLN A 16 0.52 5.52 5.34
N ALA A 17 -0.73 5.62 4.93
CA ALA A 17 -1.75 4.60 5.20
C ALA A 17 -1.63 3.55 4.12
N LEU A 18 -0.93 3.95 3.04
CA LEU A 18 -0.59 3.09 1.93
C LEU A 18 0.74 2.43 2.28
N GLU A 19 1.51 3.17 3.10
CA GLU A 19 2.79 2.72 3.65
C GLU A 19 2.47 1.90 4.86
N LYS A 20 1.37 2.32 5.49
CA LYS A 20 0.79 1.65 6.65
C LYS A 20 -0.05 0.47 6.17
N GLU A 21 -0.37 0.51 4.87
CA GLU A 21 -1.08 -0.54 4.17
C GLU A 21 0.02 -1.47 3.68
N LEU A 22 1.16 -0.83 3.45
CA LEU A 22 2.40 -1.49 3.08
C LEU A 22 2.98 -2.09 4.37
N ALA A 23 2.86 -1.27 5.42
CA ALA A 23 3.29 -1.64 6.78
C ALA A 23 2.27 -2.58 7.42
N GLN A 24 1.09 -2.67 6.77
CA GLN A 24 -0.01 -3.53 7.18
C GLN A 24 0.38 -4.99 6.98
N LEU A 25 1.23 -5.17 5.97
CA LEU A 25 1.79 -6.47 5.57
C LEU A 25 2.78 -6.88 6.62
N GLU A 26 3.68 -5.94 6.87
CA GLU A 26 4.71 -6.02 7.90
C GLU A 26 4.02 -6.04 9.25
N LYS A 27 2.78 -5.61 9.21
CA LYS A 27 1.89 -5.67 10.37
C LYS A 27 1.27 -7.05 10.41
N GLU A 28 1.18 -7.63 9.20
CA GLU A 28 0.71 -9.03 9.03
C GLU A 28 1.90 -9.97 9.00
N LEU A 29 2.95 -9.47 8.33
CA LEU A 29 4.19 -10.20 8.15
C LEU A 29 5.13 -10.07 9.33
N GLN A 30 5.40 -8.84 9.74
CA GLN A 30 6.36 -8.61 10.84
C GLN A 30 5.71 -8.68 12.23
N ALA A 31 4.54 -8.08 12.35
CA ALA A 31 3.79 -8.03 13.62
C ALA A 31 3.07 -9.36 13.94
N TRP A 32 2.44 -9.96 12.93
CA TRP A 32 1.71 -11.23 13.11
C TRP A 32 2.61 -12.44 12.84
N ASN A 33 3.53 -12.29 11.87
CA ASN A 33 4.50 -13.35 11.48
C ASN A 33 3.80 -14.58 10.89
N CYS A 34 4.28 -15.02 9.72
CA CYS A 34 3.73 -16.19 9.03
C CYS A 34 4.85 -17.12 8.58
N ILE A 35 4.55 -18.42 8.50
CA ILE A 35 5.54 -19.43 8.08
C ILE A 35 5.01 -20.31 6.94
N CYS A 36 3.79 -20.84 7.10
CA CYS A 36 3.18 -21.71 6.08
C CYS A 36 1.70 -21.36 5.87
N ASP A 37 0.97 -21.16 6.98
CA ASP A 37 -0.46 -20.83 6.92
C ASP A 37 -0.68 -19.33 7.04
N ILE A 38 -1.61 -18.81 6.24
CA ILE A 38 -1.95 -17.38 6.24
C ILE A 38 -3.46 -17.17 6.08
N GLU A 39 -4.09 -16.68 7.17
CA GLU A 39 -5.53 -16.41 7.17
C GLU A 39 -5.82 -15.04 7.77
N ASN A 40 -6.41 -14.16 6.94
CA ASN A 40 -6.75 -12.79 7.37
C ASN A 40 -8.12 -12.38 6.83
N CYS A 41 -8.37 -12.69 5.54
CA CYS A 41 -9.63 -12.35 4.89
C CYS A 41 -10.37 -13.61 4.41
N SER A 42 -9.61 -14.58 3.90
CA SER A 42 -10.16 -15.84 3.41
C SER A 42 -10.20 -16.91 4.51
N ASN A 43 -11.10 -17.88 4.35
CA ASN A 43 -11.26 -18.96 5.32
C ASN A 43 -11.16 -20.34 4.67
N MET A 44 -11.74 -20.47 3.47
CA MET A 44 -11.73 -21.74 2.75
C MET A 44 -10.74 -21.73 1.57
N ALA A 45 -10.85 -20.71 0.70
CA ALA A 45 -9.97 -20.58 -0.47
C ALA A 45 -9.41 -19.16 -0.61
N PRO A 46 -8.11 -18.91 -0.24
CA PRO A 46 -7.49 -17.58 -0.37
C PRO A 46 -7.09 -17.26 -1.82
N LEU A 47 -7.03 -15.96 -2.13
CA LEU A 47 -6.67 -15.49 -3.47
C LEU A 47 -5.18 -15.15 -3.57
N TYR A 48 -4.54 -15.03 -2.41
CA TYR A 48 -3.13 -14.71 -2.32
C TYR A 48 -2.32 -15.94 -1.92
N SER A 49 -1.28 -16.23 -2.69
CA SER A 49 -0.40 -17.37 -2.42
C SER A 49 0.96 -16.89 -1.87
N ASP A 50 2.05 -17.20 -2.58
CA ASP A 50 3.40 -16.80 -2.15
C ASP A 50 3.84 -15.52 -2.87
N GLN A 51 3.63 -15.48 -4.20
CA GLN A 51 4.01 -14.34 -5.02
C GLN A 51 2.87 -13.31 -5.19
N ALA A 52 1.66 -13.68 -4.74
CA ALA A 52 0.46 -12.82 -4.84
C ALA A 52 0.56 -11.52 -4.01
N LEU A 53 1.62 -11.42 -3.21
CA LEU A 53 1.89 -10.28 -2.35
C LEU A 53 2.80 -9.29 -3.04
N LYS A 54 4.05 -9.73 -3.22
CA LYS A 54 5.11 -8.96 -3.88
C LYS A 54 4.71 -8.53 -5.30
N LYS A 55 3.65 -9.18 -5.81
CA LYS A 55 3.08 -8.92 -7.11
C LYS A 55 1.93 -7.95 -6.98
N LYS A 56 1.14 -8.15 -5.91
CA LYS A 56 -0.01 -7.24 -5.60
C LYS A 56 0.52 -5.93 -5.01
N LEU A 57 1.80 -6.00 -4.65
CA LEU A 57 2.59 -4.92 -4.10
C LEU A 57 3.26 -4.23 -5.25
N ALA A 58 3.80 -5.09 -6.13
CA ALA A 58 4.45 -4.64 -7.37
C ALA A 58 3.41 -4.03 -8.32
N GLN A 59 2.14 -4.33 -8.02
CA GLN A 59 0.99 -3.83 -8.72
C GLN A 59 0.48 -2.60 -7.97
N LEU A 60 0.79 -2.59 -6.67
CA LEU A 60 0.45 -1.51 -5.73
C LEU A 60 1.41 -0.33 -5.91
N LYS A 61 2.64 -0.74 -6.13
CA LYS A 61 3.80 0.10 -6.40
C LYS A 61 3.67 0.63 -7.81
N TRP A 62 3.04 -0.21 -8.63
CA TRP A 62 2.70 0.12 -10.01
C TRP A 62 1.47 0.99 -9.96
N LYS A 63 0.66 0.72 -8.94
CA LYS A 63 -0.54 1.53 -8.66
C LYS A 63 -0.15 2.78 -7.88
N LEU A 64 1.08 2.75 -7.34
CA LEU A 64 1.69 3.84 -6.58
C LEU A 64 2.29 4.89 -7.51
N GLN A 65 2.78 4.35 -8.60
CA GLN A 65 3.37 5.04 -9.72
C GLN A 65 2.23 5.51 -10.62
N ALA A 66 1.10 4.85 -10.37
CA ALA A 66 -0.18 5.13 -11.02
C ALA A 66 -0.93 6.07 -10.11
N LEU A 67 -0.48 6.06 -8.85
CA LEU A 67 -0.95 6.93 -7.78
C LEU A 67 -0.14 8.21 -7.89
N LYS A 68 1.14 8.01 -8.15
CA LYS A 68 2.11 9.08 -8.37
C LYS A 68 1.88 9.67 -9.74
N LYS A 69 1.38 8.80 -10.65
CA LYS A 69 0.98 9.23 -11.98
C LYS A 69 -0.38 9.92 -11.85
N LYS A 70 -1.11 9.49 -10.80
CA LYS A 70 -2.40 10.03 -10.43
C LYS A 70 -2.18 11.24 -9.55
N ASN A 71 -0.96 11.28 -8.98
CA ASN A 71 -0.47 12.40 -8.18
C ASN A 71 0.15 13.39 -9.17
N ALA A 72 0.35 12.84 -10.39
CA ALA A 72 0.85 13.55 -11.55
C ALA A 72 -0.36 14.04 -12.32
N GLN A 73 -1.47 13.31 -12.10
CA GLN A 73 -2.78 13.60 -12.65
C GLN A 73 -3.42 14.58 -11.69
N LEU A 74 -2.99 14.41 -10.45
CA LEU A 74 -3.36 15.26 -9.34
C LEU A 74 -2.50 16.51 -9.39
N LYS A 75 -1.29 16.34 -9.91
CA LYS A 75 -0.33 17.42 -10.13
C LYS A 75 -0.72 18.08 -11.42
N LYS A 76 -1.48 17.31 -12.20
CA LYS A 76 -2.04 17.76 -13.46
C LYS A 76 -3.39 18.39 -13.18
N LYS A 77 -4.05 17.85 -12.15
CA LYS A 77 -5.32 18.38 -11.69
C LYS A 77 -5.10 19.49 -10.68
N LEU A 78 -3.88 19.52 -10.10
CA LEU A 78 -3.49 20.54 -9.13
C LEU A 78 -3.63 21.96 -9.68
N GLN A 79 -2.89 22.21 -10.76
CA GLN A 79 -2.88 23.49 -11.46
C GLN A 79 -3.95 23.54 -12.54
N ALA A 80 -4.07 22.42 -13.28
CA ALA A 80 -5.04 22.24 -14.38
C ALA A 80 -4.83 23.26 -15.51
N MET A 1 -3.95 26.43 1.49
CA MET A 1 -3.05 25.34 1.03
C MET A 1 -2.98 24.21 2.07
N GLN A 2 -4.07 24.05 2.83
CA GLN A 2 -4.17 23.02 3.85
C GLN A 2 -5.38 22.11 3.60
N ALA A 3 -6.11 22.39 2.52
CA ALA A 3 -7.31 21.65 2.17
C ALA A 3 -7.01 20.49 1.24
N LEU A 4 -6.18 20.78 0.24
CA LEU A 4 -5.74 19.87 -0.78
C LEU A 4 -4.40 19.28 -0.38
N GLU A 5 -3.46 20.18 -0.17
CA GLU A 5 -2.08 19.88 0.22
C GLU A 5 -2.00 19.08 1.51
N LYS A 6 -2.96 19.34 2.39
CA LYS A 6 -3.06 18.63 3.67
C LYS A 6 -3.97 17.43 3.54
N GLU A 7 -4.68 17.36 2.41
CA GLU A 7 -5.53 16.25 2.04
C GLU A 7 -4.66 15.27 1.25
N LEU A 8 -3.60 15.87 0.72
CA LEU A 8 -2.55 15.24 -0.03
C LEU A 8 -1.43 14.91 0.95
N ALA A 9 -1.46 15.64 2.07
CA ALA A 9 -0.54 15.44 3.20
C ALA A 9 -1.21 14.45 4.13
N GLN A 10 -2.54 14.34 3.92
CA GLN A 10 -3.40 13.41 4.61
C GLN A 10 -3.44 12.17 3.75
N ASN A 11 -3.26 12.41 2.44
CA ASN A 11 -3.18 11.37 1.40
C ASN A 11 -1.76 10.86 1.40
N GLU A 12 -0.90 11.68 2.01
CA GLU A 12 0.49 11.39 2.26
C GLU A 12 0.52 10.58 3.53
N TRP A 13 -0.49 10.94 4.33
CA TRP A 13 -0.79 10.31 5.62
C TRP A 13 -1.62 9.04 5.37
N GLU A 14 -2.29 9.01 4.20
CA GLU A 14 -3.07 7.84 3.74
C GLU A 14 -2.12 7.01 2.95
N LEU A 15 -1.07 7.71 2.53
CA LEU A 15 0.06 7.17 1.82
C LEU A 15 0.95 6.52 2.87
N GLN A 16 0.98 7.20 4.01
CA GLN A 16 1.67 6.83 5.21
C GLN A 16 0.88 5.70 5.82
N ALA A 17 -0.43 5.83 5.61
CA ALA A 17 -1.43 4.85 6.00
C ALA A 17 -1.45 3.78 4.93
N LEU A 18 -0.86 4.12 3.77
CA LEU A 18 -0.68 3.21 2.65
C LEU A 18 0.65 2.49 2.88
N GLU A 19 1.51 3.20 3.62
CA GLU A 19 2.84 2.70 4.06
C GLU A 19 2.61 1.94 5.33
N LYS A 20 1.57 2.42 6.03
CA LYS A 20 1.08 1.82 7.27
C LYS A 20 0.11 0.69 6.93
N GLU A 21 -0.37 0.75 5.67
CA GLU A 21 -1.23 -0.26 5.09
C GLU A 21 -0.26 -1.28 4.51
N LEU A 22 0.89 -0.72 4.09
CA LEU A 22 2.01 -1.50 3.60
C LEU A 22 2.62 -2.16 4.82
N ALA A 23 2.70 -1.34 5.88
CA ALA A 23 3.20 -1.79 7.19
C ALA A 23 2.16 -2.66 7.89
N GLN A 24 0.92 -2.63 7.36
CA GLN A 24 -0.20 -3.40 7.85
C GLN A 24 -0.09 -4.84 7.34
N LEU A 25 0.57 -4.96 6.20
CA LEU A 25 0.84 -6.22 5.49
C LEU A 25 1.93 -6.94 6.20
N GLU A 26 2.82 -6.11 6.71
CA GLU A 26 3.96 -6.46 7.53
C GLU A 26 3.46 -6.60 8.94
N LYS A 27 2.30 -5.99 9.14
CA LYS A 27 1.56 -6.12 10.40
C LYS A 27 0.79 -7.42 10.32
N GLU A 28 0.54 -7.83 9.07
CA GLU A 28 -0.12 -9.12 8.78
C GLU A 28 0.96 -10.16 8.56
N LEU A 29 2.03 -9.69 7.93
CA LEU A 29 3.18 -10.52 7.60
C LEU A 29 4.18 -10.67 8.76
N GLN A 30 4.63 -9.53 9.27
CA GLN A 30 5.65 -9.53 10.35
C GLN A 30 5.06 -9.65 11.75
N ALA A 31 4.00 -8.89 12.00
CA ALA A 31 3.34 -8.87 13.32
C ALA A 31 2.52 -10.14 13.62
N TRP A 32 2.44 -11.05 12.63
CA TRP A 32 1.69 -12.31 12.79
C TRP A 32 2.45 -13.33 13.65
N ASN A 33 3.77 -13.42 13.43
CA ASN A 33 4.62 -14.35 14.18
C ASN A 33 5.70 -13.57 14.93
N CYS A 34 5.91 -13.92 16.20
CA CYS A 34 6.91 -13.26 17.04
C CYS A 34 8.20 -14.08 17.09
N ILE A 35 8.11 -15.34 17.54
CA ILE A 35 9.27 -16.23 17.64
C ILE A 35 8.87 -17.70 17.44
N CYS A 36 7.93 -18.18 18.29
CA CYS A 36 7.47 -19.57 18.24
C CYS A 36 5.97 -19.67 18.54
N ASP A 37 5.42 -18.65 19.23
CA ASP A 37 4.00 -18.62 19.60
C ASP A 37 3.15 -18.03 18.48
N ILE A 38 1.97 -18.63 18.26
CA ILE A 38 1.04 -18.19 17.22
C ILE A 38 -0.35 -17.89 17.82
N GLU A 39 -0.74 -18.68 18.85
CA GLU A 39 -2.04 -18.53 19.55
C GLU A 39 -3.24 -18.83 18.63
N ASN A 40 -4.36 -19.26 19.24
CA ASN A 40 -5.62 -19.60 18.54
C ASN A 40 -5.46 -20.80 17.60
N CYS A 41 -6.58 -21.53 17.38
CA CYS A 41 -6.58 -22.71 16.52
C CYS A 41 -6.96 -22.34 15.09
N SER A 42 -6.49 -23.16 14.12
CA SER A 42 -6.74 -22.98 12.68
C SER A 42 -6.35 -21.58 12.17
N ASN A 43 -5.27 -21.53 11.39
CA ASN A 43 -4.76 -20.27 10.84
C ASN A 43 -4.72 -20.31 9.31
N MET A 44 -4.37 -21.49 8.75
CA MET A 44 -4.27 -21.72 7.29
C MET A 44 -3.16 -20.88 6.64
N ALA A 45 -2.58 -21.42 5.56
CA ALA A 45 -1.51 -20.74 4.83
C ALA A 45 -2.06 -19.91 3.66
N PRO A 46 -2.00 -18.54 3.75
CA PRO A 46 -2.50 -17.66 2.67
C PRO A 46 -1.68 -17.78 1.37
N LEU A 47 -2.27 -17.32 0.26
CA LEU A 47 -1.62 -17.37 -1.05
C LEU A 47 -0.80 -16.11 -1.34
N TYR A 48 -1.02 -15.08 -0.51
CA TYR A 48 -0.33 -13.79 -0.64
C TYR A 48 0.93 -13.76 0.21
N SER A 49 2.09 -14.06 -0.41
CA SER A 49 3.36 -14.06 0.30
C SER A 49 4.55 -13.67 -0.61
N ASP A 50 4.85 -14.52 -1.60
CA ASP A 50 6.00 -14.27 -2.50
C ASP A 50 5.58 -13.66 -3.85
N GLN A 51 4.90 -14.46 -4.69
CA GLN A 51 4.48 -14.03 -6.03
C GLN A 51 3.12 -13.32 -6.04
N ALA A 52 2.41 -13.35 -4.92
CA ALA A 52 1.10 -12.71 -4.82
C ALA A 52 1.10 -11.44 -3.96
N LEU A 53 2.13 -11.29 -3.12
CA LEU A 53 2.29 -10.17 -2.23
C LEU A 53 3.21 -9.11 -2.84
N LYS A 54 4.50 -9.47 -2.93
CA LYS A 54 5.56 -8.62 -3.49
C LYS A 54 5.29 -8.25 -4.95
N LYS A 55 4.34 -8.97 -5.56
CA LYS A 55 3.92 -8.78 -6.93
C LYS A 55 2.69 -7.90 -6.95
N LYS A 56 1.80 -8.11 -5.97
CA LYS A 56 0.58 -7.27 -5.83
C LYS A 56 0.97 -5.90 -5.25
N LEU A 57 2.20 -5.87 -4.76
CA LEU A 57 2.86 -4.72 -4.19
C LEU A 57 3.63 -4.07 -5.30
N ALA A 58 4.29 -4.94 -6.07
CA ALA A 58 5.05 -4.53 -7.27
C ALA A 58 4.08 -3.97 -8.32
N GLN A 59 2.80 -4.33 -8.14
CA GLN A 59 1.71 -3.90 -8.97
C GLN A 59 1.08 -2.67 -8.33
N LEU A 60 1.24 -2.59 -7.01
CA LEU A 60 0.74 -1.49 -6.17
C LEU A 60 1.78 -0.36 -6.15
N LYS A 61 2.95 -0.72 -6.67
CA LYS A 61 4.11 0.13 -6.82
C LYS A 61 4.05 0.68 -8.23
N TRP A 62 3.51 -0.19 -9.09
CA TRP A 62 3.25 0.12 -10.49
C TRP A 62 1.96 0.91 -10.54
N LYS A 63 1.09 0.60 -9.57
CA LYS A 63 -0.19 1.33 -9.41
C LYS A 63 0.06 2.61 -8.61
N LEU A 64 1.25 2.68 -8.00
CA LEU A 64 1.74 3.80 -7.20
C LEU A 64 2.26 4.90 -8.13
N GLN A 65 2.89 4.43 -9.17
CA GLN A 65 3.44 5.21 -10.28
C GLN A 65 2.29 5.71 -11.10
N ALA A 66 1.26 4.91 -10.97
CA ALA A 66 -0.05 5.10 -11.59
C ALA A 66 -0.89 5.95 -10.66
N LEU A 67 -0.45 5.92 -9.38
CA LEU A 67 -1.02 6.72 -8.30
C LEU A 67 -0.32 8.07 -8.36
N LYS A 68 0.97 7.96 -8.65
CA LYS A 68 1.88 9.09 -8.83
C LYS A 68 1.60 9.72 -10.18
N LYS A 69 1.14 8.87 -11.11
CA LYS A 69 0.71 9.33 -12.42
C LYS A 69 -0.69 9.93 -12.25
N LYS A 70 -1.36 9.42 -11.19
CA LYS A 70 -2.69 9.87 -10.77
C LYS A 70 -2.52 11.06 -9.86
N ASN A 71 -1.30 11.13 -9.30
CA ASN A 71 -0.86 12.24 -8.45
C ASN A 71 -0.30 13.29 -9.40
N ALA A 72 -0.10 12.81 -10.64
CA ALA A 72 0.36 13.60 -11.78
C ALA A 72 -0.89 14.06 -12.50
N GLN A 73 -1.97 13.27 -12.27
CA GLN A 73 -3.32 13.54 -12.77
C GLN A 73 -3.94 14.47 -11.77
N LEU A 74 -3.47 14.25 -10.54
CA LEU A 74 -3.85 15.06 -9.38
C LEU A 74 -3.02 16.33 -9.40
N LYS A 75 -1.82 16.21 -9.98
CA LYS A 75 -0.91 17.32 -10.17
C LYS A 75 -1.36 18.04 -11.42
N LYS A 76 -2.13 17.27 -12.21
CA LYS A 76 -2.74 17.76 -13.43
C LYS A 76 -4.10 18.34 -13.07
N LYS A 77 -4.70 17.73 -12.05
CA LYS A 77 -5.98 18.20 -11.53
C LYS A 77 -5.74 19.26 -10.46
N LEU A 78 -4.49 19.32 -9.95
CA LEU A 78 -4.10 20.31 -8.94
C LEU A 78 -4.35 21.74 -9.39
N GLN A 79 -3.69 22.09 -10.49
CA GLN A 79 -3.79 23.41 -11.10
C GLN A 79 -5.02 23.54 -12.01
N ALA A 80 -5.27 22.48 -12.75
CA ALA A 80 -6.41 22.41 -13.68
C ALA A 80 -7.61 21.72 -13.04
N MET A 1 -6.68 25.36 1.80
CA MET A 1 -5.36 24.69 1.93
C MET A 1 -5.45 23.40 2.75
N GLN A 2 -6.67 23.07 3.19
CA GLN A 2 -6.92 21.88 3.97
C GLN A 2 -7.81 20.89 3.20
N ALA A 3 -8.21 21.30 2.00
CA ALA A 3 -9.10 20.50 1.14
C ALA A 3 -8.31 19.62 0.17
N LEU A 4 -7.24 20.21 -0.35
CA LEU A 4 -6.35 19.59 -1.30
C LEU A 4 -5.16 18.99 -0.58
N GLU A 5 -4.42 19.89 0.07
CA GLU A 5 -3.20 19.59 0.84
C GLU A 5 -3.46 18.60 1.96
N LYS A 6 -4.66 18.66 2.52
CA LYS A 6 -5.06 17.75 3.60
C LYS A 6 -5.78 16.53 3.06
N GLU A 7 -6.12 16.61 1.77
CA GLU A 7 -6.74 15.51 1.02
C GLU A 7 -5.59 14.71 0.43
N LEU A 8 -4.47 15.43 0.33
CA LEU A 8 -3.20 14.97 -0.14
C LEU A 8 -2.43 14.49 1.08
N ALA A 9 -2.71 15.16 2.21
CA ALA A 9 -2.15 14.83 3.52
C ALA A 9 -2.98 13.73 4.11
N GLN A 10 -4.18 13.59 3.52
CA GLN A 10 -5.12 12.55 3.83
C GLN A 10 -4.72 11.39 2.94
N ASN A 11 -4.14 11.80 1.80
CA ASN A 11 -3.58 10.89 0.79
C ASN A 11 -2.18 10.53 1.22
N GLU A 12 -1.64 11.36 2.12
CA GLU A 12 -0.33 11.14 2.76
C GLU A 12 -0.63 10.31 3.98
N TRP A 13 -1.89 10.46 4.35
CA TRP A 13 -2.52 9.72 5.45
C TRP A 13 -3.05 8.38 4.92
N GLU A 14 -3.32 8.38 3.60
CA GLU A 14 -3.75 7.16 2.88
C GLU A 14 -2.51 6.51 2.37
N LEU A 15 -1.49 7.38 2.33
CA LEU A 15 -0.13 7.02 1.96
C LEU A 15 0.50 6.42 3.20
N GLN A 16 0.08 6.98 4.33
CA GLN A 16 0.43 6.60 5.67
C GLN A 16 -0.31 5.34 5.98
N ALA A 17 -1.52 5.33 5.41
CA ALA A 17 -2.43 4.21 5.45
C ALA A 17 -1.94 3.20 4.45
N LEU A 18 -1.18 3.72 3.46
CA LEU A 18 -0.53 2.93 2.43
C LEU A 18 0.78 2.45 2.99
N GLU A 19 1.26 3.18 4.00
CA GLU A 19 2.47 2.83 4.77
C GLU A 19 1.98 1.97 5.90
N LYS A 20 0.71 2.12 6.11
CA LYS A 20 -0.02 1.31 7.09
C LYS A 20 -0.54 0.07 6.37
N GLU A 21 -0.49 0.15 5.04
CA GLU A 21 -0.84 -0.96 4.16
C GLU A 21 0.44 -1.63 3.78
N LEU A 22 1.39 -0.75 3.50
CA LEU A 22 2.73 -1.12 3.09
C LEU A 22 3.63 -1.46 4.27
N ALA A 23 3.67 -0.56 5.25
CA ALA A 23 4.57 -0.75 6.40
C ALA A 23 3.95 -1.46 7.61
N GLN A 24 2.62 -1.62 7.62
CA GLN A 24 1.93 -2.28 8.74
C GLN A 24 1.81 -3.78 8.45
N LEU A 25 1.75 -4.07 7.16
CA LEU A 25 1.65 -5.41 6.57
C LEU A 25 3.03 -6.05 6.68
N GLU A 26 4.00 -5.14 6.50
CA GLU A 26 5.41 -5.35 6.61
C GLU A 26 5.71 -5.56 8.07
N LYS A 27 4.92 -4.84 8.86
CA LYS A 27 4.91 -4.91 10.32
C LYS A 27 4.19 -6.17 10.74
N GLU A 28 3.15 -6.53 9.96
CA GLU A 28 2.40 -7.79 10.19
C GLU A 28 3.33 -8.88 9.76
N LEU A 29 4.09 -8.53 8.72
CA LEU A 29 5.13 -9.39 8.16
C LEU A 29 6.27 -9.53 9.15
N GLN A 30 6.69 -8.36 9.63
CA GLN A 30 7.79 -8.26 10.62
C GLN A 30 7.46 -9.00 11.92
N ALA A 31 6.21 -8.89 12.32
CA ALA A 31 5.69 -9.53 13.55
C ALA A 31 5.53 -11.04 13.39
N TRP A 32 5.52 -11.52 12.14
CA TRP A 32 5.38 -12.95 11.85
C TRP A 32 6.75 -13.61 11.69
N ASN A 33 7.63 -12.96 10.88
CA ASN A 33 9.01 -13.43 10.58
C ASN A 33 9.02 -14.76 9.79
N CYS A 34 8.54 -15.85 10.42
CA CYS A 34 8.50 -17.16 9.78
C CYS A 34 7.16 -17.85 10.03
N ILE A 35 6.77 -18.74 9.12
CA ILE A 35 5.51 -19.48 9.22
C ILE A 35 5.72 -20.85 9.87
N CYS A 36 4.90 -21.17 10.88
CA CYS A 36 4.98 -22.44 11.59
C CYS A 36 3.60 -23.07 11.72
N ASP A 37 3.57 -24.40 11.81
CA ASP A 37 2.31 -25.15 11.94
C ASP A 37 2.03 -25.49 13.41
N ILE A 38 1.01 -24.82 13.98
CA ILE A 38 0.62 -25.04 15.38
C ILE A 38 -0.89 -24.80 15.58
N GLU A 39 -1.39 -23.72 14.98
CA GLU A 39 -2.81 -23.37 15.07
C GLU A 39 -3.39 -23.07 13.69
N ASN A 40 -4.52 -23.70 13.38
CA ASN A 40 -5.18 -23.51 12.08
C ASN A 40 -6.65 -23.12 12.27
N CYS A 41 -7.04 -22.03 11.61
CA CYS A 41 -8.42 -21.53 11.68
C CYS A 41 -8.98 -21.26 10.28
N SER A 42 -8.18 -20.61 9.43
CA SER A 42 -8.59 -20.30 8.05
C SER A 42 -7.48 -20.66 7.06
N ASN A 43 -7.85 -21.41 6.02
CA ASN A 43 -6.90 -21.84 4.99
C ASN A 43 -7.44 -21.56 3.58
N MET A 44 -8.74 -21.82 3.39
CA MET A 44 -9.39 -21.61 2.09
C MET A 44 -10.09 -20.24 2.03
N ALA A 45 -10.03 -19.49 3.13
CA ALA A 45 -10.65 -18.16 3.22
C ALA A 45 -9.72 -17.03 2.71
N PRO A 46 -8.40 -16.98 3.13
CA PRO A 46 -7.47 -15.92 2.67
C PRO A 46 -6.95 -16.16 1.25
N LEU A 47 -6.62 -15.06 0.56
CA LEU A 47 -6.09 -15.14 -0.80
C LEU A 47 -4.73 -14.47 -0.92
N TYR A 48 -4.56 -13.38 -0.18
CA TYR A 48 -3.32 -12.61 -0.16
C TYR A 48 -2.37 -13.11 0.92
N SER A 49 -1.37 -13.90 0.50
CA SER A 49 -0.38 -14.47 1.43
C SER A 49 0.99 -14.67 0.75
N ASP A 50 1.02 -15.49 -0.32
CA ASP A 50 2.28 -15.78 -1.02
C ASP A 50 2.49 -14.93 -2.29
N GLN A 51 1.69 -15.20 -3.34
CA GLN A 51 1.79 -14.47 -4.61
C GLN A 51 0.85 -13.28 -4.68
N ALA A 52 -0.40 -13.47 -4.27
CA ALA A 52 -1.46 -12.43 -4.29
C ALA A 52 -1.09 -11.14 -3.52
N LEU A 53 0.05 -11.17 -2.82
CA LEU A 53 0.54 -10.06 -2.04
C LEU A 53 1.52 -9.24 -2.87
N LYS A 54 2.67 -9.86 -3.15
CA LYS A 54 3.75 -9.29 -3.96
C LYS A 54 3.27 -8.95 -5.39
N LYS A 55 2.07 -9.47 -5.71
CA LYS A 55 1.42 -9.27 -6.99
C LYS A 55 0.44 -8.12 -6.88
N LYS A 56 -0.28 -8.08 -5.74
CA LYS A 56 -1.24 -6.99 -5.44
C LYS A 56 -0.47 -5.71 -5.05
N LEU A 57 0.82 -5.93 -4.80
CA LEU A 57 1.81 -4.93 -4.44
C LEU A 57 2.46 -4.49 -5.71
N ALA A 58 2.78 -5.51 -6.52
CA ALA A 58 3.37 -5.31 -7.87
C ALA A 58 2.35 -4.62 -8.78
N GLN A 59 1.08 -4.70 -8.36
CA GLN A 59 -0.04 -4.09 -9.01
C GLN A 59 -0.28 -2.72 -8.37
N LEU A 60 0.14 -2.62 -7.11
CA LEU A 60 0.05 -1.40 -6.30
C LEU A 60 1.27 -0.52 -6.56
N LYS A 61 2.22 -1.13 -7.25
CA LYS A 61 3.47 -0.54 -7.68
C LYS A 61 3.27 -0.03 -9.08
N TRP A 62 2.36 -0.75 -9.75
CA TRP A 62 1.90 -0.43 -11.08
C TRP A 62 0.78 0.59 -10.95
N LYS A 63 0.07 0.48 -9.81
CA LYS A 63 -1.00 1.42 -9.47
C LYS A 63 -0.46 2.62 -8.71
N LEU A 64 0.79 2.50 -8.24
CA LEU A 64 1.52 3.54 -7.49
C LEU A 64 2.17 4.54 -8.44
N GLN A 65 2.51 4.02 -9.59
CA GLN A 65 3.10 4.71 -10.71
C GLN A 65 1.94 5.31 -11.51
N ALA A 66 0.78 4.73 -11.22
CA ALA A 66 -0.51 5.11 -11.78
C ALA A 66 -1.15 6.05 -10.78
N LEU A 67 -0.59 5.99 -9.56
CA LEU A 67 -0.95 6.82 -8.43
C LEU A 67 -0.02 8.02 -8.49
N LYS A 68 1.24 7.71 -8.77
CA LYS A 68 2.31 8.69 -8.93
C LYS A 68 2.15 9.39 -10.25
N LYS A 69 1.53 8.69 -11.22
CA LYS A 69 1.20 9.31 -12.51
C LYS A 69 -0.08 10.10 -12.30
N LYS A 70 -0.77 9.74 -11.21
CA LYS A 70 -2.00 10.39 -10.76
C LYS A 70 -1.64 11.46 -9.75
N ASN A 71 -0.50 11.24 -9.08
CA ASN A 71 0.06 12.17 -8.09
C ASN A 71 0.95 13.18 -8.81
N ALA A 72 1.29 12.83 -10.05
CA ALA A 72 2.05 13.66 -10.98
C ALA A 72 1.03 14.41 -11.78
N GLN A 73 -0.18 13.82 -11.78
CA GLN A 73 -1.36 14.35 -12.39
C GLN A 73 -1.98 15.30 -11.40
N LEU A 74 -1.85 14.87 -10.15
CA LEU A 74 -2.29 15.62 -8.98
C LEU A 74 -1.27 16.70 -8.69
N LYS A 75 -0.03 16.41 -9.08
CA LYS A 75 1.08 17.35 -8.94
C LYS A 75 1.01 18.28 -10.13
N LYS A 76 0.33 17.74 -11.16
CA LYS A 76 0.06 18.48 -12.38
C LYS A 76 -1.20 19.28 -12.17
N LYS A 77 -2.08 18.70 -11.35
CA LYS A 77 -3.32 19.36 -10.98
C LYS A 77 -3.12 20.24 -9.75
N LEU A 78 -2.00 19.99 -9.04
CA LEU A 78 -1.64 20.75 -7.84
C LEU A 78 -1.42 22.25 -8.14
N GLN A 79 -0.48 22.51 -9.02
CA GLN A 79 -0.12 23.86 -9.44
C GLN A 79 -0.96 24.33 -10.62
N ALA A 80 -1.15 23.43 -11.58
CA ALA A 80 -1.93 23.71 -12.78
C ALA A 80 -3.34 23.16 -12.68
N MET A 1 -7.44 25.38 0.11
CA MET A 1 -6.08 25.12 -0.42
C MET A 1 -5.36 24.06 0.43
N GLN A 2 -5.54 24.14 1.76
CA GLN A 2 -4.92 23.21 2.70
C GLN A 2 -5.72 21.91 2.83
N ALA A 3 -6.82 21.85 2.09
CA ALA A 3 -7.74 20.70 2.05
C ALA A 3 -7.35 19.77 0.92
N LEU A 4 -6.53 20.34 0.03
CA LEU A 4 -5.98 19.67 -1.14
C LEU A 4 -4.65 19.07 -0.74
N GLU A 5 -3.88 19.92 -0.06
CA GLU A 5 -2.58 19.57 0.51
C GLU A 5 -2.80 18.58 1.66
N LYS A 6 -4.00 18.68 2.23
CA LYS A 6 -4.45 17.79 3.33
C LYS A 6 -5.13 16.56 2.77
N GLU A 7 -5.49 16.64 1.49
CA GLU A 7 -6.11 15.56 0.72
C GLU A 7 -4.97 14.76 0.11
N LEU A 8 -3.86 15.49 0.00
CA LEU A 8 -2.59 15.03 -0.49
C LEU A 8 -1.81 14.52 0.70
N ALA A 9 -2.10 15.15 1.84
CA ALA A 9 -1.54 14.79 3.15
C ALA A 9 -2.38 13.65 3.70
N GLN A 10 -3.59 13.54 3.13
CA GLN A 10 -4.54 12.48 3.44
C GLN A 10 -4.29 11.39 2.42
N ASN A 11 -3.69 11.83 1.32
CA ASN A 11 -3.25 10.97 0.22
C ASN A 11 -1.86 10.47 0.58
N GLU A 12 -1.23 11.25 1.48
CA GLU A 12 0.04 10.97 2.06
C GLU A 12 -0.20 10.07 3.25
N TRP A 13 -1.34 10.35 3.86
CA TRP A 13 -1.89 9.61 5.00
C TRP A 13 -2.54 8.34 4.46
N GLU A 14 -2.84 8.40 3.16
CA GLU A 14 -3.38 7.33 2.39
C GLU A 14 -2.21 6.52 1.90
N LEU A 15 -1.14 7.29 1.68
CA LEU A 15 0.18 6.81 1.29
C LEU A 15 0.79 6.14 2.51
N GLN A 16 0.40 6.69 3.65
CA GLN A 16 0.76 6.25 4.97
C GLN A 16 -0.11 5.08 5.32
N ALA A 17 -1.31 5.17 4.78
CA ALA A 17 -2.34 4.13 4.86
C ALA A 17 -2.05 3.07 3.81
N LEU A 18 -1.21 3.51 2.83
CA LEU A 18 -0.72 2.67 1.74
C LEU A 18 0.48 1.96 2.28
N GLU A 19 1.21 2.74 3.07
CA GLU A 19 2.39 2.26 3.82
C GLU A 19 1.85 1.41 4.94
N LYS A 20 0.81 1.92 5.55
CA LYS A 20 0.09 1.22 6.61
C LYS A 20 -0.58 -0.02 6.00
N GLU A 21 -0.59 -0.01 4.68
CA GLU A 21 -1.08 -1.12 3.88
C GLU A 21 0.15 -1.93 3.46
N LEU A 22 1.23 -1.17 3.23
CA LEU A 22 2.51 -1.70 2.83
C LEU A 22 3.40 -2.01 4.02
N ALA A 23 3.58 -1.00 4.87
CA ALA A 23 4.45 -1.11 6.06
C ALA A 23 3.78 -1.79 7.26
N GLN A 24 2.45 -1.94 7.23
CA GLN A 24 1.73 -2.57 8.33
C GLN A 24 1.55 -4.06 8.02
N LEU A 25 1.65 -4.36 6.74
CA LEU A 25 1.60 -5.70 6.17
C LEU A 25 2.88 -6.42 6.56
N GLU A 26 3.92 -5.60 6.59
CA GLU A 26 5.28 -5.93 7.00
C GLU A 26 5.28 -5.99 8.49
N LYS A 27 4.30 -5.28 9.04
CA LYS A 27 4.05 -5.26 10.49
C LYS A 27 3.17 -6.45 10.83
N GLU A 28 2.28 -6.78 9.87
CA GLU A 28 1.42 -7.98 9.99
C GLU A 28 2.30 -9.15 9.72
N LEU A 29 3.26 -8.88 8.83
CA LEU A 29 4.29 -9.83 8.46
C LEU A 29 5.24 -10.01 9.63
N GLN A 30 5.63 -8.88 10.22
CA GLN A 30 6.54 -8.86 11.38
C GLN A 30 5.92 -9.57 12.59
N ALA A 31 4.62 -9.35 12.75
CA ALA A 31 3.83 -9.93 13.85
C ALA A 31 3.49 -11.40 13.62
N TRP A 32 3.86 -11.93 12.45
CA TRP A 32 3.60 -13.34 12.09
C TRP A 32 4.67 -14.27 12.66
N ASN A 33 5.80 -13.70 13.09
CA ASN A 33 6.91 -14.46 13.66
C ASN A 33 6.87 -14.45 15.18
N CYS A 34 6.39 -13.32 15.75
CA CYS A 34 6.29 -13.16 17.21
C CYS A 34 4.90 -13.58 17.70
N ILE A 35 4.80 -13.88 19.02
CA ILE A 35 3.54 -14.30 19.68
C ILE A 35 3.11 -15.70 19.18
N CYS A 36 2.55 -16.49 20.10
CA CYS A 36 2.08 -17.85 19.79
C CYS A 36 0.60 -17.87 19.41
N ASP A 37 -0.21 -17.11 20.18
CA ASP A 37 -1.65 -17.04 19.93
C ASP A 37 -2.02 -15.75 19.19
N ILE A 38 -2.49 -15.92 17.95
CA ILE A 38 -2.90 -14.77 17.11
C ILE A 38 -4.07 -15.16 16.20
N GLU A 39 -5.06 -14.26 16.13
CA GLU A 39 -6.24 -14.49 15.29
C GLU A 39 -6.24 -13.54 14.09
N ASN A 40 -6.33 -14.13 12.89
CA ASN A 40 -6.34 -13.37 11.64
C ASN A 40 -7.44 -13.87 10.70
N CYS A 41 -7.53 -15.19 10.54
CA CYS A 41 -8.52 -15.82 9.67
C CYS A 41 -9.19 -17.02 10.37
N SER A 42 -10.42 -17.31 9.96
CA SER A 42 -11.18 -18.42 10.54
C SER A 42 -11.09 -19.67 9.67
N ASN A 43 -11.21 -19.50 8.35
CA ASN A 43 -11.14 -20.61 7.40
C ASN A 43 -9.75 -20.70 6.78
N MET A 44 -9.36 -21.93 6.38
CA MET A 44 -8.05 -22.18 5.77
C MET A 44 -8.16 -22.18 4.24
N ALA A 45 -7.49 -21.22 3.61
CA ALA A 45 -7.48 -21.08 2.14
C ALA A 45 -6.09 -20.66 1.64
N PRO A 46 -5.74 -20.92 0.33
CA PRO A 46 -4.42 -20.53 -0.23
C PRO A 46 -4.12 -19.02 -0.10
N LEU A 47 -4.84 -18.20 -0.91
CA LEU A 47 -4.72 -16.72 -0.93
C LEU A 47 -3.35 -16.23 -1.40
N TYR A 48 -2.35 -17.14 -1.45
CA TYR A 48 -0.98 -16.89 -1.90
C TYR A 48 -0.27 -15.76 -1.13
N SER A 49 1.05 -15.88 -1.00
CA SER A 49 1.87 -14.89 -0.29
C SER A 49 3.01 -14.37 -1.17
N ASP A 50 3.30 -15.12 -2.24
CA ASP A 50 4.37 -14.74 -3.18
C ASP A 50 3.79 -14.03 -4.41
N GLN A 51 2.74 -14.63 -4.98
CA GLN A 51 2.06 -14.09 -6.16
C GLN A 51 0.88 -13.18 -5.80
N ALA A 52 0.52 -13.14 -4.51
CA ALA A 52 -0.60 -12.34 -4.03
C ALA A 52 -0.17 -11.11 -3.22
N LEU A 53 1.04 -11.13 -2.69
CA LEU A 53 1.57 -10.05 -1.89
C LEU A 53 2.45 -9.13 -2.71
N LYS A 54 3.61 -9.66 -3.09
CA LYS A 54 4.63 -8.94 -3.90
C LYS A 54 4.10 -8.52 -5.27
N LYS A 55 2.97 -9.10 -5.65
CA LYS A 55 2.30 -8.85 -6.90
C LYS A 55 1.21 -7.81 -6.68
N LYS A 56 0.50 -7.94 -5.54
CA LYS A 56 -0.56 -6.97 -5.16
C LYS A 56 0.07 -5.68 -4.66
N LEU A 57 1.39 -5.79 -4.42
CA LEU A 57 2.26 -4.73 -3.97
C LEU A 57 2.87 -4.12 -5.20
N ALA A 58 3.29 -5.04 -6.08
CA ALA A 58 3.85 -4.66 -7.40
C ALA A 58 2.77 -4.00 -8.26
N GLN A 59 1.52 -4.24 -7.87
CA GLN A 59 0.35 -3.69 -8.47
C GLN A 59 -0.04 -2.42 -7.73
N LEU A 60 0.39 -2.38 -6.46
CA LEU A 60 0.17 -1.25 -5.56
C LEU A 60 1.31 -0.22 -5.73
N LYS A 61 2.34 -0.70 -6.40
CA LYS A 61 3.54 0.04 -6.74
C LYS A 61 3.34 0.58 -8.14
N TRP A 62 2.58 -0.24 -8.89
CA TRP A 62 2.16 0.07 -10.24
C TRP A 62 0.97 1.02 -10.13
N LYS A 63 0.25 0.84 -9.02
CA LYS A 63 -0.89 1.72 -8.69
C LYS A 63 -0.41 2.96 -7.95
N LEU A 64 0.85 2.89 -7.48
CA LEU A 64 1.53 3.98 -6.77
C LEU A 64 2.28 4.86 -7.77
N GLN A 65 2.45 4.28 -8.92
CA GLN A 65 3.09 4.86 -10.08
C GLN A 65 1.98 5.42 -10.95
N ALA A 66 0.80 4.87 -10.66
CA ALA A 66 -0.46 5.23 -11.31
C ALA A 66 -1.16 6.26 -10.45
N LEU A 67 -0.86 6.19 -9.15
CA LEU A 67 -1.36 7.11 -8.16
C LEU A 67 -0.40 8.27 -8.12
N LYS A 68 0.89 7.93 -8.16
CA LYS A 68 1.96 8.93 -8.25
C LYS A 68 1.87 9.64 -9.58
N LYS A 69 1.36 8.89 -10.58
CA LYS A 69 1.10 9.46 -11.90
C LYS A 69 -0.19 10.26 -11.80
N LYS A 70 -1.04 9.82 -10.86
CA LYS A 70 -2.31 10.45 -10.53
C LYS A 70 -2.05 11.55 -9.52
N ASN A 71 -0.89 11.42 -8.86
CA ASN A 71 -0.38 12.42 -7.91
C ASN A 71 0.40 13.43 -8.76
N ALA A 72 0.65 12.98 -10.00
CA ALA A 72 1.30 13.74 -11.05
C ALA A 72 0.20 14.40 -11.86
N GLN A 73 -0.98 13.76 -11.77
CA GLN A 73 -2.22 14.23 -12.37
C GLN A 73 -2.84 15.17 -11.38
N LEU A 74 -2.53 14.84 -10.13
CA LEU A 74 -2.92 15.62 -8.96
C LEU A 74 -1.94 16.78 -8.83
N LYS A 75 -0.72 16.54 -9.29
CA LYS A 75 0.34 17.54 -9.32
C LYS A 75 0.11 18.37 -10.56
N LYS A 76 -0.64 17.74 -11.47
CA LYS A 76 -1.05 18.36 -12.71
C LYS A 76 -2.36 19.08 -12.47
N LYS A 77 -3.15 18.51 -11.55
CA LYS A 77 -4.41 19.10 -11.14
C LYS A 77 -4.18 20.09 -10.00
N LEU A 78 -3.02 19.95 -9.33
CA LEU A 78 -2.64 20.83 -8.22
C LEU A 78 -2.62 22.30 -8.62
N GLN A 79 -1.79 22.59 -9.61
CA GLN A 79 -1.62 23.93 -10.17
C GLN A 79 -2.70 24.27 -11.18
N ALA A 80 -3.02 23.29 -12.02
CA ALA A 80 -4.03 23.44 -13.06
C ALA A 80 -5.38 22.88 -12.61
N MET A 1 -6.61 26.27 0.39
CA MET A 1 -5.41 25.77 -0.35
C MET A 1 -4.65 24.73 0.47
N GLN A 2 -4.53 24.99 1.78
CA GLN A 2 -3.82 24.10 2.72
C GLN A 2 -4.68 22.90 3.12
N ALA A 3 -5.91 22.87 2.61
CA ALA A 3 -6.91 21.82 2.86
C ALA A 3 -6.80 20.75 1.79
N LEU A 4 -6.16 21.17 0.68
CA LEU A 4 -5.91 20.34 -0.48
C LEU A 4 -4.55 19.68 -0.31
N GLU A 5 -3.66 20.47 0.28
CA GLU A 5 -2.29 20.07 0.63
C GLU A 5 -2.36 19.23 1.89
N LYS A 6 -3.45 19.48 2.62
CA LYS A 6 -3.77 18.76 3.87
C LYS A 6 -4.59 17.52 3.55
N GLU A 7 -5.15 17.54 2.34
CA GLU A 7 -5.93 16.44 1.76
C GLU A 7 -4.93 15.53 1.05
N LEU A 8 -3.83 16.18 0.69
CA LEU A 8 -2.68 15.58 0.04
C LEU A 8 -1.70 15.21 1.15
N ALA A 9 -1.92 15.83 2.31
CA ALA A 9 -1.16 15.56 3.54
C ALA A 9 -1.92 14.48 4.28
N GLN A 10 -3.21 14.40 3.91
CA GLN A 10 -4.13 13.40 4.41
C GLN A 10 -4.03 12.23 3.45
N ASN A 11 -3.71 12.57 2.19
CA ASN A 11 -3.49 11.63 1.09
C ASN A 11 -2.07 11.14 1.22
N GLU A 12 -1.29 11.95 1.98
CA GLU A 12 0.05 11.66 2.34
C GLU A 12 -0.04 10.75 3.53
N TRP A 13 -1.10 11.04 4.29
CA TRP A 13 -1.52 10.29 5.47
C TRP A 13 -2.27 9.04 5.02
N GLU A 14 -2.75 9.09 3.77
CA GLU A 14 -3.41 7.93 3.11
C GLU A 14 -2.31 7.19 2.42
N LEU A 15 -1.23 7.96 2.26
CA LEU A 15 0.03 7.50 1.70
C LEU A 15 0.82 6.88 2.85
N GLN A 16 0.59 7.47 4.04
CA GLN A 16 1.17 7.03 5.32
C GLN A 16 0.32 5.91 5.80
N ALA A 17 -0.92 5.99 5.33
CA ALA A 17 -1.94 4.96 5.54
C ALA A 17 -1.75 3.92 4.46
N LEU A 18 -0.99 4.33 3.42
CA LEU A 18 -0.58 3.48 2.32
C LEU A 18 0.75 2.84 2.72
N GLU A 19 1.45 3.58 3.60
CA GLU A 19 2.72 3.14 4.20
C GLU A 19 2.37 2.31 5.39
N LYS A 20 1.22 2.71 5.96
CA LYS A 20 0.59 2.02 7.08
C LYS A 20 -0.21 0.83 6.56
N GLU A 21 -0.51 0.90 5.26
CA GLU A 21 -1.17 -0.16 4.51
C GLU A 21 -0.05 -1.06 4.05
N LEU A 22 1.09 -0.40 3.83
CA LEU A 22 2.33 -1.05 3.49
C LEU A 22 2.84 -1.69 4.77
N ALA A 23 2.71 -0.91 5.85
CA ALA A 23 3.08 -1.35 7.21
C ALA A 23 2.05 -2.35 7.73
N GLN A 24 0.91 -2.44 7.02
CA GLN A 24 -0.18 -3.34 7.30
C GLN A 24 0.18 -4.74 6.77
N LEU A 25 1.00 -4.72 5.73
CA LEU A 25 1.50 -5.89 5.02
C LEU A 25 2.62 -6.50 5.82
N GLU A 26 3.31 -5.59 6.47
CA GLU A 26 4.40 -5.82 7.40
C GLU A 26 3.77 -6.11 8.74
N LYS A 27 2.51 -5.69 8.80
CA LYS A 27 1.65 -5.98 9.96
C LYS A 27 1.04 -7.35 9.73
N GLU A 28 0.94 -7.70 8.44
CA GLU A 28 0.47 -9.04 8.03
C GLU A 28 1.67 -9.94 7.93
N LEU A 29 2.77 -9.31 7.56
CA LEU A 29 4.06 -9.98 7.40
C LEU A 29 4.81 -10.11 8.72
N GLN A 30 5.02 -8.98 9.39
CA GLN A 30 5.80 -8.97 10.64
C GLN A 30 4.96 -9.19 11.90
N ALA A 31 3.84 -8.50 11.98
CA ALA A 31 2.93 -8.58 13.15
C ALA A 31 2.19 -9.91 13.26
N TRP A 32 2.35 -10.79 12.25
CA TRP A 32 1.70 -12.10 12.24
C TRP A 32 2.59 -13.17 12.89
N ASN A 33 3.92 -12.97 12.80
CA ASN A 33 4.89 -13.91 13.38
C ASN A 33 5.16 -13.62 14.87
N CYS A 34 4.45 -12.61 15.42
CA CYS A 34 4.60 -12.22 16.83
C CYS A 34 3.62 -13.00 17.71
N ILE A 35 3.99 -13.15 18.99
CA ILE A 35 3.16 -13.88 19.96
C ILE A 35 2.23 -12.90 20.71
N CYS A 36 0.95 -13.28 20.80
CA CYS A 36 -0.07 -12.48 21.48
C CYS A 36 -0.87 -13.32 22.46
N ASP A 37 -1.36 -12.68 23.52
CA ASP A 37 -2.14 -13.37 24.56
C ASP A 37 -3.65 -13.16 24.35
N ILE A 38 -4.03 -11.97 23.87
CA ILE A 38 -5.43 -11.64 23.64
C ILE A 38 -5.88 -12.01 22.19
N GLU A 39 -4.99 -11.78 21.22
CA GLU A 39 -5.28 -12.09 19.82
C GLU A 39 -4.54 -13.34 19.37
N ASN A 40 -5.17 -14.10 18.47
CA ASN A 40 -4.59 -15.34 17.95
C ASN A 40 -4.72 -15.41 16.42
N CYS A 41 -5.93 -15.12 15.92
CA CYS A 41 -6.21 -15.15 14.49
C CYS A 41 -6.99 -13.91 14.05
N SER A 42 -6.77 -13.48 12.81
CA SER A 42 -7.44 -12.31 12.25
C SER A 42 -8.17 -12.65 10.96
N ASN A 43 -7.52 -13.44 10.10
CA ASN A 43 -8.10 -13.85 8.82
C ASN A 43 -8.35 -15.37 8.81
N MET A 44 -9.30 -15.80 7.97
CA MET A 44 -9.64 -17.23 7.85
C MET A 44 -8.86 -17.90 6.72
N ALA A 45 -8.84 -17.25 5.54
CA ALA A 45 -8.13 -17.78 4.37
C ALA A 45 -7.30 -16.68 3.69
N PRO A 46 -6.00 -16.48 4.10
CA PRO A 46 -5.13 -15.46 3.49
C PRO A 46 -4.57 -15.89 2.14
N LEU A 47 -4.29 -14.90 1.28
CA LEU A 47 -3.74 -15.16 -0.06
C LEU A 47 -2.35 -14.55 -0.23
N TYR A 48 -2.01 -13.62 0.65
CA TYR A 48 -0.72 -12.91 0.64
C TYR A 48 0.38 -13.75 1.28
N SER A 49 1.41 -14.06 0.47
CA SER A 49 2.55 -14.87 0.94
C SER A 49 3.86 -14.31 0.36
N ASP A 50 4.56 -15.09 -0.47
CA ASP A 50 5.82 -14.69 -1.08
C ASP A 50 5.61 -14.17 -2.51
N GLN A 51 4.85 -14.93 -3.31
CA GLN A 51 4.55 -14.59 -4.70
C GLN A 51 3.31 -13.69 -4.82
N ALA A 52 2.60 -13.51 -3.70
CA ALA A 52 1.39 -12.68 -3.66
C ALA A 52 1.64 -11.32 -2.98
N LEU A 53 2.85 -11.15 -2.42
CA LEU A 53 3.26 -9.95 -1.72
C LEU A 53 4.03 -9.03 -2.66
N LYS A 54 5.22 -9.48 -3.04
CA LYS A 54 6.12 -8.76 -3.97
C LYS A 54 5.45 -8.53 -5.33
N LYS A 55 4.33 -9.22 -5.55
CA LYS A 55 3.53 -9.14 -6.75
C LYS A 55 2.40 -8.16 -6.53
N LYS A 56 1.81 -8.21 -5.31
CA LYS A 56 0.72 -7.27 -4.92
C LYS A 56 1.30 -5.89 -4.63
N LEU A 57 2.63 -5.89 -4.51
CA LEU A 57 3.48 -4.74 -4.26
C LEU A 57 3.92 -4.24 -5.61
N ALA A 58 4.32 -5.22 -6.43
CA ALA A 58 4.72 -4.95 -7.83
C ALA A 58 3.51 -4.49 -8.65
N GLN A 59 2.32 -4.76 -8.08
CA GLN A 59 1.05 -4.38 -8.64
C GLN A 59 0.64 -3.05 -8.01
N LEU A 60 1.16 -2.83 -6.80
CA LEU A 60 0.92 -1.62 -6.02
C LEU A 60 1.86 -0.50 -6.49
N LYS A 61 3.00 -0.95 -7.00
CA LYS A 61 4.07 -0.14 -7.56
C LYS A 61 3.68 0.17 -8.99
N TRP A 62 2.93 -0.80 -9.55
CA TRP A 62 2.34 -0.69 -10.86
C TRP A 62 1.12 0.18 -10.71
N LYS A 63 0.57 0.13 -9.47
CA LYS A 63 -0.55 0.98 -9.08
C LYS A 63 -0.04 2.39 -8.79
N LEU A 64 1.23 2.46 -8.37
CA LEU A 64 1.95 3.73 -8.08
C LEU A 64 2.11 4.50 -9.37
N GLN A 65 2.49 3.75 -10.35
CA GLN A 65 2.66 4.22 -11.70
C GLN A 65 1.30 4.73 -12.20
N ALA A 66 0.28 4.22 -11.52
CA ALA A 66 -1.12 4.57 -11.75
C ALA A 66 -1.63 5.59 -10.73
N LEU A 67 -1.19 5.42 -9.47
CA LEU A 67 -1.61 6.24 -8.35
C LEU A 67 -0.74 7.48 -8.24
N LYS A 68 0.54 7.26 -8.46
CA LYS A 68 1.54 8.32 -8.48
C LYS A 68 1.40 9.07 -9.79
N LYS A 69 0.85 8.37 -10.80
CA LYS A 69 0.53 9.00 -12.08
C LYS A 69 -0.82 9.65 -11.93
N LYS A 70 -1.54 9.19 -10.88
CA LYS A 70 -2.83 9.72 -10.48
C LYS A 70 -2.58 10.83 -9.48
N ASN A 71 -1.39 10.73 -8.84
CA ASN A 71 -0.90 11.73 -7.89
C ASN A 71 -0.10 12.77 -8.68
N ALA A 72 0.23 12.37 -9.91
CA ALA A 72 0.92 13.19 -10.90
C ALA A 72 -0.17 13.83 -11.74
N GLN A 73 -1.33 13.16 -11.68
CA GLN A 73 -2.56 13.57 -12.30
C GLN A 73 -3.20 14.56 -11.34
N LEU A 74 -2.99 14.23 -10.07
CA LEU A 74 -3.42 15.02 -8.93
C LEU A 74 -2.46 16.19 -8.79
N LYS A 75 -1.22 15.95 -9.21
CA LYS A 75 -0.17 16.96 -9.22
C LYS A 75 -0.35 17.75 -10.49
N LYS A 76 -1.07 17.11 -11.41
CA LYS A 76 -1.45 17.72 -12.68
C LYS A 76 -2.75 18.45 -12.47
N LYS A 77 -3.57 17.88 -11.57
CA LYS A 77 -4.82 18.50 -11.18
C LYS A 77 -4.58 19.50 -10.06
N LEU A 78 -3.40 19.39 -9.43
CA LEU A 78 -2.98 20.29 -8.35
C LEU A 78 -2.99 21.76 -8.79
N GLN A 79 -2.20 22.04 -9.81
CA GLN A 79 -2.06 23.37 -10.39
C GLN A 79 -3.16 23.66 -11.42
N ALA A 80 -3.46 22.66 -12.22
CA ALA A 80 -4.47 22.75 -13.26
C ALA A 80 -5.83 22.20 -12.78
N MET A 1 -5.81 25.80 1.79
CA MET A 1 -4.63 24.92 1.59
C MET A 1 -4.68 23.69 2.53
N GLN A 2 -5.87 23.43 3.08
CA GLN A 2 -6.08 22.30 3.99
C GLN A 2 -7.07 21.29 3.39
N ALA A 3 -7.61 21.62 2.23
CA ALA A 3 -8.62 20.78 1.55
C ALA A 3 -7.99 19.79 0.59
N LEU A 4 -7.01 20.29 -0.14
CA LEU A 4 -6.27 19.56 -1.13
C LEU A 4 -4.98 19.03 -0.53
N GLU A 5 -4.17 19.98 -0.07
CA GLU A 5 -2.85 19.75 0.54
C GLU A 5 -2.94 18.85 1.76
N LYS A 6 -4.06 18.97 2.47
CA LYS A 6 -4.30 18.14 3.67
C LYS A 6 -5.04 16.87 3.28
N GLU A 7 -5.55 16.86 2.05
CA GLU A 7 -6.20 15.70 1.44
C GLU A 7 -5.09 14.89 0.76
N LEU A 8 -4.02 15.64 0.54
CA LEU A 8 -2.77 15.21 -0.04
C LEU A 8 -1.89 14.76 1.11
N ALA A 9 -2.05 15.50 2.21
CA ALA A 9 -1.37 15.23 3.49
C ALA A 9 -2.13 14.11 4.17
N GLN A 10 -3.38 13.94 3.71
CA GLN A 10 -4.27 12.88 4.15
C GLN A 10 -4.01 11.71 3.22
N ASN A 11 -3.61 12.08 1.99
CA ASN A 11 -3.23 11.15 0.92
C ASN A 11 -1.81 10.71 1.21
N GLU A 12 -1.15 11.55 2.00
CA GLU A 12 0.16 11.35 2.50
C GLU A 12 0.00 10.47 3.71
N TRP A 13 -1.12 10.74 4.38
CA TRP A 13 -1.59 10.01 5.56
C TRP A 13 -2.24 8.71 5.10
N GLU A 14 -2.60 8.68 3.81
CA GLU A 14 -3.14 7.47 3.14
C GLU A 14 -1.97 6.78 2.54
N LEU A 15 -0.91 7.59 2.46
CA LEU A 15 0.42 7.18 2.03
C LEU A 15 1.17 6.69 3.26
N GLN A 16 0.70 7.21 4.40
CA GLN A 16 1.20 6.86 5.74
C GLN A 16 0.35 5.72 6.23
N ALA A 17 -0.87 5.77 5.71
CA ALA A 17 -1.90 4.73 5.94
C ALA A 17 -1.69 3.63 4.92
N LEU A 18 -0.96 4.00 3.85
CA LEU A 18 -0.55 3.11 2.80
C LEU A 18 0.74 2.49 3.27
N GLU A 19 1.48 3.34 3.99
CA GLU A 19 2.71 3.02 4.65
C GLU A 19 2.38 2.14 5.84
N LYS A 20 1.26 2.51 6.46
CA LYS A 20 0.67 1.80 7.59
C LYS A 20 -0.11 0.59 7.07
N GLU A 21 -0.37 0.62 5.76
CA GLU A 21 -1.01 -0.46 5.03
C GLU A 21 0.14 -1.35 4.62
N LEU A 22 1.26 -0.66 4.39
CA LEU A 22 2.54 -1.30 4.08
C LEU A 22 3.04 -1.89 5.36
N ALA A 23 2.91 -1.06 6.40
CA ALA A 23 3.27 -1.43 7.77
C ALA A 23 2.28 -2.43 8.34
N GLN A 24 1.14 -2.59 7.63
CA GLN A 24 0.08 -3.51 7.96
C GLN A 24 0.45 -4.91 7.45
N LEU A 25 1.29 -4.89 6.41
CA LEU A 25 1.82 -6.05 5.73
C LEU A 25 2.97 -6.56 6.55
N GLU A 26 3.79 -5.60 6.98
CA GLU A 26 4.91 -5.81 7.89
C GLU A 26 4.32 -6.15 9.24
N LYS A 27 3.09 -5.69 9.41
CA LYS A 27 2.30 -6.05 10.60
C LYS A 27 1.90 -7.51 10.44
N GLU A 28 1.83 -7.91 9.17
CA GLU A 28 1.56 -9.30 8.78
C GLU A 28 2.86 -10.04 8.53
N LEU A 29 3.76 -9.31 7.87
CA LEU A 29 5.08 -9.82 7.48
C LEU A 29 6.12 -9.74 8.59
N GLN A 30 6.32 -8.53 9.12
CA GLN A 30 7.35 -8.30 10.16
C GLN A 30 6.97 -8.90 11.51
N ALA A 31 5.69 -8.77 11.86
CA ALA A 31 5.14 -9.28 13.12
C ALA A 31 4.97 -10.82 13.11
N TRP A 32 5.24 -11.43 11.95
CA TRP A 32 5.14 -12.89 11.78
C TRP A 32 6.42 -13.60 12.25
N ASN A 33 7.49 -12.81 12.49
CA ASN A 33 8.81 -13.30 12.95
C ASN A 33 9.57 -13.99 11.82
N CYS A 34 10.86 -13.65 11.70
CA CYS A 34 11.74 -14.21 10.67
C CYS A 34 12.48 -15.46 11.18
N ILE A 35 13.36 -16.02 10.32
CA ILE A 35 14.17 -17.23 10.62
C ILE A 35 13.37 -18.37 11.27
N CYS A 36 12.97 -19.34 10.43
CA CYS A 36 12.19 -20.50 10.88
C CYS A 36 12.78 -21.78 10.31
N ASP A 37 12.68 -22.87 11.08
CA ASP A 37 13.21 -24.17 10.68
C ASP A 37 12.11 -25.08 10.12
N ILE A 38 10.93 -25.03 10.74
CA ILE A 38 9.79 -25.86 10.32
C ILE A 38 8.86 -25.11 9.36
N GLU A 39 8.50 -23.86 9.71
CA GLU A 39 7.61 -22.99 8.90
C GLU A 39 6.20 -23.59 8.75
N ASN A 40 5.19 -22.77 9.10
CA ASN A 40 3.78 -23.20 9.01
C ASN A 40 2.94 -22.11 8.36
N CYS A 41 2.18 -22.50 7.33
CA CYS A 41 1.31 -21.58 6.61
C CYS A 41 -0.09 -22.17 6.44
N SER A 42 -1.11 -21.41 6.85
CA SER A 42 -2.50 -21.84 6.75
C SER A 42 -3.36 -20.75 6.12
N ASN A 43 -4.12 -21.14 5.08
CA ASN A 43 -5.01 -20.21 4.37
C ASN A 43 -6.39 -20.83 4.18
N MET A 44 -7.42 -20.10 4.59
CA MET A 44 -8.81 -20.56 4.47
C MET A 44 -9.71 -19.48 3.88
N ALA A 45 -9.52 -18.23 4.35
CA ALA A 45 -10.33 -17.10 3.87
C ALA A 45 -9.50 -16.10 3.03
N PRO A 46 -8.27 -15.68 3.46
CA PRO A 46 -7.44 -14.72 2.68
C PRO A 46 -6.76 -15.36 1.47
N LEU A 47 -6.52 -14.53 0.46
CA LEU A 47 -5.87 -14.98 -0.79
C LEU A 47 -4.44 -14.44 -0.91
N TYR A 48 -4.10 -13.49 -0.02
CA TYR A 48 -2.77 -12.85 -0.01
C TYR A 48 -1.71 -13.78 0.59
N SER A 49 -0.76 -14.22 -0.27
CA SER A 49 0.32 -15.11 0.15
C SER A 49 1.67 -14.66 -0.44
N ASP A 50 2.23 -15.44 -1.38
CA ASP A 50 3.51 -15.12 -1.99
C ASP A 50 3.34 -14.43 -3.34
N GLN A 51 2.50 -15.03 -4.20
CA GLN A 51 2.21 -14.51 -5.54
C GLN A 51 1.10 -13.44 -5.52
N ALA A 52 0.46 -13.27 -4.36
CA ALA A 52 -0.62 -12.31 -4.21
C ALA A 52 -0.23 -11.06 -3.38
N LEU A 53 0.96 -11.10 -2.78
CA LEU A 53 1.45 -10.01 -1.95
C LEU A 53 2.37 -9.06 -2.72
N LYS A 54 3.54 -9.60 -3.07
CA LYS A 54 4.59 -8.87 -3.82
C LYS A 54 4.14 -8.55 -5.25
N LYS A 55 3.05 -9.17 -5.67
CA LYS A 55 2.45 -9.00 -6.97
C LYS A 55 1.34 -7.98 -6.87
N LYS A 56 0.62 -8.01 -5.74
CA LYS A 56 -0.45 -7.03 -5.47
C LYS A 56 0.19 -5.70 -5.05
N LEU A 57 1.49 -5.82 -4.76
CA LEU A 57 2.37 -4.74 -4.38
C LEU A 57 3.02 -4.24 -5.64
N ALA A 58 3.37 -5.22 -6.50
CA ALA A 58 3.96 -4.94 -7.83
C ALA A 58 2.89 -4.33 -8.74
N GLN A 59 1.63 -4.52 -8.31
CA GLN A 59 0.46 -3.99 -8.96
C GLN A 59 0.09 -2.67 -8.30
N LEU A 60 0.51 -2.55 -7.03
CA LEU A 60 0.30 -1.36 -6.21
C LEU A 60 1.45 -0.36 -6.46
N LYS A 61 2.46 -0.88 -7.12
CA LYS A 61 3.67 -0.18 -7.53
C LYS A 61 3.45 0.30 -8.95
N TRP A 62 2.68 -0.54 -9.66
CA TRP A 62 2.24 -0.26 -11.01
C TRP A 62 1.02 0.63 -10.93
N LYS A 63 0.32 0.51 -9.79
CA LYS A 63 -0.85 1.37 -9.51
C LYS A 63 -0.41 2.60 -8.71
N LEU A 64 0.82 2.54 -8.19
CA LEU A 64 1.47 3.61 -7.39
C LEU A 64 2.04 4.68 -8.28
N GLN A 65 2.62 4.17 -9.33
CA GLN A 65 3.25 4.90 -10.40
C GLN A 65 2.15 5.40 -11.34
N ALA A 66 1.00 4.76 -11.15
CA ALA A 66 -0.22 5.06 -11.88
C ALA A 66 -1.04 6.01 -11.04
N LEU A 67 -0.78 5.94 -9.73
CA LEU A 67 -1.39 6.79 -8.73
C LEU A 67 -0.53 8.03 -8.62
N LYS A 68 0.78 7.78 -8.62
CA LYS A 68 1.82 8.82 -8.60
C LYS A 68 1.82 9.54 -9.92
N LYS A 69 1.44 8.80 -10.98
CA LYS A 69 1.28 9.39 -12.30
C LYS A 69 -0.03 10.16 -12.29
N LYS A 70 -0.94 9.67 -11.44
CA LYS A 70 -2.26 10.26 -11.23
C LYS A 70 -2.15 11.33 -10.16
N ASN A 71 -1.08 11.19 -9.37
CA ASN A 71 -0.70 12.16 -8.33
C ASN A 71 0.17 13.20 -9.02
N ALA A 72 0.59 12.82 -10.24
CA ALA A 72 1.36 13.63 -11.16
C ALA A 72 0.36 14.33 -12.06
N GLN A 73 -0.81 13.67 -12.18
CA GLN A 73 -1.96 14.16 -12.92
C GLN A 73 -2.72 15.04 -11.97
N LEU A 74 -2.57 14.66 -10.71
CA LEU A 74 -3.12 15.38 -9.56
C LEU A 74 -2.21 16.55 -9.25
N LYS A 75 -0.92 16.34 -9.53
CA LYS A 75 0.12 17.36 -9.36
C LYS A 75 0.07 18.22 -10.59
N LYS A 76 -0.53 17.63 -11.64
CA LYS A 76 -0.76 18.30 -12.91
C LYS A 76 -2.08 19.02 -12.80
N LYS A 77 -2.98 18.41 -12.02
CA LYS A 77 -4.28 19.00 -11.75
C LYS A 77 -4.17 19.94 -10.56
N LEU A 78 -3.07 19.80 -9.79
CA LEU A 78 -2.79 20.64 -8.63
C LEU A 78 -2.72 22.13 -9.01
N GLN A 79 -1.78 22.44 -9.90
CA GLN A 79 -1.55 23.78 -10.40
C GLN A 79 -2.44 24.13 -11.59
N ALA A 80 -2.58 23.16 -12.48
CA ALA A 80 -3.40 23.32 -13.69
C ALA A 80 -4.78 22.67 -13.52
N MET A 1 -5.80 26.20 1.21
CA MET A 1 -4.63 25.32 0.96
C MET A 1 -4.55 24.17 1.96
N GLN A 2 -5.64 23.96 2.71
CA GLN A 2 -5.72 22.91 3.71
C GLN A 2 -6.80 21.87 3.33
N ALA A 3 -7.50 22.14 2.23
CA ALA A 3 -8.59 21.28 1.77
C ALA A 3 -8.11 20.22 0.79
N LEU A 4 -7.24 20.66 -0.10
CA LEU A 4 -6.65 19.86 -1.14
C LEU A 4 -5.31 19.33 -0.69
N GLU A 5 -4.42 20.28 -0.40
CA GLU A 5 -3.04 20.04 0.06
C GLU A 5 -2.98 19.21 1.34
N LYS A 6 -3.99 19.40 2.17
CA LYS A 6 -4.09 18.66 3.44
C LYS A 6 -4.93 17.41 3.27
N GLU A 7 -5.61 17.33 2.12
CA GLU A 7 -6.41 16.18 1.72
C GLU A 7 -5.47 15.24 0.98
N LEU A 8 -4.41 15.88 0.48
CA LEU A 8 -3.31 15.30 -0.22
C LEU A 8 -2.24 14.96 0.80
N ALA A 9 -2.22 15.79 1.84
CA ALA A 9 -1.34 15.63 3.00
C ALA A 9 -1.98 14.61 3.92
N GLN A 10 -3.30 14.44 3.71
CA GLN A 10 -4.11 13.48 4.41
C GLN A 10 -4.07 12.22 3.57
N ASN A 11 -3.93 12.45 2.26
CA ASN A 11 -3.80 11.40 1.24
C ASN A 11 -2.35 10.95 1.24
N GLU A 12 -1.52 11.83 1.84
CA GLU A 12 -0.13 11.62 2.06
C GLU A 12 -0.04 10.83 3.36
N TRP A 13 -1.04 11.17 4.17
CA TRP A 13 -1.28 10.56 5.48
C TRP A 13 -2.03 9.24 5.28
N GLU A 14 -2.72 9.15 4.13
CA GLU A 14 -3.42 7.91 3.71
C GLU A 14 -2.45 7.14 2.88
N LEU A 15 -1.46 7.91 2.43
CA LEU A 15 -0.32 7.42 1.68
C LEU A 15 0.66 6.88 2.70
N GLN A 16 0.64 7.55 3.86
CA GLN A 16 1.40 7.24 5.03
C GLN A 16 0.72 6.08 5.69
N ALA A 17 -0.59 6.11 5.53
CA ALA A 17 -1.52 5.07 5.98
C ALA A 17 -1.52 3.98 4.93
N LEU A 18 -0.99 4.35 3.75
CA LEU A 18 -0.78 3.44 2.63
C LEU A 18 0.61 2.83 2.81
N GLU A 19 1.44 3.61 3.50
CA GLU A 19 2.81 3.21 3.88
C GLU A 19 2.72 2.46 5.17
N LYS A 20 1.69 2.88 5.91
CA LYS A 20 1.32 2.27 7.20
C LYS A 20 0.42 1.06 6.92
N GLU A 21 -0.15 1.06 5.71
CA GLU A 21 -0.96 -0.03 5.19
C GLU A 21 0.02 -0.97 4.56
N LEU A 22 1.09 -0.33 4.04
CA LEU A 22 2.23 -1.03 3.48
C LEU A 22 2.97 -1.63 4.65
N ALA A 23 3.10 -0.79 5.70
CA ALA A 23 3.73 -1.19 6.97
C ALA A 23 2.83 -2.16 7.72
N GLN A 24 1.55 -2.21 7.31
CA GLN A 24 0.54 -3.06 7.88
C GLN A 24 0.69 -4.48 7.32
N LEU A 25 1.24 -4.52 6.10
CA LEU A 25 1.52 -5.73 5.33
C LEU A 25 2.75 -6.39 5.91
N GLU A 26 3.70 -5.52 6.21
CA GLU A 26 4.97 -5.82 6.86
C GLU A 26 4.69 -6.14 8.30
N LYS A 27 3.53 -5.62 8.74
CA LYS A 27 2.97 -5.87 10.07
C LYS A 27 2.19 -7.16 10.00
N GLU A 28 1.56 -7.39 8.82
CA GLU A 28 0.85 -8.65 8.56
C GLU A 28 1.91 -9.68 8.32
N LEU A 29 2.96 -9.20 7.66
CA LEU A 29 4.14 -9.99 7.38
C LEU A 29 4.88 -10.29 8.66
N GLN A 30 4.97 -9.26 9.51
CA GLN A 30 5.63 -9.33 10.80
C GLN A 30 5.02 -10.41 11.70
N ALA A 31 3.79 -10.14 12.06
CA ALA A 31 2.98 -11.00 12.93
C ALA A 31 2.79 -12.43 12.39
N TRP A 32 2.83 -12.57 11.06
CA TRP A 32 2.66 -13.88 10.41
C TRP A 32 4.01 -14.55 10.13
N ASN A 33 5.11 -13.77 10.26
CA ASN A 33 6.50 -14.25 10.01
C ASN A 33 6.75 -14.56 8.53
N CYS A 34 8.01 -14.47 8.13
CA CYS A 34 8.42 -14.72 6.73
C CYS A 34 8.76 -16.20 6.51
N ILE A 35 8.69 -16.63 5.22
CA ILE A 35 8.97 -18.01 4.76
C ILE A 35 8.20 -19.09 5.56
N CYS A 36 7.30 -19.79 4.86
CA CYS A 36 6.49 -20.86 5.46
C CYS A 36 6.54 -22.12 4.62
N ASP A 37 6.53 -23.27 5.28
CA ASP A 37 6.57 -24.57 4.61
C ASP A 37 5.26 -25.34 4.77
N ILE A 38 4.70 -25.33 5.99
CA ILE A 38 3.45 -26.02 6.27
C ILE A 38 2.35 -25.00 6.63
N GLU A 39 1.20 -25.13 5.95
CA GLU A 39 0.05 -24.25 6.18
C GLU A 39 -1.19 -25.06 6.51
N ASN A 40 -2.05 -24.48 7.37
CA ASN A 40 -3.29 -25.13 7.79
C ASN A 40 -4.48 -24.19 7.62
N CYS A 41 -5.41 -24.58 6.73
CA CYS A 41 -6.64 -23.81 6.42
C CYS A 41 -6.32 -22.40 5.89
N SER A 42 -6.71 -22.16 4.62
CA SER A 42 -6.47 -20.87 3.98
C SER A 42 -7.75 -20.34 3.33
N ASN A 43 -8.17 -19.15 3.77
CA ASN A 43 -9.38 -18.50 3.25
C ASN A 43 -9.17 -17.00 3.06
N MET A 44 -8.47 -16.37 4.01
CA MET A 44 -8.20 -14.94 3.96
C MET A 44 -6.78 -14.66 3.43
N ALA A 45 -5.82 -15.49 3.82
CA ALA A 45 -4.42 -15.34 3.40
C ALA A 45 -4.13 -16.14 2.13
N PRO A 46 -3.09 -15.75 1.31
CA PRO A 46 -2.74 -16.47 0.07
C PRO A 46 -1.92 -17.74 0.33
N LEU A 47 -1.94 -18.65 -0.64
CA LEU A 47 -1.21 -19.92 -0.56
C LEU A 47 0.15 -19.84 -1.25
N TYR A 48 0.36 -18.76 -2.01
CA TYR A 48 1.60 -18.54 -2.76
C TYR A 48 2.65 -17.82 -1.91
N SER A 49 2.23 -16.69 -1.29
CA SER A 49 3.08 -15.83 -0.41
C SER A 49 4.22 -15.12 -1.16
N ASP A 50 4.77 -15.79 -2.18
CA ASP A 50 5.87 -15.24 -2.98
C ASP A 50 5.37 -14.59 -4.27
N GLN A 51 4.47 -15.30 -4.96
CA GLN A 51 3.89 -14.83 -6.23
C GLN A 51 2.62 -14.01 -6.01
N ALA A 52 2.13 -13.99 -4.77
CA ALA A 52 0.91 -13.25 -4.42
C ALA A 52 1.21 -11.92 -3.72
N LEU A 53 2.45 -11.76 -3.28
CA LEU A 53 2.93 -10.59 -2.57
C LEU A 53 3.62 -9.63 -3.52
N LYS A 54 4.78 -10.08 -4.00
CA LYS A 54 5.65 -9.34 -4.94
C LYS A 54 4.89 -8.94 -6.22
N LYS A 55 3.73 -9.58 -6.41
CA LYS A 55 2.84 -9.34 -7.52
C LYS A 55 1.76 -8.37 -7.11
N LYS A 56 1.28 -8.54 -5.87
CA LYS A 56 0.25 -7.62 -5.29
C LYS A 56 0.91 -6.30 -4.88
N LEU A 57 2.24 -6.36 -4.87
CA LEU A 57 3.15 -5.27 -4.56
C LEU A 57 3.50 -4.62 -5.85
N ALA A 58 3.82 -5.49 -6.82
CA ALA A 58 4.13 -5.05 -8.20
C ALA A 58 2.87 -4.50 -8.89
N GLN A 59 1.72 -4.79 -8.28
CA GLN A 59 0.42 -4.32 -8.72
C GLN A 59 0.08 -3.05 -7.95
N LEU A 60 0.65 -2.98 -6.74
CA LEU A 60 0.50 -1.85 -5.82
C LEU A 60 1.44 -0.72 -6.21
N LYS A 61 2.58 -1.15 -6.74
CA LYS A 61 3.66 -0.32 -7.25
C LYS A 61 3.26 0.16 -8.63
N TRP A 62 2.47 -0.70 -9.27
CA TRP A 62 1.86 -0.42 -10.57
C TRP A 62 0.68 0.48 -10.31
N LYS A 63 0.07 0.27 -9.14
CA LYS A 63 -1.06 1.08 -8.68
C LYS A 63 -0.55 2.33 -7.95
N LEU A 64 0.73 2.32 -7.59
CA LEU A 64 1.41 3.43 -6.90
C LEU A 64 1.96 4.43 -7.90
N GLN A 65 2.30 3.88 -9.04
CA GLN A 65 2.80 4.56 -10.21
C GLN A 65 1.59 5.06 -10.98
N ALA A 66 0.46 4.43 -10.64
CA ALA A 66 -0.87 4.73 -11.15
C ALA A 66 -1.52 5.67 -10.16
N LEU A 67 -0.89 5.69 -8.97
CA LEU A 67 -1.26 6.55 -7.85
C LEU A 67 -0.40 7.80 -7.99
N LYS A 68 0.87 7.53 -8.32
CA LYS A 68 1.88 8.56 -8.53
C LYS A 68 1.68 9.19 -9.89
N LYS A 69 1.09 8.41 -10.82
CA LYS A 69 0.73 8.94 -12.13
C LYS A 69 -0.58 9.69 -11.96
N LYS A 70 -1.24 9.36 -10.84
CA LYS A 70 -2.48 9.98 -10.41
C LYS A 70 -2.16 11.13 -9.47
N ASN A 71 -1.00 11.00 -8.82
CA ASN A 71 -0.46 12.00 -7.90
C ASN A 71 0.38 13.00 -8.69
N ALA A 72 0.72 12.57 -9.91
CA ALA A 72 1.45 13.36 -10.89
C ALA A 72 0.40 14.02 -11.75
N GLN A 73 -0.79 13.39 -11.69
CA GLN A 73 -1.98 13.83 -12.34
C GLN A 73 -2.62 14.83 -11.42
N LEU A 74 -2.48 14.50 -10.14
CA LEU A 74 -2.93 15.33 -9.03
C LEU A 74 -1.93 16.44 -8.82
N LYS A 75 -0.68 16.17 -9.21
CA LYS A 75 0.40 17.13 -9.15
C LYS A 75 0.30 17.96 -10.40
N LYS A 76 -0.39 17.36 -11.38
CA LYS A 76 -0.68 18.01 -12.64
C LYS A 76 -1.99 18.75 -12.50
N LYS A 77 -2.86 18.19 -11.65
CA LYS A 77 -4.14 18.82 -11.35
C LYS A 77 -3.99 19.79 -10.19
N LEU A 78 -2.89 19.64 -9.43
CA LEU A 78 -2.60 20.51 -8.30
C LEU A 78 -2.46 21.98 -8.71
N GLN A 79 -1.50 22.22 -9.60
CA GLN A 79 -1.21 23.53 -10.15
C GLN A 79 -1.95 23.78 -11.45
N ALA A 80 -1.97 22.75 -12.30
CA ALA A 80 -2.62 22.76 -13.63
C ALA A 80 -2.04 23.82 -14.56
N MET A 1 -5.18 25.33 -1.54
CA MET A 1 -4.27 25.01 -0.41
C MET A 1 -5.02 24.28 0.70
N GLN A 2 -4.28 23.44 1.46
CA GLN A 2 -4.78 22.64 2.57
C GLN A 2 -5.98 21.72 2.21
N ALA A 3 -6.51 21.87 1.00
CA ALA A 3 -7.62 21.08 0.48
C ALA A 3 -7.10 19.88 -0.29
N LEU A 4 -6.06 20.18 -1.07
CA LEU A 4 -5.36 19.27 -1.95
C LEU A 4 -4.16 18.71 -1.21
N GLU A 5 -3.38 19.65 -0.67
CA GLU A 5 -2.17 19.37 0.13
C GLU A 5 -2.50 18.49 1.33
N LYS A 6 -3.73 18.66 1.81
CA LYS A 6 -4.24 17.90 2.95
C LYS A 6 -4.87 16.60 2.45
N GLU A 7 -5.26 16.63 1.18
CA GLU A 7 -5.85 15.48 0.47
C GLU A 7 -4.68 14.63 -0.02
N LEU A 8 -3.55 15.31 -0.04
CA LEU A 8 -2.24 14.84 -0.39
C LEU A 8 -1.62 14.34 0.90
N ALA A 9 -2.01 15.06 1.97
CA ALA A 9 -1.63 14.74 3.35
C ALA A 9 -2.51 13.59 3.84
N GLN A 10 -3.67 13.48 3.16
CA GLN A 10 -4.63 12.40 3.39
C GLN A 10 -4.16 11.25 2.54
N ASN A 11 -3.68 11.67 1.38
CA ASN A 11 -3.07 10.81 0.37
C ASN A 11 -1.71 10.36 0.87
N GLU A 12 -1.19 11.15 1.82
CA GLU A 12 0.02 10.90 2.52
C GLU A 12 -0.33 9.97 3.65
N TRP A 13 -1.56 10.19 4.08
CA TRP A 13 -2.24 9.42 5.12
C TRP A 13 -2.76 8.12 4.51
N GLU A 14 -2.96 8.16 3.18
CA GLU A 14 -3.38 7.00 2.37
C GLU A 14 -2.12 6.37 1.87
N LEU A 15 -1.09 7.19 1.96
CA LEU A 15 0.29 6.82 1.66
C LEU A 15 0.83 6.15 2.91
N GLN A 16 0.29 6.63 4.02
CA GLN A 16 0.55 6.17 5.36
C GLN A 16 -0.28 4.94 5.59
N ALA A 17 -1.45 5.00 4.95
CA ALA A 17 -2.44 3.92 4.91
C ALA A 17 -2.02 2.95 3.82
N LEU A 18 -1.13 3.46 2.95
CA LEU A 18 -0.52 2.70 1.86
C LEU A 18 0.65 1.98 2.46
N GLU A 19 1.27 2.71 3.37
CA GLU A 19 2.39 2.21 4.21
C GLU A 19 1.79 1.31 5.24
N LYS A 20 0.66 1.76 5.74
CA LYS A 20 -0.14 0.99 6.70
C LYS A 20 -0.76 -0.20 5.97
N GLU A 21 -0.67 -0.12 4.66
CA GLU A 21 -1.09 -1.18 3.77
C GLU A 21 0.16 -1.98 3.41
N LEU A 22 1.25 -1.21 3.31
CA LEU A 22 2.56 -1.73 2.98
C LEU A 22 3.36 -2.12 4.21
N ALA A 23 3.48 -1.19 5.15
CA ALA A 23 4.28 -1.39 6.36
C ALA A 23 3.52 -2.01 7.52
N GLN A 24 2.18 -2.08 7.45
CA GLN A 24 1.38 -2.66 8.51
C GLN A 24 1.27 -4.17 8.29
N LEU A 25 1.40 -4.52 7.03
CA LEU A 25 1.37 -5.89 6.53
C LEU A 25 2.65 -6.57 6.99
N GLU A 26 3.73 -5.83 6.78
CA GLU A 26 5.09 -6.17 7.22
C GLU A 26 5.11 -6.06 8.72
N LYS A 27 4.21 -5.23 9.20
CA LYS A 27 3.99 -5.09 10.65
C LYS A 27 3.22 -6.31 11.11
N GLU A 28 2.50 -6.89 10.15
CA GLU A 28 1.75 -8.15 10.37
C GLU A 28 2.61 -9.33 9.93
N LEU A 29 3.28 -9.10 8.80
CA LEU A 29 4.13 -10.09 8.16
C LEU A 29 5.55 -10.15 8.74
N GLN A 30 6.23 -9.01 8.75
CA GLN A 30 7.63 -8.95 9.21
C GLN A 30 7.77 -9.04 10.73
N ALA A 31 6.91 -8.30 11.43
CA ALA A 31 6.92 -8.25 12.90
C ALA A 31 6.57 -9.61 13.55
N TRP A 32 5.81 -10.44 12.83
CA TRP A 32 5.40 -11.77 13.31
C TRP A 32 6.37 -12.85 12.83
N ASN A 33 6.82 -12.71 11.57
CA ASN A 33 7.76 -13.65 10.90
C ASN A 33 7.15 -15.03 10.67
N CYS A 34 6.90 -15.78 11.76
CA CYS A 34 6.31 -17.13 11.68
C CYS A 34 5.38 -17.39 12.87
N ILE A 35 4.44 -18.33 12.68
CA ILE A 35 3.48 -18.69 13.72
C ILE A 35 3.92 -19.95 14.47
N CYS A 36 3.44 -20.11 15.71
CA CYS A 36 3.80 -21.26 16.54
C CYS A 36 2.58 -22.14 16.84
N ASP A 37 1.45 -21.50 17.19
CA ASP A 37 0.22 -22.22 17.51
C ASP A 37 -0.84 -22.00 16.43
N ILE A 38 -1.33 -23.11 15.86
CA ILE A 38 -2.36 -23.08 14.82
C ILE A 38 -3.27 -24.31 14.92
N GLU A 39 -4.59 -24.06 15.00
CA GLU A 39 -5.58 -25.13 15.10
C GLU A 39 -6.68 -24.99 14.04
N ASN A 40 -7.16 -23.75 13.87
CA ASN A 40 -8.22 -23.46 12.89
C ASN A 40 -7.74 -22.43 11.87
N CYS A 41 -8.10 -22.64 10.60
CA CYS A 41 -7.72 -21.75 9.51
C CYS A 41 -8.94 -21.35 8.69
N SER A 42 -9.09 -20.03 8.48
CA SER A 42 -10.21 -19.49 7.71
C SER A 42 -9.75 -19.09 6.31
N ASN A 43 -10.69 -19.08 5.35
CA ASN A 43 -10.41 -18.71 3.97
C ASN A 43 -10.81 -17.27 3.68
N MET A 44 -9.79 -16.41 3.55
CA MET A 44 -10.00 -14.98 3.27
C MET A 44 -8.93 -14.44 2.32
N ALA A 45 -7.68 -14.88 2.53
CA ALA A 45 -6.54 -14.47 1.70
C ALA A 45 -6.36 -15.41 0.50
N PRO A 46 -5.63 -14.97 -0.60
CA PRO A 46 -5.40 -15.82 -1.80
C PRO A 46 -4.69 -17.13 -1.47
N LEU A 47 -4.64 -18.04 -2.47
CA LEU A 47 -4.01 -19.36 -2.31
C LEU A 47 -2.50 -19.30 -2.55
N TYR A 48 -2.03 -18.16 -3.09
CA TYR A 48 -0.61 -17.95 -3.39
C TYR A 48 0.12 -17.33 -2.18
N SER A 49 -0.40 -16.18 -1.70
CA SER A 49 0.15 -15.44 -0.53
C SER A 49 1.52 -14.80 -0.81
N ASP A 50 2.34 -15.47 -1.62
CA ASP A 50 3.69 -14.98 -1.96
C ASP A 50 3.69 -14.28 -3.32
N GLN A 51 3.04 -14.90 -4.30
CA GLN A 51 2.94 -14.37 -5.66
C GLN A 51 1.74 -13.43 -5.82
N ALA A 52 0.88 -13.38 -4.81
CA ALA A 52 -0.33 -12.55 -4.82
C ALA A 52 -0.21 -11.31 -3.91
N LEU A 53 0.86 -11.26 -3.12
CA LEU A 53 1.12 -10.18 -2.19
C LEU A 53 2.07 -9.16 -2.80
N LYS A 54 3.31 -9.60 -2.97
CA LYS A 54 4.41 -8.78 -3.55
C LYS A 54 4.10 -8.35 -4.99
N LYS A 55 3.07 -8.98 -5.56
CA LYS A 55 2.58 -8.72 -6.90
C LYS A 55 1.43 -7.74 -6.84
N LYS A 56 0.55 -7.95 -5.84
CA LYS A 56 -0.60 -7.05 -5.61
C LYS A 56 -0.13 -5.75 -4.96
N LEU A 57 1.12 -5.80 -4.51
CA LEU A 57 1.85 -4.72 -3.88
C LEU A 57 2.62 -4.04 -4.97
N ALA A 58 3.24 -4.89 -5.80
CA ALA A 58 3.99 -4.44 -6.99
C ALA A 58 3.04 -3.78 -7.99
N GLN A 59 1.75 -4.10 -7.82
CA GLN A 59 0.66 -3.59 -8.61
C GLN A 59 0.11 -2.35 -7.89
N LEU A 60 0.30 -2.36 -6.57
CA LEU A 60 -0.12 -1.29 -5.66
C LEU A 60 0.96 -0.20 -5.60
N LYS A 61 2.12 -0.58 -6.09
CA LYS A 61 3.32 0.23 -6.19
C LYS A 61 3.32 0.80 -7.59
N TRP A 62 2.72 0.00 -8.48
CA TRP A 62 2.51 0.35 -9.87
C TRP A 62 1.28 1.24 -9.91
N LYS A 63 0.38 0.98 -8.93
CA LYS A 63 -0.81 1.80 -8.73
C LYS A 63 -0.44 3.05 -7.92
N LEU A 64 0.76 2.99 -7.32
CA LEU A 64 1.35 4.08 -6.52
C LEU A 64 2.12 5.03 -7.43
N GLN A 65 2.45 4.50 -8.58
CA GLN A 65 3.15 5.16 -9.65
C GLN A 65 2.09 5.68 -10.60
N ALA A 66 0.93 5.06 -10.43
CA ALA A 66 -0.29 5.36 -11.18
C ALA A 66 -1.12 6.33 -10.35
N LEU A 67 -0.89 6.27 -9.03
CA LEU A 67 -1.52 7.15 -8.08
C LEU A 67 -0.63 8.36 -7.97
N LYS A 68 0.67 8.08 -7.96
CA LYS A 68 1.71 9.11 -7.97
C LYS A 68 1.69 9.82 -9.30
N LYS A 69 1.27 9.08 -10.35
CA LYS A 69 1.07 9.65 -11.68
C LYS A 69 -0.30 10.31 -11.70
N LYS A 70 -1.11 9.92 -10.70
CA LYS A 70 -2.43 10.45 -10.45
C LYS A 70 -2.29 11.61 -9.48
N ASN A 71 -1.18 11.54 -8.72
CA ASN A 71 -0.77 12.58 -7.77
C ASN A 71 0.08 13.59 -8.52
N ALA A 72 0.52 13.14 -9.71
CA ALA A 72 1.29 13.92 -10.67
C ALA A 72 0.28 14.53 -11.62
N GLN A 73 -0.89 13.86 -11.64
CA GLN A 73 -2.05 14.24 -12.37
C GLN A 73 -2.79 15.25 -11.51
N LEU A 74 -2.70 14.94 -10.22
CA LEU A 74 -3.24 15.76 -9.14
C LEU A 74 -2.31 16.96 -8.94
N LYS A 75 -1.04 16.73 -9.25
CA LYS A 75 0.00 17.75 -9.20
C LYS A 75 -0.08 18.49 -10.52
N LYS A 76 -0.71 17.79 -11.47
CA LYS A 76 -0.97 18.33 -12.80
C LYS A 76 -2.30 19.07 -12.73
N LYS A 77 -3.17 18.54 -11.88
CA LYS A 77 -4.47 19.15 -11.63
C LYS A 77 -4.33 20.21 -10.53
N LEU A 78 -3.21 20.13 -9.79
CA LEU A 78 -2.91 21.09 -8.72
C LEU A 78 -2.87 22.54 -9.25
N GLN A 79 -1.99 22.76 -10.21
CA GLN A 79 -1.80 24.05 -10.86
C GLN A 79 -2.75 24.24 -12.04
N ALA A 80 -2.90 23.16 -12.81
CA ALA A 80 -3.77 23.11 -14.02
C ALA A 80 -3.35 24.12 -15.09
N MET A 1 -7.14 25.34 1.67
CA MET A 1 -5.78 24.74 1.69
C MET A 1 -5.74 23.46 2.55
N GLN A 2 -6.90 23.09 3.11
CA GLN A 2 -7.03 21.90 3.92
C GLN A 2 -7.92 20.84 3.24
N ALA A 3 -8.45 21.21 2.07
CA ALA A 3 -9.35 20.35 1.31
C ALA A 3 -8.61 19.50 0.29
N LEU A 4 -7.62 20.13 -0.32
CA LEU A 4 -6.78 19.54 -1.34
C LEU A 4 -5.49 19.02 -0.72
N GLU A 5 -4.76 19.97 -0.15
CA GLU A 5 -3.45 19.74 0.50
C GLU A 5 -3.54 18.79 1.68
N LYS A 6 -4.68 18.83 2.36
CA LYS A 6 -4.92 17.95 3.52
C LYS A 6 -5.63 16.68 3.10
N GLU A 7 -6.11 16.69 1.85
CA GLU A 7 -6.75 15.54 1.22
C GLU A 7 -5.62 14.76 0.55
N LEU A 8 -4.57 15.51 0.27
CA LEU A 8 -3.33 15.05 -0.32
C LEU A 8 -2.36 14.76 0.82
N ALA A 9 -2.66 15.38 1.98
CA ALA A 9 -1.92 15.18 3.22
C ALA A 9 -2.59 14.05 3.96
N GLN A 10 -3.86 13.83 3.56
CA GLN A 10 -4.68 12.75 4.06
C GLN A 10 -4.46 11.59 3.13
N ASN A 11 -4.16 11.95 1.86
CA ASN A 11 -3.84 10.99 0.79
C ASN A 11 -2.38 10.62 0.97
N GLU A 12 -1.70 11.51 1.71
CA GLU A 12 -0.34 11.36 2.11
C GLU A 12 -0.37 10.48 3.33
N TRP A 13 -1.44 10.73 4.09
CA TRP A 13 -1.78 10.01 5.31
C TRP A 13 -2.41 8.69 4.95
N GLU A 14 -2.90 8.62 3.69
CA GLU A 14 -3.45 7.37 3.11
C GLU A 14 -2.31 6.71 2.41
N LEU A 15 -1.30 7.55 2.23
CA LEU A 15 0.00 7.17 1.66
C LEU A 15 0.90 6.75 2.82
N GLN A 16 0.54 7.29 3.99
CA GLN A 16 1.19 7.00 5.29
C GLN A 16 0.43 5.88 5.91
N ALA A 17 -0.84 5.87 5.54
CA ALA A 17 -1.81 4.82 5.93
C ALA A 17 -1.71 3.70 4.94
N LEU A 18 -1.11 4.03 3.78
CA LEU A 18 -0.81 3.10 2.71
C LEU A 18 0.52 2.50 3.07
N GLU A 19 1.34 3.39 3.66
CA GLU A 19 2.64 3.11 4.18
C GLU A 19 2.48 2.31 5.47
N LYS A 20 1.49 2.76 6.25
CA LYS A 20 1.07 2.14 7.51
C LYS A 20 0.24 0.90 7.22
N GLU A 21 -0.21 0.82 5.96
CA GLU A 21 -0.94 -0.32 5.43
C GLU A 21 0.14 -1.22 4.86
N LEU A 22 1.18 -0.53 4.38
CA LEU A 22 2.37 -1.16 3.88
C LEU A 22 3.15 -1.65 5.08
N ALA A 23 3.29 -0.75 6.06
CA ALA A 23 3.99 -1.05 7.32
C ALA A 23 3.18 -2.01 8.20
N GLN A 24 1.91 -2.19 7.83
CA GLN A 24 0.98 -3.10 8.51
C GLN A 24 1.09 -4.50 7.91
N LEU A 25 1.61 -4.50 6.69
CA LEU A 25 1.85 -5.68 5.87
C LEU A 25 3.21 -6.27 6.26
N GLU A 26 4.14 -5.34 6.42
CA GLU A 26 5.51 -5.56 6.83
C GLU A 26 5.53 -5.82 8.31
N LYS A 27 4.52 -5.25 8.98
CA LYS A 27 4.29 -5.46 10.42
C LYS A 27 3.46 -6.71 10.57
N GLU A 28 2.69 -7.00 9.50
CA GLU A 28 1.93 -8.21 9.41
C GLU A 28 2.93 -9.32 9.16
N LEU A 29 3.92 -8.90 8.37
CA LEU A 29 5.06 -9.73 8.00
C LEU A 29 6.04 -9.84 9.17
N GLN A 30 6.32 -8.68 9.79
CA GLN A 30 7.28 -8.61 10.91
C GLN A 30 6.76 -9.23 12.22
N ALA A 31 5.54 -8.89 12.58
CA ALA A 31 4.92 -9.36 13.83
C ALA A 31 4.15 -10.67 13.70
N TRP A 32 3.31 -10.78 12.66
CA TRP A 32 2.48 -11.98 12.45
C TRP A 32 3.20 -13.02 11.58
N ASN A 33 4.08 -12.55 10.68
CA ASN A 33 4.86 -13.42 9.75
C ASN A 33 3.94 -14.17 8.77
N CYS A 34 4.47 -14.50 7.59
CA CYS A 34 3.72 -15.21 6.55
C CYS A 34 3.94 -16.71 6.64
N ILE A 35 2.83 -17.46 6.64
CA ILE A 35 2.87 -18.92 6.71
C ILE A 35 2.63 -19.54 5.33
N CYS A 36 3.11 -20.77 5.13
CA CYS A 36 2.97 -21.48 3.86
C CYS A 36 1.73 -22.38 3.85
N ASP A 37 1.59 -23.23 4.89
CA ASP A 37 0.45 -24.15 5.00
C ASP A 37 -0.01 -24.28 6.45
N ILE A 38 -1.31 -24.07 6.66
CA ILE A 38 -1.93 -24.17 8.00
C ILE A 38 -3.36 -24.73 7.89
N GLU A 39 -4.17 -24.15 7.00
CA GLU A 39 -5.55 -24.57 6.78
C GLU A 39 -5.89 -24.61 5.29
N ASN A 40 -5.49 -23.54 4.56
CA ASN A 40 -5.72 -23.40 3.10
C ASN A 40 -7.22 -23.50 2.74
N CYS A 41 -7.82 -22.35 2.44
CA CYS A 41 -9.23 -22.28 2.07
C CYS A 41 -9.44 -21.32 0.91
N SER A 42 -9.87 -21.86 -0.23
CA SER A 42 -10.12 -21.08 -1.45
C SER A 42 -11.41 -21.50 -2.14
N ASN A 43 -11.61 -22.84 -2.27
CA ASN A 43 -12.80 -23.46 -2.92
C ASN A 43 -12.82 -23.22 -4.44
N MET A 44 -12.79 -21.93 -4.84
CA MET A 44 -12.81 -21.56 -6.26
C MET A 44 -11.79 -20.45 -6.54
N ALA A 45 -10.97 -20.66 -7.59
CA ALA A 45 -9.91 -19.71 -8.01
C ALA A 45 -8.92 -19.38 -6.87
N PRO A 46 -7.69 -19.99 -6.85
CA PRO A 46 -6.68 -19.73 -5.80
C PRO A 46 -6.05 -18.33 -5.92
N LEU A 47 -5.33 -17.92 -4.86
CA LEU A 47 -4.70 -16.60 -4.82
C LEU A 47 -3.27 -16.68 -4.28
N TYR A 48 -3.14 -17.39 -3.14
CA TYR A 48 -1.87 -17.62 -2.43
C TYR A 48 -1.22 -16.31 -1.95
N SER A 49 -0.73 -16.32 -0.71
CA SER A 49 -0.09 -15.15 -0.08
C SER A 49 1.22 -14.73 -0.77
N ASP A 50 1.68 -15.54 -1.73
CA ASP A 50 2.91 -15.28 -2.48
C ASP A 50 2.61 -14.61 -3.81
N GLN A 51 1.52 -15.07 -4.46
CA GLN A 51 1.08 -14.56 -5.75
C GLN A 51 0.05 -13.42 -5.57
N ALA A 52 -0.38 -13.21 -4.33
CA ALA A 52 -1.37 -12.18 -4.01
C ALA A 52 -0.80 -10.97 -3.26
N LEU A 53 0.45 -11.10 -2.78
CA LEU A 53 1.13 -10.05 -2.04
C LEU A 53 2.03 -9.21 -2.92
N LYS A 54 3.12 -9.84 -3.36
CA LYS A 54 4.15 -9.23 -4.23
C LYS A 54 3.58 -8.85 -5.60
N LYS A 55 2.38 -9.36 -5.88
CA LYS A 55 1.66 -9.12 -7.11
C LYS A 55 0.68 -7.99 -6.90
N LYS A 56 0.04 -7.97 -5.71
CA LYS A 56 -0.90 -6.88 -5.35
C LYS A 56 -0.11 -5.62 -4.98
N LEU A 57 1.19 -5.84 -4.82
CA LEU A 57 2.19 -4.83 -4.51
C LEU A 57 2.77 -4.39 -5.83
N ALA A 58 3.02 -5.40 -6.67
CA ALA A 58 3.51 -5.19 -8.04
C ALA A 58 2.42 -4.51 -8.88
N GLN A 59 1.19 -4.61 -8.38
CA GLN A 59 0.02 -4.01 -8.97
C GLN A 59 -0.19 -2.64 -8.32
N LEU A 60 0.35 -2.53 -7.10
CA LEU A 60 0.31 -1.30 -6.31
C LEU A 60 1.49 -0.39 -6.69
N LYS A 61 2.43 -1.02 -7.37
CA LYS A 61 3.65 -0.42 -7.90
C LYS A 61 3.37 -0.03 -9.33
N TRP A 62 2.46 -0.82 -9.91
CA TRP A 62 1.95 -0.61 -11.25
C TRP A 62 0.82 0.39 -11.15
N LYS A 63 0.15 0.36 -9.99
CA LYS A 63 -0.92 1.31 -9.69
C LYS A 63 -0.33 2.61 -9.12
N LEU A 64 0.92 2.50 -8.65
CA LEU A 64 1.73 3.61 -8.10
C LEU A 64 2.17 4.53 -9.21
N GLN A 65 2.47 3.88 -10.27
CA GLN A 65 2.87 4.47 -11.53
C GLN A 65 1.62 5.08 -12.17
N ALA A 66 0.50 4.59 -11.68
CA ALA A 66 -0.82 5.03 -12.08
C ALA A 66 -1.41 6.00 -11.08
N LEU A 67 -1.08 5.79 -9.80
CA LEU A 67 -1.58 6.59 -8.69
C LEU A 67 -0.65 7.74 -8.43
N LYS A 68 0.64 7.44 -8.51
CA LYS A 68 1.70 8.44 -8.35
C LYS A 68 1.83 9.21 -9.63
N LYS A 69 1.36 8.61 -10.73
CA LYS A 69 1.29 9.31 -12.01
C LYS A 69 -0.01 10.09 -12.01
N LYS A 70 -0.89 9.67 -11.09
CA LYS A 70 -2.18 10.32 -10.84
C LYS A 70 -1.97 11.34 -9.73
N ASN A 71 -0.92 11.08 -8.93
CA ASN A 71 -0.49 11.97 -7.84
C ASN A 71 0.52 12.95 -8.42
N ALA A 72 1.01 12.59 -9.61
CA ALA A 72 1.93 13.39 -10.42
C ALA A 72 1.05 14.21 -11.35
N GLN A 73 -0.16 13.67 -11.52
CA GLN A 73 -1.22 14.25 -12.29
C GLN A 73 -1.91 15.24 -11.38
N LEU A 74 -1.96 14.80 -10.12
CA LEU A 74 -2.50 15.56 -9.00
C LEU A 74 -1.46 16.58 -8.59
N LYS A 75 -0.20 16.24 -8.83
CA LYS A 75 0.94 17.10 -8.57
C LYS A 75 1.06 18.03 -9.75
N LYS A 76 0.45 17.55 -10.85
CA LYS A 76 0.36 18.30 -12.09
C LYS A 76 -0.89 19.14 -12.03
N LYS A 77 -1.90 18.60 -11.36
CA LYS A 77 -3.16 19.31 -11.16
C LYS A 77 -3.06 20.18 -9.91
N LEU A 78 -2.06 19.89 -9.06
CA LEU A 78 -1.82 20.66 -7.83
C LEU A 78 -1.57 22.14 -8.12
N GLN A 79 -0.52 22.38 -8.89
CA GLN A 79 -0.10 23.72 -9.31
C GLN A 79 -0.75 24.12 -10.64
N ALA A 80 -0.78 23.17 -11.57
CA ALA A 80 -1.34 23.33 -12.93
C ALA A 80 -0.63 24.42 -13.73
N MET A 1 -4.30 27.41 -0.26
CA MET A 1 -4.72 25.98 -0.23
C MET A 1 -3.78 25.15 0.64
N GLN A 2 -4.26 24.82 1.85
CA GLN A 2 -3.52 24.02 2.81
C GLN A 2 -4.34 22.80 3.24
N ALA A 3 -5.61 22.76 2.80
CA ALA A 3 -6.58 21.71 3.11
C ALA A 3 -6.56 20.63 2.05
N LEU A 4 -6.11 21.03 0.86
CA LEU A 4 -6.00 20.18 -0.31
C LEU A 4 -4.65 19.50 -0.25
N GLU A 5 -3.69 20.27 0.27
CA GLU A 5 -2.33 19.83 0.50
C GLU A 5 -2.30 19.01 1.77
N LYS A 6 -3.32 19.29 2.60
CA LYS A 6 -3.55 18.59 3.88
C LYS A 6 -4.44 17.38 3.64
N GLU A 7 -5.11 17.40 2.50
CA GLU A 7 -5.98 16.32 2.02
C GLU A 7 -5.10 15.36 1.24
N LEU A 8 -4.02 15.95 0.75
CA LEU A 8 -2.96 15.30 0.01
C LEU A 8 -1.88 14.91 1.01
N ALA A 9 -1.93 15.59 2.17
CA ALA A 9 -1.06 15.32 3.31
C ALA A 9 -1.76 14.31 4.18
N GLN A 10 -3.09 14.25 3.97
CA GLN A 10 -3.97 13.31 4.61
C GLN A 10 -4.02 12.10 3.70
N ASN A 11 -3.85 12.40 2.40
CA ASN A 11 -3.79 11.39 1.33
C ASN A 11 -2.38 10.85 1.32
N GLU A 12 -1.49 11.64 1.94
CA GLU A 12 -0.12 11.32 2.16
C GLU A 12 -0.08 10.50 3.42
N TRP A 13 -1.03 10.86 4.27
CA TRP A 13 -1.30 10.22 5.56
C TRP A 13 -2.12 8.96 5.33
N GLU A 14 -2.84 8.94 4.19
CA GLU A 14 -3.62 7.77 3.74
C GLU A 14 -2.71 6.96 2.88
N LEU A 15 -1.68 7.68 2.44
CA LEU A 15 -0.58 7.14 1.65
C LEU A 15 0.39 6.53 2.65
N GLN A 16 0.44 7.18 3.81
CA GLN A 16 1.21 6.82 4.97
C GLN A 16 0.50 5.68 5.63
N ALA A 17 -0.82 5.79 5.50
CA ALA A 17 -1.78 4.78 5.96
C ALA A 17 -1.86 3.71 4.91
N LEU A 18 -1.34 4.06 3.71
CA LEU A 18 -1.23 3.16 2.58
C LEU A 18 0.13 2.48 2.69
N GLU A 19 1.04 3.23 3.34
CA GLU A 19 2.40 2.76 3.65
C GLU A 19 2.34 2.01 4.95
N LYS A 20 1.38 2.48 5.75
CA LYS A 20 1.05 1.88 7.05
C LYS A 20 0.10 0.71 6.84
N GLU A 21 -0.52 0.72 5.65
CA GLU A 21 -1.40 -0.35 5.19
C GLU A 21 -0.47 -1.33 4.51
N LEU A 22 0.58 -0.73 3.94
CA LEU A 22 1.67 -1.46 3.32
C LEU A 22 2.49 -2.05 4.44
N ALA A 23 2.70 -1.20 5.46
CA ALA A 23 3.43 -1.58 6.68
C ALA A 23 2.56 -2.46 7.57
N GLN A 24 1.25 -2.52 7.23
CA GLN A 24 0.26 -3.32 7.92
C GLN A 24 0.41 -4.79 7.51
N LEU A 25 0.87 -4.96 6.28
CA LEU A 25 1.11 -6.25 5.64
C LEU A 25 2.41 -6.82 6.16
N GLU A 26 3.35 -5.91 6.31
CA GLU A 26 4.69 -6.12 6.84
C GLU A 26 4.55 -6.25 8.35
N LYS A 27 3.45 -5.67 8.82
CA LYS A 27 3.03 -5.75 10.23
C LYS A 27 2.27 -7.04 10.41
N GLU A 28 1.51 -7.41 9.36
CA GLU A 28 0.78 -8.70 9.33
C GLU A 28 1.84 -9.76 9.16
N LEU A 29 2.84 -9.34 8.39
CA LEU A 29 4.02 -10.15 8.13
C LEU A 29 4.88 -10.21 9.38
N GLN A 30 5.10 -9.04 9.98
CA GLN A 30 5.92 -8.93 11.22
C GLN A 30 5.31 -9.74 12.37
N ALA A 31 4.00 -9.66 12.48
CA ALA A 31 3.23 -10.35 13.52
C ALA A 31 2.96 -11.82 13.16
N TRP A 32 3.35 -12.23 11.94
CA TRP A 32 3.15 -13.60 11.46
C TRP A 32 4.27 -14.55 11.92
N ASN A 33 5.51 -14.01 12.01
CA ASN A 33 6.67 -14.80 12.43
C ASN A 33 6.87 -14.73 13.96
N CYS A 34 6.67 -15.88 14.62
CA CYS A 34 6.82 -15.99 16.07
C CYS A 34 7.54 -17.28 16.45
N ILE A 35 8.22 -17.27 17.60
CA ILE A 35 8.95 -18.44 18.09
C ILE A 35 8.08 -19.26 19.05
N CYS A 36 7.78 -20.50 18.65
CA CYS A 36 6.96 -21.42 19.46
C CYS A 36 7.54 -22.83 19.45
N ASP A 37 7.20 -23.61 20.49
CA ASP A 37 7.69 -24.99 20.63
C ASP A 37 6.70 -25.98 20.01
N ILE A 38 5.40 -25.72 20.19
CA ILE A 38 4.34 -26.58 19.64
C ILE A 38 3.78 -26.01 18.33
N GLU A 39 3.19 -26.89 17.51
CA GLU A 39 2.61 -26.49 16.23
C GLU A 39 1.11 -26.25 16.37
N ASN A 40 0.61 -25.23 15.67
CA ASN A 40 -0.81 -24.89 15.69
C ASN A 40 -1.47 -25.11 14.33
N CYS A 41 -0.78 -24.69 13.26
CA CYS A 41 -1.28 -24.85 11.89
C CYS A 41 -0.53 -25.95 11.16
N SER A 42 -1.29 -26.95 10.68
CA SER A 42 -0.72 -28.09 9.95
C SER A 42 -1.55 -28.42 8.72
N ASN A 43 -0.87 -28.99 7.69
CA ASN A 43 -1.49 -29.39 6.40
C ASN A 43 -1.89 -28.19 5.53
N MET A 44 -2.57 -27.21 6.13
CA MET A 44 -3.02 -26.00 5.42
C MET A 44 -2.04 -24.84 5.63
N ALA A 45 -1.54 -24.30 4.51
CA ALA A 45 -0.60 -23.18 4.54
C ALA A 45 -1.00 -22.09 3.53
N PRO A 46 -0.57 -20.80 3.72
CA PRO A 46 -0.93 -19.70 2.80
C PRO A 46 -0.12 -19.74 1.50
N LEU A 47 -0.72 -19.22 0.42
CA LEU A 47 -0.07 -19.17 -0.89
C LEU A 47 0.28 -17.75 -1.30
N TYR A 48 -0.32 -16.78 -0.62
CA TYR A 48 -0.11 -15.35 -0.87
C TYR A 48 1.10 -14.83 -0.07
N SER A 49 2.28 -14.88 -0.70
CA SER A 49 3.53 -14.42 -0.05
C SER A 49 4.60 -14.03 -1.07
N ASP A 50 4.79 -14.87 -2.10
CA ASP A 50 5.83 -14.62 -3.11
C ASP A 50 5.27 -13.98 -4.39
N GLN A 51 4.43 -14.72 -5.13
CA GLN A 51 3.84 -14.26 -6.39
C GLN A 51 2.53 -13.48 -6.18
N ALA A 52 2.02 -13.48 -4.96
CA ALA A 52 0.77 -12.79 -4.64
C ALA A 52 0.97 -11.52 -3.82
N LEU A 53 2.12 -11.42 -3.15
CA LEU A 53 2.44 -10.29 -2.30
C LEU A 53 3.30 -9.26 -3.03
N LYS A 54 4.54 -9.67 -3.30
CA LYS A 54 5.55 -8.85 -3.99
C LYS A 54 5.13 -8.49 -5.43
N LYS A 55 4.12 -9.19 -5.91
CA LYS A 55 3.54 -9.01 -7.23
C LYS A 55 2.33 -8.09 -7.14
N LYS A 56 1.54 -8.30 -6.08
CA LYS A 56 0.35 -7.44 -5.83
C LYS A 56 0.80 -6.08 -5.26
N LEU A 57 2.08 -6.06 -4.89
CA LEU A 57 2.80 -4.92 -4.36
C LEU A 57 3.47 -4.26 -5.52
N ALA A 58 4.07 -5.12 -6.35
CA ALA A 58 4.73 -4.69 -7.61
C ALA A 58 3.67 -4.12 -8.57
N GLN A 59 2.42 -4.49 -8.29
CA GLN A 59 1.27 -4.04 -9.02
C GLN A 59 0.69 -2.80 -8.31
N LEU A 60 0.99 -2.74 -7.01
CA LEU A 60 0.58 -1.65 -6.12
C LEU A 60 1.63 -0.54 -6.17
N LYS A 61 2.75 -0.90 -6.78
CA LYS A 61 3.91 -0.07 -7.01
C LYS A 61 3.75 0.51 -8.40
N TRP A 62 3.14 -0.33 -9.24
CA TRP A 62 2.77 0.00 -10.60
C TRP A 62 1.49 0.80 -10.55
N LYS A 63 0.69 0.50 -9.52
CA LYS A 63 -0.56 1.24 -9.25
C LYS A 63 -0.25 2.49 -8.45
N LEU A 64 0.97 2.52 -7.89
CA LEU A 64 1.51 3.63 -7.10
C LEU A 64 2.10 4.70 -8.00
N GLN A 65 2.60 4.20 -9.11
CA GLN A 65 3.19 4.93 -10.21
C GLN A 65 2.06 5.38 -11.10
N ALA A 66 0.94 4.68 -10.89
CA ALA A 66 -0.34 4.91 -11.56
C ALA A 66 -1.15 5.81 -10.64
N LEU A 67 -0.68 5.82 -9.37
CA LEU A 67 -1.20 6.64 -8.29
C LEU A 67 -0.41 7.94 -8.36
N LYS A 68 0.89 7.76 -8.59
CA LYS A 68 1.86 8.84 -8.75
C LYS A 68 1.65 9.48 -10.11
N LYS A 69 1.16 8.67 -11.06
CA LYS A 69 0.78 9.18 -12.38
C LYS A 69 -0.60 9.78 -12.26
N LYS A 70 -1.27 9.40 -11.15
CA LYS A 70 -2.58 9.89 -10.77
C LYS A 70 -2.38 11.09 -9.85
N ASN A 71 -1.20 11.08 -9.21
CA ASN A 71 -0.75 12.15 -8.33
C ASN A 71 0.01 13.17 -9.17
N ALA A 72 0.35 12.72 -10.38
CA ALA A 72 1.00 13.52 -11.42
C ALA A 72 -0.11 14.08 -12.27
N GLN A 73 -1.26 13.36 -12.17
CA GLN A 73 -2.49 13.69 -12.80
C GLN A 73 -3.18 14.68 -11.89
N LEU A 74 -2.96 14.41 -10.60
CA LEU A 74 -3.43 15.22 -9.49
C LEU A 74 -2.52 16.44 -9.38
N LYS A 75 -1.27 16.24 -9.81
CA LYS A 75 -0.26 17.29 -9.85
C LYS A 75 -0.48 18.04 -11.13
N LYS A 76 -1.18 17.34 -12.04
CA LYS A 76 -1.58 17.89 -13.33
C LYS A 76 -2.93 18.55 -13.14
N LYS A 77 -3.71 17.98 -12.22
CA LYS A 77 -5.01 18.52 -11.87
C LYS A 77 -4.86 19.58 -10.80
N LEU A 78 -3.71 19.53 -10.09
CA LEU A 78 -3.39 20.50 -9.04
C LEU A 78 -3.39 21.94 -9.54
N GLN A 79 -2.53 22.19 -10.50
CA GLN A 79 -2.37 23.49 -11.13
C GLN A 79 -3.23 23.60 -12.40
N ALA A 80 -3.22 22.52 -13.19
CA ALA A 80 -3.99 22.41 -14.46
C ALA A 80 -3.53 23.45 -15.49
N MET A 1 -5.82 25.37 2.60
CA MET A 1 -4.47 24.74 2.59
C MET A 1 -4.48 23.38 3.32
N GLN A 2 -5.65 23.01 3.85
CA GLN A 2 -5.83 21.75 4.54
C GLN A 2 -6.80 20.85 3.78
N ALA A 3 -7.30 21.35 2.65
CA ALA A 3 -8.26 20.64 1.81
C ALA A 3 -7.58 19.81 0.74
N LEU A 4 -6.55 20.41 0.17
CA LEU A 4 -5.74 19.84 -0.88
C LEU A 4 -4.51 19.18 -0.29
N GLU A 5 -3.70 20.03 0.34
CA GLU A 5 -2.43 19.67 1.00
C GLU A 5 -2.62 18.62 2.07
N LYS A 6 -3.78 18.65 2.71
CA LYS A 6 -4.11 17.69 3.77
C LYS A 6 -4.90 16.52 3.19
N GLU A 7 -5.32 16.68 1.93
CA GLU A 7 -6.02 15.64 1.16
C GLU A 7 -4.93 14.84 0.46
N LEU A 8 -3.82 15.54 0.31
CA LEU A 8 -2.59 15.09 -0.26
C LEU A 8 -1.76 14.50 0.86
N ALA A 9 -1.89 15.16 2.02
CA ALA A 9 -1.25 14.73 3.28
C ALA A 9 -2.08 13.61 3.87
N GLN A 10 -3.32 13.54 3.35
CA GLN A 10 -4.26 12.49 3.67
C GLN A 10 -3.96 11.38 2.70
N ASN A 11 -3.44 11.83 1.54
CA ASN A 11 -3.00 10.97 0.44
C ASN A 11 -1.59 10.51 0.77
N GLU A 12 -0.96 11.29 1.66
CA GLU A 12 0.37 10.99 2.21
C GLU A 12 0.12 10.10 3.37
N TRP A 13 -1.08 10.34 3.92
CA TRP A 13 -1.64 9.57 5.04
C TRP A 13 -2.29 8.31 4.49
N GLU A 14 -2.59 8.35 3.16
CA GLU A 14 -3.10 7.19 2.41
C GLU A 14 -1.90 6.47 1.89
N LEU A 15 -0.83 7.27 1.91
CA LEU A 15 0.51 6.85 1.55
C LEU A 15 1.13 6.24 2.81
N GLN A 16 0.74 6.82 3.94
CA GLN A 16 1.13 6.38 5.30
C GLN A 16 0.22 5.26 5.68
N ALA A 17 -0.95 5.34 5.05
CA ALA A 17 -2.01 4.32 5.16
C ALA A 17 -1.70 3.24 4.14
N LEU A 18 -0.83 3.63 3.19
CA LEU A 18 -0.32 2.77 2.15
C LEU A 18 0.90 2.09 2.72
N GLU A 19 1.65 2.89 3.50
CA GLU A 19 2.85 2.41 4.25
C GLU A 19 2.36 1.70 5.47
N LYS A 20 1.16 2.07 5.84
CA LYS A 20 0.43 1.45 6.95
C LYS A 20 -0.27 0.21 6.42
N GLU A 21 -0.34 0.18 5.09
CA GLU A 21 -0.88 -0.94 4.34
C GLU A 21 0.30 -1.77 3.86
N LEU A 22 1.41 -1.06 3.65
CA LEU A 22 2.65 -1.63 3.19
C LEU A 22 3.53 -2.08 4.33
N ALA A 23 3.69 -1.21 5.31
CA ALA A 23 4.58 -1.52 6.45
C ALA A 23 3.90 -2.16 7.65
N GLN A 24 2.56 -2.18 7.69
CA GLN A 24 1.83 -2.77 8.81
C GLN A 24 1.47 -4.18 8.50
N LEU A 25 1.03 -4.35 7.27
CA LEU A 25 0.60 -5.63 6.67
C LEU A 25 1.75 -6.63 6.64
N GLU A 26 2.90 -6.04 6.42
CA GLU A 26 4.20 -6.69 6.38
C GLU A 26 4.67 -6.87 7.78
N LYS A 27 4.15 -5.98 8.60
CA LYS A 27 4.35 -6.00 10.05
C LYS A 27 3.37 -6.96 10.68
N GLU A 28 2.18 -7.05 10.05
CA GLU A 28 1.14 -8.02 10.45
C GLU A 28 1.61 -9.35 9.95
N LEU A 29 2.29 -9.25 8.81
CA LEU A 29 2.92 -10.39 8.17
C LEU A 29 4.13 -10.81 8.97
N GLN A 30 4.94 -9.81 9.36
CA GLN A 30 6.16 -10.04 10.17
C GLN A 30 5.83 -10.62 11.55
N ALA A 31 4.75 -10.11 12.13
CA ALA A 31 4.28 -10.53 13.46
C ALA A 31 3.42 -11.80 13.41
N TRP A 32 3.13 -12.29 12.19
CA TRP A 32 2.32 -13.49 12.00
C TRP A 32 3.18 -14.76 12.04
N ASN A 33 4.35 -14.70 11.36
CA ASN A 33 5.27 -15.83 11.30
C ASN A 33 6.58 -15.48 12.01
N CYS A 34 6.98 -16.37 12.94
CA CYS A 34 8.21 -16.18 13.70
C CYS A 34 9.27 -17.22 13.33
N ILE A 35 8.84 -18.49 13.19
CA ILE A 35 9.73 -19.58 12.83
C ILE A 35 9.06 -20.55 11.86
N CYS A 36 9.80 -20.95 10.81
CA CYS A 36 9.30 -21.87 9.80
C CYS A 36 10.24 -23.05 9.63
N ASP A 37 9.70 -24.26 9.67
CA ASP A 37 10.47 -25.49 9.52
C ASP A 37 10.37 -26.04 8.10
N ILE A 38 9.14 -26.12 7.58
CA ILE A 38 8.89 -26.64 6.22
C ILE A 38 7.76 -25.87 5.51
N GLU A 39 7.07 -24.98 6.26
CA GLU A 39 5.97 -24.19 5.71
C GLU A 39 6.46 -22.83 5.22
N ASN A 40 6.42 -22.64 3.89
CA ASN A 40 6.85 -21.39 3.25
C ASN A 40 5.91 -21.02 2.10
N CYS A 41 5.54 -22.02 1.28
CA CYS A 41 4.66 -21.80 0.14
C CYS A 41 3.29 -22.46 0.38
N SER A 42 2.27 -21.98 -0.36
CA SER A 42 0.87 -22.49 -0.28
C SER A 42 0.26 -22.24 1.10
N ASN A 43 -0.90 -21.59 1.10
CA ASN A 43 -1.63 -21.27 2.34
C ASN A 43 -2.81 -22.23 2.55
N MET A 44 -3.51 -22.07 3.68
CA MET A 44 -4.67 -22.93 4.01
C MET A 44 -5.96 -22.43 3.36
N ALA A 45 -6.23 -21.12 3.45
CA ALA A 45 -7.43 -20.53 2.88
C ALA A 45 -7.13 -19.31 1.98
N PRO A 46 -6.35 -18.28 2.45
CA PRO A 46 -6.03 -17.09 1.63
C PRO A 46 -4.99 -17.36 0.56
N LEU A 47 -5.05 -16.58 -0.53
CA LEU A 47 -4.13 -16.72 -1.66
C LEU A 47 -3.13 -15.56 -1.73
N TYR A 48 -3.44 -14.49 -0.99
CA TYR A 48 -2.58 -13.30 -0.94
C TYR A 48 -1.55 -13.40 0.18
N SER A 49 -0.33 -13.85 -0.17
CA SER A 49 0.75 -14.01 0.82
C SER A 49 2.14 -13.86 0.19
N ASP A 50 2.51 -14.77 -0.72
CA ASP A 50 3.85 -14.76 -1.34
C ASP A 50 3.87 -14.08 -2.72
N GLN A 51 3.27 -14.74 -3.73
CA GLN A 51 3.27 -14.25 -5.12
C GLN A 51 2.07 -13.33 -5.43
N ALA A 52 1.12 -13.25 -4.50
CA ALA A 52 -0.07 -12.41 -4.70
C ALA A 52 -0.06 -11.14 -3.83
N LEU A 53 0.92 -11.05 -2.92
CA LEU A 53 1.07 -9.93 -2.01
C LEU A 53 2.07 -8.94 -2.57
N LYS A 54 3.34 -9.38 -2.62
CA LYS A 54 4.47 -8.58 -3.12
C LYS A 54 4.28 -8.19 -4.59
N LYS A 55 3.32 -8.85 -5.24
CA LYS A 55 2.95 -8.62 -6.61
C LYS A 55 1.78 -7.66 -6.68
N LYS A 56 0.85 -7.83 -5.73
CA LYS A 56 -0.33 -6.92 -5.62
C LYS A 56 0.11 -5.59 -5.01
N LEU A 57 1.32 -5.63 -4.47
CA LEU A 57 2.02 -4.52 -3.84
C LEU A 57 2.87 -3.88 -4.91
N ALA A 58 3.52 -4.78 -5.67
CA ALA A 58 4.34 -4.37 -6.83
C ALA A 58 3.44 -3.78 -7.92
N GLN A 59 2.15 -4.09 -7.80
CA GLN A 59 1.11 -3.61 -8.67
C GLN A 59 0.50 -2.36 -8.05
N LEU A 60 0.61 -2.30 -6.72
CA LEU A 60 0.11 -1.18 -5.91
C LEU A 60 1.19 -0.09 -5.85
N LYS A 61 2.37 -0.49 -6.27
CA LYS A 61 3.56 0.33 -6.36
C LYS A 61 3.61 0.87 -7.77
N TRP A 62 3.02 0.05 -8.65
CA TRP A 62 2.83 0.36 -10.05
C TRP A 62 1.59 1.22 -10.12
N LYS A 63 0.69 0.95 -9.17
CA LYS A 63 -0.54 1.74 -9.01
C LYS A 63 -0.25 2.99 -8.17
N LEU A 64 0.93 2.98 -7.52
CA LEU A 64 1.42 4.07 -6.68
C LEU A 64 2.20 5.08 -7.55
N GLN A 65 2.53 4.57 -8.72
CA GLN A 65 3.24 5.24 -9.78
C GLN A 65 2.17 5.75 -10.72
N ALA A 66 1.01 5.09 -10.57
CA ALA A 66 -0.21 5.38 -11.30
C ALA A 66 -1.04 6.30 -10.43
N LEU A 67 -0.69 6.27 -9.12
CA LEU A 67 -1.28 7.11 -8.11
C LEU A 67 -0.45 8.39 -8.09
N LYS A 68 0.83 8.17 -8.30
CA LYS A 68 1.84 9.23 -8.40
C LYS A 68 1.72 9.85 -9.77
N LYS A 69 1.24 9.04 -10.73
CA LYS A 69 0.95 9.52 -12.08
C LYS A 69 -0.44 10.13 -12.04
N LYS A 70 -1.16 9.77 -10.96
CA LYS A 70 -2.49 10.28 -10.66
C LYS A 70 -2.31 11.50 -9.76
N ASN A 71 -1.14 11.52 -9.11
CA ASN A 71 -0.71 12.62 -8.23
C ASN A 71 0.06 13.61 -9.10
N ALA A 72 0.44 13.11 -10.28
CA ALA A 72 1.12 13.85 -11.34
C ALA A 72 0.03 14.37 -12.25
N GLN A 73 -1.11 13.66 -12.15
CA GLN A 73 -2.33 13.97 -12.82
C GLN A 73 -3.02 15.00 -11.98
N LEU A 74 -2.85 14.79 -10.67
CA LEU A 74 -3.33 15.67 -9.62
C LEU A 74 -2.44 16.89 -9.59
N LYS A 75 -1.18 16.67 -9.95
CA LYS A 75 -0.18 17.72 -10.04
C LYS A 75 -0.39 18.41 -11.37
N LYS A 76 -1.06 17.64 -12.25
CA LYS A 76 -1.44 18.12 -13.56
C LYS A 76 -2.81 18.78 -13.44
N LYS A 77 -3.59 18.26 -12.49
CA LYS A 77 -4.92 18.79 -12.21
C LYS A 77 -4.83 19.92 -11.18
N LEU A 78 -3.74 19.94 -10.41
CA LEU A 78 -3.52 21.00 -9.39
C LEU A 78 -3.42 22.38 -10.02
N GLN A 79 -2.43 22.50 -10.89
CA GLN A 79 -2.14 23.73 -11.61
C GLN A 79 -2.96 23.83 -12.91
N ALA A 80 -3.02 22.70 -13.62
CA ALA A 80 -3.76 22.57 -14.91
C ALA A 80 -3.20 23.51 -15.99
N MET A 1 -5.36 25.83 1.60
CA MET A 1 -4.24 24.89 1.33
C MET A 1 -4.32 23.66 2.24
N GLN A 2 -5.52 23.38 2.74
CA GLN A 2 -5.77 22.24 3.62
C GLN A 2 -6.77 21.25 2.99
N ALA A 3 -7.28 21.60 1.82
CA ALA A 3 -8.29 20.81 1.11
C ALA A 3 -7.66 19.82 0.14
N LEU A 4 -6.67 20.32 -0.58
CA LEU A 4 -5.91 19.60 -1.57
C LEU A 4 -4.64 19.05 -0.96
N GLU A 5 -3.85 19.98 -0.45
CA GLU A 5 -2.54 19.72 0.19
C GLU A 5 -2.66 18.79 1.39
N LYS A 6 -3.80 18.88 2.07
CA LYS A 6 -4.08 18.03 3.24
C LYS A 6 -4.85 16.80 2.82
N GLU A 7 -5.33 16.82 1.57
CA GLU A 7 -6.01 15.70 0.93
C GLU A 7 -4.91 14.85 0.28
N LEU A 8 -3.82 15.58 0.04
CA LEU A 8 -2.58 15.09 -0.52
C LEU A 8 -1.72 14.65 0.65
N ALA A 9 -1.91 15.35 1.78
CA ALA A 9 -1.25 15.06 3.05
C ALA A 9 -2.05 13.98 3.73
N GLN A 10 -3.29 13.85 3.21
CA GLN A 10 -4.22 12.83 3.62
C GLN A 10 -3.88 11.64 2.74
N ASN A 11 -3.37 11.99 1.55
CA ASN A 11 -2.89 11.06 0.53
C ASN A 11 -1.46 10.68 0.89
N GLU A 12 -0.87 11.54 1.74
CA GLU A 12 0.48 11.32 2.30
C GLU A 12 0.24 10.53 3.56
N TRP A 13 -1.00 10.70 3.99
CA TRP A 13 -1.57 10.01 5.15
C TRP A 13 -2.14 8.67 4.67
N GLU A 14 -2.46 8.62 3.37
CA GLU A 14 -2.93 7.40 2.68
C GLU A 14 -1.71 6.74 2.12
N LEU A 15 -0.68 7.57 2.06
CA LEU A 15 0.67 7.19 1.66
C LEU A 15 1.36 6.65 2.90
N GLN A 16 0.83 7.15 4.02
CA GLN A 16 1.21 6.81 5.35
C GLN A 16 0.40 5.59 5.75
N ALA A 17 -0.82 5.61 5.23
CA ALA A 17 -1.81 4.53 5.37
C ALA A 17 -1.50 3.48 4.32
N LEU A 18 -0.71 3.91 3.32
CA LEU A 18 -0.19 3.06 2.26
C LEU A 18 1.06 2.44 2.81
N GLU A 19 1.73 3.29 3.61
CA GLU A 19 2.91 2.97 4.35
C GLU A 19 2.51 2.06 5.50
N LYS A 20 1.35 2.41 6.04
CA LYS A 20 0.66 1.67 7.10
C LYS A 20 -0.05 0.47 6.52
N GLU A 21 -0.21 0.52 5.18
CA GLU A 21 -0.76 -0.56 4.39
C GLU A 21 0.43 -1.45 4.07
N LEU A 22 1.57 -0.75 3.95
CA LEU A 22 2.87 -1.38 3.75
C LEU A 22 3.28 -1.96 5.08
N ALA A 23 3.02 -1.13 6.09
CA ALA A 23 3.29 -1.48 7.49
C ALA A 23 2.23 -2.45 8.00
N GLN A 24 1.14 -2.60 7.22
CA GLN A 24 0.04 -3.51 7.50
C GLN A 24 0.47 -4.95 7.24
N LEU A 25 1.39 -5.06 6.28
CA LEU A 25 2.00 -6.31 5.83
C LEU A 25 2.96 -6.73 6.88
N GLU A 26 3.78 -5.76 7.25
CA GLU A 26 4.78 -5.83 8.33
C GLU A 26 4.02 -5.96 9.64
N LYS A 27 2.77 -5.54 9.57
CA LYS A 27 1.84 -5.70 10.68
C LYS A 27 1.33 -7.13 10.65
N GLU A 28 1.34 -7.67 9.42
CA GLU A 28 0.98 -9.08 9.19
C GLU A 28 2.24 -9.93 9.17
N LEU A 29 3.27 -9.32 8.60
CA LEU A 29 4.58 -9.93 8.45
C LEU A 29 5.43 -9.85 9.71
N GLN A 30 5.60 -8.63 10.21
CA GLN A 30 6.46 -8.40 11.39
C GLN A 30 5.71 -8.53 12.72
N ALA A 31 4.55 -7.92 12.80
CA ALA A 31 3.71 -7.93 14.02
C ALA A 31 3.07 -9.28 14.32
N TRP A 32 2.58 -9.96 13.27
CA TRP A 32 1.92 -11.27 13.43
C TRP A 32 2.95 -12.42 13.45
N ASN A 33 4.04 -12.26 12.71
CA ASN A 33 5.09 -13.27 12.64
C ASN A 33 6.44 -12.68 13.03
N CYS A 34 7.19 -13.40 13.86
CA CYS A 34 8.51 -12.96 14.33
C CYS A 34 9.58 -14.01 14.02
N ILE A 35 9.30 -15.28 14.34
CA ILE A 35 10.23 -16.37 14.11
C ILE A 35 9.85 -17.18 12.86
N CYS A 36 8.56 -17.51 12.75
CA CYS A 36 8.04 -18.26 11.61
C CYS A 36 6.87 -17.53 10.97
N ASP A 37 6.78 -17.62 9.63
CA ASP A 37 5.71 -16.97 8.88
C ASP A 37 4.60 -17.95 8.55
N ILE A 38 3.35 -17.47 8.67
CA ILE A 38 2.17 -18.29 8.38
C ILE A 38 1.36 -17.72 7.21
N GLU A 39 0.50 -18.56 6.61
CA GLU A 39 -0.34 -18.15 5.48
C GLU A 39 -1.68 -17.61 5.95
N ASN A 40 -2.04 -16.43 5.45
CA ASN A 40 -3.30 -15.77 5.81
C ASN A 40 -4.22 -15.67 4.59
N CYS A 41 -5.53 -15.67 4.83
CA CYS A 41 -6.52 -15.57 3.77
C CYS A 41 -7.09 -14.16 3.67
N SER A 42 -7.03 -13.59 2.46
CA SER A 42 -7.53 -12.23 2.20
C SER A 42 -8.43 -12.21 0.96
N ASN A 43 -8.01 -12.94 -0.08
CA ASN A 43 -8.76 -13.01 -1.35
C ASN A 43 -9.60 -14.28 -1.40
N MET A 44 -10.54 -14.35 -2.36
CA MET A 44 -11.43 -15.51 -2.53
C MET A 44 -10.71 -16.65 -3.26
N ALA A 45 -10.50 -17.77 -2.54
CA ALA A 45 -9.83 -18.98 -3.06
C ALA A 45 -8.45 -18.67 -3.67
N PRO A 46 -7.46 -18.20 -2.84
CA PRO A 46 -6.10 -17.87 -3.31
C PRO A 46 -5.19 -19.08 -3.43
N LEU A 47 -4.22 -19.00 -4.34
CA LEU A 47 -3.26 -20.07 -4.57
C LEU A 47 -1.82 -19.62 -4.32
N TYR A 48 -1.65 -18.30 -4.23
CA TYR A 48 -0.33 -17.70 -4.01
C TYR A 48 -0.25 -17.05 -2.62
N SER A 49 0.97 -16.99 -2.08
CA SER A 49 1.22 -16.40 -0.76
C SER A 49 2.37 -15.40 -0.81
N ASP A 50 3.39 -15.72 -1.61
CA ASP A 50 4.57 -14.86 -1.78
C ASP A 50 4.44 -14.01 -3.04
N GLN A 51 3.91 -14.64 -4.10
CA GLN A 51 3.69 -13.99 -5.39
C GLN A 51 2.42 -13.13 -5.40
N ALA A 52 1.64 -13.22 -4.32
CA ALA A 52 0.39 -12.47 -4.18
C ALA A 52 0.55 -11.15 -3.41
N LEU A 53 1.69 -11.00 -2.73
CA LEU A 53 1.99 -9.83 -1.92
C LEU A 53 2.84 -8.83 -2.69
N LYS A 54 4.09 -9.26 -2.90
CA LYS A 54 5.13 -8.49 -3.62
C LYS A 54 4.71 -8.13 -5.04
N LYS A 55 3.69 -8.84 -5.52
CA LYS A 55 3.12 -8.64 -6.84
C LYS A 55 1.92 -7.73 -6.74
N LYS A 56 1.16 -7.87 -5.64
CA LYS A 56 0.00 -6.98 -5.38
C LYS A 56 0.51 -5.59 -4.94
N LEU A 57 1.81 -5.59 -4.63
CA LEU A 57 2.59 -4.45 -4.21
C LEU A 57 3.22 -3.88 -5.46
N ALA A 58 3.73 -4.83 -6.25
CA ALA A 58 4.34 -4.50 -7.56
C ALA A 58 3.25 -4.08 -8.56
N GLN A 59 2.00 -4.38 -8.18
CA GLN A 59 0.82 -4.02 -8.94
C GLN A 59 0.30 -2.71 -8.38
N LEU A 60 0.62 -2.51 -7.11
CA LEU A 60 0.29 -1.31 -6.34
C LEU A 60 1.19 -0.15 -6.78
N LYS A 61 2.45 -0.51 -6.91
CA LYS A 61 3.56 0.31 -7.38
C LYS A 61 3.37 0.57 -8.86
N TRP A 62 2.71 -0.43 -9.48
CA TRP A 62 2.31 -0.36 -10.88
C TRP A 62 1.06 0.49 -10.93
N LYS A 63 0.33 0.42 -9.79
CA LYS A 63 -0.86 1.23 -9.58
C LYS A 63 -0.43 2.66 -9.26
N LEU A 64 0.77 2.78 -8.65
CA LEU A 64 1.41 4.07 -8.32
C LEU A 64 1.66 4.82 -9.61
N GLN A 65 2.22 4.08 -10.52
CA GLN A 65 2.51 4.55 -11.88
C GLN A 65 1.23 5.16 -12.45
N ALA A 66 0.13 4.67 -11.90
CA ALA A 66 -1.22 5.10 -12.20
C ALA A 66 -1.78 6.04 -11.13
N LEU A 67 -1.41 5.78 -9.86
CA LEU A 67 -1.88 6.51 -8.69
C LEU A 67 -1.00 7.73 -8.45
N LYS A 68 0.31 7.46 -8.51
CA LYS A 68 1.35 8.47 -8.39
C LYS A 68 1.34 9.31 -9.65
N LYS A 69 0.86 8.71 -10.75
CA LYS A 69 0.67 9.43 -12.00
C LYS A 69 -0.67 10.13 -11.94
N LYS A 70 -1.48 9.65 -10.98
CA LYS A 70 -2.79 10.20 -10.66
C LYS A 70 -2.60 11.22 -9.55
N ASN A 71 -1.48 11.02 -8.82
CA ASN A 71 -1.02 11.90 -7.74
C ASN A 71 -0.13 12.97 -8.37
N ALA A 72 0.31 12.65 -9.60
CA ALA A 72 1.11 13.52 -10.44
C ALA A 72 0.14 14.28 -11.31
N GLN A 73 -1.05 13.67 -11.41
CA GLN A 73 -2.19 14.19 -12.10
C GLN A 73 -2.89 15.12 -11.13
N LEU A 74 -2.82 14.66 -9.88
CA LEU A 74 -3.32 15.37 -8.71
C LEU A 74 -2.35 16.47 -8.37
N LYS A 75 -1.08 16.21 -8.68
CA LYS A 75 0.01 17.17 -8.49
C LYS A 75 -0.01 18.08 -9.69
N LYS A 76 -0.65 17.55 -10.75
CA LYS A 76 -0.87 18.27 -11.98
C LYS A 76 -2.14 19.08 -11.80
N LYS A 77 -3.03 18.51 -10.99
CA LYS A 77 -4.27 19.16 -10.63
C LYS A 77 -4.04 20.09 -9.44
N LEU A 78 -2.92 19.84 -8.73
CA LEU A 78 -2.53 20.66 -7.57
C LEU A 78 -2.01 22.02 -8.03
N GLN A 79 -0.94 21.97 -8.81
CA GLN A 79 -0.27 23.13 -9.37
C GLN A 79 -1.06 23.70 -10.55
N ALA A 80 -1.32 22.83 -11.53
CA ALA A 80 -2.07 23.15 -12.77
C ALA A 80 -1.40 24.25 -13.60
N MET A 1 -5.29 26.03 2.85
CA MET A 1 -4.18 25.16 2.36
C MET A 1 -4.12 23.85 3.16
N GLN A 2 -5.21 23.53 3.87
CA GLN A 2 -5.31 22.32 4.67
C GLN A 2 -6.47 21.43 4.18
N ALA A 3 -7.14 21.89 3.12
CA ALA A 3 -8.29 21.17 2.56
C ALA A 3 -7.88 20.22 1.46
N LEU A 4 -6.98 20.72 0.61
CA LEU A 4 -6.45 20.02 -0.52
C LEU A 4 -5.09 19.40 -0.17
N GLU A 5 -4.22 20.28 0.33
CA GLU A 5 -2.84 19.95 0.71
C GLU A 5 -2.77 19.00 1.89
N LYS A 6 -3.75 19.11 2.77
CA LYS A 6 -3.85 18.25 3.96
C LYS A 6 -4.73 17.05 3.67
N GLU A 7 -5.41 17.11 2.51
CA GLU A 7 -6.25 16.03 2.00
C GLU A 7 -5.33 15.14 1.15
N LEU A 8 -4.26 15.81 0.72
CA LEU A 8 -3.19 15.28 -0.07
C LEU A 8 -2.11 14.81 0.90
N ALA A 9 -2.07 15.52 2.03
CA ALA A 9 -1.17 15.22 3.15
C ALA A 9 -1.84 14.14 3.99
N GLN A 10 -3.17 14.04 3.79
CA GLN A 10 -4.00 13.04 4.40
C GLN A 10 -4.01 11.86 3.45
N ASN A 11 -3.86 12.21 2.17
CA ASN A 11 -3.77 11.26 1.06
C ASN A 11 -2.35 10.75 1.04
N GLU A 12 -1.48 11.55 1.67
CA GLU A 12 -0.11 11.27 1.88
C GLU A 12 -0.05 10.40 3.11
N TRP A 13 -0.98 10.73 3.99
CA TRP A 13 -1.24 10.03 5.26
C TRP A 13 -2.03 8.76 4.96
N GLU A 14 -2.66 8.75 3.78
CA GLU A 14 -3.38 7.57 3.26
C GLU A 14 -2.39 6.83 2.42
N LEU A 15 -1.35 7.59 2.11
CA LEU A 15 -0.16 7.11 1.40
C LEU A 15 0.82 6.59 2.45
N GLN A 16 0.63 7.13 3.66
CA GLN A 16 1.39 6.75 4.87
C GLN A 16 0.62 5.65 5.53
N ALA A 17 -0.67 5.74 5.27
CA ALA A 17 -1.67 4.74 5.72
C ALA A 17 -1.71 3.65 4.68
N LEU A 18 -1.22 4.00 3.49
CA LEU A 18 -1.06 3.09 2.36
C LEU A 18 0.29 2.43 2.55
N GLU A 19 1.18 3.24 3.14
CA GLU A 19 2.50 2.87 3.52
C GLU A 19 2.39 2.01 4.77
N LYS A 20 1.45 2.43 5.61
CA LYS A 20 1.08 1.73 6.84
C LYS A 20 0.21 0.54 6.50
N GLU A 21 -0.32 0.58 5.26
CA GLU A 21 -1.10 -0.48 4.67
C GLU A 21 -0.08 -1.39 4.01
N LEU A 22 0.99 -0.72 3.56
CA LEU A 22 2.15 -1.35 2.99
C LEU A 22 2.93 -1.95 4.14
N ALA A 23 2.99 -1.15 5.22
CA ALA A 23 3.65 -1.54 6.47
C ALA A 23 2.77 -2.51 7.25
N GLN A 24 1.50 -2.61 6.82
CA GLN A 24 0.50 -3.50 7.41
C GLN A 24 0.79 -4.95 7.02
N LEU A 25 1.40 -5.09 5.85
CA LEU A 25 1.80 -6.36 5.24
C LEU A 25 3.10 -6.83 5.85
N GLU A 26 3.85 -5.81 6.25
CA GLU A 26 5.12 -5.90 6.91
C GLU A 26 4.83 -6.05 8.38
N LYS A 27 3.62 -5.60 8.71
CA LYS A 27 3.04 -5.74 10.06
C LYS A 27 2.34 -7.07 10.13
N GLU A 28 1.81 -7.52 8.98
CA GLU A 28 1.20 -8.85 8.89
C GLU A 28 2.35 -9.82 8.87
N LEU A 29 3.43 -9.29 8.27
CA LEU A 29 4.69 -9.98 8.16
C LEU A 29 5.47 -9.96 9.47
N GLN A 30 5.60 -8.77 10.05
CA GLN A 30 6.37 -8.61 11.29
C GLN A 30 5.53 -8.76 12.57
N ALA A 31 4.46 -8.00 12.67
CA ALA A 31 3.60 -7.98 13.87
C ALA A 31 2.72 -9.24 14.01
N TRP A 32 2.31 -9.86 12.90
CA TRP A 32 1.46 -11.05 12.94
C TRP A 32 2.29 -12.34 12.89
N ASN A 33 2.86 -12.66 11.70
CA ASN A 33 3.67 -13.86 11.52
C ASN A 33 4.70 -13.67 10.42
N CYS A 34 5.92 -14.19 10.64
CA CYS A 34 7.01 -14.09 9.67
C CYS A 34 7.11 -15.36 8.82
N ILE A 35 7.00 -16.52 9.48
CA ILE A 35 7.07 -17.81 8.79
C ILE A 35 6.00 -18.77 9.36
N CYS A 36 5.05 -19.16 8.49
CA CYS A 36 3.97 -20.06 8.88
C CYS A 36 3.77 -21.15 7.83
N ASP A 37 3.35 -22.34 8.30
CA ASP A 37 3.11 -23.48 7.42
C ASP A 37 1.74 -24.08 7.68
N ILE A 38 1.12 -24.62 6.63
CA ILE A 38 -0.20 -25.24 6.72
C ILE A 38 -0.17 -26.70 6.26
N GLU A 39 -0.41 -27.62 7.19
CA GLU A 39 -0.43 -29.05 6.91
C GLU A 39 -1.74 -29.69 7.35
N ASN A 40 -2.21 -29.33 8.55
CA ASN A 40 -3.46 -29.86 9.10
C ASN A 40 -4.57 -28.81 9.08
N CYS A 41 -4.22 -27.57 9.49
CA CYS A 41 -5.19 -26.46 9.51
C CYS A 41 -5.03 -25.58 8.28
N SER A 42 -6.14 -25.37 7.56
CA SER A 42 -6.13 -24.54 6.35
C SER A 42 -7.28 -23.53 6.39
N ASN A 43 -6.95 -22.27 6.11
CA ASN A 43 -7.94 -21.18 6.10
C ASN A 43 -7.91 -20.45 4.76
N MET A 44 -9.07 -20.39 4.10
CA MET A 44 -9.19 -19.72 2.80
C MET A 44 -10.33 -18.68 2.80
N ALA A 45 -9.93 -17.40 2.85
CA ALA A 45 -10.89 -16.28 2.85
C ALA A 45 -10.36 -15.10 2.01
N PRO A 46 -9.11 -14.58 2.24
CA PRO A 46 -8.55 -13.45 1.47
C PRO A 46 -7.89 -13.91 0.17
N LEU A 47 -7.66 -12.95 -0.74
CA LEU A 47 -7.03 -13.22 -2.04
C LEU A 47 -5.49 -13.30 -1.92
N TYR A 48 -4.98 -12.85 -0.77
CA TYR A 48 -3.54 -12.85 -0.49
C TYR A 48 -3.08 -14.19 0.07
N SER A 49 -2.12 -14.83 -0.62
CA SER A 49 -1.60 -16.13 -0.19
C SER A 49 -0.06 -16.15 -0.26
N ASP A 50 0.50 -16.64 -1.38
CA ASP A 50 1.95 -16.72 -1.57
C ASP A 50 2.48 -15.53 -2.38
N GLN A 51 2.16 -15.49 -3.68
CA GLN A 51 2.61 -14.42 -4.58
C GLN A 51 1.63 -13.25 -4.67
N ALA A 52 0.36 -13.50 -4.29
CA ALA A 52 -0.73 -12.49 -4.36
C ALA A 52 -0.43 -11.20 -3.58
N LEU A 53 0.67 -11.18 -2.82
CA LEU A 53 1.08 -10.03 -2.03
C LEU A 53 2.09 -9.21 -2.79
N LYS A 54 3.27 -9.81 -2.95
CA LYS A 54 4.41 -9.22 -3.68
C LYS A 54 4.04 -8.85 -5.13
N LYS A 55 2.90 -9.38 -5.56
CA LYS A 55 2.34 -9.15 -6.88
C LYS A 55 1.32 -8.03 -6.80
N LYS A 56 0.50 -8.07 -5.73
CA LYS A 56 -0.52 -7.03 -5.49
C LYS A 56 0.14 -5.75 -4.94
N LEU A 57 1.41 -5.94 -4.56
CA LEU A 57 2.30 -4.92 -4.04
C LEU A 57 3.06 -4.37 -5.21
N ALA A 58 3.51 -5.30 -6.05
CA ALA A 58 4.21 -4.96 -7.31
C ALA A 58 3.23 -4.31 -8.29
N GLN A 59 1.93 -4.49 -7.99
CA GLN A 59 0.84 -3.93 -8.74
C GLN A 59 0.42 -2.63 -8.06
N LEU A 60 0.72 -2.59 -6.75
CA LEU A 60 0.46 -1.45 -5.86
C LEU A 60 1.52 -0.37 -6.10
N LYS A 61 2.73 -0.88 -6.25
CA LYS A 61 3.95 -0.14 -6.56
C LYS A 61 3.88 0.35 -7.98
N TRP A 62 3.14 -0.43 -8.78
CA TRP A 62 2.84 -0.11 -10.16
C TRP A 62 1.66 0.83 -10.16
N LYS A 63 0.81 0.64 -9.13
CA LYS A 63 -0.37 1.50 -8.92
C LYS A 63 0.02 2.77 -8.16
N LEU A 64 1.23 2.75 -7.57
CA LEU A 64 1.79 3.87 -6.81
C LEU A 64 2.49 4.85 -7.74
N GLN A 65 2.88 4.29 -8.86
CA GLN A 65 3.54 4.94 -9.96
C GLN A 65 2.42 5.42 -10.88
N ALA A 66 1.28 4.79 -10.65
CA ALA A 66 0.02 5.06 -11.32
C ALA A 66 -0.76 6.03 -10.46
N LEU A 67 -0.44 6.00 -9.15
CA LEU A 67 -1.01 6.88 -8.16
C LEU A 67 -0.17 8.14 -8.22
N LYS A 68 1.14 7.92 -8.36
CA LYS A 68 2.13 8.98 -8.52
C LYS A 68 1.95 9.59 -9.89
N LYS A 69 1.46 8.77 -10.82
CA LYS A 69 1.10 9.23 -12.17
C LYS A 69 -0.28 9.86 -12.09
N LYS A 70 -0.97 9.51 -10.99
CA LYS A 70 -2.28 10.02 -10.65
C LYS A 70 -2.08 11.24 -9.75
N ASN A 71 -0.92 11.22 -9.08
CA ASN A 71 -0.47 12.31 -8.20
C ASN A 71 0.29 13.32 -9.06
N ALA A 72 0.64 12.85 -10.26
CA ALA A 72 1.30 13.62 -11.31
C ALA A 72 0.19 14.17 -12.18
N GLN A 73 -0.95 13.46 -12.08
CA GLN A 73 -2.18 13.77 -12.72
C GLN A 73 -2.88 14.77 -11.83
N LEU A 74 -2.68 14.52 -10.54
CA LEU A 74 -3.17 15.34 -9.44
C LEU A 74 -2.26 16.56 -9.35
N LYS A 75 -1.01 16.36 -9.76
CA LYS A 75 -0.01 17.42 -9.81
C LYS A 75 -0.23 18.16 -11.10
N LYS A 76 -0.91 17.44 -12.00
CA LYS A 76 -1.31 17.98 -13.29
C LYS A 76 -2.66 18.63 -13.13
N LYS A 77 -3.46 18.06 -12.22
CA LYS A 77 -4.76 18.59 -11.89
C LYS A 77 -4.63 19.63 -10.79
N LEU A 78 -3.49 19.62 -10.09
CA LEU A 78 -3.20 20.58 -9.02
C LEU A 78 -3.25 22.04 -9.50
N GLN A 79 -2.38 22.32 -10.45
CA GLN A 79 -2.25 23.63 -11.07
C GLN A 79 -3.37 23.89 -12.09
N ALA A 80 -3.66 22.85 -12.86
CA ALA A 80 -4.69 22.90 -13.91
C ALA A 80 -5.99 22.28 -13.40
N MET A 1 -5.26 26.25 2.18
CA MET A 1 -4.17 25.31 1.81
C MET A 1 -4.13 24.09 2.75
N GLN A 2 -5.22 23.90 3.50
CA GLN A 2 -5.35 22.80 4.44
C GLN A 2 -6.51 21.87 4.05
N ALA A 3 -7.21 22.23 2.99
CA ALA A 3 -8.37 21.48 2.51
C ALA A 3 -8.01 20.45 1.45
N LEU A 4 -7.15 20.89 0.54
CA LEU A 4 -6.67 20.11 -0.58
C LEU A 4 -5.32 19.48 -0.25
N GLU A 5 -4.42 20.34 0.20
CA GLU A 5 -3.03 19.98 0.56
C GLU A 5 -2.97 19.09 1.78
N LYS A 6 -3.93 19.28 2.68
CA LYS A 6 -4.02 18.49 3.91
C LYS A 6 -4.93 17.29 3.69
N GLU A 7 -5.63 17.32 2.55
CA GLU A 7 -6.49 16.23 2.09
C GLU A 7 -5.61 15.32 1.25
N LEU A 8 -4.56 15.96 0.75
CA LEU A 8 -3.51 15.36 -0.04
C LEU A 8 -2.38 14.98 0.91
N ALA A 9 -2.42 15.62 2.08
CA ALA A 9 -1.49 15.35 3.19
C ALA A 9 -2.15 14.30 4.07
N GLN A 10 -3.48 14.21 3.89
CA GLN A 10 -4.33 13.23 4.55
C GLN A 10 -4.44 12.06 3.59
N ASN A 11 -4.19 12.39 2.32
CA ASN A 11 -4.15 11.43 1.22
C ASN A 11 -2.72 10.90 1.17
N GLU A 12 -1.83 11.72 1.76
CA GLU A 12 -0.45 11.44 1.93
C GLU A 12 -0.33 10.62 3.20
N TRP A 13 -1.18 11.01 4.13
CA TRP A 13 -1.34 10.36 5.43
C TRP A 13 -2.18 9.10 5.24
N GLU A 14 -2.86 9.06 4.09
CA GLU A 14 -3.64 7.95 3.62
C GLU A 14 -2.69 7.03 2.89
N LEU A 15 -1.70 7.72 2.33
CA LEU A 15 -0.57 7.16 1.61
C LEU A 15 0.41 6.61 2.65
N GLN A 16 0.51 7.39 3.74
CA GLN A 16 1.33 7.06 4.93
C GLN A 16 0.59 6.01 5.69
N ALA A 17 -0.72 6.08 5.49
CA ALA A 17 -1.69 5.12 6.03
C ALA A 17 -1.67 3.91 5.12
N LEU A 18 -1.36 4.19 3.84
CA LEU A 18 -1.20 3.20 2.79
C LEU A 18 0.15 2.55 2.98
N GLU A 19 1.04 3.38 3.51
CA GLU A 19 2.38 3.04 3.88
C GLU A 19 2.27 2.25 5.17
N LYS A 20 1.31 2.71 5.97
CA LYS A 20 0.92 2.09 7.23
C LYS A 20 0.07 0.85 6.95
N GLU A 21 -0.47 0.81 5.72
CA GLU A 21 -1.22 -0.32 5.19
C GLU A 21 -0.18 -1.24 4.67
N LEU A 22 0.78 -0.57 4.04
CA LEU A 22 1.98 -1.20 3.52
C LEU A 22 2.76 -1.73 4.73
N ALA A 23 2.83 -0.86 5.75
CA ALA A 23 3.48 -1.20 7.03
C ALA A 23 2.63 -2.17 7.83
N GLN A 24 1.36 -2.30 7.43
CA GLN A 24 0.40 -3.19 8.04
C GLN A 24 0.64 -4.62 7.57
N LEU A 25 1.21 -4.70 6.37
CA LEU A 25 1.58 -5.93 5.67
C LEU A 25 2.85 -6.46 6.25
N GLU A 26 3.65 -5.49 6.62
CA GLU A 26 4.93 -5.63 7.30
C GLU A 26 4.62 -5.83 8.75
N LYS A 27 3.43 -5.37 9.09
CA LYS A 27 2.87 -5.58 10.44
C LYS A 27 2.31 -6.99 10.46
N GLU A 28 1.94 -7.46 9.26
CA GLU A 28 1.46 -8.84 9.08
C GLU A 28 2.65 -9.72 8.76
N LEU A 29 3.58 -9.11 8.03
CA LEU A 29 4.81 -9.76 7.62
C LEU A 29 5.86 -9.80 8.72
N GLN A 30 6.20 -8.62 9.24
CA GLN A 30 7.24 -8.50 10.27
C GLN A 30 6.70 -8.71 11.69
N ALA A 31 5.77 -7.85 12.07
CA ALA A 31 5.15 -7.86 13.41
C ALA A 31 4.52 -9.22 13.77
N TRP A 32 4.00 -9.90 12.76
CA TRP A 32 3.38 -11.22 12.95
C TRP A 32 4.38 -12.36 12.69
N ASN A 33 5.40 -12.08 11.87
CA ASN A 33 6.47 -13.06 11.51
C ASN A 33 5.93 -14.28 10.74
N CYS A 34 4.70 -14.15 10.21
CA CYS A 34 4.06 -15.23 9.46
C CYS A 34 4.23 -15.02 7.96
N ILE A 35 4.72 -16.06 7.27
CA ILE A 35 4.93 -16.01 5.81
C ILE A 35 3.82 -16.77 5.07
N CYS A 36 3.38 -17.88 5.64
CA CYS A 36 2.31 -18.70 5.04
C CYS A 36 1.12 -18.81 5.98
N ASP A 37 -0.08 -18.57 5.44
CA ASP A 37 -1.32 -18.64 6.23
C ASP A 37 -2.01 -19.99 6.07
N ILE A 38 -2.48 -20.53 7.19
CA ILE A 38 -3.17 -21.83 7.21
C ILE A 38 -4.53 -21.74 7.90
N GLU A 39 -4.55 -21.07 9.06
CA GLU A 39 -5.77 -20.90 9.85
C GLU A 39 -6.25 -19.46 9.78
N ASN A 40 -7.59 -19.27 9.92
CA ASN A 40 -8.25 -17.94 9.87
C ASN A 40 -8.08 -17.26 8.51
N CYS A 41 -9.21 -16.86 7.92
CA CYS A 41 -9.21 -16.20 6.61
C CYS A 41 -9.47 -14.70 6.76
N SER A 42 -8.92 -13.93 5.82
CA SER A 42 -9.06 -12.47 5.81
C SER A 42 -10.22 -12.04 4.91
N ASN A 43 -11.21 -11.35 5.52
CA ASN A 43 -12.42 -10.85 4.83
C ASN A 43 -13.31 -12.00 4.32
N MET A 44 -12.85 -12.70 3.27
CA MET A 44 -13.60 -13.82 2.69
C MET A 44 -12.63 -14.92 2.23
N ALA A 45 -11.68 -14.54 1.36
CA ALA A 45 -10.68 -15.48 0.83
C ALA A 45 -9.34 -14.76 0.59
N PRO A 46 -8.21 -15.20 1.24
CA PRO A 46 -6.89 -14.57 1.05
C PRO A 46 -6.26 -14.94 -0.29
N LEU A 47 -5.42 -14.03 -0.80
CA LEU A 47 -4.73 -14.25 -2.09
C LEU A 47 -3.24 -13.94 -1.99
N TYR A 48 -2.92 -12.93 -1.19
CA TYR A 48 -1.54 -12.49 -0.98
C TYR A 48 -0.83 -13.33 0.10
N SER A 49 0.29 -13.93 -0.30
CA SER A 49 1.08 -14.77 0.61
C SER A 49 2.59 -14.45 0.49
N ASP A 50 3.31 -15.23 -0.33
CA ASP A 50 4.75 -15.04 -0.53
C ASP A 50 5.05 -14.22 -1.79
N GLN A 51 4.61 -14.74 -2.95
CA GLN A 51 4.83 -14.07 -4.24
C GLN A 51 3.66 -13.15 -4.61
N ALA A 52 2.44 -13.55 -4.21
CA ALA A 52 1.21 -12.79 -4.50
C ALA A 52 1.13 -11.44 -3.75
N LEU A 53 2.11 -11.20 -2.86
CA LEU A 53 2.21 -10.01 -2.05
C LEU A 53 3.09 -9.00 -2.77
N LYS A 54 4.35 -9.40 -2.98
CA LYS A 54 5.34 -8.58 -3.70
C LYS A 54 4.87 -8.30 -5.14
N LYS A 55 3.83 -9.04 -5.54
CA LYS A 55 3.18 -8.95 -6.82
C LYS A 55 1.98 -8.04 -6.69
N LYS A 56 1.28 -8.16 -5.55
CA LYS A 56 0.11 -7.29 -5.24
C LYS A 56 0.60 -5.87 -4.90
N LEU A 57 1.90 -5.82 -4.66
CA LEU A 57 2.67 -4.63 -4.35
C LEU A 57 3.22 -4.11 -5.64
N ALA A 58 3.72 -5.08 -6.42
CA ALA A 58 4.25 -4.81 -7.78
C ALA A 58 3.10 -4.42 -8.71
N GLN A 59 1.88 -4.71 -8.25
CA GLN A 59 0.65 -4.38 -8.93
C GLN A 59 0.13 -3.07 -8.37
N LEU A 60 0.52 -2.81 -7.13
CA LEU A 60 0.17 -1.60 -6.38
C LEU A 60 1.11 -0.46 -6.81
N LYS A 61 2.30 -0.88 -7.20
CA LYS A 61 3.40 -0.06 -7.68
C LYS A 61 3.15 0.19 -9.15
N TRP A 62 2.50 -0.82 -9.75
CA TRP A 62 2.04 -0.78 -11.12
C TRP A 62 0.79 0.06 -11.11
N LYS A 63 0.14 0.05 -9.93
CA LYS A 63 -1.03 0.89 -9.67
C LYS A 63 -0.56 2.33 -9.47
N LEU A 64 0.62 2.46 -8.85
CA LEU A 64 1.30 3.74 -8.60
C LEU A 64 1.63 4.41 -9.91
N GLN A 65 2.22 3.63 -10.74
CA GLN A 65 2.56 4.03 -12.11
C GLN A 65 1.34 4.74 -12.72
N ALA A 66 0.20 4.30 -12.22
CA ALA A 66 -1.11 4.84 -12.55
C ALA A 66 -1.68 5.76 -11.46
N LEU A 67 -1.31 5.49 -10.19
CA LEU A 67 -1.79 6.22 -9.01
C LEU A 67 -0.82 7.34 -8.69
N LYS A 68 0.45 7.00 -8.71
CA LYS A 68 1.55 7.92 -8.49
C LYS A 68 1.68 8.79 -9.71
N LYS A 69 1.26 8.23 -10.87
CA LYS A 69 1.24 9.01 -12.10
C LYS A 69 0.00 9.88 -12.08
N LYS A 70 -1.00 9.40 -11.33
CA LYS A 70 -2.26 10.09 -11.09
C LYS A 70 -2.05 11.04 -9.94
N ASN A 71 -1.02 10.74 -9.15
CA ASN A 71 -0.58 11.57 -8.03
C ASN A 71 0.39 12.58 -8.61
N ALA A 72 0.80 12.26 -9.85
CA ALA A 72 1.67 13.07 -10.70
C ALA A 72 0.76 13.92 -11.57
N GLN A 73 -0.45 13.38 -11.77
CA GLN A 73 -1.54 14.04 -12.49
C GLN A 73 -2.25 14.91 -11.50
N LEU A 74 -2.15 14.43 -10.26
CA LEU A 74 -2.67 15.11 -9.08
C LEU A 74 -1.66 16.16 -8.67
N LYS A 75 -0.40 15.85 -8.95
CA LYS A 75 0.72 16.76 -8.69
C LYS A 75 0.78 17.71 -9.84
N LYS A 76 0.16 17.25 -10.94
CA LYS A 76 0.02 18.05 -12.16
C LYS A 76 -1.24 18.85 -12.06
N LYS A 77 -2.22 18.26 -11.36
CA LYS A 77 -3.49 18.93 -11.10
C LYS A 77 -3.38 19.78 -9.85
N LEU A 78 -2.38 19.47 -9.02
CA LEU A 78 -2.12 20.24 -7.78
C LEU A 78 -1.87 21.72 -8.05
N GLN A 79 -0.84 21.97 -8.83
CA GLN A 79 -0.43 23.31 -9.22
C GLN A 79 -1.09 23.74 -10.54
N ALA A 80 -1.13 22.79 -11.48
CA ALA A 80 -1.72 22.99 -12.82
C ALA A 80 -1.03 24.10 -13.63
N MET A 1 -6.00 25.61 1.62
CA MET A 1 -4.72 24.86 1.64
C MET A 1 -4.82 23.61 2.54
N GLN A 2 -6.02 23.35 3.05
CA GLN A 2 -6.28 22.20 3.91
C GLN A 2 -7.24 21.21 3.23
N ALA A 3 -7.69 21.57 2.04
CA ALA A 3 -8.64 20.76 1.27
C ALA A 3 -7.95 19.80 0.33
N LEU A 4 -6.90 20.31 -0.31
CA LEU A 4 -6.10 19.61 -1.27
C LEU A 4 -4.86 19.02 -0.58
N GLU A 5 -4.08 19.94 -0.03
CA GLU A 5 -2.82 19.65 0.68
C GLU A 5 -3.02 18.73 1.87
N LYS A 6 -4.19 18.85 2.49
CA LYS A 6 -4.54 18.02 3.64
C LYS A 6 -5.26 16.76 3.19
N GLU A 7 -5.76 16.80 1.94
CA GLU A 7 -6.43 15.68 1.29
C GLU A 7 -5.33 14.80 0.71
N LEU A 8 -4.21 15.48 0.52
CA LEU A 8 -2.97 14.96 0.03
C LEU A 8 -2.18 14.51 1.25
N ALA A 9 -2.46 15.21 2.35
CA ALA A 9 -1.90 14.91 3.67
C ALA A 9 -2.72 13.77 4.28
N GLN A 10 -3.95 13.65 3.75
CA GLN A 10 -4.88 12.58 4.09
C GLN A 10 -4.53 11.43 3.21
N ASN A 11 -4.20 11.83 1.99
CA ASN A 11 -3.73 10.93 0.91
C ASN A 11 -2.32 10.50 1.23
N GLU A 12 -1.67 11.31 2.10
CA GLU A 12 -0.37 11.07 2.63
C GLU A 12 -0.57 10.14 3.81
N TRP A 13 -1.73 10.38 4.41
CA TRP A 13 -2.26 9.62 5.54
C TRP A 13 -2.87 8.32 5.03
N GLU A 14 -3.25 8.34 3.73
CA GLU A 14 -3.78 7.16 3.01
C GLU A 14 -2.62 6.52 2.34
N LEU A 15 -1.56 7.32 2.29
CA LEU A 15 -0.24 6.95 1.79
C LEU A 15 0.50 6.35 2.97
N GLN A 16 0.04 6.79 4.14
CA GLN A 16 0.48 6.37 5.44
C GLN A 16 -0.33 5.16 5.82
N ALA A 17 -1.58 5.22 5.37
CA ALA A 17 -2.57 4.15 5.53
C ALA A 17 -2.37 3.16 4.40
N LEU A 18 -1.63 3.63 3.37
CA LEU A 18 -1.22 2.84 2.23
C LEU A 18 0.05 2.17 2.66
N GLU A 19 0.80 2.96 3.45
CA GLU A 19 2.01 2.57 4.10
C GLU A 19 1.63 1.62 5.21
N LYS A 20 0.61 2.01 5.94
CA LYS A 20 0.02 1.21 7.01
C LYS A 20 -0.65 0.00 6.39
N GLU A 21 -0.76 0.06 5.08
CA GLU A 21 -1.27 -1.02 4.26
C GLU A 21 -0.05 -1.76 3.73
N LEU A 22 1.00 -0.96 3.50
CA LEU A 22 2.27 -1.41 3.00
C LEU A 22 3.23 -1.77 4.13
N ALA A 23 3.46 -0.80 5.01
CA ALA A 23 4.41 -0.94 6.12
C ALA A 23 3.84 -1.62 7.36
N GLN A 24 2.51 -1.79 7.43
CA GLN A 24 1.87 -2.44 8.56
C GLN A 24 1.74 -3.93 8.27
N LEU A 25 1.74 -4.24 6.98
CA LEU A 25 1.66 -5.57 6.41
C LEU A 25 3.02 -6.25 6.60
N GLU A 26 4.04 -5.43 6.42
CA GLU A 26 5.44 -5.74 6.58
C GLU A 26 5.72 -5.75 8.07
N LYS A 27 4.85 -5.02 8.75
CA LYS A 27 4.84 -4.92 10.22
C LYS A 27 4.06 -6.10 10.76
N GLU A 28 3.02 -6.50 9.99
CA GLU A 28 2.22 -7.70 10.31
C GLU A 28 3.10 -8.88 9.97
N LEU A 29 3.88 -8.64 8.92
CA LEU A 29 4.87 -9.57 8.44
C LEU A 29 6.03 -9.63 9.42
N GLN A 30 6.48 -8.45 9.83
CA GLN A 30 7.60 -8.32 10.80
C GLN A 30 7.26 -8.94 12.17
N ALA A 31 6.02 -8.70 12.58
CA ALA A 31 5.49 -9.21 13.86
C ALA A 31 5.11 -10.71 13.79
N TRP A 32 5.21 -11.29 12.60
CA TRP A 32 4.89 -12.71 12.38
C TRP A 32 6.10 -13.61 12.65
N ASN A 33 7.30 -13.15 12.22
CA ASN A 33 8.59 -13.87 12.39
C ASN A 33 8.59 -15.22 11.67
N CYS A 34 9.59 -15.42 10.80
CA CYS A 34 9.73 -16.66 10.03
C CYS A 34 11.17 -17.17 10.09
N ILE A 35 11.32 -18.46 10.43
CA ILE A 35 12.63 -19.11 10.52
C ILE A 35 12.87 -20.07 9.35
N CYS A 36 11.81 -20.77 8.94
CA CYS A 36 11.88 -21.73 7.83
C CYS A 36 10.85 -21.39 6.74
N ASP A 37 9.96 -20.41 7.04
CA ASP A 37 8.89 -19.95 6.12
C ASP A 37 7.91 -21.07 5.77
N ILE A 38 6.73 -21.03 6.41
CA ILE A 38 5.67 -22.02 6.19
C ILE A 38 4.29 -21.39 6.36
N GLU A 39 3.45 -21.54 5.34
CA GLU A 39 2.09 -20.99 5.36
C GLU A 39 1.06 -22.03 4.94
N ASN A 40 -0.13 -21.96 5.54
CA ASN A 40 -1.22 -22.90 5.25
C ASN A 40 -2.22 -22.27 4.28
N CYS A 41 -2.96 -23.12 3.57
CA CYS A 41 -3.97 -22.67 2.60
C CYS A 41 -5.34 -22.52 3.26
N SER A 42 -6.13 -21.58 2.74
CA SER A 42 -7.47 -21.31 3.27
C SER A 42 -8.54 -22.03 2.46
N ASN A 43 -9.63 -22.41 3.13
CA ASN A 43 -10.75 -23.11 2.50
C ASN A 43 -11.89 -22.15 2.14
N MET A 44 -12.67 -22.52 1.09
CA MET A 44 -13.82 -21.73 0.59
C MET A 44 -13.37 -20.45 -0.13
N ALA A 45 -12.52 -19.65 0.53
CA ALA A 45 -12.03 -18.40 -0.04
C ALA A 45 -10.49 -18.35 -0.02
N PRO A 46 -9.80 -18.56 -1.19
CA PRO A 46 -8.32 -18.52 -1.27
C PRO A 46 -7.72 -17.16 -0.86
N LEU A 47 -7.93 -16.13 -1.72
CA LEU A 47 -7.45 -14.74 -1.51
C LEU A 47 -5.92 -14.61 -1.52
N TYR A 48 -5.22 -15.75 -1.33
CA TYR A 48 -3.73 -15.86 -1.33
C TYR A 48 -3.04 -14.87 -0.39
N SER A 49 -1.82 -15.24 0.03
CA SER A 49 -1.01 -14.41 0.94
C SER A 49 0.37 -14.13 0.35
N ASP A 50 0.87 -15.07 -0.46
CA ASP A 50 2.18 -14.94 -1.11
C ASP A 50 2.05 -14.41 -2.53
N GLN A 51 1.04 -14.93 -3.25
CA GLN A 51 0.76 -14.53 -4.64
C GLN A 51 -0.19 -13.33 -4.69
N ALA A 52 -0.75 -12.96 -3.53
CA ALA A 52 -1.67 -11.84 -3.41
C ALA A 52 -1.03 -10.61 -2.75
N LEU A 53 0.20 -10.75 -2.26
CA LEU A 53 0.92 -9.70 -1.59
C LEU A 53 1.87 -8.99 -2.55
N LYS A 54 2.91 -9.73 -2.95
CA LYS A 54 3.95 -9.24 -3.88
C LYS A 54 3.39 -8.91 -5.26
N LYS A 55 2.16 -9.36 -5.51
CA LYS A 55 1.43 -9.14 -6.73
C LYS A 55 0.53 -7.94 -6.59
N LYS A 56 -0.11 -7.83 -5.41
CA LYS A 56 -1.00 -6.69 -5.11
C LYS A 56 -0.15 -5.45 -4.80
N LEU A 57 1.14 -5.72 -4.59
CA LEU A 57 2.18 -4.76 -4.32
C LEU A 57 2.79 -4.39 -5.63
N ALA A 58 3.03 -5.45 -6.42
CA ALA A 58 3.56 -5.31 -7.80
C ALA A 58 2.53 -4.59 -8.68
N GLN A 59 1.29 -4.61 -8.20
CA GLN A 59 0.16 -3.97 -8.83
C GLN A 59 0.00 -2.57 -8.22
N LEU A 60 0.46 -2.45 -6.98
CA LEU A 60 0.44 -1.21 -6.20
C LEU A 60 1.68 -0.38 -6.51
N LYS A 61 2.59 -1.04 -7.20
CA LYS A 61 3.87 -0.51 -7.67
C LYS A 61 3.65 -0.03 -9.09
N TRP A 62 2.71 -0.75 -9.73
CA TRP A 62 2.25 -0.45 -11.07
C TRP A 62 1.14 0.56 -10.97
N LYS A 63 0.42 0.50 -9.83
CA LYS A 63 -0.66 1.45 -9.55
C LYS A 63 -0.10 2.68 -8.84
N LEU A 64 1.15 2.57 -8.35
CA LEU A 64 1.89 3.62 -7.66
C LEU A 64 2.42 4.66 -8.64
N GLN A 65 2.65 4.16 -9.82
CA GLN A 65 3.14 4.89 -10.97
C GLN A 65 1.91 5.43 -11.69
N ALA A 66 0.80 4.79 -11.35
CA ALA A 66 -0.54 5.12 -11.84
C ALA A 66 -1.20 6.02 -10.81
N LEU A 67 -0.62 5.96 -9.60
CA LEU A 67 -1.04 6.78 -8.47
C LEU A 67 -0.11 7.98 -8.45
N LYS A 68 1.14 7.70 -8.82
CA LYS A 68 2.19 8.71 -8.94
C LYS A 68 2.02 9.46 -10.25
N LYS A 69 1.43 8.78 -11.24
CA LYS A 69 1.09 9.41 -12.51
C LYS A 69 -0.21 10.16 -12.30
N LYS A 70 -0.89 9.75 -11.22
CA LYS A 70 -2.14 10.35 -10.76
C LYS A 70 -1.81 11.43 -9.73
N ASN A 71 -0.64 11.25 -9.11
CA ASN A 71 -0.09 12.18 -8.12
C ASN A 71 0.74 13.22 -8.86
N ALA A 72 1.06 12.87 -10.12
CA ALA A 72 1.79 13.71 -11.07
C ALA A 72 0.73 14.43 -11.86
N GLN A 73 -0.46 13.81 -11.83
CA GLN A 73 -1.66 14.30 -12.43
C GLN A 73 -2.29 15.24 -11.43
N LEU A 74 -2.12 14.83 -10.18
CA LEU A 74 -2.54 15.58 -9.00
C LEU A 74 -1.54 16.68 -8.76
N LYS A 75 -0.30 16.43 -9.17
CA LYS A 75 0.79 17.39 -9.08
C LYS A 75 0.66 18.29 -10.29
N LYS A 76 -0.05 17.73 -11.28
CA LYS A 76 -0.36 18.44 -12.51
C LYS A 76 -1.64 19.22 -12.28
N LYS A 77 -2.50 18.63 -11.43
CA LYS A 77 -3.74 19.25 -11.05
C LYS A 77 -3.52 20.15 -9.83
N LEU A 78 -2.37 19.95 -9.15
CA LEU A 78 -1.99 20.74 -7.98
C LEU A 78 -1.87 22.24 -8.32
N GLN A 79 -0.99 22.53 -9.26
CA GLN A 79 -0.73 23.89 -9.73
C GLN A 79 -1.58 24.22 -10.95
N ALA A 80 -1.68 23.24 -11.87
CA ALA A 80 -2.45 23.35 -13.13
C ALA A 80 -1.92 24.49 -14.03
N MET A 1 -5.39 25.90 1.69
CA MET A 1 -4.18 25.07 1.47
C MET A 1 -4.15 23.84 2.41
N GLN A 2 -5.27 23.60 3.08
CA GLN A 2 -5.41 22.48 4.00
C GLN A 2 -6.48 21.49 3.51
N ALA A 3 -7.12 21.84 2.40
CA ALA A 3 -8.20 21.05 1.83
C ALA A 3 -7.69 20.03 0.82
N LEU A 4 -6.77 20.50 -0.02
CA LEU A 4 -6.15 19.74 -1.07
C LEU A 4 -4.83 19.18 -0.59
N GLU A 5 -3.96 20.12 -0.19
CA GLU A 5 -2.61 19.83 0.30
C GLU A 5 -2.60 18.92 1.51
N LYS A 6 -3.66 19.05 2.32
CA LYS A 6 -3.82 18.24 3.53
C LYS A 6 -4.66 17.00 3.22
N GLU A 7 -5.26 17.01 2.04
CA GLU A 7 -6.03 15.89 1.50
C GLU A 7 -5.05 15.00 0.75
N LEU A 8 -3.96 15.69 0.38
CA LEU A 8 -2.82 15.16 -0.31
C LEU A 8 -1.82 14.73 0.76
N ALA A 9 -1.88 15.47 1.86
CA ALA A 9 -1.08 15.21 3.06
C ALA A 9 -1.80 14.13 3.86
N GLN A 10 -3.10 14.01 3.53
CA GLN A 10 -3.97 12.99 4.08
C GLN A 10 -3.87 11.80 3.15
N ASN A 11 -3.58 12.13 1.88
CA ASN A 11 -3.36 11.16 0.80
C ASN A 11 -1.94 10.69 0.91
N GLU A 12 -1.16 11.51 1.64
CA GLU A 12 0.19 11.26 1.98
C GLU A 12 0.13 10.40 3.21
N TRP A 13 -0.92 10.69 3.97
CA TRP A 13 -1.30 9.97 5.19
C TRP A 13 -2.06 8.70 4.80
N GLU A 14 -2.58 8.70 3.56
CA GLU A 14 -3.25 7.52 2.97
C GLU A 14 -2.18 6.75 2.28
N LEU A 15 -1.12 7.50 2.02
CA LEU A 15 0.12 7.02 1.44
C LEU A 15 0.92 6.41 2.59
N GLN A 16 0.86 7.14 3.72
CA GLN A 16 1.47 6.72 5.01
C GLN A 16 0.64 5.60 5.55
N ALA A 17 -0.63 5.67 5.15
CA ALA A 17 -1.64 4.65 5.46
C ALA A 17 -1.50 3.54 4.43
N LEU A 18 -0.84 3.91 3.31
CA LEU A 18 -0.49 3.00 2.24
C LEU A 18 0.83 2.34 2.61
N GLU A 19 1.66 3.15 3.25
CA GLU A 19 2.98 2.73 3.80
C GLU A 19 2.69 1.97 5.05
N LYS A 20 1.58 2.38 5.66
CA LYS A 20 1.02 1.75 6.86
C LYS A 20 0.19 0.55 6.44
N GLU A 21 -0.17 0.56 5.15
CA GLU A 21 -0.88 -0.53 4.49
C GLU A 21 0.21 -1.49 4.04
N LEU A 22 1.35 -0.85 3.71
CA LEU A 22 2.58 -1.55 3.36
C LEU A 22 3.15 -2.12 4.63
N ALA A 23 3.05 -1.26 5.65
CA ALA A 23 3.48 -1.60 7.01
C ALA A 23 2.45 -2.49 7.71
N GLN A 24 1.25 -2.59 7.10
CA GLN A 24 0.15 -3.41 7.58
C GLN A 24 0.45 -4.89 7.35
N LEU A 25 1.25 -5.11 6.30
CA LEU A 25 1.70 -6.43 5.87
C LEU A 25 2.78 -6.86 6.81
N GLU A 26 3.69 -5.92 7.01
CA GLU A 26 4.80 -5.99 7.94
C GLU A 26 4.22 -5.98 9.35
N LYS A 27 3.00 -5.49 9.41
CA LYS A 27 2.21 -5.53 10.65
C LYS A 27 1.64 -6.93 10.77
N GLU A 28 1.46 -7.54 9.59
CA GLU A 28 1.00 -8.93 9.50
C GLU A 28 2.21 -9.84 9.42
N LEU A 29 3.20 -9.35 8.68
CA LEU A 29 4.46 -10.04 8.43
C LEU A 29 5.48 -9.89 9.55
N GLN A 30 5.81 -8.65 9.86
CA GLN A 30 6.86 -8.35 10.86
C GLN A 30 6.35 -8.37 12.31
N ALA A 31 5.18 -7.79 12.52
CA ALA A 31 4.55 -7.70 13.86
C ALA A 31 4.01 -9.05 14.37
N TRP A 32 4.08 -10.09 13.52
CA TRP A 32 3.61 -11.43 13.91
C TRP A 32 4.75 -12.29 14.46
N ASN A 33 5.91 -12.28 13.75
CA ASN A 33 7.12 -13.04 14.14
C ASN A 33 6.85 -14.57 14.24
N CYS A 34 5.81 -15.04 13.55
CA CYS A 34 5.44 -16.46 13.56
C CYS A 34 6.09 -17.22 12.40
N ILE A 35 6.05 -16.61 11.20
CA ILE A 35 6.63 -17.21 10.00
C ILE A 35 7.31 -16.16 9.12
N CYS A 36 8.52 -16.49 8.63
CA CYS A 36 9.29 -15.58 7.79
C CYS A 36 9.75 -16.27 6.51
N ASP A 37 10.27 -17.51 6.64
CA ASP A 37 10.77 -18.33 5.49
C ASP A 37 11.97 -17.66 4.80
N ILE A 38 12.83 -18.50 4.21
CA ILE A 38 14.03 -18.00 3.51
C ILE A 38 14.08 -18.49 2.05
N GLU A 39 13.98 -19.81 1.85
CA GLU A 39 14.02 -20.40 0.52
C GLU A 39 12.95 -21.49 0.35
N ASN A 40 12.86 -22.38 1.35
CA ASN A 40 11.89 -23.48 1.33
C ASN A 40 10.82 -23.31 2.40
N CYS A 41 9.64 -23.88 2.14
CA CYS A 41 8.51 -23.81 3.08
C CYS A 41 8.44 -25.07 3.95
N SER A 42 8.73 -26.24 3.32
CA SER A 42 8.72 -27.56 4.00
C SER A 42 7.31 -28.06 4.34
N ASN A 43 6.45 -27.16 4.84
CA ASN A 43 5.09 -27.51 5.22
C ASN A 43 4.10 -27.22 4.09
N MET A 44 3.95 -25.95 3.71
CA MET A 44 3.03 -25.53 2.64
C MET A 44 3.57 -24.34 1.86
N ALA A 45 3.40 -24.37 0.54
CA ALA A 45 3.86 -23.31 -0.34
C ALA A 45 2.66 -22.65 -1.07
N PRO A 46 2.03 -21.58 -0.47
CA PRO A 46 0.89 -20.89 -1.09
C PRO A 46 1.30 -19.94 -2.22
N LEU A 47 0.37 -19.74 -3.16
CA LEU A 47 0.61 -18.86 -4.31
C LEU A 47 -0.30 -17.62 -4.27
N TYR A 48 -1.32 -17.69 -3.40
CA TYR A 48 -2.30 -16.61 -3.24
C TYR A 48 -1.89 -15.66 -2.11
N SER A 49 -0.80 -15.98 -1.40
CA SER A 49 -0.31 -15.16 -0.30
C SER A 49 1.18 -14.80 -0.45
N ASP A 50 1.92 -15.62 -1.21
CA ASP A 50 3.35 -15.39 -1.41
C ASP A 50 3.62 -14.64 -2.74
N GLN A 51 3.13 -15.21 -3.84
CA GLN A 51 3.31 -14.62 -5.17
C GLN A 51 2.15 -13.70 -5.57
N ALA A 52 1.07 -13.70 -4.78
CA ALA A 52 -0.10 -12.87 -5.07
C ALA A 52 -0.13 -11.55 -4.28
N LEU A 53 0.80 -11.39 -3.33
CA LEU A 53 0.90 -10.22 -2.49
C LEU A 53 1.91 -9.24 -3.05
N LYS A 54 3.17 -9.65 -2.99
CA LYS A 54 4.33 -8.88 -3.48
C LYS A 54 4.19 -8.50 -4.96
N LYS A 55 3.27 -9.20 -5.63
CA LYS A 55 2.95 -9.00 -7.02
C LYS A 55 1.77 -8.06 -7.15
N LYS A 56 0.78 -8.25 -6.25
CA LYS A 56 -0.42 -7.37 -6.21
C LYS A 56 -0.04 -6.03 -5.58
N LEU A 57 1.15 -6.04 -4.99
CA LEU A 57 1.80 -4.91 -4.35
C LEU A 57 2.67 -4.27 -5.38
N ALA A 58 3.41 -5.16 -6.08
CA ALA A 58 4.27 -4.75 -7.21
C ALA A 58 3.43 -4.13 -8.33
N GLN A 59 2.13 -4.45 -8.28
CA GLN A 59 1.13 -3.96 -9.18
C GLN A 59 0.48 -2.72 -8.58
N LEU A 60 0.52 -2.67 -7.24
CA LEU A 60 -0.01 -1.57 -6.43
C LEU A 60 1.07 -0.51 -6.24
N LYS A 61 2.28 -0.91 -6.61
CA LYS A 61 3.50 -0.13 -6.58
C LYS A 61 3.65 0.46 -7.96
N TRP A 62 3.18 -0.36 -8.92
CA TRP A 62 3.12 0.00 -10.33
C TRP A 62 1.92 0.90 -10.49
N LYS A 63 0.93 0.65 -9.62
CA LYS A 63 -0.29 1.49 -9.56
C LYS A 63 -0.02 2.71 -8.67
N LEU A 64 1.09 2.64 -7.92
CA LEU A 64 1.55 3.70 -7.01
C LEU A 64 2.38 4.75 -7.77
N GLN A 65 2.72 4.34 -8.97
CA GLN A 65 3.48 5.10 -9.95
C GLN A 65 2.47 5.74 -10.83
N ALA A 66 1.36 5.03 -10.82
CA ALA A 66 0.13 5.35 -11.52
C ALA A 66 -0.73 6.18 -10.59
N LEU A 67 -0.42 6.04 -9.29
CA LEU A 67 -1.04 6.81 -8.22
C LEU A 67 -0.24 8.09 -8.09
N LYS A 68 1.05 7.91 -8.35
CA LYS A 68 2.03 8.98 -8.38
C LYS A 68 1.89 9.72 -9.69
N LYS A 69 1.46 8.95 -10.71
CA LYS A 69 1.16 9.52 -12.01
C LYS A 69 -0.20 10.19 -11.91
N LYS A 70 -0.99 9.66 -10.95
CA LYS A 70 -2.31 10.17 -10.60
C LYS A 70 -2.14 11.30 -9.61
N ASN A 71 -0.96 11.27 -8.96
CA ASN A 71 -0.52 12.31 -8.04
C ASN A 71 0.16 13.38 -8.88
N ALA A 72 0.43 12.95 -10.13
CA ALA A 72 0.99 13.76 -11.20
C ALA A 72 -0.17 14.32 -11.99
N GLN A 73 -1.29 13.58 -11.88
CA GLN A 73 -2.58 13.95 -12.46
C GLN A 73 -3.24 14.85 -11.46
N LEU A 74 -2.87 14.56 -10.22
CA LEU A 74 -3.29 15.33 -9.05
C LEU A 74 -2.40 16.56 -8.95
N LYS A 75 -1.18 16.40 -9.45
CA LYS A 75 -0.20 17.47 -9.52
C LYS A 75 -0.52 18.26 -10.76
N LYS A 76 -1.26 17.57 -11.64
CA LYS A 76 -1.76 18.14 -12.87
C LYS A 76 -3.10 18.78 -12.59
N LYS A 77 -3.82 18.16 -11.64
CA LYS A 77 -5.10 18.68 -11.20
C LYS A 77 -4.89 19.68 -10.07
N LEU A 78 -3.68 19.64 -9.47
CA LEU A 78 -3.31 20.58 -8.39
C LEU A 78 -3.45 22.04 -8.81
N GLN A 79 -2.69 22.38 -9.84
CA GLN A 79 -2.67 23.72 -10.42
C GLN A 79 -3.76 23.90 -11.47
N ALA A 80 -3.92 22.86 -12.31
CA ALA A 80 -4.92 22.81 -13.40
C ALA A 80 -4.71 23.91 -14.43
N MET A 1 -5.49 26.51 0.11
CA MET A 1 -4.33 25.97 0.86
C MET A 1 -4.80 25.13 2.06
N GLN A 2 -3.92 24.21 2.53
CA GLN A 2 -4.15 23.30 3.64
C GLN A 2 -5.46 22.47 3.55
N ALA A 3 -6.23 22.71 2.49
CA ALA A 3 -7.49 22.01 2.24
C ALA A 3 -7.22 20.81 1.32
N LEU A 4 -6.38 21.11 0.32
CA LEU A 4 -5.96 20.19 -0.71
C LEU A 4 -4.63 19.59 -0.28
N GLU A 5 -3.71 20.51 0.04
CA GLU A 5 -2.34 20.20 0.51
C GLU A 5 -2.36 19.29 1.73
N LYS A 6 -3.41 19.45 2.53
CA LYS A 6 -3.62 18.65 3.75
C LYS A 6 -4.50 17.46 3.44
N GLU A 7 -5.12 17.49 2.25
CA GLU A 7 -5.96 16.40 1.73
C GLU A 7 -5.03 15.47 0.95
N LEU A 8 -3.92 16.09 0.56
CA LEU A 8 -2.81 15.52 -0.16
C LEU A 8 -1.82 15.04 0.88
N ALA A 9 -1.81 15.78 1.99
CA ALA A 9 -1.00 15.48 3.17
C ALA A 9 -1.74 14.44 3.99
N GLN A 10 -3.05 14.38 3.71
CA GLN A 10 -3.96 13.41 4.29
C GLN A 10 -3.95 12.21 3.37
N ASN A 11 -3.69 12.52 2.08
CA ASN A 11 -3.56 11.55 1.00
C ASN A 11 -2.15 10.99 1.07
N GLU A 12 -1.32 11.80 1.76
CA GLU A 12 0.04 11.48 2.06
C GLU A 12 -0.02 10.62 3.29
N TRP A 13 -1.01 10.98 4.10
CA TRP A 13 -1.37 10.29 5.34
C TRP A 13 -2.20 9.06 5.00
N GLU A 14 -2.74 9.07 3.77
CA GLU A 14 -3.48 7.90 3.20
C GLU A 14 -2.45 7.10 2.48
N LEU A 15 -1.37 7.82 2.22
CA LEU A 15 -0.15 7.30 1.61
C LEU A 15 0.69 6.71 2.73
N GLN A 16 0.55 7.35 3.91
CA GLN A 16 1.19 6.94 5.18
C GLN A 16 0.34 5.87 5.76
N ALA A 17 -0.92 5.97 5.37
CA ALA A 17 -1.96 5.01 5.69
C ALA A 17 -1.87 3.90 4.66
N LEU A 18 -1.16 4.25 3.55
CA LEU A 18 -0.85 3.33 2.47
C LEU A 18 0.48 2.68 2.83
N GLU A 19 1.26 3.44 3.60
CA GLU A 19 2.57 2.99 4.14
C GLU A 19 2.24 2.21 5.39
N LYS A 20 1.14 2.64 5.98
CA LYS A 20 0.54 2.02 7.17
C LYS A 20 -0.31 0.84 6.75
N GLU A 21 -0.69 0.86 5.45
CA GLU A 21 -1.44 -0.20 4.81
C GLU A 21 -0.37 -1.15 4.31
N LEU A 22 0.78 -0.52 4.01
CA LEU A 22 1.99 -1.23 3.63
C LEU A 22 2.52 -1.86 4.89
N ALA A 23 2.53 -1.01 5.93
CA ALA A 23 2.95 -1.41 7.28
C ALA A 23 1.94 -2.38 7.88
N GLN A 24 0.77 -2.49 7.23
CA GLN A 24 -0.32 -3.37 7.60
C GLN A 24 -0.05 -4.76 6.99
N LEU A 25 0.71 -4.74 5.91
CA LEU A 25 1.13 -5.90 5.13
C LEU A 25 2.37 -6.45 5.77
N GLU A 26 3.27 -5.52 6.09
CA GLU A 26 4.51 -5.76 6.83
C GLU A 26 4.12 -6.11 8.25
N LYS A 27 2.91 -5.69 8.58
CA LYS A 27 2.27 -6.05 9.85
C LYS A 27 1.82 -7.49 9.71
N GLU A 28 1.56 -7.86 8.45
CA GLU A 28 1.19 -9.24 8.10
C GLU A 28 2.43 -9.99 7.68
N LEU A 29 3.28 -9.25 6.96
CA LEU A 29 4.53 -9.77 6.42
C LEU A 29 5.67 -9.80 7.43
N GLN A 30 5.94 -8.66 8.05
CA GLN A 30 7.07 -8.54 8.99
C GLN A 30 6.71 -8.90 10.44
N ALA A 31 5.57 -8.41 10.90
CA ALA A 31 5.09 -8.63 12.28
C ALA A 31 4.68 -10.08 12.56
N TRP A 32 4.64 -10.92 11.50
CA TRP A 32 4.27 -12.33 11.65
C TRP A 32 5.51 -13.21 11.84
N ASN A 33 6.71 -12.64 11.58
CA ASN A 33 8.02 -13.34 11.72
C ASN A 33 8.14 -14.53 10.76
N CYS A 34 9.22 -14.52 9.97
CA CYS A 34 9.50 -15.58 9.00
C CYS A 34 10.95 -16.05 9.13
N ILE A 35 11.14 -17.37 9.14
CA ILE A 35 12.49 -17.95 9.25
C ILE A 35 12.93 -18.62 7.94
N CYS A 36 12.16 -19.61 7.48
CA CYS A 36 12.47 -20.33 6.23
C CYS A 36 11.20 -20.94 5.61
N ASP A 37 10.35 -21.54 6.46
CA ASP A 37 9.11 -22.18 6.00
C ASP A 37 7.91 -21.24 6.12
N ILE A 38 8.07 -20.14 6.89
CA ILE A 38 7.01 -19.11 7.13
C ILE A 38 5.72 -19.72 7.71
N GLU A 39 4.82 -18.85 8.20
CA GLU A 39 3.55 -19.28 8.78
C GLU A 39 2.43 -19.28 7.74
N ASN A 40 1.54 -20.27 7.85
CA ASN A 40 0.42 -20.42 6.91
C ASN A 40 -0.87 -19.84 7.53
N CYS A 41 -1.85 -19.57 6.67
CA CYS A 41 -3.14 -19.02 7.09
C CYS A 41 -4.14 -20.13 7.45
N SER A 42 -5.19 -19.77 8.21
CA SER A 42 -6.21 -20.72 8.64
C SER A 42 -7.29 -20.92 7.56
N ASN A 43 -7.61 -19.84 6.84
CA ASN A 43 -8.62 -19.89 5.77
C ASN A 43 -7.97 -20.18 4.41
N MET A 44 -6.88 -19.45 4.10
CA MET A 44 -6.12 -19.59 2.83
C MET A 44 -6.99 -19.29 1.60
N ALA A 45 -6.56 -18.30 0.81
CA ALA A 45 -7.28 -17.90 -0.40
C ALA A 45 -6.40 -18.03 -1.65
N PRO A 46 -5.13 -17.50 -1.67
CA PRO A 46 -4.24 -17.59 -2.85
C PRO A 46 -3.54 -18.95 -2.94
N LEU A 47 -3.12 -19.32 -4.16
CA LEU A 47 -2.43 -20.59 -4.41
C LEU A 47 -0.91 -20.42 -4.39
N TYR A 48 -0.46 -19.17 -4.41
CA TYR A 48 0.97 -18.85 -4.40
C TYR A 48 1.41 -18.30 -3.04
N SER A 49 0.71 -17.23 -2.57
CA SER A 49 0.97 -16.56 -1.27
C SER A 49 2.29 -15.78 -1.26
N ASP A 50 3.31 -16.30 -1.95
CA ASP A 50 4.64 -15.66 -2.01
C ASP A 50 4.79 -14.82 -3.28
N GLN A 51 4.38 -15.40 -4.41
CA GLN A 51 4.46 -14.73 -5.72
C GLN A 51 3.22 -13.88 -5.99
N ALA A 52 2.20 -14.02 -5.13
CA ALA A 52 0.94 -13.29 -5.25
C ALA A 52 0.92 -12.04 -4.36
N LEU A 53 1.95 -11.90 -3.52
CA LEU A 53 2.09 -10.81 -2.58
C LEU A 53 2.97 -9.71 -3.15
N LYS A 54 4.25 -10.04 -3.29
CA LYS A 54 5.28 -9.13 -3.84
C LYS A 54 4.96 -8.67 -5.27
N LYS A 55 4.00 -9.36 -5.88
CA LYS A 55 3.51 -9.08 -7.21
C LYS A 55 2.29 -8.19 -7.10
N LYS A 56 1.47 -8.48 -6.07
CA LYS A 56 0.28 -7.65 -5.77
C LYS A 56 0.73 -6.35 -5.08
N LEU A 57 2.00 -6.38 -4.69
CA LEU A 57 2.74 -5.33 -4.05
C LEU A 57 3.43 -4.55 -5.14
N ALA A 58 4.02 -5.34 -6.07
CA ALA A 58 4.69 -4.78 -7.26
C ALA A 58 3.65 -4.14 -8.19
N GLN A 59 2.38 -4.55 -7.98
CA GLN A 59 1.24 -4.06 -8.69
C GLN A 59 0.66 -2.88 -7.90
N LEU A 60 0.92 -2.90 -6.60
CA LEU A 60 0.49 -1.87 -5.65
C LEU A 60 1.52 -0.72 -5.64
N LYS A 61 2.67 -1.05 -6.20
CA LYS A 61 3.83 -0.18 -6.37
C LYS A 61 3.70 0.41 -7.76
N TRP A 62 3.08 -0.40 -8.61
CA TRP A 62 2.75 -0.05 -9.98
C TRP A 62 1.47 0.76 -9.94
N LYS A 63 0.63 0.41 -8.95
CA LYS A 63 -0.62 1.14 -8.69
C LYS A 63 -0.33 2.39 -7.84
N LEU A 64 0.89 2.40 -7.27
CA LEU A 64 1.42 3.48 -6.44
C LEU A 64 2.00 4.56 -7.33
N GLN A 65 2.63 4.06 -8.37
CA GLN A 65 3.26 4.81 -9.45
C GLN A 65 2.14 5.25 -10.39
N ALA A 66 1.02 4.57 -10.22
CA ALA A 66 -0.22 4.81 -10.95
C ALA A 66 -1.07 5.75 -10.13
N LEU A 67 -0.76 5.74 -8.81
CA LEU A 67 -1.36 6.62 -7.84
C LEU A 67 -0.55 7.90 -7.88
N LYS A 68 0.77 7.67 -8.01
CA LYS A 68 1.77 8.72 -8.15
C LYS A 68 1.65 9.34 -9.52
N LYS A 69 1.19 8.52 -10.49
CA LYS A 69 0.89 8.99 -11.83
C LYS A 69 -0.50 9.61 -11.80
N LYS A 70 -1.23 9.25 -10.72
CA LYS A 70 -2.55 9.77 -10.41
C LYS A 70 -2.37 10.98 -9.51
N ASN A 71 -1.20 10.99 -8.84
CA ASN A 71 -0.77 12.09 -7.97
C ASN A 71 0.01 13.08 -8.83
N ALA A 72 0.38 12.57 -10.02
CA ALA A 72 1.07 13.32 -11.07
C ALA A 72 -0.01 13.86 -11.97
N GLN A 73 -1.16 13.17 -11.88
CA GLN A 73 -2.37 13.49 -12.55
C GLN A 73 -3.07 14.51 -11.69
N LEU A 74 -2.89 14.29 -10.40
CA LEU A 74 -3.37 15.16 -9.33
C LEU A 74 -2.45 16.36 -9.25
N LYS A 75 -1.20 16.14 -9.64
CA LYS A 75 -0.17 17.17 -9.70
C LYS A 75 -0.37 17.89 -11.01
N LYS A 76 -1.05 17.15 -11.90
CA LYS A 76 -1.44 17.67 -13.21
C LYS A 76 -2.78 18.34 -13.08
N LYS A 77 -3.59 17.80 -12.16
CA LYS A 77 -4.90 18.36 -11.86
C LYS A 77 -4.77 19.44 -10.78
N LEU A 78 -3.63 19.41 -10.07
CA LEU A 78 -3.32 20.40 -9.03
C LEU A 78 -3.37 21.84 -9.54
N GLN A 79 -2.51 22.09 -10.52
CA GLN A 79 -2.38 23.39 -11.18
C GLN A 79 -3.43 23.59 -12.27
N ALA A 80 -3.64 22.53 -13.03
CA ALA A 80 -4.61 22.53 -14.13
C ALA A 80 -5.96 21.95 -13.69
N MET A 1 -5.38 25.67 1.04
CA MET A 1 -4.06 24.99 1.11
C MET A 1 -4.10 23.78 2.06
N GLN A 2 -5.25 23.57 2.69
CA GLN A 2 -5.46 22.45 3.60
C GLN A 2 -6.47 21.46 3.03
N ALA A 3 -7.01 21.79 1.86
CA ALA A 3 -8.04 20.98 1.19
C ALA A 3 -7.42 19.98 0.21
N LEU A 4 -6.40 20.47 -0.48
CA LEU A 4 -5.67 19.73 -1.48
C LEU A 4 -4.42 19.13 -0.87
N GLU A 5 -3.56 20.04 -0.40
CA GLU A 5 -2.26 19.73 0.23
C GLU A 5 -2.42 18.85 1.46
N LYS A 6 -3.54 19.02 2.15
CA LYS A 6 -3.84 18.22 3.35
C LYS A 6 -4.64 16.98 2.97
N GLU A 7 -5.11 16.98 1.72
CA GLU A 7 -5.83 15.85 1.11
C GLU A 7 -4.75 14.98 0.46
N LEU A 8 -3.64 15.67 0.24
CA LEU A 8 -2.41 15.18 -0.32
C LEU A 8 -1.56 14.72 0.85
N ALA A 9 -1.69 15.48 1.94
CA ALA A 9 -1.05 15.19 3.22
C ALA A 9 -1.86 14.11 3.92
N GLN A 10 -3.10 13.98 3.45
CA GLN A 10 -4.03 12.97 3.90
C GLN A 10 -3.82 11.77 2.98
N ASN A 11 -3.39 12.10 1.75
CA ASN A 11 -3.04 11.15 0.71
C ASN A 11 -1.63 10.69 0.98
N GLU A 12 -0.94 11.50 1.79
CA GLU A 12 0.37 11.27 2.29
C GLU A 12 0.19 10.40 3.52
N TRP A 13 -0.95 10.67 4.13
CA TRP A 13 -1.46 9.99 5.30
C TRP A 13 -2.12 8.68 4.85
N GLU A 14 -2.52 8.66 3.57
CA GLU A 14 -3.09 7.47 2.91
C GLU A 14 -1.95 6.76 2.24
N LEU A 15 -0.89 7.56 2.12
CA LEU A 15 0.41 7.14 1.61
C LEU A 15 1.17 6.57 2.80
N GLN A 16 0.75 7.06 3.96
CA GLN A 16 1.22 6.70 5.26
C GLN A 16 0.41 5.50 5.70
N ALA A 17 -0.85 5.56 5.27
CA ALA A 17 -1.84 4.50 5.47
C ALA A 17 -1.64 3.45 4.38
N LEU A 18 -0.90 3.88 3.33
CA LEU A 18 -0.49 3.04 2.22
C LEU A 18 0.81 2.39 2.68
N GLU A 19 1.54 3.22 3.42
CA GLU A 19 2.77 2.88 4.08
C GLU A 19 2.45 1.96 5.23
N LYS A 20 1.32 2.30 5.86
CA LYS A 20 0.71 1.56 6.96
C LYS A 20 -0.05 0.37 6.40
N GLU A 21 -0.29 0.44 5.08
CA GLU A 21 -0.91 -0.62 4.32
C GLU A 21 0.25 -1.50 3.89
N LEU A 22 1.38 -0.81 3.68
CA LEU A 22 2.66 -1.44 3.38
C LEU A 22 3.16 -2.06 4.66
N ALA A 23 2.97 -1.26 5.71
CA ALA A 23 3.32 -1.64 7.08
C ALA A 23 2.30 -2.62 7.65
N GLN A 24 1.16 -2.76 6.94
CA GLN A 24 0.07 -3.65 7.27
C GLN A 24 0.46 -5.09 6.93
N LEU A 25 1.34 -5.18 5.93
CA LEU A 25 1.89 -6.43 5.39
C LEU A 25 2.95 -6.92 6.33
N GLU A 26 3.66 -5.92 6.81
CA GLU A 26 4.70 -6.02 7.81
C GLU A 26 4.02 -6.13 9.15
N LYS A 27 2.77 -5.69 9.15
CA LYS A 27 1.90 -5.85 10.31
C LYS A 27 1.41 -7.28 10.28
N GLU A 28 1.40 -7.82 9.06
CA GLU A 28 1.04 -9.23 8.82
C GLU A 28 2.30 -10.07 8.83
N LEU A 29 3.34 -9.47 8.27
CA LEU A 29 4.65 -10.08 8.15
C LEU A 29 5.51 -9.94 9.39
N GLN A 30 5.71 -8.69 9.81
CA GLN A 30 6.60 -8.41 10.96
C GLN A 30 5.90 -8.52 12.32
N ALA A 31 4.70 -7.98 12.40
CA ALA A 31 3.91 -7.98 13.65
C ALA A 31 3.36 -9.36 14.03
N TRP A 32 3.56 -10.36 13.15
CA TRP A 32 3.09 -11.72 13.42
C TRP A 32 4.17 -12.55 14.14
N ASN A 33 5.42 -12.37 13.72
CA ASN A 33 6.55 -13.08 14.33
C ASN A 33 7.53 -12.11 14.97
N CYS A 34 8.05 -12.49 16.15
CA CYS A 34 9.00 -11.65 16.89
C CYS A 34 10.44 -12.03 16.57
N ILE A 35 10.71 -13.34 16.49
CA ILE A 35 12.05 -13.86 16.19
C ILE A 35 12.04 -14.67 14.89
N CYS A 36 13.04 -14.43 14.04
CA CYS A 36 13.17 -15.14 12.76
C CYS A 36 14.49 -15.89 12.69
N ASP A 37 14.39 -17.21 12.51
CA ASP A 37 15.58 -18.08 12.42
C ASP A 37 15.42 -19.07 11.25
N ILE A 38 14.22 -19.65 11.12
CA ILE A 38 13.92 -20.62 10.06
C ILE A 38 12.65 -20.24 9.30
N GLU A 39 11.59 -19.88 10.04
CA GLU A 39 10.32 -19.48 9.45
C GLU A 39 10.12 -17.97 9.53
N ASN A 40 9.74 -17.37 8.40
CA ASN A 40 9.51 -15.93 8.32
C ASN A 40 8.02 -15.62 8.15
N CYS A 41 7.32 -16.46 7.37
CA CYS A 41 5.88 -16.29 7.13
C CYS A 41 5.05 -17.11 8.11
N SER A 42 3.77 -16.73 8.25
CA SER A 42 2.84 -17.42 9.16
C SER A 42 2.14 -18.60 8.47
N ASN A 43 2.90 -19.29 7.59
CA ASN A 43 2.42 -20.47 6.82
C ASN A 43 1.32 -20.07 5.81
N MET A 44 0.09 -19.79 6.31
CA MET A 44 -1.07 -19.40 5.47
C MET A 44 -1.38 -20.45 4.38
N ALA A 45 -2.52 -20.27 3.68
CA ALA A 45 -2.93 -21.19 2.62
C ALA A 45 -3.24 -20.43 1.31
N PRO A 46 -2.22 -19.73 0.70
CA PRO A 46 -2.40 -18.99 -0.56
C PRO A 46 -2.21 -19.88 -1.79
N LEU A 47 -2.65 -19.38 -2.96
CA LEU A 47 -2.53 -20.11 -4.22
C LEU A 47 -1.27 -19.69 -4.99
N TYR A 48 -0.65 -18.60 -4.55
CA TYR A 48 0.55 -18.06 -5.20
C TYR A 48 1.61 -17.68 -4.15
N SER A 49 1.20 -16.87 -3.15
CA SER A 49 2.06 -16.39 -2.04
C SER A 49 3.13 -15.38 -2.48
N ASP A 50 3.81 -15.67 -3.59
CA ASP A 50 4.87 -14.80 -4.12
C ASP A 50 4.36 -13.88 -5.22
N GLN A 51 3.63 -14.48 -6.19
CA GLN A 51 3.05 -13.77 -7.32
C GLN A 51 1.77 -13.00 -6.91
N ALA A 52 1.33 -13.23 -5.67
CA ALA A 52 0.12 -12.58 -5.14
C ALA A 52 0.44 -11.47 -4.12
N LEU A 53 1.62 -11.53 -3.53
CA LEU A 53 2.04 -10.57 -2.52
C LEU A 53 2.91 -9.45 -3.12
N LYS A 54 4.13 -9.84 -3.51
CA LYS A 54 5.13 -8.94 -4.10
C LYS A 54 4.69 -8.39 -5.45
N LYS A 55 3.67 -9.03 -6.02
CA LYS A 55 3.10 -8.67 -7.28
C LYS A 55 1.88 -7.78 -7.08
N LYS A 56 1.10 -8.07 -6.02
CA LYS A 56 -0.07 -7.24 -5.67
C LYS A 56 0.41 -5.93 -5.03
N LEU A 57 1.69 -5.97 -4.68
CA LEU A 57 2.44 -4.88 -4.08
C LEU A 57 3.10 -4.15 -5.21
N ALA A 58 3.65 -4.95 -6.14
CA ALA A 58 4.28 -4.44 -7.36
C ALA A 58 3.22 -3.86 -8.31
N GLN A 59 1.95 -4.21 -8.02
CA GLN A 59 0.79 -3.74 -8.73
C GLN A 59 0.23 -2.54 -7.96
N LEU A 60 0.55 -2.53 -6.66
CA LEU A 60 0.17 -1.49 -5.70
C LEU A 60 1.09 -0.29 -5.91
N LYS A 61 2.37 -0.65 -6.07
CA LYS A 61 3.48 0.25 -6.34
C LYS A 61 3.34 0.76 -7.76
N TRP A 62 2.77 -0.12 -8.60
CA TRP A 62 2.45 0.19 -9.98
C TRP A 62 1.22 1.08 -9.94
N LYS A 63 0.39 0.80 -8.93
CA LYS A 63 -0.81 1.59 -8.66
C LYS A 63 -0.45 2.84 -7.86
N LEU A 64 0.77 2.84 -7.29
CA LEU A 64 1.34 3.94 -6.51
C LEU A 64 2.11 4.88 -7.44
N GLN A 65 2.40 4.33 -8.59
CA GLN A 65 3.08 4.98 -9.69
C GLN A 65 2.00 5.47 -10.62
N ALA A 66 0.84 4.84 -10.44
CA ALA A 66 -0.38 5.12 -11.18
C ALA A 66 -1.21 6.09 -10.38
N LEU A 67 -1.00 6.03 -9.05
CA LEU A 67 -1.65 6.91 -8.11
C LEU A 67 -0.78 8.15 -8.02
N LYS A 68 0.53 7.88 -8.00
CA LYS A 68 1.55 8.94 -8.03
C LYS A 68 1.51 9.62 -9.38
N LYS A 69 1.11 8.84 -10.40
CA LYS A 69 0.90 9.38 -11.75
C LYS A 69 -0.47 10.03 -11.78
N LYS A 70 -1.28 9.63 -10.79
CA LYS A 70 -2.61 10.15 -10.56
C LYS A 70 -2.50 11.33 -9.61
N ASN A 71 -1.40 11.29 -8.85
CA ASN A 71 -1.02 12.35 -7.90
C ASN A 71 -0.18 13.36 -8.68
N ALA A 72 0.28 12.90 -9.85
CA ALA A 72 1.05 13.68 -10.82
C ALA A 72 0.04 14.25 -11.79
N GLN A 73 -1.12 13.56 -11.80
CA GLN A 73 -2.29 13.91 -12.55
C GLN A 73 -3.05 14.91 -11.71
N LEU A 74 -2.96 14.63 -10.41
CA LEU A 74 -3.52 15.46 -9.35
C LEU A 74 -2.62 16.66 -9.17
N LYS A 75 -1.34 16.46 -9.46
CA LYS A 75 -0.32 17.50 -9.42
C LYS A 75 -0.40 18.23 -10.74
N LYS A 76 -1.02 17.52 -11.69
CA LYS A 76 -1.30 18.04 -13.02
C LYS A 76 -2.63 18.74 -12.96
N LYS A 77 -3.49 18.21 -12.09
CA LYS A 77 -4.80 18.79 -11.83
C LYS A 77 -4.70 19.87 -10.76
N LEU A 78 -3.59 19.82 -9.99
CA LEU A 78 -3.32 20.79 -8.93
C LEU A 78 -3.15 22.20 -9.50
N GLN A 79 -2.15 22.32 -10.37
CA GLN A 79 -1.82 23.57 -11.05
C GLN A 79 -2.62 23.75 -12.34
N ALA A 80 -2.73 22.66 -13.10
CA ALA A 80 -3.46 22.60 -14.39
C ALA A 80 -2.88 23.56 -15.43
N MET A 1 -8.28 25.76 0.47
CA MET A 1 -6.93 25.66 -0.16
C MET A 1 -6.06 24.65 0.58
N GLN A 2 -6.15 24.63 1.91
CA GLN A 2 -5.38 23.72 2.75
C GLN A 2 -6.14 22.42 3.01
N ALA A 3 -7.34 22.33 2.44
CA ALA A 3 -8.26 21.20 2.54
C ALA A 3 -8.02 20.23 1.39
N LEU A 4 -7.34 20.75 0.36
CA LEU A 4 -6.99 20.02 -0.84
C LEU A 4 -5.60 19.44 -0.62
N GLU A 5 -4.80 20.24 0.08
CA GLU A 5 -3.44 19.88 0.49
C GLU A 5 -3.54 19.00 1.72
N LYS A 6 -4.68 19.15 2.40
CA LYS A 6 -5.03 18.36 3.59
C LYS A 6 -5.67 17.05 3.17
N GLU A 7 -6.31 17.10 1.99
CA GLU A 7 -6.96 15.96 1.35
C GLU A 7 -5.87 15.16 0.65
N LEU A 8 -4.81 15.90 0.40
CA LEU A 8 -3.58 15.44 -0.19
C LEU A 8 -2.71 14.96 0.95
N ALA A 9 -2.96 15.58 2.12
CA ALA A 9 -2.31 15.26 3.39
C ALA A 9 -3.04 14.09 4.01
N GLN A 10 -4.30 13.94 3.56
CA GLN A 10 -5.17 12.84 3.91
C GLN A 10 -4.78 11.73 3.00
N ASN A 11 -4.45 12.20 1.79
CA ASN A 11 -3.95 11.37 0.70
C ASN A 11 -2.50 11.04 0.98
N GLU A 12 -1.88 11.87 1.83
CA GLU A 12 -0.51 11.65 2.31
C GLU A 12 -0.66 10.71 3.46
N TRP A 13 -1.83 10.87 4.05
CA TRP A 13 -2.31 10.04 5.16
C TRP A 13 -2.86 8.74 4.61
N GLU A 14 -3.22 8.78 3.31
CA GLU A 14 -3.68 7.59 2.55
C GLU A 14 -2.46 7.01 1.94
N LEU A 15 -1.46 7.88 1.92
CA LEU A 15 -0.11 7.58 1.48
C LEU A 15 0.62 6.96 2.67
N GLN A 16 0.24 7.47 3.84
CA GLN A 16 0.72 7.02 5.17
C GLN A 16 -0.07 5.82 5.53
N ALA A 17 -1.29 5.83 4.98
CA ALA A 17 -2.25 4.72 5.10
C ALA A 17 -1.91 3.72 4.02
N LEU A 18 -1.14 4.21 3.04
CA LEU A 18 -0.60 3.42 1.94
C LEU A 18 0.67 2.78 2.42
N GLU A 19 1.38 3.58 3.20
CA GLU A 19 2.63 3.17 3.89
C GLU A 19 2.25 2.37 5.11
N LYS A 20 1.05 2.69 5.56
CA LYS A 20 0.42 1.97 6.68
C LYS A 20 -0.21 0.70 6.11
N GLU A 21 -0.33 0.72 4.80
CA GLU A 21 -0.82 -0.40 4.02
C GLU A 21 0.39 -1.13 3.46
N LEU A 22 1.44 -0.34 3.23
CA LEU A 22 2.69 -0.81 2.70
C LEU A 22 3.67 -1.22 3.79
N ALA A 23 3.80 -0.36 4.80
CA ALA A 23 4.77 -0.59 5.89
C ALA A 23 4.20 -1.34 7.10
N GLN A 24 2.88 -1.49 7.19
CA GLN A 24 2.26 -2.19 8.32
C GLN A 24 2.03 -3.63 7.95
N LEU A 25 1.57 -3.77 6.72
CA LEU A 25 1.27 -5.03 6.04
C LEU A 25 2.56 -5.80 5.80
N GLU A 26 3.61 -5.00 5.70
CA GLU A 26 4.99 -5.39 5.55
C GLU A 26 5.49 -5.80 6.91
N LYS A 27 4.92 -5.09 7.88
CA LYS A 27 5.15 -5.31 9.30
C LYS A 27 4.30 -6.48 9.76
N GLU A 28 3.13 -6.61 9.13
CA GLU A 28 2.24 -7.77 9.38
C GLU A 28 2.85 -8.93 8.66
N LEU A 29 3.51 -8.55 7.56
CA LEU A 29 4.26 -9.48 6.73
C LEU A 29 5.52 -9.89 7.48
N GLN A 30 6.19 -8.88 8.04
CA GLN A 30 7.43 -9.08 8.82
C GLN A 30 7.17 -9.89 10.10
N ALA A 31 6.01 -9.64 10.67
CA ALA A 31 5.55 -10.30 11.91
C ALA A 31 5.43 -11.84 11.76
N TRP A 32 5.24 -12.30 10.52
CA TRP A 32 5.12 -13.72 10.22
C TRP A 32 6.48 -14.37 9.98
N ASN A 33 7.36 -13.65 9.23
CA ASN A 33 8.72 -14.11 8.89
C ASN A 33 8.71 -15.38 8.03
N CYS A 34 9.66 -15.44 7.08
CA CYS A 34 9.79 -16.59 6.18
C CYS A 34 11.23 -17.11 6.18
N ILE A 35 11.37 -18.42 6.36
CA ILE A 35 12.69 -19.08 6.38
C ILE A 35 12.74 -20.26 5.40
N CYS A 36 11.64 -21.01 5.30
CA CYS A 36 11.56 -22.16 4.40
C CYS A 36 10.79 -21.81 3.13
N ASP A 37 11.25 -22.35 2.00
CA ASP A 37 10.63 -22.11 0.70
C ASP A 37 9.69 -23.26 0.31
N ILE A 38 8.47 -22.90 -0.08
CA ILE A 38 7.46 -23.89 -0.47
C ILE A 38 7.17 -23.78 -1.99
N GLU A 39 6.73 -24.90 -2.58
CA GLU A 39 6.41 -24.97 -4.01
C GLU A 39 4.94 -24.61 -4.27
N ASN A 40 4.68 -24.03 -5.44
CA ASN A 40 3.33 -23.63 -5.82
C ASN A 40 2.66 -24.68 -6.72
N CYS A 41 1.35 -24.79 -6.60
CA CYS A 41 0.57 -25.74 -7.38
C CYS A 41 -0.55 -25.04 -8.16
N SER A 42 -1.06 -25.70 -9.21
CA SER A 42 -2.11 -25.14 -10.05
C SER A 42 -3.51 -25.44 -9.47
N ASN A 43 -4.07 -24.44 -8.78
CA ASN A 43 -5.40 -24.55 -8.15
C ASN A 43 -6.14 -23.22 -8.21
N MET A 44 -7.47 -23.27 -8.04
CA MET A 44 -8.31 -22.08 -8.07
C MET A 44 -8.47 -21.49 -6.66
N ALA A 45 -7.96 -20.26 -6.49
CA ALA A 45 -8.03 -19.57 -5.21
C ALA A 45 -8.52 -18.11 -5.38
N PRO A 46 -9.04 -17.44 -4.29
CA PRO A 46 -9.53 -16.05 -4.37
C PRO A 46 -8.39 -15.03 -4.58
N LEU A 47 -8.75 -13.74 -4.60
CA LEU A 47 -7.78 -12.65 -4.79
C LEU A 47 -6.95 -12.39 -3.53
N TYR A 48 -7.36 -13.01 -2.43
CA TYR A 48 -6.68 -12.86 -1.13
C TYR A 48 -5.93 -14.15 -0.78
N SER A 49 -4.62 -14.14 -1.06
CA SER A 49 -3.74 -15.29 -0.79
C SER A 49 -2.33 -14.82 -0.39
N ASP A 50 -1.36 -15.74 -0.46
CA ASP A 50 0.04 -15.44 -0.11
C ASP A 50 0.79 -14.81 -1.28
N GLN A 51 0.53 -15.34 -2.49
CA GLN A 51 1.15 -14.85 -3.72
C GLN A 51 0.29 -13.72 -4.34
N ALA A 52 -0.91 -13.55 -3.78
CA ALA A 52 -1.87 -12.53 -4.23
C ALA A 52 -1.64 -11.19 -3.50
N LEU A 53 -0.72 -11.20 -2.54
CA LEU A 53 -0.38 -10.07 -1.71
C LEU A 53 0.80 -9.33 -2.32
N LYS A 54 1.92 -10.07 -2.45
CA LYS A 54 3.17 -9.57 -3.06
C LYS A 54 2.96 -9.19 -4.53
N LYS A 55 1.81 -9.64 -5.05
CA LYS A 55 1.37 -9.37 -6.41
C LYS A 55 0.45 -8.17 -6.40
N LYS A 56 -0.36 -8.09 -5.33
CA LYS A 56 -1.27 -6.92 -5.12
C LYS A 56 -0.43 -5.72 -4.63
N LEU A 57 0.80 -6.06 -4.26
CA LEU A 57 1.83 -5.16 -3.79
C LEU A 57 2.64 -4.78 -5.00
N ALA A 58 2.97 -5.82 -5.79
CA ALA A 58 3.70 -5.64 -7.06
C ALA A 58 2.82 -4.91 -8.08
N GLN A 59 1.52 -4.89 -7.77
CA GLN A 59 0.51 -4.23 -8.55
C GLN A 59 0.29 -2.82 -7.98
N LEU A 60 0.57 -2.71 -6.67
CA LEU A 60 0.47 -1.47 -5.91
C LEU A 60 1.76 -0.65 -6.07
N LYS A 61 2.75 -1.36 -6.58
CA LYS A 61 4.08 -0.87 -6.88
C LYS A 61 4.08 -0.46 -8.33
N TRP A 62 3.26 -1.20 -9.08
CA TRP A 62 3.02 -0.96 -10.48
C TRP A 62 1.94 0.10 -10.59
N LYS A 63 1.07 0.11 -9.57
CA LYS A 63 0.00 1.11 -9.49
C LYS A 63 0.50 2.39 -8.83
N LEU A 64 1.64 2.29 -8.15
CA LEU A 64 2.31 3.42 -7.46
C LEU A 64 2.89 4.39 -8.47
N GLN A 65 3.05 3.86 -9.62
CA GLN A 65 3.56 4.52 -10.79
C GLN A 65 2.35 5.02 -11.56
N ALA A 66 1.24 4.40 -11.23
CA ALA A 66 -0.08 4.71 -11.78
C ALA A 66 -0.86 5.58 -10.83
N LEU A 67 -0.55 5.44 -9.53
CA LEU A 67 -1.20 6.18 -8.46
C LEU A 67 -0.36 7.39 -8.13
N LYS A 68 0.96 7.18 -8.13
CA LYS A 68 1.91 8.27 -7.89
C LYS A 68 2.08 9.07 -9.15
N LYS A 69 1.76 8.45 -10.31
CA LYS A 69 1.75 9.15 -11.58
C LYS A 69 0.40 9.85 -11.69
N LYS A 70 -0.52 9.35 -10.86
CA LYS A 70 -1.87 9.89 -10.71
C LYS A 70 -1.85 10.91 -9.59
N ASN A 71 -0.86 10.73 -8.70
CA ASN A 71 -0.61 11.63 -7.57
C ASN A 71 0.35 12.71 -8.03
N ALA A 72 0.99 12.42 -9.17
CA ALA A 72 1.90 13.31 -9.87
C ALA A 72 1.07 14.04 -10.90
N GLN A 73 -0.08 13.40 -11.19
CA GLN A 73 -1.09 13.89 -12.05
C GLN A 73 -1.96 14.80 -11.22
N LEU A 74 -2.10 14.34 -9.98
CA LEU A 74 -2.82 15.05 -8.92
C LEU A 74 -1.93 16.18 -8.43
N LYS A 75 -0.63 15.95 -8.53
CA LYS A 75 0.39 16.94 -8.16
C LYS A 75 0.55 17.85 -9.34
N LYS A 76 0.11 17.30 -10.49
CA LYS A 76 0.09 18.04 -11.75
C LYS A 76 -1.22 18.77 -11.82
N LYS A 77 -2.24 18.16 -11.21
CA LYS A 77 -3.56 18.76 -11.12
C LYS A 77 -3.65 19.65 -9.88
N LEU A 78 -2.69 19.46 -8.95
CA LEU A 78 -2.62 20.26 -7.73
C LEU A 78 -2.30 21.73 -8.04
N GLN A 79 -1.15 21.92 -8.65
CA GLN A 79 -0.66 23.24 -9.05
C GLN A 79 -1.16 23.64 -10.43
N ALA A 80 -1.11 22.68 -11.36
CA ALA A 80 -1.54 22.84 -12.77
C ALA A 80 -0.73 23.92 -13.50
N MET A 1 -4.57 26.01 1.58
CA MET A 1 -3.45 25.07 1.28
C MET A 1 -3.46 23.86 2.23
N GLN A 2 -4.55 23.71 2.99
CA GLN A 2 -4.72 22.63 3.94
C GLN A 2 -5.88 21.70 3.53
N ALA A 3 -6.57 22.08 2.45
CA ALA A 3 -7.74 21.34 1.97
C ALA A 3 -7.37 20.30 0.93
N LEU A 4 -6.49 20.72 0.02
CA LEU A 4 -6.01 19.92 -1.08
C LEU A 4 -4.68 19.25 -0.73
N GLU A 5 -3.76 20.10 -0.28
CA GLU A 5 -2.39 19.71 0.11
C GLU A 5 -2.37 18.83 1.34
N LYS A 6 -3.34 19.05 2.22
CA LYS A 6 -3.49 18.27 3.45
C LYS A 6 -4.41 17.08 3.22
N GLU A 7 -5.09 17.12 2.07
CA GLU A 7 -5.95 16.04 1.58
C GLU A 7 -5.05 15.11 0.78
N LEU A 8 -3.95 15.75 0.36
CA LEU A 8 -2.85 15.17 -0.38
C LEU A 8 -1.88 14.63 0.65
N ALA A 9 -1.73 15.43 1.72
CA ALA A 9 -0.91 15.09 2.88
C ALA A 9 -1.67 14.09 3.72
N GLN A 10 -2.98 14.04 3.44
CA GLN A 10 -3.90 13.10 4.02
C GLN A 10 -3.82 11.87 3.15
N ASN A 11 -3.49 12.15 1.88
CA ASN A 11 -3.27 11.15 0.82
C ASN A 11 -1.84 10.66 0.95
N GLU A 12 -1.04 11.48 1.64
CA GLU A 12 0.36 11.17 1.98
C GLU A 12 0.30 10.47 3.29
N TRP A 13 -0.83 10.74 3.93
CA TRP A 13 -1.23 10.14 5.21
C TRP A 13 -1.98 8.84 4.92
N GLU A 14 -2.57 8.77 3.71
CA GLU A 14 -3.28 7.56 3.22
C GLU A 14 -2.26 6.75 2.47
N LEU A 15 -1.22 7.47 2.12
CA LEU A 15 -0.02 6.96 1.47
C LEU A 15 0.84 6.37 2.57
N GLN A 16 0.77 7.08 3.70
CA GLN A 16 1.40 6.74 4.94
C GLN A 16 0.61 5.62 5.57
N ALA A 17 -0.69 5.71 5.34
CA ALA A 17 -1.69 4.72 5.75
C ALA A 17 -1.69 3.58 4.74
N LEU A 18 -1.11 3.91 3.56
CA LEU A 18 -0.91 2.96 2.47
C LEU A 18 0.40 2.26 2.79
N GLU A 19 1.28 3.08 3.38
CA GLU A 19 2.56 2.72 3.87
C GLU A 19 2.38 1.91 5.15
N LYS A 20 1.39 2.39 5.91
CA LYS A 20 0.93 1.76 7.14
C LYS A 20 0.03 0.58 6.80
N GLU A 21 -0.42 0.57 5.53
CA GLU A 21 -1.20 -0.50 4.95
C GLU A 21 -0.16 -1.47 4.41
N LEU A 22 0.96 -0.84 4.00
CA LEU A 22 2.14 -1.54 3.54
C LEU A 22 2.83 -2.09 4.78
N ALA A 23 2.84 -1.25 5.80
CA ALA A 23 3.39 -1.58 7.12
C ALA A 23 2.43 -2.47 7.90
N GLN A 24 1.18 -2.56 7.39
CA GLN A 24 0.12 -3.38 7.94
C GLN A 24 0.36 -4.85 7.62
N LEU A 25 1.04 -5.04 6.48
CA LEU A 25 1.41 -6.34 5.93
C LEU A 25 2.59 -6.82 6.71
N GLU A 26 3.53 -5.89 6.89
CA GLU A 26 4.74 -6.05 7.69
C GLU A 26 4.31 -6.09 9.14
N LYS A 27 3.11 -5.57 9.36
CA LYS A 27 2.46 -5.65 10.67
C LYS A 27 1.87 -7.04 10.78
N GLU A 28 1.59 -7.61 9.60
CA GLU A 28 1.11 -9.00 9.49
C GLU A 28 2.29 -9.92 9.25
N LEU A 29 3.22 -9.39 8.47
CA LEU A 29 4.44 -10.09 8.09
C LEU A 29 5.54 -10.02 9.14
N GLN A 30 5.87 -8.80 9.53
CA GLN A 30 6.98 -8.57 10.50
C GLN A 30 6.53 -8.64 11.96
N ALA A 31 5.43 -7.97 12.26
CA ALA A 31 4.89 -7.89 13.63
C ALA A 31 4.28 -9.22 14.13
N TRP A 32 3.73 -10.02 13.21
CA TRP A 32 3.12 -11.31 13.56
C TRP A 32 4.14 -12.45 13.53
N ASN A 33 5.03 -12.42 12.53
CA ASN A 33 6.07 -13.45 12.39
C ASN A 33 7.38 -12.99 13.01
N CYS A 34 7.92 -13.83 13.90
CA CYS A 34 9.17 -13.53 14.60
C CYS A 34 10.35 -14.33 14.03
N ILE A 35 10.10 -15.62 13.75
CA ILE A 35 11.14 -16.51 13.20
C ILE A 35 10.71 -17.08 11.84
N CYS A 36 11.47 -16.74 10.80
CA CYS A 36 11.22 -17.21 9.44
C CYS A 36 12.49 -17.73 8.80
N ASP A 37 12.42 -18.93 8.22
CA ASP A 37 13.57 -19.56 7.57
C ASP A 37 13.32 -19.76 6.07
N ILE A 38 12.15 -20.32 5.74
CA ILE A 38 11.78 -20.58 4.33
C ILE A 38 10.28 -20.39 4.09
N GLU A 39 9.46 -20.94 5.00
CA GLU A 39 8.00 -20.84 4.90
C GLU A 39 7.42 -20.13 6.11
N ASN A 40 6.31 -19.40 5.89
CA ASN A 40 5.63 -18.68 6.96
C ASN A 40 4.17 -19.13 7.10
N CYS A 41 3.64 -19.00 8.31
CA CYS A 41 2.25 -19.40 8.60
C CYS A 41 1.33 -18.20 8.56
N SER A 42 0.23 -18.33 7.80
CA SER A 42 -0.76 -17.25 7.67
C SER A 42 -2.09 -17.65 8.30
N ASN A 43 -2.83 -16.65 8.79
CA ASN A 43 -4.12 -16.87 9.42
C ASN A 43 -5.27 -16.63 8.44
N MET A 44 -5.20 -15.52 7.69
CA MET A 44 -6.22 -15.16 6.71
C MET A 44 -5.59 -14.74 5.39
N ALA A 45 -5.94 -15.46 4.32
CA ALA A 45 -5.42 -15.17 2.97
C ALA A 45 -6.57 -15.16 1.94
N PRO A 46 -6.96 -13.95 1.39
CA PRO A 46 -8.05 -13.85 0.39
C PRO A 46 -7.72 -14.59 -0.92
N LEU A 47 -6.88 -13.99 -1.77
CA LEU A 47 -6.49 -14.59 -3.06
C LEU A 47 -4.99 -14.52 -3.28
N TYR A 48 -4.37 -13.48 -2.72
CA TYR A 48 -2.93 -13.24 -2.83
C TYR A 48 -2.16 -13.90 -1.71
N SER A 49 -1.05 -14.56 -2.06
CA SER A 49 -0.19 -15.23 -1.08
C SER A 49 1.30 -15.08 -1.44
N ASP A 50 1.80 -15.87 -2.39
CA ASP A 50 3.21 -15.84 -2.79
C ASP A 50 3.46 -15.01 -4.05
N GLN A 51 2.90 -15.46 -5.19
CA GLN A 51 3.09 -14.79 -6.50
C GLN A 51 1.99 -13.76 -6.81
N ALA A 52 0.94 -13.73 -6.00
CA ALA A 52 -0.18 -12.81 -6.20
C ALA A 52 -0.15 -11.62 -5.21
N LEU A 53 0.79 -11.66 -4.26
CA LEU A 53 0.96 -10.65 -3.24
C LEU A 53 2.01 -9.64 -3.67
N LYS A 54 3.26 -10.12 -3.73
CA LYS A 54 4.42 -9.32 -4.15
C LYS A 54 4.25 -8.76 -5.58
N LYS A 55 3.25 -9.31 -6.27
CA LYS A 55 2.88 -8.93 -7.61
C LYS A 55 1.75 -7.92 -7.56
N LYS A 56 0.81 -8.15 -6.64
CA LYS A 56 -0.33 -7.21 -6.43
C LYS A 56 0.16 -5.96 -5.68
N LEU A 57 1.37 -6.11 -5.17
CA LEU A 57 2.12 -5.10 -4.43
C LEU A 57 2.98 -4.38 -5.43
N ALA A 58 3.59 -5.21 -6.29
CA ALA A 58 4.42 -4.71 -7.40
C ALA A 58 3.53 -4.00 -8.44
N GLN A 59 2.23 -4.27 -8.33
CA GLN A 59 1.20 -3.69 -9.14
C GLN A 59 0.62 -2.48 -8.39
N LEU A 60 0.75 -2.57 -7.06
CA LEU A 60 0.31 -1.55 -6.10
C LEU A 60 1.27 -0.36 -6.11
N LYS A 61 2.53 -0.72 -6.22
CA LYS A 61 3.67 0.16 -6.30
C LYS A 61 3.72 0.75 -7.70
N TRP A 62 3.24 -0.08 -8.63
CA TRP A 62 3.07 0.30 -10.02
C TRP A 62 1.84 1.17 -10.08
N LYS A 63 0.92 0.86 -9.15
CA LYS A 63 -0.31 1.65 -8.98
C LYS A 63 -0.03 2.85 -8.06
N LEU A 64 1.12 2.79 -7.37
CA LEU A 64 1.59 3.85 -6.47
C LEU A 64 2.42 4.88 -7.24
N GLN A 65 2.84 4.42 -8.40
CA GLN A 65 3.62 5.14 -9.37
C GLN A 65 2.61 5.70 -10.36
N ALA A 66 1.46 5.03 -10.33
CA ALA A 66 0.28 5.35 -11.11
C ALA A 66 -0.61 6.23 -10.26
N LEU A 67 -0.36 6.13 -8.94
CA LEU A 67 -1.01 6.94 -7.93
C LEU A 67 -0.21 8.23 -7.83
N LYS A 68 1.09 8.05 -7.98
CA LYS A 68 2.07 9.13 -8.00
C LYS A 68 1.99 9.81 -9.35
N LYS A 69 1.64 9.00 -10.36
CA LYS A 69 1.42 9.50 -11.71
C LYS A 69 0.03 10.11 -11.72
N LYS A 70 -0.82 9.62 -10.80
CA LYS A 70 -2.18 10.09 -10.58
C LYS A 70 -2.12 11.26 -9.62
N ASN A 71 -0.97 11.32 -8.91
CA ASN A 71 -0.64 12.42 -8.00
C ASN A 71 0.03 13.48 -8.87
N ALA A 72 0.41 13.01 -10.07
CA ALA A 72 1.00 13.80 -11.13
C ALA A 72 -0.14 14.25 -12.02
N GLN A 73 -1.23 13.45 -11.98
CA GLN A 73 -2.48 13.72 -12.67
C GLN A 73 -3.28 14.59 -11.77
N LEU A 74 -2.99 14.38 -10.48
CA LEU A 74 -3.57 15.15 -9.39
C LEU A 74 -2.82 16.46 -9.29
N LYS A 75 -1.53 16.39 -9.65
CA LYS A 75 -0.64 17.55 -9.70
C LYS A 75 -0.91 18.24 -11.02
N LYS A 76 -1.49 17.43 -11.92
CA LYS A 76 -1.91 17.90 -13.24
C LYS A 76 -3.30 18.46 -13.08
N LYS A 77 -4.04 17.85 -12.14
CA LYS A 77 -5.38 18.31 -11.80
C LYS A 77 -5.30 19.42 -10.76
N LEU A 78 -4.14 19.51 -10.08
CA LEU A 78 -3.90 20.55 -9.07
C LEU A 78 -3.78 21.93 -9.72
N GLN A 79 -2.80 22.04 -10.60
CA GLN A 79 -2.51 23.26 -11.36
C GLN A 79 -3.47 23.41 -12.54
N ALA A 80 -3.52 22.35 -13.34
CA ALA A 80 -4.37 22.26 -14.55
C ALA A 80 -4.04 23.35 -15.59
N MET A 1 -5.15 26.21 2.44
CA MET A 1 -4.10 25.26 1.98
C MET A 1 -4.04 24.01 2.86
N GLN A 2 -5.17 23.70 3.53
CA GLN A 2 -5.29 22.55 4.41
C GLN A 2 -6.37 21.58 3.93
N ALA A 3 -7.05 21.96 2.85
CA ALA A 3 -8.16 21.18 2.29
C ALA A 3 -7.68 20.19 1.24
N LEU A 4 -6.81 20.69 0.39
CA LEU A 4 -6.22 19.97 -0.71
C LEU A 4 -4.88 19.41 -0.29
N GLU A 5 -4.00 20.35 0.08
CA GLU A 5 -2.62 20.09 0.52
C GLU A 5 -2.55 19.14 1.70
N LYS A 6 -3.57 19.22 2.55
CA LYS A 6 -3.67 18.37 3.73
C LYS A 6 -4.51 17.13 3.44
N GLU A 7 -5.18 17.17 2.27
CA GLU A 7 -5.96 16.06 1.76
C GLU A 7 -5.01 15.21 0.91
N LEU A 8 -3.96 15.91 0.50
CA LEU A 8 -2.85 15.42 -0.27
C LEU A 8 -1.78 14.97 0.72
N ALA A 9 -1.78 15.68 1.85
CA ALA A 9 -0.90 15.38 2.99
C ALA A 9 -1.56 14.28 3.80
N GLN A 10 -2.87 14.16 3.57
CA GLN A 10 -3.70 13.13 4.15
C GLN A 10 -3.66 11.95 3.18
N ASN A 11 -3.48 12.32 1.91
CA ASN A 11 -3.34 11.38 0.79
C ASN A 11 -1.90 10.90 0.80
N GLU A 12 -1.08 11.72 1.48
CA GLU A 12 0.29 11.47 1.72
C GLU A 12 0.33 10.56 2.93
N TRP A 13 -0.65 10.86 3.78
CA TRP A 13 -0.92 10.12 5.01
C TRP A 13 -1.71 8.86 4.67
N GLU A 14 -2.31 8.86 3.46
CA GLU A 14 -3.01 7.70 2.90
C GLU A 14 -1.99 6.95 2.10
N LEU A 15 -0.95 7.72 1.83
CA LEU A 15 0.26 7.27 1.15
C LEU A 15 1.16 6.68 2.22
N GLN A 16 1.05 7.27 3.42
CA GLN A 16 1.76 6.86 4.64
C GLN A 16 0.95 5.77 5.26
N ALA A 17 -0.34 5.86 4.96
CA ALA A 17 -1.35 4.87 5.35
C ALA A 17 -1.33 3.77 4.31
N LEU A 18 -0.71 4.11 3.15
CA LEU A 18 -0.48 3.20 2.05
C LEU A 18 0.82 2.48 2.36
N GLU A 19 1.74 3.27 2.93
CA GLU A 19 3.05 2.80 3.40
C GLU A 19 2.83 2.07 4.69
N LYS A 20 1.81 2.55 5.40
CA LYS A 20 1.33 1.96 6.65
C LYS A 20 0.41 0.79 6.33
N GLU A 21 -0.07 0.80 5.07
CA GLU A 21 -0.87 -0.26 4.51
C GLU A 21 0.12 -1.26 3.96
N LEU A 22 1.25 -0.67 3.53
CA LEU A 22 2.40 -1.41 3.06
C LEU A 22 3.04 -2.01 4.30
N ALA A 23 3.10 -1.16 5.35
CA ALA A 23 3.63 -1.55 6.66
C ALA A 23 2.64 -2.46 7.38
N GLN A 24 1.40 -2.48 6.86
CA GLN A 24 0.31 -3.30 7.37
C GLN A 24 0.46 -4.74 6.88
N LEU A 25 1.12 -4.85 5.74
CA LEU A 25 1.41 -6.12 5.04
C LEU A 25 2.62 -6.77 5.66
N GLU A 26 3.38 -5.88 6.24
CA GLU A 26 4.59 -6.15 6.99
C GLU A 26 4.17 -6.37 8.42
N LYS A 27 3.00 -5.78 8.70
CA LYS A 27 2.31 -5.93 9.98
C LYS A 27 1.51 -7.22 9.93
N GLU A 28 0.99 -7.52 8.73
CA GLU A 28 0.27 -8.79 8.48
C GLU A 28 1.31 -9.86 8.42
N LEU A 29 2.45 -9.43 7.87
CA LEU A 29 3.63 -10.26 7.75
C LEU A 29 4.24 -10.52 9.14
N GLN A 30 4.33 -9.42 9.90
CA GLN A 30 4.89 -9.46 11.27
C GLN A 30 4.10 -10.33 12.21
N ALA A 31 2.94 -9.81 12.50
CA ALA A 31 1.94 -10.40 13.42
C ALA A 31 1.62 -11.87 13.12
N TRP A 32 1.83 -12.28 11.86
CA TRP A 32 1.57 -13.66 11.46
C TRP A 32 2.82 -14.54 11.59
N ASN A 33 3.95 -14.08 11.04
CA ASN A 33 5.21 -14.82 11.10
C ASN A 33 6.40 -13.88 11.27
N CYS A 34 7.16 -14.07 12.36
CA CYS A 34 8.34 -13.25 12.66
C CYS A 34 9.62 -13.97 12.22
N ILE A 35 9.77 -15.23 12.65
CA ILE A 35 10.94 -16.05 12.31
C ILE A 35 10.56 -17.52 12.16
N CYS A 36 10.39 -17.96 10.91
CA CYS A 36 10.02 -19.34 10.60
C CYS A 36 10.74 -19.84 9.35
N ASP A 37 11.02 -21.14 9.31
CA ASP A 37 11.70 -21.76 8.17
C ASP A 37 10.69 -22.46 7.24
N ILE A 38 9.70 -23.13 7.83
CA ILE A 38 8.67 -23.84 7.05
C ILE A 38 7.28 -23.61 7.67
N GLU A 39 6.37 -23.06 6.85
CA GLU A 39 5.00 -22.78 7.30
C GLU A 39 3.98 -23.35 6.31
N ASN A 40 2.84 -23.78 6.86
CA ASN A 40 1.76 -24.35 6.05
C ASN A 40 0.42 -23.68 6.39
N CYS A 41 -0.28 -23.23 5.35
CA CYS A 41 -1.57 -22.56 5.50
C CYS A 41 -2.63 -23.19 4.61
N SER A 42 -2.25 -23.52 3.36
CA SER A 42 -3.15 -24.14 2.35
C SER A 42 -4.32 -23.21 1.99
N ASN A 43 -4.43 -22.90 0.70
CA ASN A 43 -5.51 -22.02 0.20
C ASN A 43 -6.46 -22.79 -0.71
N MET A 44 -7.76 -22.64 -0.45
CA MET A 44 -8.80 -23.31 -1.23
C MET A 44 -9.43 -22.35 -2.24
N ALA A 45 -9.65 -21.09 -1.81
CA ALA A 45 -10.25 -20.07 -2.66
C ALA A 45 -9.30 -18.88 -2.90
N PRO A 46 -8.57 -18.34 -1.86
CA PRO A 46 -7.64 -17.21 -2.03
C PRO A 46 -6.36 -17.59 -2.78
N LEU A 47 -5.72 -16.58 -3.38
CA LEU A 47 -4.48 -16.78 -4.14
C LEU A 47 -3.31 -16.00 -3.51
N TYR A 48 -3.63 -15.13 -2.55
CA TYR A 48 -2.63 -14.29 -1.85
C TYR A 48 -1.65 -15.15 -1.04
N SER A 49 -0.39 -15.18 -1.51
CA SER A 49 0.68 -15.95 -0.84
C SER A 49 2.02 -15.20 -0.93
N ASP A 50 3.01 -15.81 -1.61
CA ASP A 50 4.35 -15.21 -1.75
C ASP A 50 4.49 -14.49 -3.10
N GLN A 51 4.12 -15.18 -4.18
CA GLN A 51 4.21 -14.63 -5.55
C GLN A 51 3.02 -13.71 -5.86
N ALA A 52 2.02 -13.72 -4.97
CA ALA A 52 0.83 -12.90 -5.11
C ALA A 52 0.86 -11.66 -4.21
N LEU A 53 1.90 -11.60 -3.36
CA LEU A 53 2.11 -10.53 -2.40
C LEU A 53 3.03 -9.48 -3.00
N LYS A 54 4.29 -9.90 -3.23
CA LYS A 54 5.34 -9.05 -3.83
C LYS A 54 4.91 -8.54 -5.21
N LYS A 55 3.86 -9.17 -5.74
CA LYS A 55 3.27 -8.85 -7.02
C LYS A 55 2.09 -7.92 -6.80
N LYS A 56 1.35 -8.16 -5.71
CA LYS A 56 0.20 -7.29 -5.32
C LYS A 56 0.73 -5.99 -4.72
N LEU A 57 2.02 -6.04 -4.42
CA LEU A 57 2.83 -4.96 -3.87
C LEU A 57 3.44 -4.25 -5.04
N ALA A 58 3.95 -5.08 -5.96
CA ALA A 58 4.53 -4.59 -7.23
C ALA A 58 3.44 -4.01 -8.13
N GLN A 59 2.19 -4.33 -7.78
CA GLN A 59 1.00 -3.86 -8.44
C GLN A 59 0.50 -2.63 -7.67
N LEU A 60 0.86 -2.62 -6.39
CA LEU A 60 0.55 -1.55 -5.44
C LEU A 60 1.48 -0.35 -5.67
N LYS A 61 2.71 -0.73 -6.00
CA LYS A 61 3.83 0.14 -6.33
C LYS A 61 3.63 0.64 -7.75
N TRP A 62 2.98 -0.22 -8.53
CA TRP A 62 2.59 0.07 -9.89
C TRP A 62 1.34 0.91 -9.82
N LYS A 63 0.57 0.65 -8.74
CA LYS A 63 -0.64 1.42 -8.44
C LYS A 63 -0.28 2.68 -7.65
N LEU A 64 0.97 2.69 -7.13
CA LEU A 64 1.55 3.80 -6.37
C LEU A 64 2.13 4.82 -7.34
N GLN A 65 2.70 4.26 -8.39
CA GLN A 65 3.28 4.94 -9.52
C GLN A 65 2.13 5.42 -10.41
N ALA A 66 0.99 4.77 -10.16
CA ALA A 66 -0.29 5.05 -10.80
C ALA A 66 -1.05 6.00 -9.90
N LEU A 67 -0.58 5.99 -8.63
CA LEU A 67 -1.06 6.87 -7.57
C LEU A 67 -0.27 8.16 -7.71
N LYS A 68 1.00 7.97 -8.01
CA LYS A 68 1.96 9.04 -8.26
C LYS A 68 1.71 9.60 -9.64
N LYS A 69 1.19 8.74 -10.52
CA LYS A 69 0.76 9.17 -11.85
C LYS A 69 -0.64 9.74 -11.72
N LYS A 70 -1.26 9.42 -10.56
CA LYS A 70 -2.56 9.91 -10.16
C LYS A 70 -2.34 11.17 -9.32
N ASN A 71 -1.12 11.24 -8.76
CA ASN A 71 -0.64 12.37 -7.97
C ASN A 71 0.04 13.35 -8.93
N ALA A 72 0.32 12.82 -10.13
CA ALA A 72 0.90 13.55 -11.24
C ALA A 72 -0.27 14.01 -12.07
N GLN A 73 -1.39 13.29 -11.86
CA GLN A 73 -2.67 13.55 -12.44
C GLN A 73 -3.33 14.58 -11.57
N LEU A 74 -3.03 14.41 -10.27
CA LEU A 74 -3.46 15.30 -9.20
C LEU A 74 -2.58 16.53 -9.23
N LYS A 75 -1.35 16.33 -9.73
CA LYS A 75 -0.38 17.40 -9.90
C LYS A 75 -0.72 18.06 -11.22
N LYS A 76 -1.44 17.28 -12.02
CA LYS A 76 -1.94 17.73 -13.31
C LYS A 76 -3.30 18.36 -13.09
N LYS A 77 -4.02 17.82 -12.09
CA LYS A 77 -5.31 18.34 -11.71
C LYS A 77 -5.14 19.44 -10.66
N LEU A 78 -3.94 19.50 -10.05
CA LEU A 78 -3.61 20.51 -9.04
C LEU A 78 -3.77 21.94 -9.58
N GLN A 79 -3.01 22.23 -10.63
CA GLN A 79 -3.02 23.52 -11.30
C GLN A 79 -4.16 23.63 -12.31
N ALA A 80 -4.38 22.55 -13.03
CA ALA A 80 -5.44 22.47 -14.04
C ALA A 80 -6.71 21.85 -13.48
N MET A 1 -4.12 26.55 2.44
CA MET A 1 -3.25 25.48 1.87
C MET A 1 -3.19 24.26 2.80
N GLN A 2 -4.26 24.05 3.56
CA GLN A 2 -4.38 22.94 4.48
C GLN A 2 -5.61 22.07 4.16
N ALA A 3 -6.34 22.46 3.12
CA ALA A 3 -7.56 21.77 2.71
C ALA A 3 -7.29 20.70 1.66
N LEU A 4 -6.48 21.09 0.67
CA LEU A 4 -6.09 20.27 -0.44
C LEU A 4 -4.74 19.63 -0.17
N GLU A 5 -3.80 20.49 0.23
CA GLU A 5 -2.41 20.11 0.54
C GLU A 5 -2.33 19.19 1.74
N LYS A 6 -3.26 19.37 2.65
CA LYS A 6 -3.35 18.57 3.87
C LYS A 6 -4.31 17.39 3.66
N GLU A 7 -5.03 17.45 2.53
CA GLU A 7 -5.93 16.38 2.08
C GLU A 7 -5.09 15.43 1.24
N LEU A 8 -4.03 16.04 0.74
CA LEU A 8 -3.00 15.43 -0.06
C LEU A 8 -1.92 14.94 0.88
N ALA A 9 -1.80 15.68 1.98
CA ALA A 9 -0.89 15.36 3.09
C ALA A 9 -1.59 14.34 3.97
N GLN A 10 -2.92 14.31 3.80
CA GLN A 10 -3.81 13.37 4.46
C GLN A 10 -3.88 12.16 3.55
N ASN A 11 -3.72 12.45 2.25
CA ASN A 11 -3.69 11.46 1.18
C ASN A 11 -2.28 10.88 1.15
N GLU A 12 -1.37 11.66 1.76
CA GLU A 12 -0.01 11.33 1.97
C GLU A 12 0.04 10.51 3.24
N TRP A 13 -0.92 10.90 4.08
CA TRP A 13 -1.19 10.26 5.38
C TRP A 13 -2.01 9.00 5.14
N GLU A 14 -2.69 8.98 3.98
CA GLU A 14 -3.48 7.82 3.51
C GLU A 14 -2.54 7.01 2.66
N LEU A 15 -1.50 7.72 2.26
CA LEU A 15 -0.37 7.18 1.50
C LEU A 15 0.61 6.61 2.52
N GLN A 16 0.50 7.19 3.72
CA GLN A 16 1.23 6.84 4.89
C GLN A 16 0.47 5.71 5.55
N ALA A 17 -0.84 5.83 5.37
CA ALA A 17 -1.82 4.85 5.80
C ALA A 17 -1.90 3.78 4.73
N LEU A 18 -1.37 4.13 3.55
CA LEU A 18 -1.23 3.21 2.42
C LEU A 18 0.11 2.53 2.60
N GLU A 19 0.97 3.27 3.31
CA GLU A 19 2.28 2.87 3.69
C GLU A 19 2.14 2.02 4.93
N LYS A 20 1.19 2.47 5.75
CA LYS A 20 0.78 1.82 6.99
C LYS A 20 -0.15 0.66 6.65
N GLU A 21 -0.66 0.69 5.40
CA GLU A 21 -1.48 -0.36 4.83
C GLU A 21 -0.48 -1.31 4.21
N LEU A 22 0.63 -0.68 3.78
CA LEU A 22 1.78 -1.36 3.23
C LEU A 22 2.53 -1.97 4.41
N ALA A 23 2.58 -1.15 5.47
CA ALA A 23 3.20 -1.52 6.75
C ALA A 23 2.26 -2.42 7.55
N GLN A 24 1.00 -2.50 7.09
CA GLN A 24 -0.05 -3.33 7.67
C GLN A 24 0.23 -4.80 7.37
N LEU A 25 0.85 -4.98 6.20
CA LEU A 25 1.26 -6.28 5.65
C LEU A 25 2.45 -6.75 6.43
N GLU A 26 3.40 -5.84 6.51
CA GLU A 26 4.62 -5.94 7.29
C GLU A 26 4.24 -5.95 8.76
N LYS A 27 3.04 -5.44 8.99
CA LYS A 27 2.43 -5.48 10.34
C LYS A 27 1.80 -6.85 10.50
N GLU A 28 1.45 -7.44 9.35
CA GLU A 28 0.91 -8.81 9.30
C GLU A 28 2.05 -9.78 9.14
N LEU A 29 2.99 -9.36 8.28
CA LEU A 29 4.17 -10.17 7.97
C LEU A 29 5.34 -9.95 8.90
N GLN A 30 5.76 -8.70 9.02
CA GLN A 30 6.95 -8.37 9.84
C GLN A 30 6.66 -8.39 11.34
N ALA A 31 5.53 -7.84 11.71
CA ALA A 31 5.09 -7.76 13.12
C ALA A 31 4.59 -9.11 13.67
N TRP A 32 4.53 -10.13 12.80
CA TRP A 32 4.08 -11.48 13.18
C TRP A 32 5.12 -12.19 14.05
N ASN A 33 6.42 -11.93 13.76
CA ASN A 33 7.56 -12.51 14.50
C ASN A 33 7.64 -14.04 14.37
N CYS A 34 8.82 -14.54 14.01
CA CYS A 34 9.07 -15.97 13.85
C CYS A 34 10.36 -16.37 14.55
N ILE A 35 10.27 -17.41 15.39
CA ILE A 35 11.43 -17.91 16.14
C ILE A 35 11.88 -19.29 15.64
N CYS A 36 10.91 -20.17 15.37
CA CYS A 36 11.19 -21.52 14.89
C CYS A 36 10.27 -21.88 13.72
N ASP A 37 10.81 -22.67 12.78
CA ASP A 37 10.06 -23.11 11.60
C ASP A 37 9.54 -24.54 11.78
N ILE A 38 8.20 -24.68 11.78
CA ILE A 38 7.55 -25.97 11.95
C ILE A 38 6.34 -26.10 10.99
N GLU A 39 6.08 -27.33 10.54
CA GLU A 39 4.97 -27.59 9.63
C GLU A 39 3.78 -28.19 10.39
N ASN A 40 2.61 -27.56 10.22
CA ASN A 40 1.38 -28.00 10.89
C ASN A 40 0.23 -28.09 9.88
N CYS A 41 -0.78 -28.91 10.23
CA CYS A 41 -1.96 -29.10 9.37
C CYS A 41 -3.07 -28.12 9.73
N SER A 42 -3.25 -27.10 8.87
CA SER A 42 -4.28 -26.08 9.08
C SER A 42 -4.94 -25.70 7.75
N ASN A 43 -6.17 -25.18 7.83
CA ASN A 43 -6.93 -24.77 6.65
C ASN A 43 -6.70 -23.29 6.35
N MET A 44 -6.21 -23.00 5.15
CA MET A 44 -5.93 -21.63 4.72
C MET A 44 -7.01 -21.13 3.77
N ALA A 45 -7.27 -19.82 3.81
CA ALA A 45 -8.27 -19.19 2.95
C ALA A 45 -7.64 -18.22 1.94
N PRO A 46 -6.69 -17.30 2.34
CA PRO A 46 -6.06 -16.34 1.41
C PRO A 46 -4.98 -16.98 0.54
N LEU A 47 -4.80 -16.41 -0.66
CA LEU A 47 -3.80 -16.89 -1.62
C LEU A 47 -2.64 -15.91 -1.77
N TYR A 48 -2.81 -14.71 -1.22
CA TYR A 48 -1.79 -13.65 -1.27
C TYR A 48 -0.62 -13.94 -0.31
N SER A 49 0.47 -14.49 -0.87
CA SER A 49 1.66 -14.82 -0.07
C SER A 49 2.97 -14.70 -0.86
N ASP A 50 3.13 -15.57 -1.88
CA ASP A 50 4.36 -15.59 -2.69
C ASP A 50 4.23 -14.82 -4.02
N GLN A 51 3.45 -15.39 -4.95
CA GLN A 51 3.27 -14.80 -6.29
C GLN A 51 2.09 -13.83 -6.37
N ALA A 52 1.27 -13.77 -5.32
CA ALA A 52 0.11 -12.87 -5.29
C ALA A 52 0.31 -11.69 -4.35
N LEU A 53 1.40 -11.69 -3.59
CA LEU A 53 1.73 -10.65 -2.64
C LEU A 53 2.70 -9.66 -3.26
N LYS A 54 3.94 -10.14 -3.46
CA LYS A 54 5.04 -9.35 -4.04
C LYS A 54 4.74 -8.88 -5.47
N LYS A 55 3.69 -9.47 -6.05
CA LYS A 55 3.23 -9.16 -7.38
C LYS A 55 2.08 -8.16 -7.30
N LYS A 56 1.21 -8.36 -6.29
CA LYS A 56 0.08 -7.42 -6.06
C LYS A 56 0.59 -6.14 -5.38
N LEU A 57 1.84 -6.24 -4.92
CA LEU A 57 2.59 -5.19 -4.26
C LEU A 57 3.38 -4.51 -5.34
N ALA A 58 3.95 -5.37 -6.20
CA ALA A 58 4.70 -4.92 -7.39
C ALA A 58 3.76 -4.23 -8.38
N GLN A 59 2.47 -4.51 -8.20
CA GLN A 59 1.39 -3.96 -8.96
C GLN A 59 0.86 -2.73 -8.22
N LEU A 60 1.08 -2.75 -6.89
CA LEU A 60 0.70 -1.67 -5.97
C LEU A 60 1.81 -0.61 -5.95
N LYS A 61 2.92 -1.01 -6.55
CA LYS A 61 4.14 -0.23 -6.71
C LYS A 61 4.05 0.41 -8.08
N TRP A 62 3.39 -0.35 -8.96
CA TRP A 62 3.11 0.04 -10.32
C TRP A 62 1.82 0.85 -10.30
N LYS A 63 0.96 0.50 -9.32
CA LYS A 63 -0.30 1.25 -9.11
C LYS A 63 -0.01 2.50 -8.29
N LEU A 64 1.20 2.52 -7.71
CA LEU A 64 1.72 3.63 -6.91
C LEU A 64 2.31 4.70 -7.82
N GLN A 65 2.81 4.21 -8.93
CA GLN A 65 3.38 4.94 -10.04
C GLN A 65 2.22 5.40 -10.92
N ALA A 66 1.12 4.69 -10.69
CA ALA A 66 -0.18 4.94 -11.33
C ALA A 66 -0.96 5.83 -10.39
N LEU A 67 -0.48 5.81 -9.13
CA LEU A 67 -0.98 6.63 -8.04
C LEU A 67 -0.20 7.94 -8.11
N LYS A 68 1.08 7.77 -8.40
CA LYS A 68 2.03 8.86 -8.58
C LYS A 68 1.78 9.49 -9.94
N LYS A 69 1.25 8.67 -10.86
CA LYS A 69 0.83 9.14 -12.18
C LYS A 69 -0.57 9.72 -12.02
N LYS A 70 -1.19 9.34 -10.89
CA LYS A 70 -2.49 9.81 -10.45
C LYS A 70 -2.26 11.02 -9.56
N ASN A 71 -1.04 11.06 -9.00
CA ASN A 71 -0.56 12.15 -8.15
C ASN A 71 0.13 13.16 -9.06
N ALA A 72 0.40 12.69 -10.29
CA ALA A 72 0.98 13.46 -11.38
C ALA A 72 -0.19 13.99 -12.18
N GLN A 73 -1.32 13.26 -11.99
CA GLN A 73 -2.60 13.56 -12.54
C GLN A 73 -3.24 14.56 -11.62
N LEU A 74 -2.93 14.33 -10.33
CA LEU A 74 -3.35 15.18 -9.22
C LEU A 74 -2.44 16.39 -9.20
N LYS A 75 -1.22 16.19 -9.70
CA LYS A 75 -0.22 17.25 -9.84
C LYS A 75 -0.55 17.98 -11.11
N LYS A 76 -1.31 17.25 -11.95
CA LYS A 76 -1.80 17.77 -13.21
C LYS A 76 -3.15 18.41 -12.95
N LYS A 77 -3.86 17.83 -11.97
CA LYS A 77 -5.14 18.36 -11.54
C LYS A 77 -4.94 19.44 -10.48
N LEU A 78 -3.74 19.43 -9.87
CA LEU A 78 -3.36 20.41 -8.84
C LEU A 78 -3.48 21.85 -9.35
N GLN A 79 -2.72 22.13 -10.40
CA GLN A 79 -2.69 23.43 -11.05
C GLN A 79 -3.85 23.62 -12.03
N ALA A 80 -4.14 22.56 -12.77
CA ALA A 80 -5.22 22.55 -13.75
C ALA A 80 -6.50 21.94 -13.17
N MET A 1 -4.85 25.81 -0.96
CA MET A 1 -3.71 25.59 -0.02
C MET A 1 -4.21 24.97 1.29
N GLN A 2 -3.35 24.12 1.90
CA GLN A 2 -3.62 23.41 3.14
C GLN A 2 -4.91 22.54 3.13
N ALA A 3 -5.70 22.68 2.06
CA ALA A 3 -6.94 21.92 1.87
C ALA A 3 -6.68 20.68 1.03
N LEU A 4 -5.88 20.91 -0.01
CA LEU A 4 -5.48 19.93 -1.01
C LEU A 4 -4.16 19.33 -0.60
N GLU A 5 -3.30 20.20 -0.07
CA GLU A 5 -1.96 19.85 0.42
C GLU A 5 -2.08 19.00 1.68
N LYS A 6 -3.20 19.21 2.36
CA LYS A 6 -3.55 18.46 3.57
C LYS A 6 -4.38 17.25 3.19
N GLU A 7 -4.88 17.28 1.95
CA GLU A 7 -5.65 16.19 1.34
C GLU A 7 -4.62 15.29 0.66
N LEU A 8 -3.46 15.92 0.45
CA LEU A 8 -2.26 15.37 -0.13
C LEU A 8 -1.45 14.83 1.03
N ALA A 9 -1.54 15.58 2.14
CA ALA A 9 -0.93 15.25 3.42
C ALA A 9 -1.79 14.20 4.09
N GLN A 10 -3.05 14.15 3.61
CA GLN A 10 -4.04 13.17 4.02
C GLN A 10 -3.87 11.98 3.10
N ASN A 11 -3.41 12.32 1.88
CA ASN A 11 -3.10 11.37 0.81
C ASN A 11 -1.71 10.81 1.10
N GLU A 12 -1.00 11.58 1.94
CA GLU A 12 0.29 11.26 2.45
C GLU A 12 0.06 10.41 3.67
N TRP A 13 -1.09 10.75 4.28
CA TRP A 13 -1.64 10.08 5.45
C TRP A 13 -2.34 8.80 5.00
N GLU A 14 -2.74 8.81 3.71
CA GLU A 14 -3.36 7.64 3.04
C GLU A 14 -2.24 6.89 2.40
N LEU A 15 -1.15 7.64 2.27
CA LEU A 15 0.13 7.15 1.78
C LEU A 15 0.88 6.57 2.97
N GLN A 16 0.47 7.08 4.13
CA GLN A 16 0.93 6.71 5.43
C GLN A 16 0.07 5.54 5.85
N ALA A 17 -1.17 5.62 5.39
CA ALA A 17 -2.19 4.59 5.55
C ALA A 17 -1.98 3.56 4.47
N LEU A 18 -1.21 3.99 3.43
CA LEU A 18 -0.79 3.14 2.33
C LEU A 18 0.50 2.49 2.79
N GLU A 19 1.16 3.22 3.69
CA GLU A 19 2.37 2.84 4.34
C GLU A 19 2.00 1.93 5.49
N LYS A 20 0.87 2.30 6.10
CA LYS A 20 0.23 1.57 7.18
C LYS A 20 -0.53 0.39 6.61
N GLU A 21 -0.77 0.48 5.28
CA GLU A 21 -1.40 -0.58 4.50
C GLU A 21 -0.24 -1.45 4.05
N LEU A 22 0.90 -0.76 3.89
CA LEU A 22 2.17 -1.36 3.57
C LEU A 22 2.69 -1.99 4.84
N ALA A 23 2.49 -1.23 5.92
CA ALA A 23 2.86 -1.65 7.28
C ALA A 23 1.85 -2.65 7.82
N GLN A 24 0.71 -2.77 7.12
CA GLN A 24 -0.37 -3.68 7.42
C GLN A 24 0.04 -5.12 7.09
N LEU A 25 0.96 -5.21 6.13
CA LEU A 25 1.54 -6.45 5.63
C LEU A 25 2.60 -6.87 6.59
N GLU A 26 3.40 -5.86 6.95
CA GLU A 26 4.45 -5.92 7.95
C GLU A 26 3.77 -6.08 9.29
N LYS A 27 2.51 -5.68 9.31
CA LYS A 27 1.65 -5.89 10.48
C LYS A 27 1.24 -7.35 10.46
N GLU A 28 1.24 -7.90 9.24
CA GLU A 28 0.97 -9.32 9.02
C GLU A 28 2.29 -10.09 8.95
N LEU A 29 3.25 -9.42 8.32
CA LEU A 29 4.58 -9.95 8.10
C LEU A 29 5.53 -9.76 9.27
N GLN A 30 5.71 -8.51 9.69
CA GLN A 30 6.65 -8.17 10.77
C GLN A 30 6.09 -8.46 12.18
N ALA A 31 4.85 -8.11 12.39
CA ALA A 31 4.15 -8.31 13.68
C ALA A 31 3.91 -9.79 14.02
N TRP A 32 4.09 -10.67 13.02
CA TRP A 32 3.90 -12.11 13.22
C TRP A 32 5.23 -12.81 13.57
N ASN A 33 6.35 -12.07 13.40
CA ASN A 33 7.73 -12.54 13.68
C ASN A 33 8.08 -13.92 13.08
N CYS A 34 7.47 -14.99 13.59
CA CYS A 34 7.73 -16.35 13.10
C CYS A 34 6.71 -16.79 12.07
N ILE A 35 7.18 -17.07 10.85
CA ILE A 35 6.34 -17.53 9.75
C ILE A 35 7.11 -18.47 8.81
N CYS A 36 8.29 -18.02 8.37
CA CYS A 36 9.16 -18.81 7.49
C CYS A 36 10.62 -18.64 7.89
N ASP A 37 11.36 -19.76 7.93
CA ASP A 37 12.77 -19.74 8.30
C ASP A 37 13.67 -19.82 7.06
N ILE A 38 14.23 -18.66 6.68
CA ILE A 38 15.13 -18.48 5.52
C ILE A 38 14.60 -19.13 4.20
N GLU A 39 14.60 -20.46 4.12
CA GLU A 39 14.12 -21.19 2.94
C GLU A 39 12.87 -22.00 3.27
N ASN A 40 12.07 -22.29 2.22
CA ASN A 40 10.84 -23.06 2.37
C ASN A 40 11.09 -24.55 2.15
N CYS A 41 10.36 -25.37 2.92
CA CYS A 41 10.50 -26.84 2.82
C CYS A 41 9.40 -27.45 1.95
N SER A 42 8.16 -26.97 2.14
CA SER A 42 7.01 -27.45 1.38
C SER A 42 6.33 -26.32 0.62
N ASN A 43 5.88 -26.63 -0.61
CA ASN A 43 5.21 -25.66 -1.46
C ASN A 43 3.89 -26.22 -1.99
N MET A 44 2.82 -25.43 -1.85
CA MET A 44 1.49 -25.83 -2.30
C MET A 44 0.85 -24.77 -3.20
N ALA A 45 1.05 -23.49 -2.83
CA ALA A 45 0.51 -22.36 -3.58
C ALA A 45 1.53 -21.83 -4.61
N PRO A 46 1.19 -21.86 -5.94
CA PRO A 46 2.11 -21.36 -7.01
C PRO A 46 2.55 -19.89 -6.83
N LEU A 47 1.62 -18.95 -7.06
CA LEU A 47 1.92 -17.52 -6.93
C LEU A 47 1.08 -16.86 -5.83
N TYR A 48 0.08 -17.58 -5.33
CA TYR A 48 -0.82 -17.09 -4.27
C TYR A 48 -0.21 -17.28 -2.88
N SER A 49 -0.49 -16.30 -1.99
CA SER A 49 -0.02 -16.29 -0.58
C SER A 49 1.50 -16.08 -0.43
N ASP A 50 2.28 -16.53 -1.43
CA ASP A 50 3.74 -16.39 -1.38
C ASP A 50 4.23 -15.18 -2.18
N GLN A 51 4.09 -15.23 -3.51
CA GLN A 51 4.52 -14.14 -4.39
C GLN A 51 3.40 -13.15 -4.70
N ALA A 52 2.17 -13.50 -4.30
CA ALA A 52 0.96 -12.68 -4.54
C ALA A 52 0.99 -11.32 -3.80
N LEU A 53 2.02 -11.12 -2.97
CA LEU A 53 2.22 -9.90 -2.20
C LEU A 53 3.14 -8.98 -2.97
N LYS A 54 4.37 -9.46 -3.10
CA LYS A 54 5.45 -8.78 -3.86
C LYS A 54 5.00 -8.48 -5.31
N LYS A 55 3.92 -9.15 -5.71
CA LYS A 55 3.30 -9.03 -7.01
C LYS A 55 2.16 -8.03 -6.92
N LYS A 56 1.42 -8.10 -5.80
CA LYS A 56 0.32 -7.15 -5.52
C LYS A 56 0.89 -5.79 -5.11
N LEU A 57 2.19 -5.85 -4.83
CA LEU A 57 3.03 -4.72 -4.45
C LEU A 57 3.65 -4.20 -5.71
N ALA A 58 4.10 -5.16 -6.52
CA ALA A 58 4.67 -4.87 -7.85
C ALA A 58 3.59 -4.29 -8.76
N GLN A 59 2.33 -4.53 -8.34
CA GLN A 59 1.14 -4.04 -8.99
C GLN A 59 0.72 -2.74 -8.30
N LEU A 60 1.13 -2.64 -7.03
CA LEU A 60 0.88 -1.48 -6.17
C LEU A 60 1.98 -0.43 -6.40
N LYS A 61 2.99 -0.88 -7.13
CA LYS A 61 4.16 -0.12 -7.54
C LYS A 61 3.85 0.42 -8.92
N TRP A 62 3.02 -0.38 -9.60
CA TRP A 62 2.49 -0.06 -10.91
C TRP A 62 1.26 0.80 -10.68
N LYS A 63 0.63 0.55 -9.51
CA LYS A 63 -0.53 1.35 -9.07
C LYS A 63 -0.04 2.60 -8.32
N LEU A 64 1.27 2.57 -7.97
CA LEU A 64 1.96 3.66 -7.26
C LEU A 64 2.38 4.77 -8.22
N GLN A 65 2.72 4.28 -9.38
CA GLN A 65 3.13 5.01 -10.56
C GLN A 65 1.85 5.47 -11.26
N ALA A 66 0.79 4.77 -10.87
CA ALA A 66 -0.58 5.02 -11.31
C ALA A 66 -1.21 5.92 -10.27
N LEU A 67 -0.55 5.90 -9.10
CA LEU A 67 -0.86 6.73 -7.95
C LEU A 67 -0.10 8.03 -8.15
N LYS A 68 1.12 7.84 -8.66
CA LYS A 68 2.05 8.90 -9.00
C LYS A 68 1.60 9.55 -10.29
N LYS A 69 0.91 8.73 -11.12
CA LYS A 69 0.29 9.23 -12.35
C LYS A 69 -1.05 9.83 -11.96
N LYS A 70 -1.48 9.46 -10.74
CA LYS A 70 -2.69 9.94 -10.10
C LYS A 70 -2.31 11.16 -9.26
N ASN A 71 -1.02 11.17 -8.89
CA ASN A 71 -0.39 12.26 -8.15
C ASN A 71 0.14 13.27 -9.15
N ALA A 72 0.22 12.78 -10.40
CA ALA A 72 0.62 13.55 -11.58
C ALA A 72 -0.65 14.08 -12.18
N GLN A 73 -1.74 13.37 -11.82
CA GLN A 73 -3.08 13.67 -12.18
C GLN A 73 -3.57 14.68 -11.17
N LEU A 74 -3.08 14.45 -9.95
CA LEU A 74 -3.30 15.31 -8.79
C LEU A 74 -2.41 16.53 -8.92
N LYS A 75 -1.29 16.32 -9.61
CA LYS A 75 -0.33 17.37 -9.91
C LYS A 75 -0.84 18.07 -11.14
N LYS A 76 -1.71 17.33 -11.84
CA LYS A 76 -2.40 17.83 -13.02
C LYS A 76 -3.67 18.49 -12.58
N LYS A 77 -4.24 17.93 -11.49
CA LYS A 77 -5.44 18.47 -10.89
C LYS A 77 -5.06 19.57 -9.91
N LEU A 78 -3.78 19.59 -9.51
CA LEU A 78 -3.23 20.61 -8.61
C LEU A 78 -3.44 22.03 -9.14
N GLN A 79 -2.88 22.27 -10.31
CA GLN A 79 -2.95 23.55 -11.00
C GLN A 79 -4.26 23.70 -11.78
N ALA A 80 -4.66 22.62 -12.43
CA ALA A 80 -5.89 22.58 -13.22
C ALA A 80 -7.06 21.99 -12.43
N MET A 1 -5.36 26.51 2.18
CA MET A 1 -4.18 25.65 1.88
C MET A 1 -4.16 24.41 2.81
N GLN A 2 -5.26 24.19 3.52
CA GLN A 2 -5.40 23.05 4.42
C GLN A 2 -6.53 22.12 3.96
N ALA A 3 -7.18 22.50 2.87
CA ALA A 3 -8.31 21.75 2.32
C ALA A 3 -7.88 20.73 1.28
N LEU A 4 -6.98 21.19 0.41
CA LEU A 4 -6.43 20.40 -0.68
C LEU A 4 -5.10 19.79 -0.27
N GLU A 5 -4.22 20.68 0.18
CA GLU A 5 -2.85 20.35 0.62
C GLU A 5 -2.83 19.45 1.83
N LYS A 6 -3.82 19.61 2.69
CA LYS A 6 -3.97 18.80 3.90
C LYS A 6 -4.84 17.59 3.62
N GLU A 7 -5.49 17.61 2.46
CA GLU A 7 -6.31 16.53 1.94
C GLU A 7 -5.37 15.64 1.13
N LEU A 8 -4.28 16.29 0.73
CA LEU A 8 -3.18 15.75 -0.01
C LEU A 8 -2.15 15.29 1.00
N ALA A 9 -2.17 15.99 2.14
CA ALA A 9 -1.34 15.70 3.31
C ALA A 9 -2.04 14.63 4.12
N GLN A 10 -3.36 14.54 3.86
CA GLN A 10 -4.22 13.54 4.44
C GLN A 10 -4.20 12.35 3.50
N ASN A 11 -3.99 12.70 2.21
CA ASN A 11 -3.85 11.73 1.11
C ASN A 11 -2.43 11.23 1.13
N GLU A 12 -1.60 12.05 1.81
CA GLU A 12 -0.23 11.77 2.06
C GLU A 12 -0.22 10.88 3.28
N TRP A 13 -1.19 11.20 4.12
CA TRP A 13 -1.50 10.48 5.36
C TRP A 13 -2.27 9.22 5.02
N GLU A 14 -2.85 9.23 3.81
CA GLU A 14 -3.56 8.05 3.24
C GLU A 14 -2.52 7.32 2.46
N LEU A 15 -1.46 8.08 2.20
CA LEU A 15 -0.25 7.61 1.54
C LEU A 15 0.69 7.09 2.62
N GLN A 16 0.45 7.61 3.84
CA GLN A 16 1.15 7.23 5.07
C GLN A 16 0.36 6.10 5.65
N ALA A 17 -0.92 6.17 5.29
CA ALA A 17 -1.92 5.14 5.62
C ALA A 17 -1.87 4.09 4.54
N LEU A 18 -1.27 4.48 3.40
CA LEU A 18 -1.01 3.61 2.26
C LEU A 18 0.35 2.98 2.52
N GLU A 19 1.12 3.73 3.32
CA GLU A 19 2.42 3.37 3.79
C GLU A 19 2.23 2.50 5.01
N LYS A 20 1.19 2.89 5.76
CA LYS A 20 0.73 2.17 6.95
C LYS A 20 -0.07 0.96 6.52
N GLU A 21 -0.56 1.03 5.26
CA GLU A 21 -1.29 -0.05 4.62
C GLU A 21 -0.23 -0.92 3.98
N LEU A 22 0.86 -0.21 3.63
CA LEU A 22 2.05 -0.84 3.13
C LEU A 22 2.70 -1.50 4.33
N ALA A 23 2.63 -0.75 5.44
CA ALA A 23 3.15 -1.19 6.75
C ALA A 23 2.25 -2.28 7.33
N GLN A 24 1.01 -2.36 6.82
CA GLN A 24 0.03 -3.39 7.20
C GLN A 24 0.50 -4.71 6.66
N LEU A 25 0.88 -4.60 5.40
CA LEU A 25 1.42 -5.67 4.58
C LEU A 25 2.63 -6.24 5.26
N GLU A 26 3.53 -5.32 5.60
CA GLU A 26 4.76 -5.58 6.36
C GLU A 26 4.39 -6.01 7.75
N LYS A 27 3.19 -5.60 8.14
CA LYS A 27 2.60 -6.04 9.40
C LYS A 27 2.04 -7.43 9.19
N GLU A 28 1.71 -7.71 7.93
CA GLU A 28 1.23 -9.04 7.51
C GLU A 28 2.40 -9.84 6.98
N LEU A 29 3.32 -9.10 6.38
CA LEU A 29 4.54 -9.65 5.80
C LEU A 29 5.65 -9.85 6.82
N GLN A 30 5.97 -8.78 7.55
CA GLN A 30 7.06 -8.82 8.53
C GLN A 30 6.61 -9.20 9.94
N ALA A 31 5.54 -8.59 10.39
CA ALA A 31 4.99 -8.81 11.75
C ALA A 31 4.32 -10.18 11.94
N TRP A 32 4.16 -10.94 10.85
CA TRP A 32 3.54 -12.27 10.91
C TRP A 32 4.56 -13.37 11.14
N ASN A 33 5.78 -13.20 10.56
CA ASN A 33 6.91 -14.16 10.66
C ASN A 33 6.67 -15.44 9.84
N CYS A 34 5.44 -15.96 9.88
CA CYS A 34 5.06 -17.17 9.16
C CYS A 34 4.58 -16.83 7.74
N ILE A 35 4.90 -17.73 6.79
CA ILE A 35 4.53 -17.53 5.39
C ILE A 35 3.31 -18.38 4.99
N CYS A 36 3.30 -19.64 5.44
CA CYS A 36 2.21 -20.57 5.15
C CYS A 36 1.12 -20.52 6.22
N ASP A 37 -0.14 -20.54 5.78
CA ASP A 37 -1.30 -20.51 6.67
C ASP A 37 -2.26 -21.64 6.33
N ILE A 38 -3.01 -22.10 7.35
CA ILE A 38 -3.97 -23.19 7.19
C ILE A 38 -5.38 -22.78 7.65
N GLU A 39 -5.45 -22.16 8.83
CA GLU A 39 -6.73 -21.71 9.39
C GLU A 39 -6.96 -20.22 9.15
N ASN A 40 -8.24 -19.85 9.02
CA ASN A 40 -8.63 -18.46 8.78
C ASN A 40 -9.61 -17.99 9.84
N CYS A 41 -9.61 -16.67 10.11
CA CYS A 41 -10.50 -16.08 11.12
C CYS A 41 -11.74 -15.47 10.47
N SER A 42 -11.54 -14.61 9.46
CA SER A 42 -12.64 -13.96 8.76
C SER A 42 -12.39 -13.92 7.24
N ASN A 43 -11.16 -13.53 6.85
CA ASN A 43 -10.78 -13.44 5.44
C ASN A 43 -9.93 -14.64 5.04
N MET A 44 -10.19 -15.16 3.84
CA MET A 44 -9.45 -16.31 3.31
C MET A 44 -8.38 -15.83 2.32
N ALA A 45 -7.14 -16.27 2.56
CA ALA A 45 -6.00 -15.91 1.72
C ALA A 45 -5.46 -17.12 0.95
N PRO A 46 -4.73 -16.93 -0.20
CA PRO A 46 -4.16 -18.05 -0.98
C PRO A 46 -3.01 -18.77 -0.26
N LEU A 47 -2.41 -19.77 -0.93
CA LEU A 47 -1.29 -20.54 -0.35
C LEU A 47 0.03 -19.76 -0.42
N TYR A 48 0.02 -18.66 -1.16
CA TYR A 48 1.20 -17.80 -1.33
C TYR A 48 1.21 -16.67 -0.31
N SER A 49 2.41 -16.23 0.05
CA SER A 49 2.60 -15.14 1.03
C SER A 49 3.47 -14.02 0.46
N ASP A 50 4.43 -14.41 -0.39
CA ASP A 50 5.36 -13.47 -1.02
C ASP A 50 4.89 -13.09 -2.43
N GLN A 51 4.42 -14.11 -3.16
CA GLN A 51 3.90 -13.94 -4.54
C GLN A 51 2.49 -13.35 -4.52
N ALA A 52 1.91 -13.24 -3.32
CA ALA A 52 0.56 -12.72 -3.13
C ALA A 52 0.55 -11.30 -2.53
N LEU A 53 1.54 -11.02 -1.68
CA LEU A 53 1.68 -9.76 -0.99
C LEU A 53 2.64 -8.84 -1.71
N LYS A 54 3.90 -9.28 -1.79
CA LYS A 54 4.99 -8.55 -2.46
C LYS A 54 4.69 -8.33 -3.96
N LYS A 55 3.72 -9.10 -4.44
CA LYS A 55 3.25 -9.05 -5.81
C LYS A 55 2.05 -8.12 -5.87
N LYS A 56 1.27 -8.13 -4.78
CA LYS A 56 0.11 -7.21 -4.64
C LYS A 56 0.64 -5.82 -4.28
N LEU A 57 1.92 -5.84 -3.93
CA LEU A 57 2.73 -4.70 -3.55
C LEU A 57 3.41 -4.23 -4.82
N ALA A 58 3.94 -5.24 -5.54
CA ALA A 58 4.59 -5.01 -6.85
C ALA A 58 3.55 -4.59 -7.89
N GLN A 59 2.28 -4.85 -7.55
CA GLN A 59 1.12 -4.50 -8.34
C GLN A 59 0.62 -3.15 -7.84
N LEU A 60 0.97 -2.87 -6.58
CA LEU A 60 0.64 -1.62 -5.88
C LEU A 60 1.62 -0.52 -6.31
N LYS A 61 2.82 -0.99 -6.62
CA LYS A 61 3.96 -0.20 -7.08
C LYS A 61 3.80 -0.01 -8.58
N TRP A 62 3.15 -1.01 -9.16
CA TRP A 62 2.78 -1.01 -10.57
C TRP A 62 1.52 -0.16 -10.65
N LYS A 63 0.82 -0.16 -9.51
CA LYS A 63 -0.39 0.67 -9.35
C LYS A 63 0.03 2.12 -9.13
N LEU A 64 1.21 2.28 -8.51
CA LEU A 64 1.84 3.61 -8.28
C LEU A 64 2.04 4.30 -9.61
N GLN A 65 2.60 3.53 -10.49
CA GLN A 65 2.84 3.93 -11.88
C GLN A 65 1.54 4.54 -12.43
N ALA A 66 0.45 4.05 -11.84
CA ALA A 66 -0.91 4.49 -12.10
C ALA A 66 -1.43 5.44 -11.03
N LEU A 67 -1.03 5.19 -9.76
CA LEU A 67 -1.49 5.93 -8.59
C LEU A 67 -0.58 7.13 -8.36
N LYS A 68 0.71 6.85 -8.40
CA LYS A 68 1.76 7.85 -8.28
C LYS A 68 1.77 8.69 -9.53
N LYS A 69 1.29 8.08 -10.64
CA LYS A 69 1.13 8.81 -11.89
C LYS A 69 -0.16 9.60 -11.80
N LYS A 70 -1.07 9.06 -10.96
CA LYS A 70 -2.36 9.68 -10.65
C LYS A 70 -2.14 10.67 -9.53
N ASN A 71 -1.04 10.45 -8.81
CA ASN A 71 -0.58 11.34 -7.75
C ASN A 71 0.27 12.41 -8.43
N ALA A 72 0.61 12.09 -9.69
CA ALA A 72 1.34 12.93 -10.62
C ALA A 72 0.30 13.69 -11.43
N GLN A 73 -0.89 13.06 -11.50
CA GLN A 73 -2.07 13.61 -12.15
C GLN A 73 -2.74 14.48 -11.12
N LEU A 74 -2.52 14.02 -9.88
CA LEU A 74 -2.98 14.71 -8.68
C LEU A 74 -2.01 15.85 -8.40
N LYS A 75 -0.76 15.63 -8.77
CA LYS A 75 0.31 16.61 -8.66
C LYS A 75 0.19 17.53 -9.85
N LYS A 76 -0.50 16.98 -10.85
CA LYS A 76 -0.80 17.71 -12.08
C LYS A 76 -2.10 18.45 -11.85
N LYS A 77 -2.96 17.84 -11.02
CA LYS A 77 -4.22 18.44 -10.63
C LYS A 77 -4.00 19.33 -9.41
N LEU A 78 -2.85 19.14 -8.74
CA LEU A 78 -2.48 19.92 -7.56
C LEU A 78 -2.24 21.40 -7.93
N GLN A 79 -1.28 21.60 -8.82
CA GLN A 79 -0.90 22.92 -9.30
C GLN A 79 -1.82 23.42 -10.42
N ALA A 80 -2.11 22.51 -11.35
CA ALA A 80 -2.97 22.81 -12.50
C ALA A 80 -4.37 22.25 -12.29
N MET A 1 -4.93 27.29 -0.13
CA MET A 1 -5.29 25.85 -0.20
C MET A 1 -4.40 25.02 0.72
N GLN A 2 -4.98 24.58 1.84
CA GLN A 2 -4.29 23.75 2.82
C GLN A 2 -5.04 22.44 3.05
N ALA A 3 -6.28 22.38 2.54
CA ALA A 3 -7.19 21.24 2.66
C ALA A 3 -7.04 20.31 1.47
N LEU A 4 -6.39 20.84 0.43
CA LEU A 4 -6.12 20.14 -0.81
C LEU A 4 -4.73 19.51 -0.66
N GLU A 5 -3.92 20.23 0.11
CA GLU A 5 -2.56 19.83 0.47
C GLU A 5 -2.64 18.93 1.69
N LYS A 6 -3.73 19.13 2.43
CA LYS A 6 -4.04 18.32 3.64
C LYS A 6 -4.83 17.08 3.23
N GLU A 7 -5.38 17.13 2.02
CA GLU A 7 -6.11 16.04 1.39
C GLU A 7 -5.07 15.21 0.64
N LEU A 8 -3.98 15.91 0.38
CA LEU A 8 -2.79 15.44 -0.27
C LEU A 8 -1.89 14.89 0.83
N ALA A 9 -1.95 15.60 1.96
CA ALA A 9 -1.24 15.24 3.20
C ALA A 9 -2.01 14.12 3.87
N GLN A 10 -3.29 14.03 3.47
CA GLN A 10 -4.20 12.98 3.91
C GLN A 10 -4.06 11.84 2.91
N ASN A 11 -3.69 12.25 1.68
CA ASN A 11 -3.42 11.36 0.55
C ASN A 11 -2.00 10.85 0.74
N GLU A 12 -1.26 11.63 1.55
CA GLU A 12 0.06 11.36 1.95
C GLU A 12 -0.06 10.44 3.14
N TRP A 13 -1.12 10.74 3.89
CA TRP A 13 -1.54 9.98 5.07
C TRP A 13 -2.27 8.72 4.63
N GLU A 14 -2.74 8.74 3.36
CA GLU A 14 -3.38 7.58 2.72
C GLU A 14 -2.26 6.83 2.06
N LEU A 15 -1.21 7.61 1.88
CA LEU A 15 0.07 7.16 1.34
C LEU A 15 0.86 6.58 2.51
N GLN A 16 0.63 7.18 3.68
CA GLN A 16 1.21 6.77 4.97
C GLN A 16 0.38 5.66 5.49
N ALA A 17 -0.87 5.72 5.04
CA ALA A 17 -1.88 4.68 5.31
C ALA A 17 -1.69 3.59 4.28
N LEU A 18 -0.99 3.97 3.21
CA LEU A 18 -0.60 3.09 2.12
C LEU A 18 0.71 2.45 2.53
N GLU A 19 1.53 3.30 3.17
CA GLU A 19 2.84 2.90 3.74
C GLU A 19 2.55 2.12 4.99
N LYS A 20 1.44 2.51 5.61
CA LYS A 20 0.89 1.85 6.80
C LYS A 20 0.11 0.62 6.37
N GLU A 21 -0.26 0.62 5.07
CA GLU A 21 -0.93 -0.49 4.41
C GLU A 21 0.19 -1.37 3.92
N LEU A 22 1.29 -0.68 3.60
CA LEU A 22 2.53 -1.30 3.20
C LEU A 22 3.14 -1.87 4.46
N ALA A 23 3.06 -1.05 5.52
CA ALA A 23 3.54 -1.43 6.86
C ALA A 23 2.58 -2.45 7.49
N GLN A 24 1.39 -2.58 6.87
CA GLN A 24 0.34 -3.50 7.28
C GLN A 24 0.70 -4.90 6.79
N LEU A 25 1.44 -4.92 5.68
CA LEU A 25 1.94 -6.11 4.99
C LEU A 25 3.09 -6.65 5.80
N GLU A 26 3.94 -5.70 6.16
CA GLU A 26 5.10 -5.86 7.02
C GLU A 26 4.62 -6.19 8.41
N LYS A 27 3.36 -5.78 8.63
CA LYS A 27 2.61 -6.08 9.85
C LYS A 27 2.01 -7.46 9.70
N GLU A 28 1.59 -7.76 8.45
CA GLU A 28 1.07 -9.10 8.11
C GLU A 28 2.26 -10.02 8.06
N LEU A 29 3.34 -9.41 7.58
CA LEU A 29 4.64 -10.07 7.50
C LEU A 29 5.21 -10.25 8.89
N GLN A 30 5.12 -9.18 9.68
CA GLN A 30 5.61 -9.19 11.09
C GLN A 30 4.92 -10.28 11.91
N ALA A 31 3.64 -10.45 11.63
CA ALA A 31 2.78 -11.45 12.30
C ALA A 31 3.18 -12.89 11.96
N TRP A 32 3.93 -13.06 10.86
CA TRP A 32 4.40 -14.38 10.41
C TRP A 32 5.80 -14.67 10.95
N ASN A 33 6.61 -13.60 11.12
CA ASN A 33 8.01 -13.65 11.61
C ASN A 33 8.87 -14.75 10.95
N CYS A 34 8.82 -15.98 11.48
CA CYS A 34 9.61 -17.11 10.92
C CYS A 34 8.88 -18.44 11.07
N ILE A 35 8.28 -18.67 12.25
CA ILE A 35 7.54 -19.92 12.53
C ILE A 35 6.06 -19.79 12.19
N CYS A 36 5.44 -20.94 11.87
CA CYS A 36 4.02 -20.99 11.53
C CYS A 36 3.22 -21.78 12.57
N ASP A 37 3.93 -22.43 13.52
CA ASP A 37 3.34 -23.24 14.60
C ASP A 37 2.61 -24.48 14.06
N ILE A 38 2.52 -25.52 14.91
CA ILE A 38 1.86 -26.78 14.54
C ILE A 38 0.37 -26.79 14.93
N GLU A 39 0.03 -26.07 16.01
CA GLU A 39 -1.36 -25.98 16.48
C GLU A 39 -2.11 -24.81 15.81
N ASN A 40 -1.40 -23.69 15.61
CA ASN A 40 -1.94 -22.46 14.98
C ASN A 40 -3.08 -21.84 15.80
N CYS A 41 -3.13 -20.50 15.80
CA CYS A 41 -4.15 -19.75 16.52
C CYS A 41 -5.29 -19.33 15.60
N SER A 42 -4.95 -18.93 14.36
CA SER A 42 -5.93 -18.50 13.37
C SER A 42 -6.30 -19.65 12.43
N ASN A 43 -7.55 -19.64 11.97
CA ASN A 43 -8.05 -20.68 11.06
C ASN A 43 -8.21 -20.14 9.63
N MET A 44 -8.05 -18.82 9.46
CA MET A 44 -8.18 -18.18 8.15
C MET A 44 -6.83 -18.11 7.44
N ALA A 45 -6.86 -18.32 6.11
CA ALA A 45 -5.65 -18.28 5.29
C ALA A 45 -5.80 -17.30 4.12
N PRO A 46 -5.02 -16.16 4.09
CA PRO A 46 -5.09 -15.17 2.99
C PRO A 46 -4.61 -15.72 1.65
N LEU A 47 -5.05 -15.07 0.56
CA LEU A 47 -4.67 -15.48 -0.80
C LEU A 47 -3.35 -14.86 -1.25
N TYR A 48 -2.92 -13.81 -0.52
CA TYR A 48 -1.69 -13.11 -0.81
C TYR A 48 -0.52 -13.68 0.00
N SER A 49 0.39 -14.37 -0.71
CA SER A 49 1.56 -14.99 -0.07
C SER A 49 2.84 -14.84 -0.92
N ASP A 50 2.94 -15.64 -2.00
CA ASP A 50 4.12 -15.61 -2.87
C ASP A 50 3.91 -14.76 -4.13
N GLN A 51 3.03 -15.22 -5.03
CA GLN A 51 2.75 -14.54 -6.30
C GLN A 51 1.59 -13.56 -6.20
N ALA A 52 0.86 -13.57 -5.09
CA ALA A 52 -0.29 -12.67 -4.90
C ALA A 52 -0.01 -11.55 -3.87
N LEU A 53 1.13 -11.63 -3.20
CA LEU A 53 1.53 -10.66 -2.18
C LEU A 53 2.45 -9.60 -2.77
N LYS A 54 3.67 -10.06 -3.12
CA LYS A 54 4.73 -9.23 -3.71
C LYS A 54 4.34 -8.68 -5.09
N LYS A 55 3.26 -9.26 -5.63
CA LYS A 55 2.71 -8.90 -6.92
C LYS A 55 1.59 -7.90 -6.71
N LYS A 56 0.82 -8.11 -5.63
CA LYS A 56 -0.27 -7.18 -5.26
C LYS A 56 0.34 -5.91 -4.63
N LEU A 57 1.63 -6.05 -4.31
CA LEU A 57 2.48 -5.05 -3.74
C LEU A 57 3.18 -4.37 -4.89
N ALA A 58 3.62 -5.22 -5.84
CA ALA A 58 4.26 -4.74 -7.08
C ALA A 58 3.24 -4.03 -7.97
N GLN A 59 1.96 -4.29 -7.65
CA GLN A 59 0.82 -3.71 -8.29
C GLN A 59 0.41 -2.47 -7.52
N LEU A 60 0.75 -2.49 -6.22
CA LEU A 60 0.48 -1.40 -5.28
C LEU A 60 1.63 -0.39 -5.34
N LYS A 61 2.68 -0.82 -6.01
CA LYS A 61 3.90 -0.10 -6.26
C LYS A 61 3.75 0.52 -7.63
N TRP A 62 3.05 -0.25 -8.46
CA TRP A 62 2.69 0.14 -9.80
C TRP A 62 1.47 1.04 -9.71
N LYS A 63 0.67 0.79 -8.66
CA LYS A 63 -0.52 1.62 -8.38
C LYS A 63 -0.10 2.87 -7.60
N LEU A 64 1.13 2.84 -7.07
CA LEU A 64 1.72 3.95 -6.31
C LEU A 64 2.42 4.91 -7.25
N GLN A 65 2.76 4.35 -8.38
CA GLN A 65 3.42 4.98 -9.50
C GLN A 65 2.29 5.47 -10.42
N ALA A 66 1.14 4.85 -10.17
CA ALA A 66 -0.11 5.14 -10.83
C ALA A 66 -0.87 6.13 -9.98
N LEU A 67 -0.51 6.12 -8.68
CA LEU A 67 -1.03 7.05 -7.70
C LEU A 67 -0.16 8.29 -7.81
N LYS A 68 1.13 8.03 -7.98
CA LYS A 68 2.14 9.08 -8.20
C LYS A 68 1.94 9.65 -9.58
N LYS A 69 1.43 8.80 -10.48
CA LYS A 69 1.06 9.23 -11.83
C LYS A 69 -0.28 9.94 -11.72
N LYS A 70 -1.03 9.54 -10.68
CA LYS A 70 -2.32 10.11 -10.33
C LYS A 70 -2.09 11.33 -9.47
N ASN A 71 -0.90 11.33 -8.85
CA ASN A 71 -0.40 12.45 -8.06
C ASN A 71 0.25 13.42 -9.04
N ALA A 72 0.46 12.87 -10.25
CA ALA A 72 0.98 13.58 -11.41
C ALA A 72 -0.21 14.06 -12.20
N GLN A 73 -1.33 13.34 -11.99
CA GLN A 73 -2.64 13.66 -12.56
C GLN A 73 -3.29 14.63 -11.62
N LEU A 74 -2.88 14.45 -10.36
CA LEU A 74 -3.28 15.31 -9.26
C LEU A 74 -2.42 16.56 -9.30
N LYS A 75 -1.21 16.39 -9.79
CA LYS A 75 -0.25 17.47 -9.99
C LYS A 75 -0.60 18.12 -11.31
N LYS A 76 -1.34 17.33 -12.10
CA LYS A 76 -1.85 17.77 -13.39
C LYS A 76 -3.21 18.40 -13.16
N LYS A 77 -3.91 17.85 -12.15
CA LYS A 77 -5.20 18.38 -11.74
C LYS A 77 -5.01 19.50 -10.74
N LEU A 78 -3.81 19.55 -10.14
CA LEU A 78 -3.45 20.61 -9.17
C LEU A 78 -3.60 22.01 -9.74
N GLN A 79 -2.86 22.25 -10.81
CA GLN A 79 -2.85 23.52 -11.52
C GLN A 79 -3.92 23.56 -12.61
N ALA A 80 -4.04 22.43 -13.33
CA ALA A 80 -5.01 22.23 -14.44
C ALA A 80 -4.80 23.23 -15.58
N MET A 1 -6.99 25.77 0.31
CA MET A 1 -5.66 25.57 -0.30
C MET A 1 -4.86 24.50 0.44
N GLN A 2 -4.91 24.54 1.79
CA GLN A 2 -4.21 23.60 2.65
C GLN A 2 -5.04 22.33 2.90
N ALA A 3 -6.22 22.29 2.29
CA ALA A 3 -7.18 21.20 2.38
C ALA A 3 -6.95 20.22 1.23
N LEU A 4 -6.20 20.72 0.24
CA LEU A 4 -5.82 20.00 -0.95
C LEU A 4 -4.47 19.36 -0.66
N GLU A 5 -3.60 20.21 -0.10
CA GLU A 5 -2.26 19.83 0.35
C GLU A 5 -2.38 18.90 1.55
N LYS A 6 -3.51 19.06 2.25
CA LYS A 6 -3.86 18.22 3.43
C LYS A 6 -4.63 16.99 3.00
N GLU A 7 -5.14 17.05 1.76
CA GLU A 7 -5.86 15.96 1.11
C GLU A 7 -4.82 15.09 0.40
N LEU A 8 -3.72 15.77 0.14
CA LEU A 8 -2.53 15.25 -0.47
C LEU A 8 -1.62 14.77 0.65
N ALA A 9 -1.74 15.48 1.77
CA ALA A 9 -1.04 15.17 3.02
C ALA A 9 -1.81 14.06 3.73
N GLN A 10 -3.09 13.97 3.34
CA GLN A 10 -4.01 12.95 3.81
C GLN A 10 -3.86 11.79 2.85
N ASN A 11 -3.52 12.15 1.60
CA ASN A 11 -3.27 11.21 0.51
C ASN A 11 -1.85 10.71 0.69
N GLU A 12 -1.10 11.51 1.46
CA GLU A 12 0.24 11.25 1.86
C GLU A 12 0.12 10.35 3.07
N TRP A 13 -0.93 10.67 3.82
CA TRP A 13 -1.35 9.93 5.02
C TRP A 13 -2.09 8.67 4.60
N GLU A 14 -2.58 8.67 3.35
CA GLU A 14 -3.23 7.50 2.73
C GLU A 14 -2.14 6.74 2.05
N LEU A 15 -1.07 7.51 1.85
CA LEU A 15 0.19 7.04 1.30
C LEU A 15 0.99 6.45 2.46
N GLN A 16 0.79 7.08 3.62
CA GLN A 16 1.39 6.68 4.91
C GLN A 16 0.53 5.60 5.47
N ALA A 17 -0.73 5.69 5.04
CA ALA A 17 -1.77 4.70 5.36
C ALA A 17 -1.65 3.58 4.35
N LEU A 18 -0.95 3.90 3.25
CA LEU A 18 -0.63 2.97 2.17
C LEU A 18 0.63 2.25 2.60
N GLU A 19 1.51 3.06 3.20
CA GLU A 19 2.79 2.59 3.78
C GLU A 19 2.48 1.90 5.08
N LYS A 20 1.43 2.41 5.71
CA LYS A 20 0.89 1.86 6.96
C LYS A 20 -0.01 0.68 6.65
N GLU A 21 -0.45 0.65 5.38
CA GLU A 21 -1.24 -0.44 4.83
C GLU A 21 -0.23 -1.44 4.35
N LEU A 22 0.90 -0.87 3.90
CA LEU A 22 2.05 -1.63 3.48
C LEU A 22 2.66 -2.18 4.75
N ALA A 23 2.78 -1.28 5.74
CA ALA A 23 3.31 -1.60 7.06
C ALA A 23 2.33 -2.49 7.83
N GLN A 24 1.09 -2.57 7.32
CA GLN A 24 0.01 -3.38 7.87
C GLN A 24 0.17 -4.83 7.43
N LEU A 25 0.87 -4.98 6.31
CA LEU A 25 1.19 -6.24 5.67
C LEU A 25 2.45 -6.79 6.29
N GLU A 26 3.39 -5.87 6.48
CA GLU A 26 4.68 -6.08 7.11
C GLU A 26 4.47 -6.23 8.59
N LYS A 27 3.37 -5.61 9.05
CA LYS A 27 2.92 -5.73 10.44
C LYS A 27 2.11 -7.00 10.55
N GLU A 28 1.47 -7.35 9.43
CA GLU A 28 0.73 -8.57 9.28
C GLU A 28 1.77 -9.68 9.21
N LEU A 29 2.82 -9.33 8.49
CA LEU A 29 3.99 -10.16 8.30
C LEU A 29 4.79 -10.26 9.60
N GLN A 30 4.98 -9.09 10.23
CA GLN A 30 5.71 -9.00 11.51
C GLN A 30 5.02 -9.74 12.65
N ALA A 31 3.71 -9.59 12.70
CA ALA A 31 2.86 -10.22 13.74
C ALA A 31 2.58 -11.71 13.44
N TRP A 32 3.00 -12.18 12.25
CA TRP A 32 2.80 -13.58 11.85
C TRP A 32 4.00 -14.45 12.22
N ASN A 33 5.22 -13.90 11.97
CA ASN A 33 6.52 -14.58 12.26
C ASN A 33 6.78 -15.77 11.32
N CYS A 34 5.80 -16.69 11.22
CA CYS A 34 5.87 -17.91 10.37
C CYS A 34 7.16 -18.71 10.58
N ILE A 35 7.03 -19.86 11.24
CA ILE A 35 8.16 -20.74 11.53
C ILE A 35 7.87 -22.20 11.08
N CYS A 36 6.60 -22.61 11.18
CA CYS A 36 6.19 -23.96 10.78
C CYS A 36 5.76 -24.00 9.33
N ASP A 37 6.04 -25.13 8.67
CA ASP A 37 5.70 -25.32 7.25
C ASP A 37 4.38 -26.09 7.10
N ILE A 38 4.20 -27.14 7.90
CA ILE A 38 3.00 -27.96 7.87
C ILE A 38 2.16 -27.79 9.14
N GLU A 39 0.87 -27.50 8.96
CA GLU A 39 -0.05 -27.29 10.07
C GLU A 39 -1.35 -28.07 9.85
N ASN A 40 -2.00 -28.46 10.95
CA ASN A 40 -3.26 -29.21 10.90
C ASN A 40 -4.46 -28.27 11.01
N CYS A 41 -4.37 -27.29 11.93
CA CYS A 41 -5.44 -26.31 12.15
C CYS A 41 -4.96 -24.91 11.81
N SER A 42 -5.70 -24.23 10.94
CA SER A 42 -5.37 -22.86 10.51
C SER A 42 -6.57 -21.93 10.64
N ASN A 43 -7.76 -22.45 10.24
CA ASN A 43 -9.05 -21.70 10.28
C ASN A 43 -9.12 -20.61 9.20
N MET A 44 -8.06 -19.79 9.10
CA MET A 44 -8.00 -18.72 8.11
C MET A 44 -6.72 -18.82 7.29
N ALA A 45 -6.89 -18.89 5.96
CA ALA A 45 -5.76 -18.99 5.03
C ALA A 45 -5.78 -17.84 4.01
N PRO A 46 -4.87 -16.81 4.15
CA PRO A 46 -4.80 -15.68 3.20
C PRO A 46 -4.28 -16.08 1.83
N LEU A 47 -4.56 -15.25 0.82
CA LEU A 47 -4.13 -15.50 -0.56
C LEU A 47 -2.77 -14.86 -0.86
N TYR A 48 -2.33 -13.97 0.04
CA TYR A 48 -1.06 -13.25 -0.09
C TYR A 48 0.12 -14.14 0.35
N SER A 49 0.98 -14.50 -0.61
CA SER A 49 2.14 -15.34 -0.34
C SER A 49 3.40 -14.79 -1.03
N ASP A 50 3.89 -15.48 -2.07
CA ASP A 50 5.08 -15.06 -2.81
C ASP A 50 4.73 -14.34 -4.11
N GLN A 51 3.82 -14.95 -4.88
CA GLN A 51 3.36 -14.41 -6.17
C GLN A 51 2.16 -13.47 -6.01
N ALA A 52 1.59 -13.42 -4.80
CA ALA A 52 0.43 -12.58 -4.52
C ALA A 52 0.76 -11.35 -3.65
N LEU A 53 1.96 -11.33 -3.08
CA LEU A 53 2.40 -10.25 -2.23
C LEU A 53 3.27 -9.25 -3.00
N LYS A 54 4.47 -9.71 -3.36
CA LYS A 54 5.46 -8.92 -4.11
C LYS A 54 4.96 -8.52 -5.50
N LYS A 55 3.88 -9.17 -5.92
CA LYS A 55 3.22 -8.95 -7.19
C LYS A 55 2.08 -7.97 -7.02
N LYS A 56 1.35 -8.13 -5.90
CA LYS A 56 0.22 -7.22 -5.57
C LYS A 56 0.76 -5.89 -5.03
N LEU A 57 2.06 -5.94 -4.73
CA LEU A 57 2.87 -4.84 -4.23
C LEU A 57 3.49 -4.19 -5.44
N ALA A 58 3.99 -5.08 -6.31
CA ALA A 58 4.58 -4.65 -7.60
C ALA A 58 3.49 -4.04 -8.50
N GLN A 59 2.24 -4.37 -8.14
CA GLN A 59 1.06 -3.88 -8.80
C GLN A 59 0.57 -2.64 -8.07
N LEU A 60 0.92 -2.58 -6.78
CA LEU A 60 0.60 -1.48 -5.88
C LEU A 60 1.67 -0.38 -6.00
N LYS A 61 2.74 -0.78 -6.68
CA LYS A 61 3.90 0.03 -6.99
C LYS A 61 3.66 0.60 -8.37
N TRP A 62 2.91 -0.20 -9.13
CA TRP A 62 2.45 0.13 -10.47
C TRP A 62 1.19 0.96 -10.30
N LYS A 63 0.48 0.67 -9.20
CA LYS A 63 -0.72 1.43 -8.83
C LYS A 63 -0.31 2.69 -8.03
N LEU A 64 0.96 2.68 -7.59
CA LEU A 64 1.59 3.76 -6.83
C LEU A 64 2.11 4.82 -7.79
N GLN A 65 2.59 4.30 -8.90
CA GLN A 65 3.10 5.01 -10.04
C GLN A 65 1.89 5.52 -10.84
N ALA A 66 0.77 4.86 -10.53
CA ALA A 66 -0.55 5.14 -11.08
C ALA A 66 -1.24 6.08 -10.11
N LEU A 67 -0.69 6.04 -8.88
CA LEU A 67 -1.09 6.88 -7.76
C LEU A 67 -0.30 8.17 -7.92
N LYS A 68 0.96 7.97 -8.30
CA LYS A 68 1.91 9.04 -8.58
C LYS A 68 1.57 9.65 -9.92
N LYS A 69 0.95 8.82 -10.78
CA LYS A 69 0.45 9.28 -12.07
C LYS A 69 -0.92 9.91 -11.81
N LYS A 70 -1.46 9.56 -10.63
CA LYS A 70 -2.71 10.09 -10.11
C LYS A 70 -2.38 11.31 -9.26
N ASN A 71 -1.14 11.31 -8.78
CA ASN A 71 -0.56 12.40 -7.99
C ASN A 71 0.08 13.38 -8.97
N ALA A 72 0.25 12.88 -10.20
CA ALA A 72 0.77 13.62 -11.34
C ALA A 72 -0.44 14.18 -12.05
N GLN A 73 -1.56 13.49 -11.77
CA GLN A 73 -2.87 13.81 -12.23
C GLN A 73 -3.41 14.85 -11.27
N LEU A 74 -3.02 14.61 -10.02
CA LEU A 74 -3.31 15.48 -8.89
C LEU A 74 -2.37 16.67 -8.94
N LYS A 75 -1.21 16.43 -9.54
CA LYS A 75 -0.20 17.47 -9.77
C LYS A 75 -0.60 18.18 -11.03
N LYS A 76 -1.44 17.46 -11.78
CA LYS A 76 -2.03 17.96 -13.02
C LYS A 76 -3.32 18.67 -12.66
N LYS A 77 -3.98 18.14 -11.62
CA LYS A 77 -5.19 18.74 -11.10
C LYS A 77 -4.87 19.78 -10.04
N LEU A 78 -3.63 19.74 -9.52
CA LEU A 78 -3.16 20.70 -8.50
C LEU A 78 -3.26 22.15 -8.98
N GLN A 79 -2.55 22.42 -10.07
CA GLN A 79 -2.51 23.73 -10.70
C GLN A 79 -3.59 23.87 -11.78
N ALA A 80 -3.76 22.81 -12.56
CA ALA A 80 -4.75 22.72 -13.66
C ALA A 80 -4.52 23.79 -14.73
N MET A 1 -6.96 25.97 0.99
CA MET A 1 -5.75 25.64 0.18
C MET A 1 -4.93 24.54 0.84
N GLN A 2 -4.88 24.54 2.18
CA GLN A 2 -4.15 23.56 2.96
C GLN A 2 -4.96 22.27 3.18
N ALA A 3 -6.20 22.29 2.68
CA ALA A 3 -7.15 21.18 2.78
C ALA A 3 -7.03 20.28 1.56
N LEU A 4 -6.38 20.83 0.55
CA LEU A 4 -6.12 20.17 -0.72
C LEU A 4 -4.75 19.51 -0.62
N GLU A 5 -3.89 20.21 0.11
CA GLU A 5 -2.53 19.78 0.42
C GLU A 5 -2.60 18.82 1.59
N LYS A 6 -3.66 18.98 2.37
CA LYS A 6 -3.96 18.13 3.53
C LYS A 6 -4.80 16.94 3.12
N GLU A 7 -5.39 17.05 1.93
CA GLU A 7 -6.20 16.00 1.31
C GLU A 7 -5.24 15.12 0.51
N LEU A 8 -4.13 15.78 0.17
CA LEU A 8 -3.00 15.23 -0.53
C LEU A 8 -2.05 14.69 0.51
N ALA A 9 -2.08 15.36 1.66
CA ALA A 9 -1.30 14.98 2.85
C ALA A 9 -2.08 13.90 3.59
N GLN A 10 -3.38 13.86 3.26
CA GLN A 10 -4.31 12.86 3.77
C GLN A 10 -4.34 11.72 2.75
N ASN A 11 -3.93 12.11 1.54
CA ASN A 11 -3.78 11.21 0.40
C ASN A 11 -2.38 10.63 0.49
N GLU A 12 -1.54 11.40 1.22
CA GLU A 12 -0.20 11.07 1.53
C GLU A 12 -0.24 10.21 2.77
N TRP A 13 -1.16 10.61 3.65
CA TRP A 13 -1.47 9.92 4.91
C TRP A 13 -2.31 8.71 4.59
N GLU A 14 -2.87 8.71 3.38
CA GLU A 14 -3.63 7.64 2.81
C GLU A 14 -2.62 6.71 2.18
N LEU A 15 -1.56 7.38 1.75
CA LEU A 15 -0.38 6.80 1.16
C LEU A 15 0.49 6.23 2.29
N GLN A 16 0.42 6.94 3.43
CA GLN A 16 1.10 6.58 4.68
C GLN A 16 0.25 5.56 5.34
N ALA A 17 -1.02 5.66 4.96
CA ALA A 17 -2.07 4.72 5.37
C ALA A 17 -2.03 3.56 4.39
N LEU A 18 -1.37 3.82 3.25
CA LEU A 18 -1.13 2.85 2.21
C LEU A 18 0.22 2.21 2.50
N GLU A 19 1.04 2.98 3.21
CA GLU A 19 2.37 2.54 3.69
C GLU A 19 2.14 1.88 5.02
N LYS A 20 1.15 2.41 5.70
CA LYS A 20 0.67 1.90 6.99
C LYS A 20 -0.23 0.70 6.75
N GLU A 21 -0.65 0.57 5.49
CA GLU A 21 -1.45 -0.54 5.01
C GLU A 21 -0.45 -1.53 4.43
N LEU A 22 0.63 -0.93 3.91
CA LEU A 22 1.76 -1.66 3.37
C LEU A 22 2.58 -2.17 4.53
N ALA A 23 2.81 -1.26 5.49
CA ALA A 23 3.56 -1.56 6.71
C ALA A 23 2.73 -2.39 7.68
N GLN A 24 1.42 -2.46 7.42
CA GLN A 24 0.46 -3.23 8.22
C GLN A 24 0.60 -4.72 7.89
N LEU A 25 1.05 -4.95 6.67
CA LEU A 25 1.28 -6.24 6.07
C LEU A 25 2.61 -6.77 6.57
N GLU A 26 3.58 -5.86 6.52
CA GLU A 26 4.95 -6.05 7.02
C GLU A 26 4.90 -6.00 8.53
N LYS A 27 3.88 -5.33 9.02
CA LYS A 27 3.62 -5.30 10.46
C LYS A 27 2.95 -6.60 10.84
N GLU A 28 2.34 -7.19 9.80
CA GLU A 28 1.71 -8.47 9.88
C GLU A 28 2.71 -9.55 9.50
N LEU A 29 3.45 -9.24 8.44
CA LEU A 29 4.45 -10.13 7.87
C LEU A 29 5.81 -10.04 8.54
N GLN A 30 6.34 -8.83 8.65
CA GLN A 30 7.69 -8.62 9.20
C GLN A 30 7.70 -8.58 10.74
N ALA A 31 6.73 -7.91 11.30
CA ALA A 31 6.61 -7.74 12.77
C ALA A 31 6.13 -9.02 13.47
N TRP A 32 5.17 -9.73 12.84
CA TRP A 32 4.63 -10.96 13.41
C TRP A 32 5.36 -12.21 12.89
N ASN A 33 5.72 -12.19 11.58
CA ASN A 33 6.45 -13.30 10.91
C ASN A 33 5.61 -14.57 10.83
N CYS A 34 5.63 -15.22 9.67
CA CYS A 34 4.87 -16.45 9.44
C CYS A 34 5.78 -17.57 8.95
N ILE A 35 5.34 -18.81 9.16
CA ILE A 35 6.11 -20.00 8.75
C ILE A 35 5.29 -20.86 7.78
N CYS A 36 5.78 -20.97 6.55
CA CYS A 36 5.11 -21.76 5.50
C CYS A 36 6.07 -22.79 4.87
N ASP A 37 7.36 -22.69 5.22
CA ASP A 37 8.39 -23.61 4.70
C ASP A 37 8.57 -24.83 5.60
N ILE A 38 8.49 -24.62 6.92
CA ILE A 38 8.66 -25.69 7.90
C ILE A 38 7.28 -26.25 8.31
N GLU A 39 6.36 -25.34 8.67
CA GLU A 39 5.01 -25.73 9.09
C GLU A 39 4.02 -25.52 7.94
N ASN A 40 3.23 -26.56 7.66
CA ASN A 40 2.23 -26.51 6.59
C ASN A 40 0.81 -26.41 7.17
N CYS A 41 -0.09 -25.81 6.40
CA CYS A 41 -1.49 -25.63 6.80
C CYS A 41 -2.37 -26.72 6.19
N SER A 42 -3.49 -27.01 6.86
CA SER A 42 -4.44 -28.03 6.41
C SER A 42 -5.54 -27.43 5.51
N ASN A 43 -6.04 -26.25 5.92
CA ASN A 43 -7.09 -25.55 5.16
C ASN A 43 -6.51 -24.34 4.43
N MET A 44 -6.68 -24.32 3.11
CA MET A 44 -6.20 -23.22 2.28
C MET A 44 -7.28 -22.73 1.34
N ALA A 45 -7.52 -21.40 1.35
CA ALA A 45 -8.52 -20.77 0.51
C ALA A 45 -7.96 -19.57 -0.27
N PRO A 46 -7.23 -18.60 0.39
CA PRO A 46 -6.66 -17.43 -0.32
C PRO A 46 -5.39 -17.76 -1.10
N LEU A 47 -5.15 -17.00 -2.17
CA LEU A 47 -3.98 -17.18 -3.03
C LEU A 47 -2.95 -16.07 -2.83
N TYR A 48 -3.37 -15.00 -2.16
CA TYR A 48 -2.51 -13.84 -1.89
C TYR A 48 -1.72 -14.01 -0.59
N SER A 49 -0.46 -14.49 -0.73
CA SER A 49 0.41 -14.70 0.43
C SER A 49 1.90 -14.68 0.03
N ASP A 50 2.27 -15.50 -0.98
CA ASP A 50 3.67 -15.59 -1.41
C ASP A 50 3.98 -14.73 -2.64
N GLN A 51 3.47 -15.12 -3.81
CA GLN A 51 3.72 -14.40 -5.06
C GLN A 51 2.64 -13.36 -5.36
N ALA A 52 1.37 -13.75 -5.16
CA ALA A 52 0.18 -12.89 -5.42
C ALA A 52 0.13 -11.65 -4.49
N LEU A 53 1.05 -11.59 -3.54
CA LEU A 53 1.17 -10.52 -2.56
C LEU A 53 2.18 -9.50 -3.07
N LYS A 54 3.42 -9.96 -3.19
CA LYS A 54 4.54 -9.15 -3.71
C LYS A 54 4.29 -8.67 -5.14
N LYS A 55 3.26 -9.27 -5.76
CA LYS A 55 2.80 -8.97 -7.10
C LYS A 55 1.66 -7.99 -7.02
N LYS A 56 0.80 -8.19 -6.00
CA LYS A 56 -0.35 -7.29 -5.76
C LYS A 56 0.15 -5.98 -5.13
N LEU A 57 1.40 -6.05 -4.69
CA LEU A 57 2.16 -4.99 -4.08
C LEU A 57 2.93 -4.34 -5.18
N ALA A 58 3.51 -5.21 -6.02
CA ALA A 58 4.26 -4.78 -7.22
C ALA A 58 3.30 -4.12 -8.23
N GLN A 59 2.01 -4.39 -8.02
CA GLN A 59 0.93 -3.86 -8.81
C GLN A 59 0.40 -2.61 -8.11
N LEU A 60 0.57 -2.61 -6.79
CA LEU A 60 0.15 -1.51 -5.90
C LEU A 60 1.23 -0.45 -5.81
N LYS A 61 2.35 -0.87 -6.33
CA LYS A 61 3.58 -0.12 -6.45
C LYS A 61 3.58 0.50 -7.82
N TRP A 62 2.96 -0.27 -8.72
CA TRP A 62 2.74 0.15 -10.10
C TRP A 62 1.50 1.02 -10.09
N LYS A 63 0.62 0.75 -9.11
CA LYS A 63 -0.58 1.55 -8.90
C LYS A 63 -0.29 2.77 -8.02
N LEU A 64 0.88 2.74 -7.36
CA LEU A 64 1.37 3.82 -6.49
C LEU A 64 2.17 4.82 -7.32
N GLN A 65 2.64 4.30 -8.41
CA GLN A 65 3.41 4.97 -9.44
C GLN A 65 2.40 5.50 -10.43
N ALA A 66 1.22 4.89 -10.34
CA ALA A 66 0.04 5.21 -11.12
C ALA A 66 -0.79 6.18 -10.30
N LEU A 67 -0.59 6.09 -8.97
CA LEU A 67 -1.20 6.98 -8.01
C LEU A 67 -0.32 8.20 -7.93
N LYS A 68 0.99 7.93 -7.98
CA LYS A 68 2.03 8.96 -8.00
C LYS A 68 1.98 9.64 -9.36
N LYS A 69 1.58 8.86 -10.37
CA LYS A 69 1.37 9.39 -11.71
C LYS A 69 0.02 10.10 -11.71
N LYS A 70 -0.85 9.63 -10.79
CA LYS A 70 -2.16 10.20 -10.54
C LYS A 70 -2.02 11.34 -9.56
N ASN A 71 -0.86 11.30 -8.85
CA ASN A 71 -0.46 12.37 -7.94
C ASN A 71 0.29 13.39 -8.78
N ALA A 72 0.62 12.91 -10.00
CA ALA A 72 1.27 13.66 -11.05
C ALA A 72 0.17 14.23 -11.93
N GLN A 73 -0.98 13.51 -11.88
CA GLN A 73 -2.21 13.89 -12.55
C GLN A 73 -2.93 14.82 -11.63
N LEU A 74 -2.65 14.57 -10.35
CA LEU A 74 -3.14 15.37 -9.23
C LEU A 74 -2.25 16.59 -9.12
N LYS A 75 -0.99 16.42 -9.50
CA LYS A 75 0.00 17.48 -9.53
C LYS A 75 -0.21 18.22 -10.83
N LYS A 76 -0.88 17.49 -11.74
CA LYS A 76 -1.27 18.02 -13.04
C LYS A 76 -2.60 18.72 -12.87
N LYS A 77 -3.39 18.16 -11.94
CA LYS A 77 -4.67 18.74 -11.60
C LYS A 77 -4.51 19.77 -10.49
N LEU A 78 -3.34 19.72 -9.80
CA LEU A 78 -3.01 20.66 -8.73
C LEU A 78 -3.03 22.12 -9.20
N GLN A 79 -2.19 22.39 -10.18
CA GLN A 79 -2.06 23.72 -10.79
C GLN A 79 -3.02 23.89 -11.96
N ALA A 80 -3.11 22.85 -12.78
CA ALA A 80 -3.96 22.80 -13.99
C ALA A 80 -3.61 23.88 -15.01
N MET A 1 -5.26 26.47 1.96
CA MET A 1 -4.28 25.43 1.53
C MET A 1 -4.20 24.27 2.53
N GLN A 2 -5.26 24.13 3.34
CA GLN A 2 -5.34 23.08 4.35
C GLN A 2 -6.51 22.12 4.06
N ALA A 3 -7.29 22.42 3.04
CA ALA A 3 -8.47 21.63 2.66
C ALA A 3 -8.14 20.56 1.64
N LEU A 4 -7.36 20.97 0.64
CA LEU A 4 -6.94 20.14 -0.47
C LEU A 4 -5.57 19.55 -0.20
N GLU A 5 -4.65 20.44 0.16
CA GLU A 5 -3.24 20.11 0.44
C GLU A 5 -3.10 19.26 1.70
N LYS A 6 -3.99 19.50 2.64
CA LYS A 6 -4.01 18.74 3.91
C LYS A 6 -4.89 17.51 3.77
N GLU A 7 -5.67 17.49 2.68
CA GLU A 7 -6.52 16.36 2.30
C GLU A 7 -5.65 15.45 1.44
N LEU A 8 -4.63 16.12 0.91
CA LEU A 8 -3.58 15.57 0.07
C LEU A 8 -2.48 15.11 1.01
N ALA A 9 -2.32 15.91 2.07
CA ALA A 9 -1.39 15.63 3.16
C ALA A 9 -1.99 14.57 4.06
N GLN A 10 -3.33 14.46 3.93
CA GLN A 10 -4.13 13.47 4.62
C GLN A 10 -4.17 12.26 3.70
N ASN A 11 -4.07 12.58 2.40
CA ASN A 11 -4.02 11.60 1.31
C ASN A 11 -2.60 11.09 1.24
N GLU A 12 -1.71 11.92 1.82
CA GLU A 12 -0.33 11.65 1.98
C GLU A 12 -0.21 10.81 3.22
N TRP A 13 -1.11 11.16 4.14
CA TRP A 13 -1.31 10.48 5.43
C TRP A 13 -2.09 9.20 5.20
N GLU A 14 -2.78 9.17 4.04
CA GLU A 14 -3.52 7.97 3.58
C GLU A 14 -2.54 7.22 2.72
N LEU A 15 -1.52 7.99 2.35
CA LEU A 15 -0.37 7.51 1.59
C LEU A 15 0.67 7.03 2.60
N GLN A 16 0.53 7.57 3.81
CA GLN A 16 1.35 7.23 4.99
C GLN A 16 0.63 6.11 5.67
N ALA A 17 -0.68 6.15 5.42
CA ALA A 17 -1.63 5.14 5.87
C ALA A 17 -1.69 4.06 4.79
N LEU A 18 -1.20 4.45 3.60
CA LEU A 18 -1.07 3.54 2.46
C LEU A 18 0.32 2.95 2.57
N GLU A 19 1.16 3.71 3.28
CA GLU A 19 2.51 3.36 3.61
C GLU A 19 2.46 2.48 4.83
N LYS A 20 1.51 2.85 5.70
CA LYS A 20 1.19 2.13 6.93
C LYS A 20 0.30 0.94 6.59
N GLU A 21 -0.29 1.00 5.38
CA GLU A 21 -1.10 -0.06 4.81
C GLU A 21 -0.10 -0.92 4.07
N LEU A 22 0.94 -0.22 3.59
CA LEU A 22 2.08 -0.83 2.93
C LEU A 22 2.88 -1.51 4.03
N ALA A 23 2.99 -0.76 5.13
CA ALA A 23 3.67 -1.22 6.35
C ALA A 23 2.83 -2.27 7.07
N GLN A 24 1.55 -2.35 6.67
CA GLN A 24 0.58 -3.29 7.20
C GLN A 24 0.81 -4.67 6.59
N LEU A 25 1.38 -4.67 5.40
CA LEU A 25 1.72 -5.85 4.60
C LEU A 25 3.04 -6.41 5.09
N GLU A 26 3.80 -5.47 5.60
CA GLU A 26 5.10 -5.66 6.21
C GLU A 26 4.85 -6.03 7.64
N LYS A 27 3.65 -5.61 8.07
CA LYS A 27 3.10 -5.92 9.40
C LYS A 27 2.41 -7.26 9.31
N GLU A 28 1.81 -7.52 8.12
CA GLU A 28 1.18 -8.83 7.84
C GLU A 28 2.32 -9.78 7.64
N LEU A 29 3.35 -9.21 7.04
CA LEU A 29 4.60 -9.90 6.80
C LEU A 29 5.32 -10.15 8.12
N GLN A 30 5.30 -9.11 8.96
CA GLN A 30 5.93 -9.16 10.28
C GLN A 30 5.22 -10.08 11.26
N ALA A 31 4.08 -9.60 11.71
CA ALA A 31 3.23 -10.28 12.70
C ALA A 31 2.38 -11.43 12.15
N TRP A 32 1.67 -11.20 11.03
CA TRP A 32 0.79 -12.23 10.44
C TRP A 32 1.55 -13.37 9.76
N ASN A 33 2.85 -13.20 9.52
CA ASN A 33 3.67 -14.22 8.89
C ASN A 33 4.78 -14.70 9.81
N CYS A 34 4.94 -16.02 9.89
CA CYS A 34 5.95 -16.65 10.74
C CYS A 34 7.06 -17.28 9.90
N ILE A 35 8.22 -17.54 10.52
CA ILE A 35 9.36 -18.15 9.85
C ILE A 35 9.24 -19.70 9.81
N CYS A 36 8.44 -20.25 10.74
CA CYS A 36 8.22 -21.69 10.82
C CYS A 36 6.97 -22.10 10.05
N ASP A 37 6.94 -23.37 9.61
CA ASP A 37 5.81 -23.92 8.86
C ASP A 37 4.77 -24.55 9.80
N ILE A 38 3.52 -24.10 9.67
CA ILE A 38 2.42 -24.60 10.50
C ILE A 38 1.12 -24.70 9.69
N GLU A 39 0.18 -25.52 10.18
CA GLU A 39 -1.12 -25.72 9.52
C GLU A 39 -2.17 -24.78 10.11
N ASN A 40 -2.94 -24.14 9.22
CA ASN A 40 -3.99 -23.21 9.62
C ASN A 40 -5.36 -23.88 9.60
N CYS A 41 -6.26 -23.42 10.47
CA CYS A 41 -7.62 -23.95 10.57
C CYS A 41 -8.61 -23.08 9.80
N SER A 42 -9.73 -23.69 9.37
CA SER A 42 -10.80 -23.01 8.61
C SER A 42 -10.32 -22.47 7.25
N ASN A 43 -11.27 -22.22 6.35
CA ASN A 43 -10.96 -21.71 5.01
C ASN A 43 -10.87 -20.18 5.00
N MET A 44 -9.86 -19.66 4.31
CA MET A 44 -9.63 -18.21 4.21
C MET A 44 -10.23 -17.63 2.93
N ALA A 45 -10.61 -16.34 3.00
CA ALA A 45 -11.20 -15.64 1.85
C ALA A 45 -10.15 -14.86 1.05
N PRO A 46 -9.21 -14.08 1.69
CA PRO A 46 -8.18 -13.32 0.95
C PRO A 46 -7.11 -14.21 0.32
N LEU A 47 -6.47 -13.69 -0.73
CA LEU A 47 -5.43 -14.42 -1.45
C LEU A 47 -4.02 -13.92 -1.12
N TYR A 48 -3.94 -12.70 -0.59
CA TYR A 48 -2.67 -12.06 -0.23
C TYR A 48 -2.10 -12.65 1.07
N SER A 49 -1.10 -13.54 0.90
CA SER A 49 -0.45 -14.21 2.03
C SER A 49 1.07 -14.38 1.80
N ASP A 50 1.46 -15.24 0.86
CA ASP A 50 2.87 -15.49 0.59
C ASP A 50 3.38 -14.70 -0.64
N GLN A 51 2.94 -15.10 -1.85
CA GLN A 51 3.36 -14.44 -3.10
C GLN A 51 2.40 -13.32 -3.52
N ALA A 52 1.10 -13.53 -3.27
CA ALA A 52 0.03 -12.57 -3.64
C ALA A 52 0.16 -11.20 -2.93
N LEU A 53 1.12 -11.09 -2.01
CA LEU A 53 1.39 -9.88 -1.24
C LEU A 53 2.41 -9.03 -1.98
N LYS A 54 3.61 -9.60 -2.10
CA LYS A 54 4.74 -8.98 -2.82
C LYS A 54 4.37 -8.73 -4.30
N LYS A 55 3.25 -9.36 -4.70
CA LYS A 55 2.67 -9.28 -6.02
C LYS A 55 1.59 -8.21 -6.00
N LYS A 56 0.88 -8.13 -4.87
CA LYS A 56 -0.16 -7.09 -4.67
C LYS A 56 0.53 -5.75 -4.40
N LEU A 57 1.81 -5.87 -4.14
CA LEU A 57 2.75 -4.78 -3.89
C LEU A 57 3.37 -4.44 -5.21
N ALA A 58 3.73 -5.51 -5.92
CA ALA A 58 4.29 -5.41 -7.28
C ALA A 58 3.22 -4.86 -8.24
N GLN A 59 1.96 -4.96 -7.78
CA GLN A 59 0.80 -4.47 -8.46
C GLN A 59 0.48 -3.08 -7.93
N LEU A 60 0.93 -2.84 -6.69
CA LEU A 60 0.78 -1.58 -5.97
C LEU A 60 1.95 -0.65 -6.34
N LYS A 61 2.91 -1.26 -7.02
CA LYS A 61 4.12 -0.65 -7.53
C LYS A 61 3.84 -0.26 -8.97
N TRP A 62 2.95 -1.07 -9.55
CA TRP A 62 2.43 -0.88 -10.89
C TRP A 62 1.25 0.06 -10.78
N LYS A 63 0.60 0.01 -9.61
CA LYS A 63 -0.52 0.91 -9.31
C LYS A 63 -0.01 2.18 -8.62
N LEU A 64 1.25 2.11 -8.18
CA LEU A 64 1.98 3.20 -7.52
C LEU A 64 2.42 4.25 -8.49
N GLN A 65 2.86 3.73 -9.60
CA GLN A 65 3.32 4.44 -10.77
C GLN A 65 2.11 4.91 -11.56
N ALA A 66 1.01 4.29 -11.20
CA ALA A 66 -0.31 4.55 -11.78
C ALA A 66 -1.06 5.52 -10.88
N LEU A 67 -0.70 5.46 -9.59
CA LEU A 67 -1.26 6.31 -8.56
C LEU A 67 -0.37 7.54 -8.47
N LYS A 68 0.93 7.28 -8.59
CA LYS A 68 1.95 8.34 -8.60
C LYS A 68 1.86 9.07 -9.92
N LYS A 69 1.37 8.37 -10.95
CA LYS A 69 1.09 8.99 -12.25
C LYS A 69 -0.26 9.68 -12.14
N LYS A 70 -1.00 9.23 -11.12
CA LYS A 70 -2.31 9.78 -10.76
C LYS A 70 -2.12 10.86 -9.71
N ASN A 71 -0.99 10.73 -9.00
CA ASN A 71 -0.56 11.68 -7.97
C ASN A 71 0.29 12.76 -8.64
N ALA A 72 0.73 12.41 -9.87
CA ALA A 72 1.48 13.27 -10.75
C ALA A 72 0.47 13.96 -11.63
N GLN A 73 -0.70 13.30 -11.70
CA GLN A 73 -1.86 13.75 -12.38
C GLN A 73 -2.57 14.68 -11.43
N LEU A 74 -2.48 14.28 -10.17
CA LEU A 74 -3.00 15.02 -9.03
C LEU A 74 -2.05 16.16 -8.74
N LYS A 75 -0.78 15.94 -9.08
CA LYS A 75 0.28 16.94 -8.94
C LYS A 75 0.20 17.82 -10.16
N LYS A 76 -0.44 17.24 -11.19
CA LYS A 76 -0.71 17.94 -12.44
C LYS A 76 -2.03 18.64 -12.30
N LYS A 77 -2.94 18.00 -11.54
CA LYS A 77 -4.23 18.58 -11.25
C LYS A 77 -4.13 19.53 -10.07
N LEU A 78 -3.03 19.38 -9.29
CA LEU A 78 -2.76 20.24 -8.13
C LEU A 78 -2.68 21.72 -8.52
N GLN A 79 -1.73 22.01 -9.41
CA GLN A 79 -1.49 23.35 -9.91
C GLN A 79 -2.26 23.61 -11.20
N ALA A 80 -2.26 22.60 -12.08
CA ALA A 80 -2.95 22.65 -13.40
C ALA A 80 -2.39 23.75 -14.31
N MET A 1 -4.40 26.12 2.05
CA MET A 1 -3.25 25.20 1.83
C MET A 1 -3.34 23.96 2.73
N GLN A 2 -4.51 23.76 3.35
CA GLN A 2 -4.77 22.64 4.23
C GLN A 2 -5.90 21.76 3.67
N ALA A 3 -6.45 22.17 2.53
CA ALA A 3 -7.56 21.46 1.88
C ALA A 3 -7.07 20.43 0.89
N LEU A 4 -6.07 20.83 0.13
CA LEU A 4 -5.43 20.04 -0.90
C LEU A 4 -4.20 19.36 -0.33
N GLU A 5 -3.28 20.22 0.10
CA GLU A 5 -1.99 19.83 0.69
C GLU A 5 -2.15 18.93 1.90
N LYS A 6 -3.23 19.14 2.63
CA LYS A 6 -3.55 18.33 3.81
C LYS A 6 -4.43 17.15 3.44
N GLU A 7 -4.96 17.20 2.21
CA GLU A 7 -5.76 16.13 1.61
C GLU A 7 -4.76 15.21 0.90
N LEU A 8 -3.62 15.85 0.64
CA LEU A 8 -2.45 15.30 0.02
C LEU A 8 -1.61 14.73 1.13
N ALA A 9 -1.58 15.51 2.24
CA ALA A 9 -0.89 15.14 3.48
C ALA A 9 -1.76 14.13 4.20
N GLN A 10 -3.03 14.09 3.76
CA GLN A 10 -4.01 13.13 4.22
C GLN A 10 -3.82 11.93 3.33
N ASN A 11 -3.35 12.24 2.12
CA ASN A 11 -3.01 11.27 1.07
C ASN A 11 -1.60 10.76 1.35
N GLU A 12 -0.88 11.57 2.16
CA GLU A 12 0.46 11.24 2.65
C GLU A 12 0.26 10.53 3.94
N TRP A 13 -0.95 10.80 4.45
CA TRP A 13 -1.47 10.19 5.68
C TRP A 13 -2.16 8.88 5.29
N GLU A 14 -2.58 8.83 4.02
CA GLU A 14 -3.19 7.62 3.42
C GLU A 14 -2.07 6.86 2.79
N LEU A 15 -1.00 7.61 2.60
CA LEU A 15 0.28 7.12 2.09
C LEU A 15 1.07 6.61 3.28
N GLN A 16 0.67 7.16 4.43
CA GLN A 16 1.17 6.84 5.74
C GLN A 16 0.35 5.68 6.23
N ALA A 17 -0.91 5.75 5.80
CA ALA A 17 -1.92 4.71 6.04
C ALA A 17 -1.74 3.65 4.97
N LEU A 18 -1.01 4.04 3.91
CA LEU A 18 -0.63 3.15 2.82
C LEU A 18 0.69 2.53 3.24
N GLU A 19 1.37 3.29 4.11
CA GLU A 19 2.61 2.95 4.73
C GLU A 19 2.28 2.06 5.92
N LYS A 20 1.19 2.46 6.56
CA LYS A 20 0.60 1.76 7.70
C LYS A 20 -0.22 0.58 7.21
N GLU A 21 -0.55 0.64 5.91
CA GLU A 21 -1.24 -0.43 5.20
C GLU A 21 -0.13 -1.32 4.70
N LEU A 22 0.99 -0.65 4.43
CA LEU A 22 2.23 -1.28 4.04
C LEU A 22 2.77 -1.94 5.29
N ALA A 23 2.68 -1.16 6.39
CA ALA A 23 3.10 -1.62 7.72
C ALA A 23 2.08 -2.61 8.29
N GLN A 24 0.90 -2.68 7.65
CA GLN A 24 -0.19 -3.58 8.00
C GLN A 24 0.07 -4.96 7.39
N LEU A 25 0.88 -4.94 6.34
CA LEU A 25 1.31 -6.09 5.57
C LEU A 25 2.42 -6.78 6.33
N GLU A 26 3.31 -5.93 6.77
CA GLU A 26 4.46 -6.23 7.61
C GLU A 26 3.95 -6.47 9.02
N LYS A 27 2.81 -5.87 9.29
CA LYS A 27 2.10 -6.08 10.56
C LYS A 27 1.33 -7.37 10.43
N GLU A 28 1.10 -7.75 9.17
CA GLU A 28 0.47 -8.96 8.82
C GLU A 28 1.55 -10.03 8.66
N LEU A 29 2.64 -9.58 8.03
CA LEU A 29 3.80 -10.40 7.75
C LEU A 29 4.70 -10.61 8.96
N GLN A 30 5.13 -9.52 9.56
CA GLN A 30 6.05 -9.57 10.72
C GLN A 30 5.34 -9.78 12.03
N ALA A 31 4.40 -8.89 12.31
CA ALA A 31 3.60 -8.88 13.55
C ALA A 31 2.71 -10.14 13.72
N TRP A 32 2.70 -10.99 12.69
CA TRP A 32 1.90 -12.23 12.70
C TRP A 32 2.30 -13.17 13.86
N ASN A 33 3.61 -13.37 14.05
CA ASN A 33 4.12 -14.23 15.12
C ASN A 33 5.37 -13.61 15.77
N CYS A 34 6.40 -13.34 14.96
CA CYS A 34 7.65 -12.75 15.44
C CYS A 34 8.26 -11.81 14.40
N ILE A 35 9.10 -10.89 14.87
CA ILE A 35 9.77 -9.92 13.99
C ILE A 35 11.14 -10.43 13.53
N CYS A 36 11.39 -10.33 12.22
CA CYS A 36 12.65 -10.78 11.64
C CYS A 36 13.29 -9.70 10.77
N ASP A 37 14.62 -9.72 10.71
CA ASP A 37 15.38 -8.74 9.91
C ASP A 37 15.95 -9.38 8.64
N ILE A 38 15.85 -10.72 8.56
CA ILE A 38 16.36 -11.48 7.40
C ILE A 38 15.28 -11.67 6.33
N GLU A 39 15.71 -12.03 5.11
CA GLU A 39 14.80 -12.24 3.98
C GLU A 39 14.31 -13.69 3.93
N ASN A 40 13.16 -13.90 3.25
CA ASN A 40 12.52 -15.24 3.10
C ASN A 40 12.06 -15.81 4.44
N CYS A 41 10.78 -16.18 4.51
CA CYS A 41 10.19 -16.73 5.72
C CYS A 41 10.00 -18.25 5.59
N SER A 42 9.97 -18.93 6.74
CA SER A 42 9.81 -20.39 6.79
C SER A 42 8.33 -20.78 6.93
N ASN A 43 7.53 -19.90 7.54
CA ASN A 43 6.10 -20.14 7.75
C ASN A 43 5.28 -19.58 6.59
N MET A 44 4.07 -20.14 6.40
CA MET A 44 3.17 -19.72 5.33
C MET A 44 2.23 -18.60 5.79
N ALA A 45 2.09 -17.58 4.95
CA ALA A 45 1.23 -16.43 5.24
C ALA A 45 0.18 -16.17 4.14
N PRO A 46 0.56 -16.22 2.81
CA PRO A 46 -0.41 -15.97 1.72
C PRO A 46 -1.32 -17.17 1.45
N LEU A 47 -2.52 -16.89 0.94
CA LEU A 47 -3.51 -17.93 0.64
C LEU A 47 -3.72 -18.12 -0.86
N TYR A 48 -3.23 -17.15 -1.64
CA TYR A 48 -3.39 -17.17 -3.10
C TYR A 48 -2.13 -17.73 -3.77
N SER A 49 -1.00 -17.01 -3.63
CA SER A 49 0.28 -17.42 -4.22
C SER A 49 1.47 -16.91 -3.39
N ASP A 50 2.68 -17.35 -3.76
CA ASP A 50 3.92 -16.95 -3.07
C ASP A 50 4.43 -15.61 -3.59
N GLN A 51 4.28 -15.42 -4.92
CA GLN A 51 4.71 -14.18 -5.59
C GLN A 51 3.61 -13.11 -5.50
N ALA A 52 2.43 -13.52 -5.03
CA ALA A 52 1.24 -12.66 -4.86
C ALA A 52 1.48 -11.40 -3.99
N LEU A 53 2.67 -11.32 -3.40
CA LEU A 53 3.07 -10.22 -2.53
C LEU A 53 3.82 -9.18 -3.33
N LYS A 54 5.01 -9.57 -3.76
CA LYS A 54 5.92 -8.74 -4.58
C LYS A 54 5.28 -8.37 -5.93
N LYS A 55 4.19 -9.06 -6.25
CA LYS A 55 3.42 -8.87 -7.46
C LYS A 55 2.26 -7.92 -7.19
N LYS A 56 1.63 -8.11 -6.01
CA LYS A 56 0.51 -7.23 -5.57
C LYS A 56 1.07 -5.89 -5.09
N LEU A 57 2.39 -5.90 -4.91
CA LEU A 57 3.21 -4.77 -4.50
C LEU A 57 3.69 -4.10 -5.75
N ALA A 58 4.14 -4.97 -6.66
CA ALA A 58 4.60 -4.54 -8.00
C ALA A 58 3.42 -3.97 -8.79
N GLN A 59 2.22 -4.32 -8.34
CA GLN A 59 0.97 -3.87 -8.88
C GLN A 59 0.52 -2.63 -8.11
N LEU A 60 0.99 -2.57 -6.87
CA LEU A 60 0.72 -1.46 -5.94
C LEU A 60 1.75 -0.34 -6.15
N LYS A 61 2.79 -0.71 -6.88
CA LYS A 61 3.91 0.12 -7.28
C LYS A 61 3.58 0.64 -8.66
N TRP A 62 2.85 -0.22 -9.37
CA TRP A 62 2.33 0.08 -10.69
C TRP A 62 1.07 0.91 -10.50
N LYS A 63 0.41 0.64 -9.36
CA LYS A 63 -0.79 1.41 -8.96
C LYS A 63 -0.36 2.67 -8.20
N LEU A 64 0.92 2.69 -7.80
CA LEU A 64 1.56 3.79 -7.09
C LEU A 64 2.06 4.82 -8.08
N GLN A 65 2.53 4.27 -9.18
CA GLN A 65 3.00 4.97 -10.36
C GLN A 65 1.79 5.43 -11.14
N ALA A 66 0.67 4.78 -10.80
CA ALA A 66 -0.65 5.05 -11.34
C ALA A 66 -1.33 6.00 -10.37
N LEU A 67 -0.75 6.01 -9.16
CA LEU A 67 -1.14 6.87 -8.05
C LEU A 67 -0.35 8.17 -8.24
N LYS A 68 0.91 7.97 -8.63
CA LYS A 68 1.86 9.03 -8.94
C LYS A 68 1.54 9.59 -10.30
N LYS A 69 0.93 8.75 -11.14
CA LYS A 69 0.44 9.18 -12.45
C LYS A 69 -0.93 9.80 -12.23
N LYS A 70 -1.48 9.48 -11.05
CA LYS A 70 -2.74 10.01 -10.56
C LYS A 70 -2.44 11.25 -9.73
N ASN A 71 -1.19 11.28 -9.24
CA ASN A 71 -0.65 12.39 -8.46
C ASN A 71 0.01 13.37 -9.45
N ALA A 72 0.23 12.84 -10.65
CA ALA A 72 0.76 13.56 -11.80
C ALA A 72 -0.43 14.07 -12.56
N GLN A 73 -1.55 13.36 -12.30
CA GLN A 73 -2.85 13.67 -12.81
C GLN A 73 -3.44 14.72 -11.90
N LEU A 74 -3.09 14.53 -10.63
CA LEU A 74 -3.44 15.43 -9.53
C LEU A 74 -2.53 16.64 -9.61
N LYS A 75 -1.34 16.41 -10.15
CA LYS A 75 -0.34 17.45 -10.37
C LYS A 75 -0.70 18.10 -11.68
N LYS A 76 -1.48 17.34 -12.45
CA LYS A 76 -2.02 17.79 -13.73
C LYS A 76 -3.34 18.47 -13.46
N LYS A 77 -4.03 17.96 -12.44
CA LYS A 77 -5.29 18.53 -12.01
C LYS A 77 -5.05 19.66 -11.01
N LEU A 78 -3.83 19.67 -10.43
CA LEU A 78 -3.42 20.71 -9.48
C LEU A 78 -3.52 22.11 -10.06
N GLN A 79 -2.76 22.32 -11.13
CA GLN A 79 -2.71 23.58 -11.87
C GLN A 79 -3.73 23.60 -13.01
N ALA A 80 -3.81 22.48 -13.72
CA ALA A 80 -4.72 22.27 -14.87
C ALA A 80 -4.43 23.26 -16.02
N MET A 1 -6.13 25.70 1.47
CA MET A 1 -4.84 24.98 1.51
C MET A 1 -4.91 23.72 2.38
N GLN A 2 -6.12 23.40 2.86
CA GLN A 2 -6.36 22.25 3.70
C GLN A 2 -7.26 21.22 2.98
N ALA A 3 -7.70 21.58 1.79
CA ALA A 3 -8.61 20.74 0.99
C ALA A 3 -7.86 19.82 0.05
N LEU A 4 -6.82 20.38 -0.55
CA LEU A 4 -5.96 19.74 -1.51
C LEU A 4 -4.74 19.18 -0.81
N GLU A 5 -4.00 20.12 -0.21
CA GLU A 5 -2.75 19.86 0.54
C GLU A 5 -2.95 18.91 1.70
N LYS A 6 -4.14 18.98 2.29
CA LYS A 6 -4.49 18.11 3.43
C LYS A 6 -5.19 16.86 2.94
N GLU A 7 -5.57 16.88 1.65
CA GLU A 7 -6.17 15.75 0.95
C GLU A 7 -5.02 14.94 0.38
N LEU A 8 -3.93 15.68 0.20
CA LEU A 8 -2.65 15.22 -0.29
C LEU A 8 -1.80 14.88 0.93
N ALA A 9 -2.20 15.48 2.06
CA ALA A 9 -1.58 15.24 3.36
C ALA A 9 -2.37 14.10 4.01
N GLN A 10 -3.58 13.92 3.46
CA GLN A 10 -4.48 12.85 3.84
C GLN A 10 -4.16 11.70 2.92
N ASN A 11 -3.69 12.08 1.72
CA ASN A 11 -3.24 11.15 0.67
C ASN A 11 -1.82 10.76 1.01
N GLU A 12 -1.23 11.61 1.87
CA GLU A 12 0.08 11.42 2.42
C GLU A 12 -0.12 10.53 3.63
N TRP A 13 -1.31 10.75 4.19
CA TRP A 13 -1.83 10.00 5.34
C TRP A 13 -2.43 8.68 4.85
N GLU A 14 -2.79 8.66 3.56
CA GLU A 14 -3.30 7.45 2.87
C GLU A 14 -2.10 6.75 2.33
N LEU A 15 -1.09 7.59 2.14
CA LEU A 15 0.24 7.20 1.73
C LEU A 15 0.92 6.59 2.93
N GLN A 16 0.64 7.23 4.06
CA GLN A 16 1.07 6.86 5.38
C GLN A 16 0.32 5.62 5.78
N ALA A 17 -0.93 5.62 5.29
CA ALA A 17 -1.87 4.51 5.44
C ALA A 17 -1.47 3.43 4.45
N LEU A 18 -0.83 3.90 3.38
CA LEU A 18 -0.28 3.04 2.31
C LEU A 18 1.03 2.46 2.80
N GLU A 19 1.68 3.33 3.55
CA GLU A 19 2.94 3.01 4.25
C GLU A 19 2.58 2.15 5.43
N LYS A 20 1.36 2.43 5.90
CA LYS A 20 0.71 1.68 6.98
C LYS A 20 0.07 0.42 6.40
N GLU A 21 -0.14 0.45 5.07
CA GLU A 21 -0.62 -0.67 4.28
C GLU A 21 0.59 -1.50 4.03
N LEU A 22 1.64 -0.71 3.75
CA LEU A 22 2.98 -1.23 3.56
C LEU A 22 3.43 -1.80 4.90
N ALA A 23 3.12 -1.03 5.95
CA ALA A 23 3.41 -1.43 7.34
C ALA A 23 2.42 -2.49 7.82
N GLN A 24 1.33 -2.67 7.05
CA GLN A 24 0.29 -3.63 7.32
C GLN A 24 0.77 -5.02 6.90
N LEU A 25 1.68 -5.00 5.91
CA LEU A 25 2.31 -6.18 5.33
C LEU A 25 3.35 -6.67 6.28
N GLU A 26 4.11 -5.69 6.74
CA GLU A 26 5.15 -5.80 7.76
C GLU A 26 4.45 -6.07 9.08
N LYS A 27 3.18 -5.72 9.07
CA LYS A 27 2.29 -6.02 10.20
C LYS A 27 1.82 -7.46 10.03
N GLU A 28 1.82 -7.89 8.76
CA GLU A 28 1.48 -9.28 8.40
C GLU A 28 2.75 -10.10 8.33
N LEU A 29 3.77 -9.45 7.78
CA LEU A 29 5.09 -10.07 7.58
C LEU A 29 6.01 -9.94 8.78
N GLN A 30 6.20 -8.70 9.23
CA GLN A 30 7.12 -8.43 10.36
C GLN A 30 6.52 -8.74 11.73
N ALA A 31 5.27 -8.34 11.90
CA ALA A 31 4.53 -8.54 13.16
C ALA A 31 4.05 -9.99 13.34
N TRP A 32 4.27 -10.84 12.32
CA TRP A 32 3.85 -12.25 12.35
C TRP A 32 4.62 -13.04 13.42
N ASN A 33 5.93 -12.75 13.56
CA ASN A 33 6.77 -13.43 14.54
C ASN A 33 6.96 -12.54 15.77
N CYS A 34 6.18 -12.82 16.82
CA CYS A 34 6.24 -12.07 18.08
C CYS A 34 6.07 -12.99 19.28
N ILE A 35 6.45 -12.50 20.47
CA ILE A 35 6.34 -13.27 21.72
C ILE A 35 4.93 -13.17 22.34
N CYS A 36 4.33 -11.98 22.23
CA CYS A 36 2.97 -11.74 22.75
C CYS A 36 2.11 -11.05 21.69
N ASP A 37 1.00 -11.70 21.33
CA ASP A 37 0.07 -11.17 20.33
C ASP A 37 -1.38 -11.25 20.82
N ILE A 38 -2.19 -10.30 20.35
CA ILE A 38 -3.61 -10.24 20.72
C ILE A 38 -4.50 -10.48 19.49
N GLU A 39 -5.68 -11.05 19.72
CA GLU A 39 -6.63 -11.35 18.65
C GLU A 39 -7.67 -10.23 18.50
N ASN A 40 -7.62 -9.55 17.35
CA ASN A 40 -8.54 -8.44 17.05
C ASN A 40 -9.01 -8.50 15.59
N CYS A 41 -8.06 -8.77 14.68
CA CYS A 41 -8.36 -8.86 13.25
C CYS A 41 -7.82 -10.15 12.65
N SER A 42 -8.49 -10.65 11.62
CA SER A 42 -8.10 -11.89 10.95
C SER A 42 -7.34 -11.59 9.65
N ASN A 43 -6.37 -12.45 9.33
CA ASN A 43 -5.56 -12.30 8.12
C ASN A 43 -6.08 -13.19 6.99
N MET A 44 -5.94 -12.71 5.75
CA MET A 44 -6.39 -13.45 4.57
C MET A 44 -5.21 -13.87 3.70
N ALA A 45 -5.23 -15.13 3.27
CA ALA A 45 -4.16 -15.68 2.43
C ALA A 45 -4.62 -15.79 0.96
N PRO A 46 -3.67 -15.86 -0.03
CA PRO A 46 -4.03 -15.96 -1.46
C PRO A 46 -4.53 -17.35 -1.85
N LEU A 47 -5.39 -17.40 -2.88
CA LEU A 47 -5.96 -18.66 -3.35
C LEU A 47 -5.63 -18.90 -4.84
N TYR A 48 -5.11 -17.86 -5.49
CA TYR A 48 -4.75 -17.93 -6.91
C TYR A 48 -3.29 -18.30 -7.11
N SER A 49 -2.39 -17.54 -6.46
CA SER A 49 -0.94 -17.77 -6.56
C SER A 49 -0.23 -17.42 -5.24
N ASP A 50 1.08 -17.71 -5.19
CA ASP A 50 1.90 -17.44 -3.99
C ASP A 50 2.57 -16.06 -4.10
N GLN A 51 2.94 -15.68 -5.34
CA GLN A 51 3.56 -14.39 -5.63
C GLN A 51 2.51 -13.26 -5.63
N ALA A 52 1.23 -13.68 -5.57
CA ALA A 52 0.04 -12.77 -5.56
C ALA A 52 0.11 -11.64 -4.52
N LEU A 53 1.12 -11.67 -3.65
CA LEU A 53 1.34 -10.69 -2.61
C LEU A 53 2.28 -9.61 -3.13
N LYS A 54 3.53 -10.02 -3.36
CA LYS A 54 4.59 -9.15 -3.92
C LYS A 54 4.18 -8.62 -5.31
N LYS A 55 3.12 -9.22 -5.84
CA LYS A 55 2.52 -8.88 -7.12
C LYS A 55 1.39 -7.91 -6.91
N LYS A 56 0.62 -8.15 -5.82
CA LYS A 56 -0.49 -7.23 -5.44
C LYS A 56 0.09 -5.95 -4.83
N LEU A 57 1.38 -6.04 -4.54
CA LEU A 57 2.21 -4.99 -4.00
C LEU A 57 2.86 -4.31 -5.17
N ALA A 58 3.32 -5.18 -6.09
CA ALA A 58 3.92 -4.73 -7.36
C ALA A 58 2.87 -4.05 -8.23
N GLN A 59 1.59 -4.32 -7.87
CA GLN A 59 0.43 -3.77 -8.51
C GLN A 59 0.00 -2.54 -7.71
N LEU A 60 0.39 -2.55 -6.43
CA LEU A 60 0.12 -1.46 -5.48
C LEU A 60 1.24 -0.40 -5.59
N LYS A 61 2.30 -0.82 -6.25
CA LYS A 61 3.48 -0.04 -6.55
C LYS A 61 3.30 0.53 -7.94
N TRP A 62 2.57 -0.26 -8.72
CA TRP A 62 2.17 0.08 -10.08
C TRP A 62 0.95 0.98 -9.96
N LYS A 63 0.18 0.73 -8.89
CA LYS A 63 -1.00 1.56 -8.56
C LYS A 63 -0.56 2.79 -7.77
N LEU A 64 0.69 2.72 -7.28
CA LEU A 64 1.34 3.78 -6.51
C LEU A 64 1.96 4.79 -7.46
N GLN A 65 2.48 4.23 -8.53
CA GLN A 65 3.07 4.90 -9.66
C GLN A 65 1.94 5.42 -10.54
N ALA A 66 0.78 4.82 -10.28
CA ALA A 66 -0.49 5.14 -10.92
C ALA A 66 -1.21 6.15 -10.06
N LEU A 67 -0.83 6.13 -8.77
CA LEU A 67 -1.30 7.05 -7.76
C LEU A 67 -0.42 8.28 -7.86
N LYS A 68 0.86 7.99 -8.08
CA LYS A 68 1.91 8.99 -8.28
C LYS A 68 1.75 9.58 -9.66
N LYS A 69 1.17 8.77 -10.57
CA LYS A 69 0.83 9.22 -11.92
C LYS A 69 -0.51 9.94 -11.82
N LYS A 70 -1.20 9.64 -10.69
CA LYS A 70 -2.46 10.25 -10.31
C LYS A 70 -2.16 11.46 -9.46
N ASN A 71 -0.97 11.40 -8.83
CA ASN A 71 -0.42 12.48 -8.00
C ASN A 71 0.38 13.40 -8.91
N ALA A 72 0.66 12.87 -10.12
CA ALA A 72 1.34 13.56 -11.20
C ALA A 72 0.25 14.16 -12.05
N GLN A 73 -0.94 13.54 -11.89
CA GLN A 73 -2.17 13.93 -12.51
C GLN A 73 -2.76 15.01 -11.62
N LEU A 74 -2.53 14.78 -10.33
CA LEU A 74 -2.91 15.67 -9.25
C LEU A 74 -1.90 16.81 -9.21
N LYS A 75 -0.69 16.50 -9.66
CA LYS A 75 0.40 17.47 -9.77
C LYS A 75 0.19 18.20 -11.07
N LYS A 76 -0.59 17.51 -11.92
CA LYS A 76 -0.99 18.05 -13.21
C LYS A 76 -2.28 18.81 -13.01
N LYS A 77 -3.08 18.33 -12.05
CA LYS A 77 -4.32 18.96 -11.68
C LYS A 77 -4.07 20.04 -10.63
N LEU A 78 -2.90 19.95 -9.97
CA LEU A 78 -2.48 20.91 -8.95
C LEU A 78 -2.43 22.34 -9.48
N GLN A 79 -1.60 22.53 -10.49
CA GLN A 79 -1.40 23.81 -11.16
C GLN A 79 -2.47 24.08 -12.21
N ALA A 80 -2.79 23.03 -12.96
CA ALA A 80 -3.79 23.10 -14.03
C ALA A 80 -5.15 22.59 -13.56
N MET A 1 -6.53 26.47 0.36
CA MET A 1 -5.47 25.97 -0.56
C MET A 1 -4.59 24.92 0.13
N GLN A 2 -4.28 25.17 1.41
CA GLN A 2 -3.43 24.28 2.22
C GLN A 2 -4.25 23.12 2.81
N ALA A 3 -5.55 23.13 2.52
CA ALA A 3 -6.51 22.13 2.97
C ALA A 3 -6.64 21.02 1.94
N LEU A 4 -6.17 21.36 0.73
CA LEU A 4 -6.16 20.48 -0.42
C LEU A 4 -4.82 19.77 -0.44
N GLU A 5 -3.80 20.54 -0.05
CA GLU A 5 -2.43 20.09 0.09
C GLU A 5 -2.30 19.33 1.39
N LYS A 6 -3.21 19.67 2.30
CA LYS A 6 -3.32 19.01 3.62
C LYS A 6 -4.22 17.78 3.51
N GLU A 7 -4.99 17.76 2.43
CA GLU A 7 -5.89 16.67 2.07
C GLU A 7 -5.07 15.72 1.22
N LEU A 8 -4.02 16.32 0.68
CA LEU A 8 -3.00 15.71 -0.14
C LEU A 8 -1.93 15.20 0.80
N ALA A 9 -1.75 16.00 1.87
CA ALA A 9 -0.83 15.69 2.98
C ALA A 9 -1.51 14.66 3.87
N GLN A 10 -2.84 14.63 3.74
CA GLN A 10 -3.70 13.69 4.43
C GLN A 10 -3.82 12.48 3.52
N ASN A 11 -3.68 12.78 2.21
CA ASN A 11 -3.68 11.78 1.13
C ASN A 11 -2.29 11.20 1.07
N GLU A 12 -1.37 11.98 1.66
CA GLU A 12 0.00 11.63 1.82
C GLU A 12 0.05 10.79 3.06
N TRP A 13 -0.83 11.19 3.97
CA TRP A 13 -1.07 10.52 5.26
C TRP A 13 -1.96 9.29 5.03
N GLU A 14 -2.65 9.31 3.88
CA GLU A 14 -3.48 8.17 3.42
C GLU A 14 -2.57 7.33 2.58
N LEU A 15 -1.51 8.02 2.17
CA LEU A 15 -0.40 7.46 1.43
C LEU A 15 0.55 6.84 2.45
N GLN A 16 0.60 7.49 3.61
CA GLN A 16 1.39 7.08 4.78
C GLN A 16 0.59 6.02 5.46
N ALA A 17 -0.71 6.16 5.22
CA ALA A 17 -1.73 5.21 5.68
C ALA A 17 -1.81 4.11 4.63
N LEU A 18 -1.25 4.44 3.44
CA LEU A 18 -1.13 3.52 2.32
C LEU A 18 0.22 2.82 2.47
N GLU A 19 1.12 3.55 3.14
CA GLU A 19 2.47 3.05 3.47
C GLU A 19 2.35 2.32 4.77
N LYS A 20 1.37 2.79 5.55
CA LYS A 20 0.98 2.19 6.82
C LYS A 20 0.02 1.03 6.57
N GLU A 21 -0.57 1.06 5.35
CA GLU A 21 -1.44 0.02 4.86
C GLU A 21 -0.53 -0.96 4.18
N LEU A 22 0.56 -0.37 3.64
CA LEU A 22 1.64 -1.12 3.05
C LEU A 22 2.39 -1.74 4.19
N ALA A 23 2.65 -0.90 5.21
CA ALA A 23 3.32 -1.32 6.45
C ALA A 23 2.42 -2.28 7.23
N GLN A 24 1.15 -2.34 6.81
CA GLN A 24 0.14 -3.21 7.37
C GLN A 24 0.22 -4.59 6.69
N LEU A 25 0.65 -4.54 5.43
CA LEU A 25 0.84 -5.68 4.55
C LEU A 25 2.18 -6.34 4.84
N GLU A 26 3.08 -5.48 5.26
CA GLU A 26 4.43 -5.82 5.70
C GLU A 26 4.30 -6.27 7.12
N LYS A 27 3.20 -5.80 7.70
CA LYS A 27 2.75 -6.16 9.05
C LYS A 27 1.99 -7.47 8.96
N GLU A 28 1.24 -7.61 7.85
CA GLU A 28 0.53 -8.87 7.55
C GLU A 28 1.58 -9.86 7.15
N LEU A 29 2.58 -9.28 6.48
CA LEU A 29 3.76 -10.00 6.05
C LEU A 29 4.62 -10.36 7.25
N GLN A 30 4.81 -9.36 8.12
CA GLN A 30 5.60 -9.53 9.36
C GLN A 30 4.97 -10.55 10.31
N ALA A 31 3.65 -10.46 10.42
CA ALA A 31 2.85 -11.35 11.27
C ALA A 31 2.54 -12.70 10.61
N TRP A 32 2.94 -12.85 9.33
CA TRP A 32 2.72 -14.08 8.57
C TRP A 32 3.69 -15.20 8.99
N ASN A 33 4.74 -14.84 9.73
CA ASN A 33 5.74 -15.80 10.21
C ASN A 33 5.42 -16.26 11.63
N CYS A 34 4.95 -15.32 12.47
CA CYS A 34 4.61 -15.62 13.87
C CYS A 34 3.10 -15.85 14.01
N ILE A 35 2.70 -16.52 15.10
CA ILE A 35 1.30 -16.83 15.37
C ILE A 35 0.62 -15.67 16.15
N CYS A 36 -0.49 -15.17 15.59
CA CYS A 36 -1.25 -14.07 16.19
C CYS A 36 -2.75 -14.34 16.10
N ASP A 37 -3.51 -13.77 17.04
CA ASP A 37 -4.97 -13.92 17.07
C ASP A 37 -5.66 -12.74 16.42
N ILE A 38 -6.62 -13.04 15.53
CA ILE A 38 -7.37 -12.00 14.81
C ILE A 38 -8.80 -11.88 15.36
N GLU A 39 -9.32 -10.65 15.37
CA GLU A 39 -10.67 -10.37 15.87
C GLU A 39 -11.63 -10.08 14.72
N ASN A 40 -11.15 -9.36 13.70
CA ASN A 40 -11.96 -9.01 12.53
C ASN A 40 -11.78 -10.02 11.40
N CYS A 41 -12.84 -10.18 10.59
CA CYS A 41 -12.83 -11.12 9.46
C CYS A 41 -13.23 -10.42 8.15
N SER A 42 -13.10 -9.08 8.13
CA SER A 42 -13.45 -8.28 6.95
C SER A 42 -12.26 -8.13 6.00
N ASN A 43 -12.57 -7.84 4.72
CA ASN A 43 -11.55 -7.67 3.65
C ASN A 43 -10.76 -8.96 3.39
N MET A 44 -10.80 -9.42 2.13
CA MET A 44 -10.11 -10.64 1.73
C MET A 44 -8.86 -10.33 0.91
N ALA A 45 -7.76 -10.98 1.27
CA ALA A 45 -6.48 -10.81 0.57
C ALA A 45 -5.91 -12.18 0.16
N PRO A 46 -4.96 -12.25 -0.84
CA PRO A 46 -4.38 -13.53 -1.30
C PRO A 46 -3.37 -14.11 -0.31
N LEU A 47 -3.36 -15.44 -0.23
CA LEU A 47 -2.48 -16.18 0.67
C LEU A 47 -2.03 -17.51 0.05
N TYR A 48 -2.62 -17.83 -1.10
CA TYR A 48 -2.35 -19.09 -1.83
C TYR A 48 -0.87 -19.26 -2.19
N SER A 49 -0.24 -18.16 -2.62
CA SER A 49 1.18 -18.19 -3.00
C SER A 49 1.99 -17.24 -2.12
N ASP A 50 3.32 -17.38 -2.18
CA ASP A 50 4.25 -16.57 -1.39
C ASP A 50 4.65 -15.32 -2.17
N GLN A 51 4.71 -15.45 -3.50
CA GLN A 51 5.05 -14.35 -4.40
C GLN A 51 3.80 -13.50 -4.72
N ALA A 52 2.62 -14.02 -4.31
CA ALA A 52 1.32 -13.36 -4.52
C ALA A 52 1.19 -12.03 -3.76
N LEU A 53 2.15 -11.77 -2.86
CA LEU A 53 2.21 -10.59 -2.03
C LEU A 53 3.14 -9.57 -2.67
N LYS A 54 4.42 -9.95 -2.73
CA LYS A 54 5.50 -9.15 -3.32
C LYS A 54 5.22 -8.74 -4.77
N LYS A 55 4.25 -9.44 -5.37
CA LYS A 55 3.79 -9.20 -6.72
C LYS A 55 2.58 -8.30 -6.67
N LYS A 56 1.76 -8.52 -5.63
CA LYS A 56 0.56 -7.67 -5.38
C LYS A 56 0.99 -6.35 -4.73
N LEU A 57 2.26 -6.37 -4.30
CA LEU A 57 2.97 -5.30 -3.67
C LEU A 57 3.70 -4.56 -4.77
N ALA A 58 4.32 -5.36 -5.64
CA ALA A 58 5.01 -4.85 -6.84
C ALA A 58 4.00 -4.26 -7.83
N GLN A 59 2.74 -4.64 -7.61
CA GLN A 59 1.61 -4.18 -8.38
C GLN A 59 0.99 -2.99 -7.66
N LEU A 60 1.21 -2.96 -6.34
CA LEU A 60 0.75 -1.91 -5.45
C LEU A 60 1.77 -0.76 -5.43
N LYS A 61 2.93 -1.09 -5.97
CA LYS A 61 4.08 -0.21 -6.14
C LYS A 61 3.99 0.36 -7.53
N TRP A 62 3.41 -0.48 -8.39
CA TRP A 62 3.12 -0.16 -9.77
C TRP A 62 1.83 0.62 -9.79
N LYS A 63 0.96 0.28 -8.83
CA LYS A 63 -0.31 0.99 -8.64
C LYS A 63 -0.09 2.25 -7.78
N LEU A 64 1.10 2.29 -7.16
CA LEU A 64 1.56 3.38 -6.30
C LEU A 64 2.15 4.49 -7.17
N GLN A 65 2.86 4.02 -8.17
CA GLN A 65 3.51 4.79 -9.21
C GLN A 65 2.42 5.22 -10.19
N ALA A 66 1.31 4.49 -10.08
CA ALA A 66 0.10 4.71 -10.87
C ALA A 66 -0.82 5.60 -10.08
N LEU A 67 -0.60 5.57 -8.75
CA LEU A 67 -1.31 6.39 -7.80
C LEU A 67 -0.57 7.71 -7.75
N LYS A 68 0.76 7.58 -7.80
CA LYS A 68 1.70 8.70 -7.85
C LYS A 68 1.62 9.33 -9.21
N LYS A 69 1.29 8.50 -10.21
CA LYS A 69 1.05 8.97 -11.57
C LYS A 69 -0.38 9.51 -11.62
N LYS A 70 -1.15 9.08 -10.60
CA LYS A 70 -2.52 9.51 -10.38
C LYS A 70 -2.50 10.70 -9.45
N ASN A 71 -1.39 10.78 -8.69
CA ASN A 71 -1.10 11.88 -7.77
C ASN A 71 -0.34 12.95 -8.55
N ALA A 72 0.17 12.51 -9.71
CA ALA A 72 0.88 13.34 -10.68
C ALA A 72 -0.17 13.80 -11.67
N GLN A 73 -1.27 13.03 -11.67
CA GLN A 73 -2.45 13.26 -12.44
C GLN A 73 -3.29 14.22 -11.62
N LEU A 74 -3.19 13.98 -10.31
CA LEU A 74 -3.82 14.79 -9.27
C LEU A 74 -3.02 16.06 -9.13
N LYS A 75 -1.72 15.94 -9.39
CA LYS A 75 -0.79 17.08 -9.37
C LYS A 75 -0.92 17.77 -10.70
N LYS A 76 -1.46 16.99 -11.65
CA LYS A 76 -1.75 17.48 -12.98
C LYS A 76 -3.15 18.07 -12.96
N LYS A 77 -3.98 17.47 -12.09
CA LYS A 77 -5.33 17.94 -11.88
C LYS A 77 -5.35 19.04 -10.83
N LEU A 78 -4.27 19.09 -10.03
CA LEU A 78 -4.11 20.11 -8.98
C LEU A 78 -4.03 21.52 -9.58
N GLN A 79 -3.03 21.71 -10.42
CA GLN A 79 -2.78 22.97 -11.11
C GLN A 79 -3.57 23.07 -12.42
N ALA A 80 -3.56 21.96 -13.16
CA ALA A 80 -4.26 21.82 -14.47
C ALA A 80 -3.72 22.81 -15.52
N MET A 1 -6.03 26.01 -0.62
CA MET A 1 -4.89 25.43 -1.40
C MET A 1 -4.11 24.42 -0.55
N GLN A 2 -3.92 24.75 0.73
CA GLN A 2 -3.19 23.90 1.68
C GLN A 2 -4.09 22.79 2.26
N ALA A 3 -5.35 22.80 1.82
CA ALA A 3 -6.38 21.85 2.23
C ALA A 3 -6.41 20.68 1.26
N LEU A 4 -5.83 20.94 0.10
CA LEU A 4 -5.70 20.00 -1.01
C LEU A 4 -4.39 19.27 -0.81
N GLU A 5 -3.37 20.08 -0.54
CA GLU A 5 -2.01 19.60 -0.23
C GLU A 5 -2.04 18.91 1.13
N LYS A 6 -3.04 19.31 1.91
CA LYS A 6 -3.30 18.74 3.25
C LYS A 6 -4.12 17.47 3.13
N GLU A 7 -4.91 17.43 2.05
CA GLU A 7 -5.77 16.31 1.69
C GLU A 7 -4.90 15.29 0.97
N LEU A 8 -3.80 15.85 0.47
CA LEU A 8 -2.75 15.16 -0.23
C LEU A 8 -1.70 14.81 0.82
N ALA A 9 -1.82 15.52 1.96
CA ALA A 9 -1.01 15.31 3.15
C ALA A 9 -1.73 14.30 4.02
N GLN A 10 -3.06 14.24 3.78
CA GLN A 10 -3.98 13.29 4.40
C GLN A 10 -3.96 12.06 3.57
N ASN A 11 -3.78 12.35 2.29
CA ASN A 11 -3.63 11.35 1.22
C ASN A 11 -2.22 10.82 1.27
N GLU A 12 -1.35 11.64 1.89
CA GLU A 12 0.03 11.33 2.16
C GLU A 12 0.06 10.55 3.45
N TRP A 13 -0.91 10.95 4.28
CA TRP A 13 -1.20 10.34 5.57
C TRP A 13 -2.00 9.06 5.34
N GLU A 14 -2.64 9.03 4.16
CA GLU A 14 -3.41 7.92 3.67
C GLU A 14 -2.44 7.00 2.97
N LEU A 15 -1.44 7.67 2.43
CA LEU A 15 -0.29 7.09 1.76
C LEU A 15 0.58 6.49 2.84
N GLN A 16 0.66 7.25 3.93
CA GLN A 16 1.34 6.91 5.14
C GLN A 16 0.58 5.77 5.78
N ALA A 17 -0.72 5.87 5.56
CA ALA A 17 -1.71 4.88 5.98
C ALA A 17 -1.70 3.76 4.95
N LEU A 18 -1.12 4.08 3.77
CA LEU A 18 -0.92 3.14 2.68
C LEU A 18 0.45 2.52 2.88
N GLU A 19 1.29 3.28 3.58
CA GLU A 19 2.65 2.85 3.99
C GLU A 19 2.50 2.12 5.29
N LYS A 20 1.45 2.55 5.99
CA LYS A 20 1.01 1.95 7.25
C LYS A 20 0.12 0.76 6.95
N GLU A 21 -0.40 0.76 5.71
CA GLU A 21 -1.20 -0.32 5.17
C GLU A 21 -0.19 -1.29 4.59
N LEU A 22 0.90 -0.67 4.12
CA LEU A 22 2.06 -1.39 3.61
C LEU A 22 2.75 -1.97 4.82
N ALA A 23 2.80 -1.14 5.86
CA ALA A 23 3.37 -1.53 7.17
C ALA A 23 2.42 -2.48 7.90
N GLN A 24 1.17 -2.55 7.40
CA GLN A 24 0.12 -3.40 7.91
C GLN A 24 0.25 -4.80 7.32
N LEU A 25 0.75 -4.82 6.08
CA LEU A 25 1.00 -6.02 5.27
C LEU A 25 2.30 -6.63 5.71
N GLU A 26 3.09 -5.71 6.21
CA GLU A 26 4.38 -5.90 6.81
C GLU A 26 4.15 -6.39 8.21
N LYS A 27 3.05 -5.88 8.74
CA LYS A 27 2.51 -6.24 10.06
C LYS A 27 1.78 -7.57 9.93
N GLU A 28 1.13 -7.77 8.77
CA GLU A 28 0.46 -9.05 8.46
C GLU A 28 1.56 -10.02 8.16
N LEU A 29 2.60 -9.44 7.58
CA LEU A 29 3.83 -10.15 7.27
C LEU A 29 4.57 -10.47 8.55
N GLN A 30 4.69 -9.45 9.41
CA GLN A 30 5.35 -9.60 10.72
C GLN A 30 4.64 -10.63 11.61
N ALA A 31 3.32 -10.60 11.53
CA ALA A 31 2.46 -11.51 12.30
C ALA A 31 2.40 -12.91 11.68
N TRP A 32 2.85 -13.03 10.42
CA TRP A 32 2.86 -14.31 9.71
C TRP A 32 4.21 -15.02 9.84
N ASN A 33 5.27 -14.22 10.11
CA ASN A 33 6.66 -14.72 10.27
C ASN A 33 7.20 -15.35 8.98
N CYS A 34 8.26 -14.76 8.44
CA CYS A 34 8.89 -15.24 7.21
C CYS A 34 10.40 -15.36 7.38
N ILE A 35 11.00 -16.36 6.71
CA ILE A 35 12.46 -16.65 6.74
C ILE A 35 13.09 -16.57 8.15
N CYS A 36 12.29 -16.94 9.16
CA CYS A 36 12.75 -16.94 10.55
C CYS A 36 12.65 -18.32 11.18
N ASP A 37 11.55 -19.03 10.91
CA ASP A 37 11.33 -20.38 11.44
C ASP A 37 11.02 -21.36 10.31
N ILE A 38 11.37 -22.63 10.52
CA ILE A 38 11.13 -23.69 9.54
C ILE A 38 10.08 -24.70 10.01
N GLU A 39 9.98 -24.89 11.34
CA GLU A 39 9.02 -25.84 11.93
C GLU A 39 7.70 -25.15 12.30
N ASN A 40 7.70 -23.81 12.32
CA ASN A 40 6.51 -23.04 12.66
C ASN A 40 5.72 -22.64 11.41
N CYS A 41 6.44 -22.19 10.37
CA CYS A 41 5.83 -21.77 9.11
C CYS A 41 6.03 -22.85 8.04
N SER A 42 4.91 -23.30 7.46
CA SER A 42 4.93 -24.33 6.41
C SER A 42 4.05 -23.96 5.23
N ASN A 43 2.82 -23.48 5.53
CA ASN A 43 1.82 -23.07 4.51
C ASN A 43 1.36 -24.27 3.66
N MET A 44 0.05 -24.43 3.53
CA MET A 44 -0.52 -25.53 2.74
C MET A 44 -0.87 -25.10 1.31
N ALA A 45 -1.71 -24.05 1.18
CA ALA A 45 -2.12 -23.53 -0.13
C ALA A 45 -2.54 -22.05 -0.04
N PRO A 46 -1.92 -21.12 -0.84
CA PRO A 46 -2.29 -19.69 -0.83
C PRO A 46 -3.66 -19.44 -1.47
N LEU A 47 -4.21 -18.23 -1.25
CA LEU A 47 -5.53 -17.88 -1.81
C LEU A 47 -5.41 -17.23 -3.19
N TYR A 48 -4.17 -16.85 -3.56
CA TYR A 48 -3.91 -16.21 -4.85
C TYR A 48 -2.69 -16.85 -5.52
N SER A 49 -1.49 -16.54 -5.01
CA SER A 49 -0.22 -17.07 -5.53
C SER A 49 0.89 -16.92 -4.49
N ASP A 50 2.08 -17.48 -4.79
CA ASP A 50 3.24 -17.40 -3.90
C ASP A 50 3.93 -16.03 -4.03
N GLN A 51 3.91 -15.50 -5.25
CA GLN A 51 4.49 -14.18 -5.56
C GLN A 51 3.43 -13.07 -5.45
N ALA A 52 2.16 -13.49 -5.27
CA ALA A 52 0.97 -12.61 -5.14
C ALA A 52 1.13 -11.45 -4.14
N LEU A 53 2.23 -11.44 -3.39
CA LEU A 53 2.53 -10.42 -2.40
C LEU A 53 3.40 -9.36 -3.05
N LYS A 54 4.61 -9.79 -3.42
CA LYS A 54 5.62 -8.95 -4.10
C LYS A 54 5.15 -8.53 -5.50
N LYS A 55 4.06 -9.18 -5.95
CA LYS A 55 3.42 -8.94 -7.23
C LYS A 55 2.29 -7.96 -7.04
N LYS A 56 1.54 -8.14 -5.94
CA LYS A 56 0.43 -7.24 -5.58
C LYS A 56 1.01 -5.94 -5.01
N LEU A 57 2.30 -6.02 -4.72
CA LEU A 57 3.12 -4.94 -4.20
C LEU A 57 3.76 -4.25 -5.37
N ALA A 58 4.16 -5.10 -6.31
CA ALA A 58 4.74 -4.65 -7.60
C ALA A 58 3.64 -4.01 -8.46
N GLN A 59 2.39 -4.32 -8.08
CA GLN A 59 1.20 -3.82 -8.69
C GLN A 59 0.74 -2.60 -7.89
N LEU A 60 1.17 -2.58 -6.62
CA LEU A 60 0.88 -1.51 -5.67
C LEU A 60 1.96 -0.41 -5.81
N LYS A 61 3.02 -0.79 -6.49
CA LYS A 61 4.17 0.03 -6.81
C LYS A 61 3.93 0.59 -8.20
N TRP A 62 3.20 -0.23 -8.97
CA TRP A 62 2.76 0.10 -10.30
C TRP A 62 1.50 0.93 -10.17
N LYS A 63 0.76 0.66 -9.08
CA LYS A 63 -0.45 1.42 -8.75
C LYS A 63 -0.06 2.67 -7.94
N LEU A 64 1.19 2.66 -7.48
CA LEU A 64 1.81 3.75 -6.70
C LEU A 64 2.31 4.84 -7.63
N GLN A 65 2.82 4.34 -8.71
CA GLN A 65 3.35 5.04 -9.85
C GLN A 65 2.17 5.47 -10.71
N ALA A 66 1.06 4.79 -10.44
CA ALA A 66 -0.23 5.02 -11.08
C ALA A 66 -1.00 5.97 -10.22
N LEU A 67 -0.63 5.97 -8.93
CA LEU A 67 -1.17 6.84 -7.92
C LEU A 67 -0.37 8.13 -8.01
N LYS A 68 0.93 7.93 -8.21
CA LYS A 68 1.90 9.03 -8.41
C LYS A 68 1.67 9.61 -9.79
N LYS A 69 1.18 8.74 -10.70
CA LYS A 69 0.78 9.17 -12.03
C LYS A 69 -0.57 9.83 -11.91
N LYS A 70 -1.31 9.39 -10.87
CA LYS A 70 -2.63 9.93 -10.51
C LYS A 70 -2.42 11.12 -9.61
N ASN A 71 -1.21 11.16 -9.02
CA ASN A 71 -0.75 12.27 -8.19
C ASN A 71 -0.13 13.28 -9.15
N ALA A 72 0.09 12.77 -10.37
CA ALA A 72 0.61 13.50 -11.51
C ALA A 72 -0.60 14.00 -12.28
N GLN A 73 -1.71 13.25 -12.08
CA GLN A 73 -3.02 13.56 -12.63
C GLN A 73 -3.65 14.51 -11.68
N LEU A 74 -3.24 14.30 -10.42
CA LEU A 74 -3.64 15.14 -9.29
C LEU A 74 -2.77 16.38 -9.29
N LYS A 75 -1.57 16.22 -9.82
CA LYS A 75 -0.61 17.31 -9.99
C LYS A 75 -0.98 18.02 -11.26
N LYS A 76 -1.73 17.26 -12.07
CA LYS A 76 -2.27 17.76 -13.32
C LYS A 76 -3.63 18.37 -13.04
N LYS A 77 -4.30 17.80 -12.04
CA LYS A 77 -5.58 18.31 -11.59
C LYS A 77 -5.38 19.37 -10.51
N LEU A 78 -4.17 19.39 -9.94
CA LEU A 78 -3.80 20.38 -8.91
C LEU A 78 -3.96 21.82 -9.39
N GLN A 79 -3.21 22.13 -10.44
CA GLN A 79 -3.20 23.45 -11.07
C GLN A 79 -4.34 23.60 -12.08
N ALA A 80 -4.56 22.55 -12.86
CA ALA A 80 -5.59 22.52 -13.88
C ALA A 80 -6.86 21.83 -13.37
N MET A 1 -3.65 26.68 1.15
CA MET A 1 -2.95 25.46 0.68
C MET A 1 -2.80 24.45 1.83
N GLN A 2 -3.85 24.33 2.64
CA GLN A 2 -3.89 23.42 3.76
C GLN A 2 -5.17 22.56 3.69
N ALA A 3 -5.98 22.79 2.66
CA ALA A 3 -7.25 22.09 2.49
C ALA A 3 -7.12 20.84 1.64
N LEU A 4 -6.49 21.02 0.49
CA LEU A 4 -6.26 19.99 -0.51
C LEU A 4 -4.91 19.37 -0.28
N GLU A 5 -3.93 20.25 -0.08
CA GLU A 5 -2.54 19.88 0.21
C GLU A 5 -2.48 19.01 1.47
N LYS A 6 -3.44 19.26 2.35
CA LYS A 6 -3.59 18.50 3.60
C LYS A 6 -4.49 17.28 3.39
N GLU A 7 -5.24 17.30 2.27
CA GLU A 7 -6.11 16.20 1.84
C GLU A 7 -5.25 15.23 1.10
N LEU A 8 -4.29 15.87 0.47
CA LEU A 8 -3.22 15.29 -0.30
C LEU A 8 -2.14 14.83 0.66
N ALA A 9 -2.02 15.58 1.77
CA ALA A 9 -1.11 15.26 2.88
C ALA A 9 -1.79 14.24 3.75
N GLN A 10 -3.12 14.19 3.55
CA GLN A 10 -3.99 13.23 4.18
C GLN A 10 -3.96 12.01 3.29
N ASN A 11 -3.74 12.32 1.99
CA ASN A 11 -3.59 11.34 0.91
C ASN A 11 -2.16 10.85 0.93
N GLU A 12 -1.30 11.69 1.56
CA GLU A 12 0.11 11.38 1.78
C GLU A 12 0.12 10.58 3.06
N TRP A 13 -0.89 10.92 3.86
CA TRP A 13 -1.19 10.27 5.13
C TRP A 13 -1.98 8.99 4.86
N GLU A 14 -2.60 8.94 3.67
CA GLU A 14 -3.31 7.75 3.18
C GLU A 14 -2.30 6.95 2.43
N LEU A 15 -1.25 7.70 2.09
CA LEU A 15 -0.06 7.20 1.44
C LEU A 15 0.85 6.64 2.54
N GLN A 16 0.78 7.33 3.69
CA GLN A 16 1.50 6.98 4.93
C GLN A 16 0.71 5.88 5.57
N ALA A 17 -0.58 5.95 5.25
CA ALA A 17 -1.57 4.95 5.65
C ALA A 17 -1.53 3.84 4.62
N LEU A 18 -0.92 4.18 3.46
CA LEU A 18 -0.68 3.23 2.37
C LEU A 18 0.68 2.60 2.63
N GLU A 19 1.51 3.36 3.35
CA GLU A 19 2.84 2.93 3.79
C GLU A 19 2.66 2.22 5.10
N LYS A 20 1.63 2.68 5.79
CA LYS A 20 1.18 2.12 7.07
C LYS A 20 0.27 0.92 6.80
N GLU A 21 -0.26 0.90 5.56
CA GLU A 21 -1.07 -0.19 5.05
C GLU A 21 -0.08 -1.17 4.46
N LEU A 22 0.99 -0.57 3.95
CA LEU A 22 2.13 -1.29 3.44
C LEU A 22 2.84 -1.88 4.63
N ALA A 23 2.92 -1.03 5.67
CA ALA A 23 3.51 -1.41 6.96
C ALA A 23 2.56 -2.31 7.74
N GLN A 24 1.29 -2.38 7.29
CA GLN A 24 0.24 -3.19 7.87
C GLN A 24 0.28 -4.62 7.29
N LEU A 25 0.84 -4.68 6.10
CA LEU A 25 1.03 -5.91 5.32
C LEU A 25 2.35 -6.54 5.74
N GLU A 26 3.19 -5.62 6.13
CA GLU A 26 4.50 -5.80 6.65
C GLU A 26 4.39 -6.20 8.10
N LYS A 27 3.40 -5.58 8.73
CA LYS A 27 3.00 -5.85 10.11
C LYS A 27 2.12 -7.09 10.11
N GLU A 28 1.48 -7.32 8.97
CA GLU A 28 0.70 -8.50 8.75
C GLU A 28 1.72 -9.63 8.61
N LEU A 29 2.81 -9.19 8.01
CA LEU A 29 3.99 -10.00 7.79
C LEU A 29 4.82 -10.16 9.06
N GLN A 30 5.09 -9.02 9.73
CA GLN A 30 5.94 -9.00 10.92
C GLN A 30 5.19 -9.17 12.25
N ALA A 31 4.18 -8.34 12.48
CA ALA A 31 3.41 -8.34 13.74
C ALA A 31 2.58 -9.63 13.96
N TRP A 32 2.46 -10.46 12.93
CA TRP A 32 1.70 -11.72 13.03
C TRP A 32 2.62 -12.88 13.41
N ASN A 33 3.55 -13.25 12.50
CA ASN A 33 4.51 -14.34 12.76
C ASN A 33 5.82 -14.12 11.98
N CYS A 34 5.91 -14.65 10.73
CA CYS A 34 7.10 -14.50 9.89
C CYS A 34 6.78 -14.80 8.43
N ILE A 35 6.15 -15.96 8.17
CA ILE A 35 5.78 -16.43 6.82
C ILE A 35 7.00 -16.47 5.89
N CYS A 36 7.85 -17.49 6.08
CA CYS A 36 9.08 -17.66 5.28
C CYS A 36 9.35 -19.15 5.03
N ASP A 37 9.15 -19.98 6.06
CA ASP A 37 9.39 -21.43 5.96
C ASP A 37 8.11 -22.18 5.60
N ILE A 38 6.97 -21.74 6.16
CA ILE A 38 5.67 -22.38 5.89
C ILE A 38 4.96 -21.73 4.70
N GLU A 39 4.77 -22.51 3.64
CA GLU A 39 4.10 -22.04 2.42
C GLU A 39 3.04 -23.05 1.97
N ASN A 40 1.98 -22.52 1.34
CA ASN A 40 0.88 -23.36 0.85
C ASN A 40 0.61 -23.09 -0.63
N CYS A 41 0.60 -24.17 -1.43
CA CYS A 41 0.36 -24.07 -2.86
C CYS A 41 -0.74 -25.04 -3.29
N SER A 42 -1.83 -24.49 -3.85
CA SER A 42 -2.97 -25.28 -4.30
C SER A 42 -3.49 -24.80 -5.66
N ASN A 43 -3.68 -23.48 -5.78
CA ASN A 43 -4.19 -22.88 -7.02
C ASN A 43 -3.43 -21.60 -7.40
N MET A 44 -2.84 -20.93 -6.39
CA MET A 44 -2.06 -19.67 -6.56
C MET A 44 -2.96 -18.51 -7.06
N ALA A 45 -4.28 -18.68 -6.91
CA ALA A 45 -5.25 -17.66 -7.32
C ALA A 45 -5.61 -16.68 -6.19
N PRO A 46 -5.80 -17.14 -4.90
CA PRO A 46 -6.15 -16.23 -3.78
C PRO A 46 -5.10 -15.14 -3.52
N LEU A 47 -5.51 -14.09 -2.79
CA LEU A 47 -4.65 -12.96 -2.46
C LEU A 47 -3.75 -13.24 -1.25
N TYR A 48 -4.02 -14.36 -0.57
CA TYR A 48 -3.28 -14.78 0.62
C TYR A 48 -2.11 -15.71 0.27
N SER A 49 -1.72 -15.71 -1.02
CA SER A 49 -0.62 -16.54 -1.51
C SER A 49 0.72 -15.79 -1.42
N ASP A 50 1.77 -16.37 -2.02
CA ASP A 50 3.12 -15.79 -2.00
C ASP A 50 3.38 -15.01 -3.29
N GLN A 51 2.94 -15.58 -4.41
CA GLN A 51 3.09 -14.96 -5.74
C GLN A 51 2.01 -13.88 -5.96
N ALA A 52 1.05 -13.84 -5.03
CA ALA A 52 -0.06 -12.89 -5.06
C ALA A 52 0.22 -11.63 -4.22
N LEU A 53 1.35 -11.64 -3.49
CA LEU A 53 1.75 -10.57 -2.62
C LEU A 53 2.73 -9.62 -3.31
N LYS A 54 3.94 -10.14 -3.55
CA LYS A 54 5.03 -9.40 -4.21
C LYS A 54 4.66 -8.96 -5.63
N LYS A 55 3.57 -9.53 -6.13
CA LYS A 55 3.03 -9.25 -7.45
C LYS A 55 1.93 -8.21 -7.34
N LYS A 56 1.08 -8.38 -6.31
CA LYS A 56 -0.03 -7.43 -6.06
C LYS A 56 0.51 -6.16 -5.40
N LEU A 57 1.76 -6.26 -4.95
CA LEU A 57 2.52 -5.21 -4.33
C LEU A 57 3.30 -4.51 -5.41
N ALA A 58 3.87 -5.36 -6.27
CA ALA A 58 4.60 -4.88 -7.46
C ALA A 58 3.64 -4.24 -8.47
N GLN A 59 2.35 -4.55 -8.27
CA GLN A 59 1.26 -4.03 -9.05
C GLN A 59 0.70 -2.82 -8.31
N LEU A 60 0.89 -2.84 -6.99
CA LEU A 60 0.47 -1.80 -6.06
C LEU A 60 1.38 -0.58 -6.16
N LYS A 61 2.65 -0.91 -6.29
CA LYS A 61 3.77 0.00 -6.47
C LYS A 61 3.72 0.53 -7.88
N TRP A 62 3.23 -0.34 -8.77
CA TRP A 62 2.99 -0.01 -10.17
C TRP A 62 1.75 0.83 -10.20
N LYS A 63 0.87 0.53 -9.22
CA LYS A 63 -0.37 1.29 -9.02
C LYS A 63 -0.09 2.52 -8.15
N LEU A 64 1.08 2.53 -7.50
CA LEU A 64 1.54 3.61 -6.63
C LEU A 64 2.33 4.63 -7.45
N GLN A 65 2.73 4.16 -8.60
CA GLN A 65 3.46 4.89 -9.62
C GLN A 65 2.42 5.41 -10.58
N ALA A 66 1.29 4.73 -10.50
CA ALA A 66 0.08 5.00 -11.28
C ALA A 66 -0.80 5.87 -10.43
N LEU A 67 -0.54 5.81 -9.11
CA LEU A 67 -1.20 6.61 -8.10
C LEU A 67 -0.39 7.89 -7.97
N LYS A 68 0.92 7.70 -8.07
CA LYS A 68 1.90 8.78 -8.05
C LYS A 68 1.86 9.50 -9.38
N LYS A 69 1.54 8.73 -10.43
CA LYS A 69 1.33 9.30 -11.76
C LYS A 69 -0.03 9.95 -11.77
N LYS A 70 -0.90 9.43 -10.88
CA LYS A 70 -2.26 9.92 -10.67
C LYS A 70 -2.20 11.05 -9.66
N ASN A 71 -1.11 11.03 -8.90
CA ASN A 71 -0.79 12.08 -7.92
C ASN A 71 -0.05 13.16 -8.69
N ALA A 72 0.37 12.74 -9.91
CA ALA A 72 1.02 13.57 -10.91
C ALA A 72 -0.07 14.11 -11.81
N GLN A 73 -1.18 13.34 -11.83
CA GLN A 73 -2.40 13.69 -12.55
C GLN A 73 -3.19 14.56 -11.64
N LEU A 74 -2.98 14.25 -10.35
CA LEU A 74 -3.55 15.00 -9.23
C LEU A 74 -2.75 16.27 -9.04
N LYS A 75 -1.46 16.16 -9.37
CA LYS A 75 -0.52 17.28 -9.32
C LYS A 75 -0.71 18.05 -10.60
N LYS A 76 -1.29 17.32 -11.56
CA LYS A 76 -1.65 17.89 -12.86
C LYS A 76 -3.04 18.46 -12.76
N LYS A 77 -3.85 17.80 -11.92
CA LYS A 77 -5.21 18.27 -11.66
C LYS A 77 -5.20 19.28 -10.52
N LEU A 78 -4.09 19.30 -9.76
CA LEU A 78 -3.92 20.24 -8.65
C LEU A 78 -4.02 21.70 -9.09
N GLN A 79 -3.12 22.06 -10.00
CA GLN A 79 -3.03 23.41 -10.56
C GLN A 79 -3.99 23.60 -11.74
N ALA A 80 -4.04 22.58 -12.58
CA ALA A 80 -4.90 22.58 -13.77
C ALA A 80 -6.22 21.83 -13.52
N MET A 1 -5.67 25.55 2.11
CA MET A 1 -4.38 24.82 2.28
C MET A 1 -4.56 23.53 3.07
N GLN A 2 -5.81 23.22 3.44
CA GLN A 2 -6.15 22.03 4.19
C GLN A 2 -6.98 21.05 3.34
N ALA A 3 -7.31 21.48 2.13
CA ALA A 3 -8.14 20.71 1.21
C ALA A 3 -7.32 19.84 0.28
N LEU A 4 -6.22 20.42 -0.18
CA LEU A 4 -5.27 19.82 -1.08
C LEU A 4 -4.12 19.19 -0.31
N GLU A 5 -3.41 20.09 0.39
CA GLU A 5 -2.24 19.75 1.22
C GLU A 5 -2.57 18.75 2.31
N LYS A 6 -3.80 18.80 2.79
CA LYS A 6 -4.28 17.88 3.83
C LYS A 6 -4.93 16.66 3.18
N GLU A 7 -5.17 16.77 1.87
CA GLU A 7 -5.69 15.70 1.03
C GLU A 7 -4.47 14.94 0.52
N LEU A 8 -3.37 15.68 0.59
CA LEU A 8 -2.02 15.29 0.24
C LEU A 8 -1.41 14.72 1.50
N ALA A 9 -1.78 15.36 2.61
CA ALA A 9 -1.39 14.96 3.97
C ALA A 9 -2.27 13.79 4.38
N GLN A 10 -3.39 13.68 3.65
CA GLN A 10 -4.35 12.60 3.78
C GLN A 10 -3.90 11.52 2.83
N ASN A 11 -3.24 12.00 1.75
CA ASN A 11 -2.63 11.16 0.71
C ASN A 11 -1.30 10.69 1.22
N GLU A 12 -0.84 11.43 2.25
CA GLU A 12 0.36 11.17 3.00
C GLU A 12 -0.04 10.18 4.06
N TRP A 13 -1.30 10.36 4.43
CA TRP A 13 -2.02 9.54 5.39
C TRP A 13 -2.55 8.29 4.68
N GLU A 14 -2.70 8.40 3.35
CA GLU A 14 -3.11 7.27 2.48
C GLU A 14 -1.85 6.62 2.02
N LEU A 15 -0.80 7.42 2.15
CA LEU A 15 0.58 7.04 1.89
C LEU A 15 1.04 6.29 3.11
N GLN A 16 0.58 6.83 4.24
CA GLN A 16 0.78 6.31 5.56
C GLN A 16 -0.08 5.08 5.71
N ALA A 17 -1.22 5.17 5.04
CA ALA A 17 -2.22 4.10 4.93
C ALA A 17 -1.76 3.15 3.83
N LEU A 18 -0.86 3.68 2.98
CA LEU A 18 -0.22 2.93 1.90
C LEU A 18 0.90 2.17 2.52
N GLU A 19 1.51 2.90 3.46
CA GLU A 19 2.59 2.38 4.33
C GLU A 19 1.94 1.44 5.28
N LYS A 20 0.82 1.90 5.80
CA LYS A 20 -0.01 1.10 6.71
C LYS A 20 -0.64 -0.05 5.92
N GLU A 21 -0.49 0.05 4.61
CA GLU A 21 -0.90 -0.99 3.68
C GLU A 21 0.35 -1.79 3.36
N LEU A 22 1.46 -1.06 3.32
CA LEU A 22 2.78 -1.62 3.06
C LEU A 22 3.50 -2.02 4.33
N ALA A 23 3.61 -1.05 5.23
CA ALA A 23 4.34 -1.22 6.50
C ALA A 23 3.53 -1.89 7.61
N GLN A 24 2.20 -2.01 7.43
CA GLN A 24 1.35 -2.66 8.42
C GLN A 24 1.18 -4.13 8.06
N LEU A 25 1.36 -4.38 6.76
CA LEU A 25 1.31 -5.70 6.13
C LEU A 25 2.53 -6.49 6.57
N GLU A 26 3.62 -5.74 6.65
CA GLU A 26 4.93 -6.16 7.11
C GLU A 26 4.85 -6.30 8.61
N LYS A 27 3.89 -5.53 9.14
CA LYS A 27 3.56 -5.55 10.57
C LYS A 27 2.58 -6.69 10.80
N GLU A 28 1.74 -6.95 9.80
CA GLU A 28 0.81 -8.09 9.82
C GLU A 28 1.64 -9.31 9.56
N LEU A 29 2.65 -9.06 8.74
CA LEU A 29 3.65 -10.05 8.40
C LEU A 29 4.54 -10.32 9.61
N GLN A 30 4.96 -9.22 10.24
CA GLN A 30 5.82 -9.29 11.44
C GLN A 30 5.13 -9.89 12.67
N ALA A 31 3.87 -9.50 12.87
CA ALA A 31 3.08 -9.94 14.02
C ALA A 31 2.35 -11.27 13.82
N TRP A 32 1.58 -11.41 12.73
CA TRP A 32 0.81 -12.64 12.47
C TRP A 32 1.65 -13.80 11.92
N ASN A 33 2.60 -13.49 11.03
CA ASN A 33 3.46 -14.51 10.44
C ASN A 33 4.74 -14.71 11.25
N CYS A 34 5.44 -13.59 11.56
CA CYS A 34 6.69 -13.59 12.34
C CYS A 34 7.85 -14.28 11.60
N ILE A 35 7.70 -15.59 11.34
CA ILE A 35 8.73 -16.37 10.65
C ILE A 35 8.12 -17.48 9.78
N CYS A 36 7.01 -18.07 10.26
CA CYS A 36 6.32 -19.14 9.53
C CYS A 36 4.98 -18.65 8.98
N ASP A 37 4.55 -19.24 7.87
CA ASP A 37 3.28 -18.89 7.22
C ASP A 37 2.25 -20.00 7.43
N ILE A 38 1.03 -19.60 7.83
CA ILE A 38 -0.06 -20.55 8.06
C ILE A 38 -1.40 -19.98 7.57
N GLU A 39 -2.17 -20.82 6.88
CA GLU A 39 -3.47 -20.42 6.35
C GLU A 39 -4.61 -21.00 7.18
N ASN A 40 -5.41 -20.11 7.77
CA ASN A 40 -6.56 -20.50 8.60
C ASN A 40 -7.78 -19.62 8.32
N CYS A 41 -7.53 -18.30 8.21
CA CYS A 41 -8.60 -17.33 7.94
C CYS A 41 -8.59 -16.89 6.48
N SER A 42 -9.71 -16.33 6.02
CA SER A 42 -9.85 -15.87 4.64
C SER A 42 -9.36 -14.43 4.49
N ASN A 43 -8.46 -14.22 3.52
CA ASN A 43 -7.89 -12.90 3.25
C ASN A 43 -8.40 -12.34 1.92
N MET A 44 -8.28 -11.02 1.75
CA MET A 44 -8.72 -10.33 0.52
C MET A 44 -7.64 -10.37 -0.58
N ALA A 45 -6.49 -10.97 -0.25
CA ALA A 45 -5.37 -11.09 -1.19
C ALA A 45 -5.46 -12.39 -2.00
N PRO A 46 -4.94 -12.43 -3.27
CA PRO A 46 -4.97 -13.64 -4.12
C PRO A 46 -4.36 -14.88 -3.47
N LEU A 47 -4.73 -16.05 -3.99
CA LEU A 47 -4.25 -17.34 -3.47
C LEU A 47 -3.63 -18.20 -4.58
N TYR A 48 -3.80 -17.76 -5.83
CA TYR A 48 -3.29 -18.48 -7.02
C TYR A 48 -1.77 -18.68 -6.98
N SER A 49 -1.04 -17.65 -6.51
CA SER A 49 0.42 -17.71 -6.41
C SER A 49 0.90 -17.20 -5.05
N ASP A 50 2.18 -17.45 -4.75
CA ASP A 50 2.81 -17.04 -3.50
C ASP A 50 3.37 -15.61 -3.59
N GLN A 51 3.87 -15.27 -4.78
CA GLN A 51 4.41 -13.93 -5.07
C GLN A 51 3.27 -12.93 -5.31
N ALA A 52 2.03 -13.46 -5.40
CA ALA A 52 0.80 -12.69 -5.63
C ALA A 52 0.58 -11.51 -4.66
N LEU A 53 1.44 -11.43 -3.63
CA LEU A 53 1.39 -10.40 -2.62
C LEU A 53 2.35 -9.28 -3.02
N LYS A 54 3.64 -9.68 -3.12
CA LYS A 54 4.73 -8.78 -3.54
C LYS A 54 4.51 -8.31 -4.99
N LYS A 55 3.56 -8.97 -5.65
CA LYS A 55 3.15 -8.69 -7.01
C LYS A 55 1.93 -7.78 -6.97
N LYS A 56 1.08 -8.01 -5.95
CA LYS A 56 -0.11 -7.17 -5.71
C LYS A 56 0.33 -5.82 -5.12
N LEU A 57 1.58 -5.84 -4.67
CA LEU A 57 2.31 -4.72 -4.09
C LEU A 57 3.05 -4.08 -5.22
N ALA A 58 3.64 -4.97 -6.04
CA ALA A 58 4.36 -4.56 -7.26
C ALA A 58 3.38 -3.93 -8.25
N GLN A 59 2.10 -4.24 -8.03
CA GLN A 59 0.99 -3.74 -8.79
C GLN A 59 0.44 -2.49 -8.09
N LEU A 60 0.67 -2.46 -6.78
CA LEU A 60 0.26 -1.36 -5.91
C LEU A 60 1.35 -0.27 -5.90
N LYS A 61 2.47 -0.67 -6.48
CA LYS A 61 3.67 0.14 -6.66
C LYS A 61 3.57 0.72 -8.05
N TRP A 62 2.89 -0.08 -8.89
CA TRP A 62 2.57 0.27 -10.27
C TRP A 62 1.31 1.11 -10.23
N LYS A 63 0.47 0.81 -9.22
CA LYS A 63 -0.76 1.58 -8.97
C LYS A 63 -0.40 2.84 -8.18
N LEU A 64 0.83 2.83 -7.64
CA LEU A 64 1.42 3.92 -6.86
C LEU A 64 2.02 4.97 -7.79
N GLN A 65 2.49 4.46 -8.89
CA GLN A 65 3.07 5.17 -10.02
C GLN A 65 1.91 5.64 -10.88
N ALA A 66 0.79 4.98 -10.63
CA ALA A 66 -0.50 5.25 -11.25
C ALA A 66 -1.25 6.18 -10.32
N LEU A 67 -0.75 6.17 -9.07
CA LEU A 67 -1.20 7.01 -7.98
C LEU A 67 -0.39 8.29 -8.10
N LYS A 68 0.88 8.08 -8.42
CA LYS A 68 1.86 9.14 -8.65
C LYS A 68 1.59 9.74 -10.01
N LYS A 69 1.01 8.92 -10.90
CA LYS A 69 0.56 9.38 -12.21
C LYS A 69 -0.81 10.03 -12.02
N LYS A 70 -1.40 9.70 -10.86
CA LYS A 70 -2.66 10.24 -10.41
C LYS A 70 -2.36 11.47 -9.57
N ASN A 71 -1.13 11.46 -9.03
CA ASN A 71 -0.58 12.56 -8.23
C ASN A 71 0.12 13.51 -9.19
N ALA A 72 0.34 12.99 -10.41
CA ALA A 72 0.93 13.71 -11.54
C ALA A 72 -0.24 14.24 -12.33
N GLN A 73 -1.39 13.58 -12.09
CA GLN A 73 -2.66 13.91 -12.63
C GLN A 73 -3.23 14.98 -11.72
N LEU A 74 -2.90 14.78 -10.45
CA LEU A 74 -3.23 15.68 -9.35
C LEU A 74 -2.28 16.87 -9.42
N LYS A 75 -1.09 16.60 -9.94
CA LYS A 75 -0.05 17.60 -10.16
C LYS A 75 -0.39 18.28 -11.47
N LYS A 76 -1.19 17.54 -12.25
CA LYS A 76 -1.72 18.02 -13.52
C LYS A 76 -3.01 18.74 -13.25
N LYS A 77 -3.72 18.24 -12.22
CA LYS A 77 -4.96 18.84 -11.77
C LYS A 77 -4.67 19.99 -10.80
N LEU A 78 -3.45 19.95 -10.23
CA LEU A 78 -2.98 20.99 -9.30
C LEU A 78 -3.02 22.39 -9.93
N GLN A 79 -2.28 22.52 -11.02
CA GLN A 79 -2.18 23.77 -11.79
C GLN A 79 -3.25 23.83 -12.88
N ALA A 80 -3.42 22.69 -13.56
CA ALA A 80 -4.39 22.52 -14.67
C ALA A 80 -4.09 23.45 -15.86
N MET A 1 -8.39 25.55 0.26
CA MET A 1 -7.04 25.46 -0.38
C MET A 1 -6.13 24.50 0.39
N GLN A 2 -6.21 24.55 1.72
CA GLN A 2 -5.41 23.71 2.61
C GLN A 2 -6.12 22.37 2.90
N ALA A 3 -7.33 22.23 2.35
CA ALA A 3 -8.18 21.06 2.51
C ALA A 3 -7.93 20.07 1.38
N LEU A 4 -7.26 20.59 0.34
CA LEU A 4 -6.87 19.84 -0.85
C LEU A 4 -5.48 19.30 -0.60
N GLU A 5 -4.72 20.12 0.12
CA GLU A 5 -3.35 19.83 0.53
C GLU A 5 -3.42 18.98 1.78
N LYS A 6 -4.55 19.13 2.48
CA LYS A 6 -4.87 18.37 3.70
C LYS A 6 -5.56 17.07 3.34
N GLU A 7 -6.07 17.04 2.11
CA GLU A 7 -6.72 15.88 1.52
C GLU A 7 -5.64 15.05 0.85
N LEU A 8 -4.57 15.79 0.52
CA LEU A 8 -3.37 15.28 -0.07
C LEU A 8 -2.39 14.99 1.07
N ALA A 9 -2.69 15.62 2.21
CA ALA A 9 -1.96 15.43 3.46
C ALA A 9 -2.65 14.31 4.21
N GLN A 10 -3.91 14.11 3.81
CA GLN A 10 -4.76 13.05 4.31
C GLN A 10 -4.54 11.87 3.38
N ASN A 11 -4.24 12.22 2.12
CA ASN A 11 -3.91 11.27 1.05
C ASN A 11 -2.46 10.88 1.22
N GLU A 12 -1.77 11.77 1.97
CA GLU A 12 -0.41 11.60 2.37
C GLU A 12 -0.46 10.71 3.59
N TRP A 13 -1.54 10.95 4.33
CA TRP A 13 -1.91 10.21 5.54
C TRP A 13 -2.55 8.90 5.14
N GLU A 14 -3.04 8.86 3.88
CA GLU A 14 -3.60 7.64 3.27
C GLU A 14 -2.45 6.95 2.60
N LEU A 15 -1.44 7.79 2.41
CA LEU A 15 -0.15 7.41 1.86
C LEU A 15 0.69 6.90 3.03
N GLN A 16 0.44 7.51 4.18
CA GLN A 16 1.05 7.17 5.48
C GLN A 16 0.30 5.99 6.00
N ALA A 17 -0.94 5.96 5.54
CA ALA A 17 -1.88 4.87 5.80
C ALA A 17 -1.61 3.80 4.76
N LEU A 18 -0.91 4.24 3.70
CA LEU A 18 -0.45 3.37 2.63
C LEU A 18 0.93 2.88 3.03
N GLU A 19 1.60 3.72 3.81
CA GLU A 19 2.93 3.42 4.38
C GLU A 19 2.67 2.60 5.62
N LYS A 20 1.51 2.89 6.18
CA LYS A 20 0.96 2.19 7.35
C LYS A 20 0.26 0.93 6.89
N GLU A 21 -0.08 0.91 5.59
CA GLU A 21 -0.68 -0.22 4.91
C GLU A 21 0.51 -1.03 4.44
N LEU A 22 1.58 -0.28 4.15
CA LEU A 22 2.87 -0.85 3.78
C LEU A 22 3.45 -1.42 5.05
N ALA A 23 3.32 -0.59 6.09
CA ALA A 23 3.75 -0.96 7.46
C ALA A 23 2.82 -2.03 8.05
N GLN A 24 1.67 -2.23 7.39
CA GLN A 24 0.67 -3.21 7.76
C GLN A 24 1.09 -4.57 7.21
N LEU A 25 1.83 -4.51 6.11
CA LEU A 25 2.38 -5.62 5.35
C LEU A 25 3.62 -6.13 6.08
N GLU A 26 4.37 -5.14 6.56
CA GLU A 26 5.55 -5.30 7.37
C GLU A 26 5.10 -5.67 8.75
N LYS A 27 3.83 -5.33 9.00
CA LYS A 27 3.10 -5.68 10.22
C LYS A 27 2.55 -7.08 10.04
N GLU A 28 2.15 -7.38 8.79
CA GLU A 28 1.69 -8.74 8.41
C GLU A 28 2.92 -9.59 8.42
N LEU A 29 4.00 -8.94 7.98
CA LEU A 29 5.33 -9.53 7.96
C LEU A 29 5.85 -9.69 9.37
N GLN A 30 5.71 -8.60 10.12
CA GLN A 30 6.15 -8.56 11.54
C GLN A 30 5.44 -9.63 12.38
N ALA A 31 4.16 -9.82 12.07
CA ALA A 31 3.30 -10.80 12.73
C ALA A 31 3.59 -12.24 12.25
N TRP A 32 4.45 -12.36 11.23
CA TRP A 32 4.82 -13.66 10.67
C TRP A 32 6.08 -14.21 11.36
N ASN A 33 7.12 -13.34 11.50
CA ASN A 33 8.40 -13.68 12.15
C ASN A 33 9.15 -14.82 11.42
N CYS A 34 10.48 -14.82 11.56
CA CYS A 34 11.34 -15.82 10.93
C CYS A 34 11.60 -17.01 11.87
N ILE A 35 11.80 -16.70 13.15
CA ILE A 35 12.04 -17.72 14.18
C ILE A 35 10.75 -18.05 14.93
N CYS A 36 10.63 -19.32 15.36
CA CYS A 36 9.45 -19.78 16.08
C CYS A 36 9.71 -19.81 17.59
N ASP A 37 8.87 -19.08 18.34
CA ASP A 37 8.99 -19.01 19.80
C ASP A 37 7.62 -19.16 20.47
N ILE A 38 6.63 -18.44 19.94
CA ILE A 38 5.25 -18.48 20.47
C ILE A 38 4.23 -18.44 19.32
N GLU A 39 3.08 -19.12 19.54
CA GLU A 39 1.96 -19.19 18.55
C GLU A 39 2.39 -19.90 17.27
N ASN A 40 1.58 -20.88 16.84
CA ASN A 40 1.84 -21.65 15.62
C ASN A 40 0.61 -21.71 14.72
N CYS A 41 -0.58 -21.74 15.33
CA CYS A 41 -1.85 -21.82 14.60
C CYS A 41 -2.39 -20.43 14.24
N SER A 42 -1.67 -19.37 14.65
CA SER A 42 -2.07 -17.99 14.39
C SER A 42 -1.48 -17.47 13.06
N ASN A 43 -0.32 -18.02 12.67
CA ASN A 43 0.35 -17.62 11.43
C ASN A 43 -0.06 -18.52 10.26
N MET A 44 0.10 -18.01 9.02
CA MET A 44 -0.23 -18.72 7.78
C MET A 44 -1.73 -19.06 7.67
N ALA A 45 -2.39 -18.44 6.68
CA ALA A 45 -3.82 -18.66 6.44
C ALA A 45 -4.13 -18.85 4.95
N PRO A 46 -3.65 -17.94 4.02
CA PRO A 46 -3.92 -18.08 2.57
C PRO A 46 -2.97 -19.09 1.90
N LEU A 47 -3.33 -19.51 0.68
CA LEU A 47 -2.53 -20.47 -0.08
C LEU A 47 -1.54 -19.78 -1.01
N TYR A 48 -1.70 -18.46 -1.15
CA TYR A 48 -0.84 -17.66 -2.02
C TYR A 48 -0.18 -16.54 -1.22
N SER A 49 1.16 -16.58 -1.17
CA SER A 49 1.95 -15.58 -0.44
C SER A 49 3.06 -15.00 -1.31
N ASP A 50 3.46 -15.75 -2.34
CA ASP A 50 4.51 -15.33 -3.26
C ASP A 50 3.91 -14.72 -4.53
N GLN A 51 2.82 -15.34 -5.00
CA GLN A 51 2.11 -14.90 -6.20
C GLN A 51 0.98 -13.91 -5.86
N ALA A 52 0.70 -13.75 -4.57
CA ALA A 52 -0.36 -12.86 -4.09
C ALA A 52 0.17 -11.58 -3.43
N LEU A 53 1.44 -11.57 -3.07
CA LEU A 53 2.08 -10.45 -2.41
C LEU A 53 2.83 -9.56 -3.38
N LYS A 54 3.92 -10.11 -3.90
CA LYS A 54 4.81 -9.44 -4.88
C LYS A 54 4.07 -9.09 -6.17
N LYS A 55 2.89 -9.68 -6.33
CA LYS A 55 2.03 -9.47 -7.47
C LYS A 55 1.00 -8.39 -7.15
N LYS A 56 0.46 -8.46 -5.92
CA LYS A 56 -0.52 -7.45 -5.43
C LYS A 56 0.21 -6.15 -5.07
N LEU A 57 1.53 -6.29 -5.00
CA LEU A 57 2.48 -5.23 -4.72
C LEU A 57 2.92 -4.68 -6.04
N ALA A 58 3.25 -5.62 -6.93
CA ALA A 58 3.64 -5.29 -8.32
C ALA A 58 2.45 -4.64 -9.06
N GLN A 59 1.27 -4.83 -8.48
CA GLN A 59 0.04 -4.28 -8.97
C GLN A 59 -0.23 -2.97 -8.23
N LEU A 60 0.31 -2.89 -7.01
CA LEU A 60 0.20 -1.72 -6.14
C LEU A 60 1.34 -0.74 -6.43
N LYS A 61 2.30 -1.25 -7.18
CA LYS A 61 3.49 -0.55 -7.64
C LYS A 61 3.17 -0.03 -9.02
N TRP A 62 2.34 -0.83 -9.69
CA TRP A 62 1.81 -0.53 -11.01
C TRP A 62 0.66 0.42 -10.82
N LYS A 63 -0.01 0.27 -9.66
CA LYS A 63 -1.11 1.15 -9.28
C LYS A 63 -0.60 2.38 -8.51
N LEU A 64 0.66 2.31 -8.07
CA LEU A 64 1.35 3.36 -7.34
C LEU A 64 2.00 4.36 -8.29
N GLN A 65 2.35 3.81 -9.42
CA GLN A 65 2.96 4.49 -10.53
C GLN A 65 1.81 5.04 -11.37
N ALA A 66 0.66 4.44 -11.10
CA ALA A 66 -0.61 4.80 -11.72
C ALA A 66 -1.33 5.76 -10.80
N LEU A 67 -0.91 5.71 -9.53
CA LEU A 67 -1.42 6.58 -8.49
C LEU A 67 -0.49 7.77 -8.44
N LYS A 68 0.81 7.46 -8.55
CA LYS A 68 1.88 8.47 -8.60
C LYS A 68 1.86 9.15 -9.94
N LYS A 69 1.37 8.44 -10.97
CA LYS A 69 1.18 9.05 -12.29
C LYS A 69 -0.11 9.84 -12.24
N LYS A 70 -0.93 9.47 -11.24
CA LYS A 70 -2.19 10.11 -10.94
C LYS A 70 -1.96 11.20 -9.89
N ASN A 71 -0.88 10.99 -9.11
CA ASN A 71 -0.44 11.93 -8.07
C ASN A 71 0.51 12.94 -8.70
N ALA A 72 0.99 12.56 -9.90
CA ALA A 72 1.85 13.38 -10.74
C ALA A 72 0.93 14.12 -11.68
N GLN A 73 -0.27 13.52 -11.81
CA GLN A 73 -1.37 14.03 -12.56
C GLN A 73 -2.10 15.02 -11.67
N LEU A 74 -2.11 14.61 -10.40
CA LEU A 74 -2.67 15.38 -9.29
C LEU A 74 -1.68 16.45 -8.91
N LYS A 75 -0.40 16.15 -9.15
CA LYS A 75 0.70 17.08 -8.89
C LYS A 75 0.79 17.98 -10.10
N LYS A 76 0.20 17.46 -11.19
CA LYS A 76 0.09 18.19 -12.44
C LYS A 76 -1.20 18.97 -12.41
N LYS A 77 -2.19 18.39 -11.71
CA LYS A 77 -3.47 19.05 -11.53
C LYS A 77 -3.43 19.96 -10.31
N LEU A 78 -2.45 19.71 -9.42
CA LEU A 78 -2.26 20.52 -8.21
C LEU A 78 -2.00 21.99 -8.52
N GLN A 79 -0.92 22.22 -9.24
CA GLN A 79 -0.49 23.55 -9.67
C GLN A 79 -1.04 23.91 -11.05
N ALA A 80 -0.98 22.94 -11.95
CA ALA A 80 -1.45 23.06 -13.35
C ALA A 80 -0.69 24.15 -14.13
#